data_3OBK
#
_entry.id   3OBK
#
_cell.length_a   177.110
_cell.length_b   187.170
_cell.length_c   95.860
_cell.angle_alpha   90.00
_cell.angle_beta   90.00
_cell.angle_gamma   90.00
#
_symmetry.space_group_name_H-M   'P 21 21 2'
#
loop_
_entity.id
_entity.type
_entity.pdbx_description
1 polymer 'Delta-aminolevulinic acid dehydratase'
2 non-polymer 'MAGNESIUM ION'
3 non-polymer 'CHLORIDE ION'
4 non-polymer '3-[5-(AMINOMETHYL)-4-(CARBOXYMETHYL)-1H-PYRROL-3-YL]PROPANOIC ACID'
5 non-polymer 1,2-ETHANEDIOL
6 water water
#
_entity_poly.entity_id   1
_entity_poly.type   'polypeptide(L)'
_entity_poly.pdbx_seq_one_letter_code
;MTPRGPLDNNNYGEVWLPIQARPRRNRKNRAVRQLVQENLVKPSSLIYPLFVHDEETSVPIPSMPGQSRLSMEDLLKEVG
EARSYGIKAFMLFPKVDDELKSVMAEESYNPDGLLPRAIMALKEAFPDVLLLADVALDPYSSMGHDGVVDEQSGKIVNDL
TVHQLCKQAITLARAGADMVCPSDMMDGRVSAIRESLDMEGCTDTSILAYSCKYASSFYGPFRDALDSHMVGGTDKKTYQ
MDPSNSREAEREAEADASEGADMLMVKPGLPYLDVLAKIREKSKLPMVAYHVSGEYAMLKAAAEKGYISEKDTVLEVLKS
FRRAGADAVATYYAKEAAKWMVEDMKGTQKFTEPCY
;
_entity_poly.pdbx_strand_id   A,B,C,D,E,F,G,H
#
# COMPACT_ATOMS: atom_id res chain seq x y z
N GLY A 5 -17.28 36.88 9.61
CA GLY A 5 -16.27 36.28 8.67
C GLY A 5 -15.08 35.61 9.36
N PRO A 6 -14.29 34.82 8.60
CA PRO A 6 -13.20 33.98 9.16
C PRO A 6 -12.09 34.79 9.84
N LEU A 7 -11.81 35.99 9.32
CA LEU A 7 -10.79 36.87 9.88
C LEU A 7 -11.20 37.33 11.26
N ASP A 8 -10.26 37.22 12.19
CA ASP A 8 -10.42 37.62 13.57
C ASP A 8 -9.42 38.75 13.82
N ASN A 9 -9.33 39.19 15.07
CA ASN A 9 -8.29 40.12 15.53
C ASN A 9 -7.43 39.43 16.60
N ASN A 10 -6.11 39.59 16.52
CA ASN A 10 -5.24 39.12 17.62
C ASN A 10 -5.42 39.98 18.90
N ASN A 11 -4.58 39.78 19.93
CA ASN A 11 -4.70 40.54 21.18
C ASN A 11 -4.38 42.04 21.02
N TYR A 12 -3.62 42.38 19.98
CA TYR A 12 -3.27 43.77 19.69
C TYR A 12 -4.15 44.39 18.59
N GLY A 13 -5.29 43.75 18.27
CA GLY A 13 -6.22 44.27 17.24
C GLY A 13 -5.80 44.15 15.76
N GLU A 14 -4.71 43.42 15.48
CA GLU A 14 -4.26 43.24 14.11
C GLU A 14 -4.99 42.07 13.45
N VAL A 15 -5.20 42.19 12.14
CA VAL A 15 -5.94 41.19 11.36
C VAL A 15 -5.28 39.83 11.51
N TRP A 16 -6.10 38.82 11.78
CA TRP A 16 -5.64 37.49 12.11
C TRP A 16 -6.54 36.40 11.50
N LEU A 17 -5.96 35.58 10.64
CA LEU A 17 -6.60 34.36 10.19
C LEU A 17 -6.16 33.26 11.16
N PRO A 18 -7.10 32.63 11.91
CA PRO A 18 -6.70 31.72 12.99
C PRO A 18 -6.30 30.29 12.61
N ILE A 19 -5.73 30.10 11.42
CA ILE A 19 -5.17 28.83 10.98
C ILE A 19 -3.95 28.42 11.82
N GLN A 20 -3.86 27.13 12.16
CA GLN A 20 -2.78 26.64 13.04
C GLN A 20 -1.52 26.36 12.22
N ALA A 21 -1.66 25.51 11.21
CA ALA A 21 -0.52 25.16 10.36
C ALA A 21 -0.29 26.28 9.34
N ARG A 22 0.99 26.62 9.10
CA ARG A 22 1.43 27.69 8.20
C ARG A 22 2.74 27.27 7.54
N PRO A 23 2.66 26.69 6.32
CA PRO A 23 3.85 26.21 5.59
C PRO A 23 4.90 27.28 5.32
N ARG A 24 4.46 28.53 5.23
CA ARG A 24 5.39 29.65 5.02
C ARG A 24 6.44 29.81 6.12
N ARG A 25 6.16 29.34 7.33
CA ARG A 25 7.14 29.41 8.41
C ARG A 25 8.42 28.62 8.08
N ASN A 26 8.29 27.50 7.38
CA ASN A 26 9.48 26.76 6.97
C ASN A 26 10.12 27.35 5.73
N ARG A 27 9.62 28.50 5.28
CA ARG A 27 10.26 29.25 4.19
C ARG A 27 10.85 30.62 4.63
N LYS A 28 10.62 30.99 5.89
CA LYS A 28 11.00 32.26 6.55
C LYS A 28 12.26 32.97 6.07
N ASN A 29 13.33 32.20 5.89
CA ASN A 29 14.62 32.73 5.52
C ASN A 29 15.49 31.59 4.98
N ARG A 30 16.67 31.94 4.47
CA ARG A 30 17.57 30.98 3.88
C ARG A 30 17.94 29.90 4.91
N ALA A 31 18.24 30.31 6.12
CA ALA A 31 18.67 29.35 7.14
C ALA A 31 17.65 28.21 7.41
N VAL A 32 16.35 28.55 7.46
CA VAL A 32 15.31 27.55 7.69
C VAL A 32 15.08 26.78 6.42
N ARG A 33 15.11 27.47 5.28
CA ARG A 33 15.01 26.74 4.02
C ARG A 33 16.12 25.68 3.90
N GLN A 34 17.33 26.04 4.33
CA GLN A 34 18.46 25.11 4.29
C GLN A 34 18.33 23.91 5.27
N LEU A 35 17.72 24.18 6.43
CA LEU A 35 17.50 23.12 7.42
C LEU A 35 16.60 22.06 6.86
N VAL A 36 15.60 22.49 6.09
CA VAL A 36 14.56 21.57 5.62
C VAL A 36 14.67 21.16 4.14
N GLN A 37 15.73 21.57 3.44
CA GLN A 37 15.90 21.32 2.00
C GLN A 37 16.07 19.83 1.72
N GLU A 38 15.24 19.26 0.87
CA GLU A 38 15.18 17.83 0.73
C GLU A 38 16.16 17.28 -0.30
N ASN A 39 16.63 18.12 -1.23
CA ASN A 39 17.49 17.63 -2.32
C ASN A 39 18.63 18.59 -2.58
N LEU A 40 19.76 18.02 -3.01
CA LEU A 40 21.04 18.72 -3.18
C LEU A 40 21.63 18.24 -4.50
N VAL A 41 22.31 19.14 -5.21
CA VAL A 41 22.98 18.78 -6.45
C VAL A 41 24.46 18.93 -6.19
N LYS A 42 25.24 17.98 -6.68
CA LYS A 42 26.68 18.08 -6.63
C LYS A 42 27.26 17.77 -8.01
N PRO A 43 28.46 18.24 -8.31
CA PRO A 43 29.08 17.97 -9.59
C PRO A 43 29.25 16.48 -9.91
N SER A 44 29.61 15.67 -8.93
CA SER A 44 29.86 14.25 -9.18
C SER A 44 28.57 13.42 -9.39
N SER A 45 27.40 14.09 -9.36
CA SER A 45 26.15 13.51 -9.79
C SER A 45 25.86 13.87 -11.26
N LEU A 46 26.73 14.62 -11.90
CA LEU A 46 26.52 14.99 -13.30
C LEU A 46 27.38 14.14 -14.26
N ILE A 47 26.79 13.75 -15.38
CA ILE A 47 27.44 13.03 -16.45
C ILE A 47 27.56 13.99 -17.63
N TYR A 48 28.74 14.12 -18.20
CA TYR A 48 28.98 15.08 -19.27
C TYR A 48 29.09 14.35 -20.62
N PRO A 49 28.17 14.62 -21.54
CA PRO A 49 28.24 13.89 -22.79
C PRO A 49 28.96 14.67 -23.91
N LEU A 50 29.91 14.00 -24.57
CA LEU A 50 30.75 14.65 -25.57
C LEU A 50 30.76 13.90 -26.90
N PHE A 51 31.10 14.66 -27.94
CA PHE A 51 31.14 14.16 -29.29
C PHE A 51 32.55 14.26 -29.79
N VAL A 52 33.02 13.16 -30.38
CA VAL A 52 34.33 13.11 -31.00
C VAL A 52 34.25 12.68 -32.46
N HIS A 53 35.09 13.29 -33.29
CA HIS A 53 35.24 12.87 -34.70
C HIS A 53 36.70 12.72 -35.10
N ASP A 54 36.93 12.04 -36.21
CA ASP A 54 38.29 11.76 -36.66
C ASP A 54 38.75 12.83 -37.64
N GLU A 55 38.91 14.06 -37.16
CA GLU A 55 39.40 15.16 -37.97
C GLU A 55 40.39 15.91 -37.13
N GLU A 56 41.23 16.71 -37.76
CA GLU A 56 42.32 17.39 -37.06
C GLU A 56 41.78 18.52 -36.17
N THR A 57 40.62 19.04 -36.55
CA THR A 57 40.07 20.27 -35.98
C THR A 57 38.64 20.09 -35.42
N SER A 58 38.35 20.81 -34.34
CA SER A 58 37.03 20.77 -33.76
C SER A 58 36.11 21.70 -34.55
N VAL A 59 34.84 21.31 -34.62
CA VAL A 59 33.81 21.99 -35.41
C VAL A 59 32.57 22.16 -34.52
N PRO A 60 32.10 23.40 -34.38
CA PRO A 60 30.90 23.62 -33.60
C PRO A 60 29.68 22.92 -34.20
N ILE A 61 28.79 22.49 -33.28
CA ILE A 61 27.46 21.98 -33.62
C ILE A 61 26.46 23.16 -33.56
N PRO A 62 26.04 23.62 -34.71
CA PRO A 62 25.27 24.86 -34.64
C PRO A 62 23.99 24.75 -33.84
N SER A 63 23.29 23.61 -33.91
CA SER A 63 22.05 23.44 -33.15
C SER A 63 22.25 22.99 -31.67
N MET A 64 23.49 22.95 -31.21
CA MET A 64 23.81 22.78 -29.78
C MET A 64 24.92 23.78 -29.39
N PRO A 65 24.59 25.07 -29.35
CA PRO A 65 25.59 26.14 -29.21
C PRO A 65 26.44 25.96 -27.97
N GLY A 66 27.76 26.17 -28.11
CA GLY A 66 28.71 25.85 -27.05
C GLY A 66 29.32 24.45 -27.12
N GLN A 67 28.62 23.49 -27.75
CA GLN A 67 29.12 22.12 -27.91
C GLN A 67 29.67 21.86 -29.31
N SER A 68 30.70 21.02 -29.42
CA SER A 68 31.38 20.83 -30.68
C SER A 68 31.57 19.36 -31.01
N ARG A 69 31.80 19.09 -32.30
CA ARG A 69 32.42 17.83 -32.69
C ARG A 69 33.89 17.98 -32.38
N LEU A 70 34.37 17.25 -31.37
CA LEU A 70 35.74 17.42 -30.90
C LEU A 70 36.73 16.51 -31.62
N SER A 71 37.89 17.06 -31.93
CA SER A 71 39.02 16.27 -32.31
C SER A 71 39.49 15.44 -31.12
N MET A 72 40.22 14.39 -31.39
CA MET A 72 40.76 13.59 -30.31
C MET A 72 41.55 14.47 -29.33
N GLU A 73 42.42 15.32 -29.82
CA GLU A 73 43.23 16.16 -28.94
C GLU A 73 42.32 17.04 -28.05
N ASP A 74 41.32 17.66 -28.64
CA ASP A 74 40.42 18.55 -27.91
C ASP A 74 39.50 17.79 -26.96
N LEU A 75 39.18 16.53 -27.31
CA LEU A 75 38.48 15.63 -26.38
C LEU A 75 39.22 15.52 -25.07
N LEU A 76 40.50 15.19 -25.14
CA LEU A 76 41.32 15.13 -23.94
C LEU A 76 41.34 16.48 -23.23
N LYS A 77 41.47 17.59 -23.96
CA LYS A 77 41.45 18.90 -23.30
C LYS A 77 40.14 19.10 -22.54
N GLU A 78 39.04 18.69 -23.17
CA GLU A 78 37.73 18.97 -22.62
C GLU A 78 37.41 18.10 -21.41
N VAL A 79 37.71 16.81 -21.49
CA VAL A 79 37.58 15.94 -20.34
C VAL A 79 38.38 16.47 -19.14
N GLY A 80 39.60 16.89 -19.41
CA GLY A 80 40.46 17.49 -18.42
C GLY A 80 39.91 18.72 -17.71
N GLU A 81 39.28 19.63 -18.46
CA GLU A 81 38.69 20.83 -17.86
C GLU A 81 37.47 20.45 -16.97
N ALA A 82 36.65 19.52 -17.48
CA ALA A 82 35.51 19.02 -16.76
C ALA A 82 35.97 18.26 -15.50
N ARG A 83 37.01 17.44 -15.61
CA ARG A 83 37.52 16.78 -14.40
C ARG A 83 37.86 17.77 -13.29
N SER A 84 38.50 18.88 -13.69
CA SER A 84 39.01 19.88 -12.74
C SER A 84 37.90 20.56 -11.97
N TYR A 85 36.67 20.52 -12.48
CA TYR A 85 35.55 21.13 -11.79
C TYR A 85 34.76 20.11 -10.99
N GLY A 86 35.17 18.84 -10.99
CA GLY A 86 34.51 17.80 -10.24
C GLY A 86 33.65 16.81 -11.03
N ILE A 87 33.64 16.92 -12.36
CA ILE A 87 32.85 15.97 -13.12
C ILE A 87 33.69 14.74 -13.17
N LYS A 88 33.13 13.60 -12.88
CA LYS A 88 33.90 12.37 -12.95
C LYS A 88 33.44 11.44 -14.06
N ALA A 89 32.22 11.63 -14.57
CA ALA A 89 31.64 10.69 -15.54
C ALA A 89 31.35 11.32 -16.90
N PHE A 90 31.79 10.65 -17.94
CA PHE A 90 31.76 11.20 -19.28
C PHE A 90 31.25 10.16 -20.24
N MET A 91 30.32 10.57 -21.08
CA MET A 91 29.66 9.68 -22.01
C MET A 91 30.21 10.11 -23.37
N LEU A 92 30.56 9.15 -24.23
CA LEU A 92 31.20 9.46 -25.52
C LEU A 92 30.45 8.97 -26.74
N PHE A 93 30.21 9.86 -27.67
CA PHE A 93 29.52 9.55 -28.89
C PHE A 93 30.46 9.84 -30.07
N PRO A 94 30.53 8.93 -31.05
CA PRO A 94 31.35 9.17 -32.24
C PRO A 94 30.56 9.67 -33.44
N LYS A 95 31.04 10.76 -34.05
CA LYS A 95 30.61 11.13 -35.41
C LYS A 95 31.51 10.34 -36.35
N VAL A 96 30.92 9.35 -37.01
CA VAL A 96 31.64 8.44 -37.91
C VAL A 96 31.59 8.97 -39.35
N ASP A 97 32.69 8.76 -40.08
CA ASP A 97 32.75 9.14 -41.50
C ASP A 97 31.65 8.43 -42.27
N ASP A 98 30.95 9.16 -43.13
CA ASP A 98 29.88 8.55 -43.94
C ASP A 98 30.33 7.25 -44.60
N GLU A 99 31.59 7.18 -45.00
CA GLU A 99 32.11 6.04 -45.77
C GLU A 99 32.19 4.73 -44.97
N LEU A 100 32.31 4.83 -43.64
CA LEU A 100 32.33 3.64 -42.75
C LEU A 100 30.95 3.14 -42.28
N LYS A 101 29.89 3.92 -42.51
CA LYS A 101 28.54 3.49 -42.16
C LYS A 101 28.04 2.41 -43.12
N SER A 102 27.07 1.62 -42.69
CA SER A 102 26.51 0.54 -43.50
C SER A 102 25.24 0.04 -42.84
N VAL A 103 24.50 -0.83 -43.53
CA VAL A 103 23.25 -1.37 -43.01
C VAL A 103 23.51 -2.26 -41.78
N MET A 104 24.54 -3.11 -41.81
CA MET A 104 24.82 -3.98 -40.65
C MET A 104 25.54 -3.24 -39.52
N ALA A 105 26.06 -2.05 -39.83
CA ALA A 105 26.71 -1.18 -38.89
C ALA A 105 27.91 -1.88 -38.21
N GLU A 106 28.66 -2.67 -38.99
CA GLU A 106 29.82 -3.43 -38.47
C GLU A 106 31.00 -2.59 -37.94
N GLU A 107 31.09 -1.33 -38.35
CA GLU A 107 32.09 -0.44 -37.76
C GLU A 107 31.90 -0.27 -36.24
N SER A 108 30.70 -0.57 -35.73
CA SER A 108 30.39 -0.48 -34.31
C SER A 108 31.27 -1.37 -33.42
N TYR A 109 31.70 -2.51 -33.94
CA TYR A 109 32.57 -3.40 -33.21
C TYR A 109 33.96 -3.49 -33.80
N ASN A 110 34.39 -2.46 -34.52
CA ASN A 110 35.76 -2.36 -35.02
C ASN A 110 36.70 -1.88 -33.92
N PRO A 111 37.60 -2.74 -33.42
CA PRO A 111 38.42 -2.36 -32.26
C PRO A 111 39.48 -1.27 -32.53
N ASP A 112 39.65 -0.90 -33.79
CA ASP A 112 40.51 0.22 -34.17
C ASP A 112 39.71 1.42 -34.63
N GLY A 113 38.41 1.41 -34.38
CA GLY A 113 37.53 2.51 -34.75
C GLY A 113 37.64 3.68 -33.80
N LEU A 114 37.00 4.79 -34.16
CA LEU A 114 37.18 6.05 -33.42
C LEU A 114 36.80 5.90 -31.95
N LEU A 115 35.63 5.36 -31.64
CA LEU A 115 35.24 5.30 -30.23
C LEU A 115 36.21 4.49 -29.38
N PRO A 116 36.54 3.25 -29.79
CA PRO A 116 37.53 2.53 -28.97
C PRO A 116 38.85 3.27 -28.80
N ARG A 117 39.31 3.96 -29.82
CA ARG A 117 40.55 4.73 -29.70
C ARG A 117 40.37 5.91 -28.74
N ALA A 118 39.19 6.53 -28.76
CA ALA A 118 38.91 7.64 -27.87
C ALA A 118 38.93 7.19 -26.42
N ILE A 119 38.37 6.01 -26.18
CA ILE A 119 38.36 5.44 -24.85
C ILE A 119 39.78 5.11 -24.39
N MET A 120 40.56 4.46 -25.24
CA MET A 120 41.94 4.13 -24.87
C MET A 120 42.75 5.37 -24.64
N ALA A 121 42.56 6.38 -25.47
CA ALA A 121 43.28 7.63 -25.31
C ALA A 121 42.90 8.35 -24.00
N LEU A 122 41.63 8.33 -23.63
CA LEU A 122 41.18 9.03 -22.44
C LEU A 122 41.67 8.32 -21.21
N LYS A 123 41.55 6.99 -21.22
CA LYS A 123 42.16 6.14 -20.18
C LYS A 123 43.69 6.29 -19.98
N GLU A 124 44.45 6.47 -21.06
CA GLU A 124 45.89 6.67 -20.91
C GLU A 124 46.15 8.03 -20.26
N ALA A 125 45.35 9.04 -20.62
CA ALA A 125 45.53 10.40 -20.12
C ALA A 125 44.93 10.66 -18.73
N PHE A 126 43.87 9.96 -18.35
CA PHE A 126 43.29 10.12 -17.01
C PHE A 126 42.85 8.73 -16.54
N PRO A 127 43.77 7.95 -15.98
CA PRO A 127 43.51 6.52 -15.75
C PRO A 127 42.34 6.15 -14.85
N ASP A 128 41.90 7.08 -14.01
CA ASP A 128 40.76 6.87 -13.14
C ASP A 128 39.45 7.49 -13.65
N VAL A 129 39.44 7.99 -14.89
CA VAL A 129 38.24 8.64 -15.46
C VAL A 129 37.11 7.61 -15.56
N LEU A 130 35.88 8.05 -15.34
CA LEU A 130 34.71 7.18 -15.58
C LEU A 130 34.12 7.36 -17.01
N LEU A 131 34.22 6.33 -17.85
CA LEU A 131 33.73 6.42 -19.24
C LEU A 131 32.52 5.55 -19.49
N LEU A 132 31.50 6.15 -20.10
CA LEU A 132 30.25 5.47 -20.43
C LEU A 132 30.10 5.57 -21.94
N ALA A 133 30.09 4.44 -22.64
CA ALA A 133 30.02 4.43 -24.10
C ALA A 133 28.63 3.98 -24.51
N ASP A 134 28.03 4.64 -25.49
CA ASP A 134 26.72 4.25 -25.96
C ASP A 134 26.82 2.90 -26.69
N VAL A 135 25.73 2.12 -26.65
CA VAL A 135 25.58 0.91 -27.46
C VAL A 135 24.30 1.06 -28.28
N ALA A 136 24.45 0.94 -29.59
CA ALA A 136 23.40 1.27 -30.55
C ALA A 136 24.09 1.48 -31.88
N LEU A 137 23.38 1.13 -32.94
CA LEU A 137 24.00 1.10 -34.25
C LEU A 137 23.81 2.40 -34.98
N ASP A 138 23.05 3.33 -34.44
CA ASP A 138 22.67 4.45 -35.30
C ASP A 138 23.83 5.33 -35.72
N PRO A 139 24.86 5.47 -34.88
CA PRO A 139 25.96 6.29 -35.35
C PRO A 139 26.71 5.65 -36.49
N TYR A 140 26.50 4.36 -36.69
CA TYR A 140 27.21 3.60 -37.72
C TYR A 140 26.31 3.13 -38.83
N SER A 141 25.02 3.44 -38.72
CA SER A 141 24.03 2.91 -39.63
C SER A 141 23.80 3.88 -40.76
N SER A 142 23.83 3.37 -41.99
CA SER A 142 23.56 4.20 -43.16
C SER A 142 22.10 4.56 -43.28
N MET A 143 21.29 3.97 -42.39
CA MET A 143 19.87 4.19 -42.35
C MET A 143 19.46 5.10 -41.21
N GLY A 144 20.40 5.45 -40.34
CA GLY A 144 20.08 6.23 -39.16
C GLY A 144 19.16 5.53 -38.16
N HIS A 145 19.22 4.20 -38.12
CA HIS A 145 18.49 3.43 -37.11
C HIS A 145 19.41 2.72 -36.11
N ASP A 146 18.88 2.50 -34.91
CA ASP A 146 19.64 1.88 -33.82
C ASP A 146 19.83 0.39 -34.03
N GLY A 147 19.14 -0.20 -34.99
CA GLY A 147 19.33 -1.60 -35.34
C GLY A 147 19.47 -1.84 -36.85
N VAL A 148 19.65 -3.09 -37.19
CA VAL A 148 19.75 -3.50 -38.59
C VAL A 148 18.39 -3.45 -39.25
N VAL A 149 18.32 -2.83 -40.43
CA VAL A 149 17.09 -2.65 -41.17
C VAL A 149 16.99 -3.72 -42.25
N ASP A 150 15.90 -4.46 -42.26
CA ASP A 150 15.72 -5.52 -43.22
C ASP A 150 15.44 -4.88 -44.57
N GLU A 151 16.14 -5.40 -45.60
CA GLU A 151 16.03 -4.92 -46.97
C GLU A 151 14.59 -4.99 -47.46
N GLN A 152 13.98 -6.16 -47.32
CA GLN A 152 12.63 -6.42 -47.86
C GLN A 152 11.47 -5.77 -47.04
N SER A 153 11.51 -5.81 -45.72
CA SER A 153 10.37 -5.28 -44.94
C SER A 153 10.58 -3.87 -44.44
N GLY A 154 11.83 -3.41 -44.33
CA GLY A 154 12.11 -2.15 -43.66
C GLY A 154 11.94 -2.18 -42.14
N LYS A 155 11.70 -3.36 -41.57
CA LYS A 155 11.66 -3.54 -40.13
C LYS A 155 13.08 -3.48 -39.55
N ILE A 156 13.16 -2.91 -38.35
CA ILE A 156 14.34 -2.98 -37.54
C ILE A 156 14.31 -4.30 -36.78
N VAL A 157 15.07 -5.28 -37.24
CA VAL A 157 14.96 -6.65 -36.77
C VAL A 157 15.67 -6.82 -35.45
N ASN A 158 14.93 -7.36 -34.48
CA ASN A 158 15.34 -7.31 -33.10
C ASN A 158 16.57 -8.14 -32.76
N ASP A 159 16.48 -9.43 -33.01
CA ASP A 159 17.44 -10.36 -32.47
C ASP A 159 18.80 -10.29 -33.16
N LEU A 160 18.77 -10.02 -34.45
CA LEU A 160 19.98 -9.90 -35.21
C LEU A 160 20.67 -8.61 -34.74
N THR A 161 19.86 -7.61 -34.42
CA THR A 161 20.39 -6.36 -33.87
C THR A 161 21.04 -6.60 -32.52
N VAL A 162 20.43 -7.42 -31.67
CA VAL A 162 21.04 -7.72 -30.38
C VAL A 162 22.43 -8.37 -30.56
N HIS A 163 22.55 -9.27 -31.51
CA HIS A 163 23.84 -9.91 -31.79
C HIS A 163 24.93 -8.87 -32.08
N GLN A 164 24.61 -7.89 -32.93
CA GLN A 164 25.50 -6.77 -33.23
C GLN A 164 25.84 -5.96 -31.98
N LEU A 165 24.83 -5.67 -31.16
CA LEU A 165 25.06 -4.88 -29.95
C LEU A 165 25.95 -5.62 -28.94
N CYS A 166 25.83 -6.95 -28.91
CA CYS A 166 26.71 -7.76 -28.08
C CYS A 166 28.15 -7.61 -28.54
N LYS A 167 28.37 -7.58 -29.85
CA LYS A 167 29.73 -7.42 -30.34
C LYS A 167 30.23 -6.05 -29.99
N GLN A 168 29.40 -5.04 -30.21
CA GLN A 168 29.72 -3.67 -29.86
C GLN A 168 30.06 -3.50 -28.42
N ALA A 169 29.22 -4.04 -27.54
CA ALA A 169 29.50 -3.91 -26.09
C ALA A 169 30.82 -4.58 -25.68
N ILE A 170 31.18 -5.71 -26.31
CA ILE A 170 32.44 -6.37 -25.97
C ILE A 170 33.64 -5.49 -26.41
N THR A 171 33.63 -5.00 -27.64
CA THR A 171 34.65 -4.12 -28.12
C THR A 171 34.91 -2.92 -27.22
N LEU A 172 33.85 -2.28 -26.75
CA LEU A 172 33.94 -1.08 -25.90
C LEU A 172 34.45 -1.42 -24.49
N ALA A 173 33.91 -2.50 -23.92
CA ALA A 173 34.40 -3.03 -22.67
C ALA A 173 35.88 -3.32 -22.79
N ARG A 174 36.26 -4.05 -23.84
CA ARG A 174 37.67 -4.43 -23.99
C ARG A 174 38.56 -3.19 -24.14
N ALA A 175 38.03 -2.14 -24.77
CA ALA A 175 38.80 -0.89 -24.97
C ALA A 175 39.06 -0.14 -23.69
N GLY A 176 38.27 -0.41 -22.65
CA GLY A 176 38.40 0.24 -21.36
C GLY A 176 37.12 0.91 -20.85
N ALA A 177 36.04 0.90 -21.61
CA ALA A 177 34.78 1.49 -21.13
C ALA A 177 34.37 0.92 -19.79
N ASP A 178 33.98 1.81 -18.86
CA ASP A 178 33.59 1.40 -17.51
C ASP A 178 32.16 0.92 -17.49
N MET A 179 31.32 1.63 -18.26
CA MET A 179 29.92 1.29 -18.45
C MET A 179 29.61 1.23 -19.94
N VAL A 180 28.84 0.24 -20.37
CA VAL A 180 28.18 0.33 -21.68
C VAL A 180 26.73 0.75 -21.43
N CYS A 181 26.22 1.60 -22.31
CA CYS A 181 24.89 2.21 -22.17
C CYS A 181 24.02 1.94 -23.39
N PRO A 182 23.28 0.81 -23.38
CA PRO A 182 22.52 0.49 -24.57
C PRO A 182 21.30 1.35 -24.72
N SER A 183 21.28 2.17 -25.77
CA SER A 183 20.20 3.13 -26.02
C SER A 183 19.30 2.70 -27.16
N ASP A 184 19.35 1.41 -27.49
CA ASP A 184 18.78 0.86 -28.72
C ASP A 184 17.31 0.56 -28.66
N MET A 185 16.81 0.19 -27.47
CA MET A 185 15.43 -0.22 -27.23
C MET A 185 15.00 -1.50 -27.97
N MET A 186 15.98 -2.37 -28.25
CA MET A 186 15.66 -3.71 -28.71
C MET A 186 15.19 -4.46 -27.51
N ASP A 187 14.32 -5.44 -27.73
CA ASP A 187 13.86 -6.26 -26.66
C ASP A 187 14.95 -7.22 -26.23
N GLY A 188 15.16 -7.32 -24.93
CA GLY A 188 16.05 -8.35 -24.39
C GLY A 188 17.53 -8.08 -24.50
N ARG A 189 17.93 -6.90 -24.96
CA ARG A 189 19.37 -6.67 -25.14
C ARG A 189 20.15 -6.65 -23.83
N VAL A 190 19.54 -6.22 -22.72
CA VAL A 190 20.31 -6.10 -21.48
C VAL A 190 20.86 -7.45 -21.09
N SER A 191 20.00 -8.44 -21.02
CA SER A 191 20.43 -9.75 -20.57
C SER A 191 21.45 -10.35 -21.51
N ALA A 192 21.26 -10.12 -22.81
CA ALA A 192 22.10 -10.74 -23.82
C ALA A 192 23.48 -10.12 -23.72
N ILE A 193 23.51 -8.80 -23.57
CA ILE A 193 24.80 -8.10 -23.45
C ILE A 193 25.47 -8.53 -22.15
N ARG A 194 24.70 -8.65 -21.10
CA ARG A 194 25.25 -9.05 -19.81
C ARG A 194 26.01 -10.38 -19.89
N GLU A 195 25.43 -11.36 -20.59
CA GLU A 195 25.96 -12.71 -20.61
C GLU A 195 27.19 -12.76 -21.48
N SER A 196 27.13 -12.05 -22.61
CA SER A 196 28.25 -11.90 -23.51
C SER A 196 29.45 -11.28 -22.79
N LEU A 197 29.19 -10.19 -22.08
CA LEU A 197 30.22 -9.56 -21.29
C LEU A 197 30.84 -10.56 -20.32
N ASP A 198 30.01 -11.31 -19.64
CA ASP A 198 30.47 -12.17 -18.56
C ASP A 198 31.23 -13.37 -19.10
N MET A 199 30.78 -13.90 -20.22
CA MET A 199 31.52 -14.97 -20.86
C MET A 199 32.87 -14.49 -21.38
N GLU A 200 33.01 -13.20 -21.68
CA GLU A 200 34.31 -12.73 -22.15
C GLU A 200 35.23 -12.27 -21.03
N GLY A 201 34.77 -12.40 -19.78
CA GLY A 201 35.60 -12.01 -18.63
C GLY A 201 35.37 -10.57 -18.16
N CYS A 202 34.36 -9.92 -18.73
CA CYS A 202 34.11 -8.51 -18.46
C CYS A 202 32.92 -8.38 -17.53
N THR A 203 32.96 -9.12 -16.42
CA THR A 203 31.90 -9.10 -15.40
C THR A 203 31.86 -7.79 -14.60
N ASP A 204 32.96 -7.05 -14.67
CA ASP A 204 33.18 -5.76 -13.99
C ASP A 204 32.50 -4.64 -14.71
N THR A 205 32.42 -4.76 -16.04
CA THR A 205 31.86 -3.75 -16.87
C THR A 205 30.37 -3.61 -16.58
N SER A 206 29.94 -2.39 -16.30
CA SER A 206 28.55 -2.09 -15.95
C SER A 206 27.67 -1.85 -17.16
N ILE A 207 26.36 -1.93 -16.91
CA ILE A 207 25.37 -1.66 -17.94
C ILE A 207 24.43 -0.58 -17.40
N LEU A 208 24.46 0.59 -18.03
CA LEU A 208 23.47 1.63 -17.80
C LEU A 208 22.34 1.42 -18.82
N ALA A 209 21.22 0.85 -18.36
CA ALA A 209 20.16 0.45 -19.29
C ALA A 209 19.26 1.64 -19.54
N TYR A 210 19.08 2.00 -20.79
CA TYR A 210 18.03 2.97 -21.15
C TYR A 210 16.73 2.17 -21.15
N SER A 211 15.98 2.17 -20.04
CA SER A 211 14.73 1.39 -19.95
C SER A 211 13.57 2.10 -20.56
N CYS A 212 13.41 3.36 -20.19
CA CYS A 212 12.28 4.16 -20.61
C CYS A 212 12.76 5.30 -21.50
N LYS A 213 13.00 4.98 -22.76
CA LYS A 213 13.49 5.93 -23.74
C LYS A 213 12.38 6.14 -24.75
N TYR A 214 11.95 7.38 -24.89
CA TYR A 214 10.74 7.66 -25.65
C TYR A 214 11.03 8.06 -27.11
N ALA A 215 10.09 7.75 -28.00
CA ALA A 215 10.19 8.14 -29.41
C ALA A 215 10.03 9.62 -29.54
N SER A 216 11.02 10.35 -29.09
CA SER A 216 10.91 11.79 -28.91
C SER A 216 11.32 12.61 -30.14
N SER A 217 10.87 13.87 -30.12
CA SER A 217 11.24 14.85 -31.10
C SER A 217 12.32 15.84 -30.57
N PHE A 218 12.78 15.63 -29.35
CA PHE A 218 13.84 16.46 -28.78
C PHE A 218 15.26 15.96 -29.02
N TYR A 219 15.45 14.93 -29.86
CA TYR A 219 16.76 14.39 -30.17
C TYR A 219 17.41 15.00 -31.41
N GLY A 220 16.78 16.02 -31.97
CA GLY A 220 17.21 16.51 -33.28
C GLY A 220 18.65 17.02 -33.32
N PRO A 221 19.01 17.90 -32.38
CA PRO A 221 20.38 18.43 -32.40
C PRO A 221 21.45 17.38 -32.18
N PHE A 222 21.17 16.37 -31.37
CA PHE A 222 22.08 15.23 -31.28
C PHE A 222 22.30 14.61 -32.70
N ARG A 223 21.21 14.38 -33.45
CA ARG A 223 21.32 13.79 -34.77
C ARG A 223 22.02 14.71 -35.77
N ASP A 224 21.99 16.02 -35.55
CA ASP A 224 22.83 16.91 -36.34
C ASP A 224 24.29 16.65 -35.99
N ALA A 225 24.59 16.49 -34.70
CA ALA A 225 25.96 16.28 -34.23
C ALA A 225 26.63 15.05 -34.84
N LEU A 226 25.89 13.95 -34.90
CA LEU A 226 26.38 12.70 -35.50
C LEU A 226 26.08 12.51 -36.99
N ASP A 227 25.28 13.41 -37.54
CA ASP A 227 24.77 13.30 -38.91
C ASP A 227 24.06 11.96 -39.11
N SER A 228 23.07 11.71 -38.28
CA SER A 228 22.53 10.36 -38.14
C SER A 228 21.00 10.37 -38.18
N HIS A 229 20.46 11.40 -38.82
CA HIS A 229 19.05 11.45 -39.12
C HIS A 229 18.59 10.24 -39.93
N MET A 230 17.41 9.74 -39.59
CA MET A 230 16.80 8.58 -40.22
C MET A 230 16.54 8.87 -41.71
N VAL A 231 16.76 7.86 -42.52
CA VAL A 231 16.58 7.97 -43.96
C VAL A 231 15.12 7.83 -44.36
N GLY A 232 14.75 8.51 -45.45
CA GLY A 232 13.53 8.16 -46.20
C GLY A 232 12.22 8.52 -45.53
N GLY A 233 12.28 9.47 -44.58
CA GLY A 233 11.09 9.82 -43.79
C GLY A 233 10.67 8.76 -42.75
N THR A 234 11.53 7.79 -42.45
CA THR A 234 11.20 6.79 -41.43
C THR A 234 11.30 7.37 -40.03
N ASP A 235 10.79 6.65 -39.03
CA ASP A 235 10.89 7.08 -37.63
C ASP A 235 11.22 5.91 -36.72
N LYS A 236 11.33 6.14 -35.43
CA LYS A 236 11.77 5.10 -34.52
C LYS A 236 10.65 4.60 -33.62
N LYS A 237 9.42 4.75 -34.07
CA LYS A 237 8.29 4.47 -33.20
C LYS A 237 8.02 2.99 -33.01
N THR A 238 8.59 2.14 -33.86
CA THR A 238 8.52 0.70 -33.70
C THR A 238 9.48 0.16 -32.62
N TYR A 239 10.24 1.05 -31.95
CA TYR A 239 11.12 0.63 -30.88
C TYR A 239 11.27 1.62 -29.70
N GLN A 240 11.49 2.91 -29.96
CA GLN A 240 11.34 3.89 -28.89
C GLN A 240 9.87 3.97 -28.49
N MET A 241 9.62 4.38 -27.26
CA MET A 241 8.29 4.36 -26.65
C MET A 241 7.40 5.54 -27.02
N ASP A 242 6.11 5.26 -27.06
CA ASP A 242 5.10 6.29 -27.25
C ASP A 242 5.11 7.20 -26.03
N PRO A 243 5.30 8.50 -26.23
CA PRO A 243 5.16 9.44 -25.13
C PRO A 243 3.79 9.45 -24.45
N SER A 244 2.78 8.82 -25.01
CA SER A 244 1.47 8.80 -24.41
C SER A 244 1.36 7.85 -23.21
N ASN A 245 2.42 7.06 -22.96
CA ASN A 245 2.32 5.91 -22.06
C ASN A 245 3.22 5.99 -20.83
N SER A 246 2.66 5.66 -19.66
CA SER A 246 3.46 5.57 -18.41
C SER A 246 3.53 4.15 -17.91
N ARG A 247 2.41 3.46 -17.86
CA ARG A 247 2.40 2.05 -17.40
C ARG A 247 3.46 1.19 -18.12
N GLU A 248 3.58 1.40 -19.42
CA GLU A 248 4.61 0.71 -20.20
C GLU A 248 6.01 0.91 -19.61
N ALA A 249 6.28 2.08 -19.03
CA ALA A 249 7.62 2.35 -18.44
C ALA A 249 7.96 1.32 -17.37
N GLU A 250 6.97 0.89 -16.60
CA GLU A 250 7.17 -0.10 -15.54
C GLU A 250 7.43 -1.49 -16.10
N ARG A 251 6.77 -1.82 -17.19
CA ARG A 251 7.06 -3.04 -17.86
C ARG A 251 8.56 -3.05 -18.25
N GLU A 252 9.04 -1.96 -18.83
CA GLU A 252 10.43 -1.93 -19.28
C GLU A 252 11.40 -1.93 -18.10
N ALA A 253 11.10 -1.13 -17.08
CA ALA A 253 12.03 -0.98 -15.98
C ALA A 253 12.15 -2.31 -15.23
N GLU A 254 11.04 -2.97 -14.93
CA GLU A 254 11.09 -4.25 -14.18
C GLU A 254 11.91 -5.29 -14.95
N ALA A 255 11.76 -5.33 -16.26
CA ALA A 255 12.48 -6.31 -17.07
C ALA A 255 14.00 -6.05 -17.14
N ASP A 256 14.43 -4.79 -17.16
CA ASP A 256 15.85 -4.52 -17.24
C ASP A 256 16.49 -4.80 -15.91
N ALA A 257 15.75 -4.56 -14.82
CA ALA A 257 16.21 -4.93 -13.50
C ALA A 257 16.49 -6.42 -13.42
N SER A 258 15.54 -7.23 -13.84
CA SER A 258 15.70 -8.68 -13.67
C SER A 258 16.64 -9.30 -14.72
N GLU A 259 16.90 -8.57 -15.81
CA GLU A 259 17.97 -8.93 -16.75
C GLU A 259 19.39 -8.56 -16.27
N GLY A 260 19.51 -7.90 -15.12
CA GLY A 260 20.83 -7.62 -14.52
C GLY A 260 21.47 -6.23 -14.65
N ALA A 261 20.72 -5.26 -15.15
CA ALA A 261 21.20 -3.89 -15.26
C ALA A 261 21.65 -3.39 -13.88
N ASP A 262 22.62 -2.48 -13.93
CA ASP A 262 23.18 -1.81 -12.78
C ASP A 262 22.50 -0.45 -12.51
N MET A 263 22.03 0.21 -13.58
CA MET A 263 21.30 1.49 -13.48
C MET A 263 20.27 1.60 -14.58
N LEU A 264 19.21 2.37 -14.32
CA LEU A 264 18.15 2.63 -15.26
C LEU A 264 18.08 4.10 -15.62
N MET A 265 17.99 4.36 -16.92
CA MET A 265 17.97 5.68 -17.50
C MET A 265 16.58 5.98 -18.05
N VAL A 266 16.06 7.16 -17.77
CA VAL A 266 14.85 7.67 -18.42
C VAL A 266 15.28 8.81 -19.29
N LYS A 267 14.76 8.83 -20.50
CA LYS A 267 15.17 9.80 -21.49
C LYS A 267 14.04 9.96 -22.44
N PRO A 268 13.73 11.20 -22.83
CA PRO A 268 14.32 12.48 -22.41
C PRO A 268 14.09 12.87 -20.96
N GLY A 269 14.36 14.13 -20.63
CA GLY A 269 14.54 14.56 -19.25
C GLY A 269 13.36 15.25 -18.60
N LEU A 270 13.35 16.57 -18.65
CA LEU A 270 12.32 17.36 -18.00
C LEU A 270 10.91 16.93 -18.40
N PRO A 271 10.68 16.71 -19.69
CA PRO A 271 9.32 16.26 -20.00
C PRO A 271 8.99 14.84 -19.56
N TYR A 272 9.86 14.14 -18.85
CA TYR A 272 9.55 12.77 -18.41
C TYR A 272 9.77 12.55 -16.90
N LEU A 273 9.73 13.66 -16.13
CA LEU A 273 10.01 13.60 -14.70
C LEU A 273 8.98 12.73 -14.01
N ASP A 274 7.78 12.66 -14.54
CA ASP A 274 6.76 11.73 -14.00
C ASP A 274 7.18 10.27 -14.11
N VAL A 275 7.78 9.91 -15.23
CA VAL A 275 8.21 8.55 -15.42
C VAL A 275 9.42 8.27 -14.54
N LEU A 276 10.31 9.25 -14.47
CA LEU A 276 11.47 9.19 -13.61
C LEU A 276 11.05 8.93 -12.18
N ALA A 277 10.11 9.71 -11.66
CA ALA A 277 9.67 9.55 -10.25
C ALA A 277 9.01 8.21 -10.04
N LYS A 278 8.23 7.76 -11.01
CA LYS A 278 7.48 6.52 -10.80
C LYS A 278 8.43 5.34 -10.74
N ILE A 279 9.40 5.31 -11.65
CA ILE A 279 10.39 4.23 -11.68
C ILE A 279 11.29 4.31 -10.46
N ARG A 280 11.61 5.51 -10.01
CA ARG A 280 12.34 5.67 -8.74
C ARG A 280 11.63 5.04 -7.56
N GLU A 281 10.32 5.16 -7.52
CA GLU A 281 9.50 4.70 -6.41
C GLU A 281 9.52 3.18 -6.38
N LYS A 282 9.51 2.56 -7.55
CA LYS A 282 9.39 1.11 -7.68
C LYS A 282 10.73 0.35 -7.85
N SER A 283 11.76 1.00 -8.36
CA SER A 283 13.02 0.32 -8.59
C SER A 283 13.89 0.26 -7.35
N LYS A 284 14.79 -0.72 -7.32
CA LYS A 284 15.86 -0.72 -6.32
C LYS A 284 17.22 -0.38 -6.95
N LEU A 285 17.22 0.05 -8.21
CA LEU A 285 18.45 0.38 -8.91
C LEU A 285 18.66 1.87 -8.99
N PRO A 286 19.92 2.31 -9.06
CA PRO A 286 20.08 3.75 -9.28
C PRO A 286 19.46 4.28 -10.58
N MET A 287 18.97 5.51 -10.51
CA MET A 287 18.29 6.16 -11.60
C MET A 287 19.16 7.23 -12.23
N VAL A 288 19.09 7.32 -13.55
CA VAL A 288 19.76 8.34 -14.31
C VAL A 288 18.74 8.95 -15.22
N ALA A 289 18.87 10.24 -15.44
CA ALA A 289 18.00 10.98 -16.37
C ALA A 289 18.89 11.68 -17.41
N TYR A 290 18.38 11.86 -18.63
CA TYR A 290 19.15 12.51 -19.69
C TYR A 290 18.46 13.81 -20.09
N HIS A 291 19.15 14.91 -19.82
CA HIS A 291 18.80 16.23 -20.30
C HIS A 291 19.30 16.36 -21.73
N VAL A 292 18.42 16.10 -22.70
CA VAL A 292 18.84 15.80 -24.06
C VAL A 292 19.09 17.04 -24.90
N SER A 293 19.76 16.82 -26.04
CA SER A 293 20.22 17.89 -26.91
C SER A 293 19.16 18.94 -27.18
N GLY A 294 17.95 18.49 -27.42
CA GLY A 294 16.87 19.42 -27.72
C GLY A 294 16.53 20.30 -26.54
N GLU A 295 16.54 19.71 -25.36
CA GLU A 295 16.33 20.45 -24.13
C GLU A 295 17.43 21.49 -23.94
N TYR A 296 18.67 21.11 -24.24
CA TYR A 296 19.84 21.99 -24.20
C TYR A 296 19.70 23.18 -25.14
N ALA A 297 19.28 22.89 -26.36
CA ALA A 297 19.08 23.92 -27.39
C ALA A 297 18.03 24.93 -26.94
N MET A 298 16.95 24.47 -26.34
CA MET A 298 15.92 25.38 -25.89
C MET A 298 16.45 26.43 -24.89
N LEU A 299 17.21 25.95 -23.92
CA LEU A 299 17.74 26.78 -22.87
C LEU A 299 18.66 27.81 -23.47
N LYS A 300 19.61 27.33 -24.28
CA LYS A 300 20.56 28.20 -25.00
C LYS A 300 19.89 29.23 -25.88
N ALA A 301 18.92 28.76 -26.66
CA ALA A 301 18.19 29.63 -27.53
C ALA A 301 17.66 30.77 -26.71
N ALA A 302 17.06 30.45 -25.58
CA ALA A 302 16.38 31.45 -24.79
C ALA A 302 17.40 32.34 -24.14
N ALA A 303 18.44 31.73 -23.59
CA ALA A 303 19.47 32.52 -22.90
C ALA A 303 20.11 33.49 -23.86
N GLU A 304 20.44 33.04 -25.07
CA GLU A 304 21.06 33.91 -26.09
C GLU A 304 20.21 35.11 -26.43
N LYS A 305 18.89 34.95 -26.52
CA LYS A 305 18.03 36.10 -26.78
C LYS A 305 17.74 36.91 -25.53
N GLY A 306 18.12 36.40 -24.36
CA GLY A 306 17.91 37.11 -23.09
C GLY A 306 16.51 36.96 -22.52
N TYR A 307 15.73 35.99 -23.01
CA TYR A 307 14.40 35.75 -22.47
C TYR A 307 14.48 35.21 -21.03
N ILE A 308 15.44 34.34 -20.76
CA ILE A 308 15.68 33.80 -19.43
C ILE A 308 17.12 34.07 -19.01
N SER A 309 17.38 33.80 -17.74
CA SER A 309 18.71 33.83 -17.20
C SER A 309 19.25 32.41 -17.26
N GLU A 310 20.38 32.23 -17.93
CA GLU A 310 20.94 30.90 -18.18
C GLU A 310 21.26 30.14 -16.91
N LYS A 311 21.98 30.83 -16.01
CA LYS A 311 22.50 30.21 -14.82
C LYS A 311 21.36 29.79 -13.92
N ASP A 312 20.42 30.68 -13.69
CA ASP A 312 19.37 30.38 -12.71
C ASP A 312 18.58 29.18 -13.17
N THR A 313 18.21 29.19 -14.44
CA THR A 313 17.33 28.20 -15.00
C THR A 313 18.08 26.86 -15.09
N VAL A 314 19.34 26.84 -15.54
CA VAL A 314 20.11 25.59 -15.53
C VAL A 314 20.17 25.00 -14.12
N LEU A 315 20.49 25.79 -13.11
CA LEU A 315 20.63 25.29 -11.75
C LEU A 315 19.32 24.79 -11.15
N GLU A 316 18.18 25.37 -11.56
CA GLU A 316 16.86 24.90 -11.11
C GLU A 316 16.48 23.58 -11.81
N VAL A 317 16.80 23.50 -13.09
CA VAL A 317 16.58 22.32 -13.87
C VAL A 317 17.28 21.15 -13.22
N LEU A 318 18.55 21.31 -12.90
CA LEU A 318 19.32 20.21 -12.28
C LEU A 318 18.74 19.80 -10.90
N LYS A 319 18.33 20.79 -10.11
CA LYS A 319 17.66 20.52 -8.86
C LYS A 319 16.36 19.76 -9.10
N SER A 320 15.62 20.13 -10.15
CA SER A 320 14.41 19.41 -10.50
C SER A 320 14.61 17.92 -10.86
N PHE A 321 15.62 17.58 -11.64
CA PHE A 321 15.92 16.16 -11.94
C PHE A 321 16.19 15.34 -10.68
N ARG A 322 16.82 16.02 -9.76
CA ARG A 322 17.25 15.42 -8.55
C ARG A 322 16.04 15.20 -7.61
N ARG A 323 15.19 16.20 -7.44
CA ARG A 323 13.97 16.06 -6.65
C ARG A 323 13.06 14.95 -7.21
N ALA A 324 12.93 14.92 -8.54
CA ALA A 324 12.16 13.94 -9.27
C ALA A 324 12.69 12.50 -9.12
N GLY A 325 13.94 12.32 -8.73
CA GLY A 325 14.47 10.99 -8.36
C GLY A 325 15.74 10.60 -9.11
N ALA A 326 16.40 11.52 -9.79
CA ALA A 326 17.64 11.17 -10.49
C ALA A 326 18.79 11.11 -9.50
N ASP A 327 19.43 9.96 -9.42
CA ASP A 327 20.70 9.90 -8.76
C ASP A 327 21.75 10.65 -9.58
N ALA A 328 21.76 10.43 -10.89
CA ALA A 328 22.73 11.13 -11.77
C ALA A 328 21.95 11.73 -12.90
N VAL A 329 22.47 12.81 -13.48
CA VAL A 329 21.85 13.44 -14.65
C VAL A 329 22.89 13.58 -15.75
N ALA A 330 22.60 13.08 -16.94
CA ALA A 330 23.47 13.30 -18.10
C ALA A 330 23.07 14.66 -18.69
N THR A 331 23.99 15.61 -18.78
CA THR A 331 23.59 16.93 -19.30
C THR A 331 24.72 17.64 -19.99
N TYR A 332 24.44 18.27 -21.13
CA TYR A 332 25.46 19.03 -21.87
C TYR A 332 25.88 20.28 -21.08
N TYR A 333 25.10 20.65 -20.07
CA TYR A 333 25.51 21.72 -19.12
C TYR A 333 26.37 21.24 -17.94
N ALA A 334 26.84 20.01 -17.95
CA ALA A 334 27.51 19.45 -16.78
C ALA A 334 28.74 20.24 -16.42
N LYS A 335 29.59 20.48 -17.40
CA LYS A 335 30.80 21.25 -17.13
C LYS A 335 30.44 22.65 -16.64
N GLU A 336 29.47 23.24 -17.29
CA GLU A 336 29.18 24.62 -16.95
C GLU A 336 28.59 24.72 -15.57
N ALA A 337 27.77 23.74 -15.19
CA ALA A 337 27.18 23.76 -13.84
C ALA A 337 28.25 23.61 -12.76
N ALA A 338 29.15 22.65 -12.98
CA ALA A 338 30.20 22.37 -12.01
C ALA A 338 31.06 23.62 -11.85
N LYS A 339 31.29 24.30 -12.97
CA LYS A 339 32.15 25.46 -12.95
C LYS A 339 31.51 26.54 -12.10
N TRP A 340 30.23 26.77 -12.30
CA TRP A 340 29.54 27.76 -11.52
C TRP A 340 29.61 27.42 -10.07
N MET A 341 29.40 26.15 -9.75
CA MET A 341 29.45 25.72 -8.38
C MET A 341 30.84 25.92 -7.82
N VAL A 342 31.88 25.57 -8.58
CA VAL A 342 33.26 25.69 -8.07
C VAL A 342 33.67 27.16 -7.95
N GLU A 343 33.31 27.99 -8.91
CA GLU A 343 33.55 29.43 -8.77
C GLU A 343 32.88 30.08 -7.55
N ASP A 344 31.66 29.64 -7.24
CA ASP A 344 30.92 30.21 -6.12
C ASP A 344 31.58 29.80 -4.83
N MET A 345 31.98 28.54 -4.75
CA MET A 345 32.61 28.03 -3.54
C MET A 345 33.98 28.63 -3.33
N LYS A 346 34.68 28.98 -4.41
CA LYS A 346 35.99 29.59 -4.28
C LYS A 346 35.84 31.05 -4.02
N GLY A 347 34.67 31.60 -4.35
CA GLY A 347 34.43 33.03 -4.24
C GLY A 347 33.65 33.42 -3.00
N THR A 348 32.46 33.96 -3.21
CA THR A 348 31.64 34.59 -2.17
C THR A 348 30.59 33.66 -1.62
N GLN A 349 30.49 32.45 -2.13
CA GLN A 349 29.54 31.45 -1.61
C GLN A 349 28.12 31.96 -1.46
N LYS A 350 27.58 32.46 -2.56
CA LYS A 350 26.24 33.02 -2.57
C LYS A 350 25.22 31.88 -2.52
N PHE A 351 25.53 30.72 -3.13
CA PHE A 351 24.56 29.62 -3.16
C PHE A 351 25.09 28.21 -2.89
N THR A 352 26.40 28.07 -2.65
CA THR A 352 26.94 26.73 -2.47
C THR A 352 27.48 26.49 -1.08
N GLU A 353 27.60 25.24 -0.70
CA GLU A 353 28.34 24.87 0.52
C GLU A 353 28.90 23.46 0.38
N PRO A 354 29.80 23.07 1.30
CA PRO A 354 30.42 21.77 1.19
C PRO A 354 29.46 20.67 1.55
N CYS A 355 29.62 19.52 0.92
CA CYS A 355 28.92 18.33 1.33
C CYS A 355 29.84 17.13 1.28
N TYR A 356 29.35 16.02 1.84
CA TYR A 356 29.98 14.71 1.67
C TYR A 356 28.98 13.62 1.74
N GLY B 5 26.32 -19.48 -25.27
CA GLY B 5 25.86 -18.05 -25.38
C GLY B 5 24.35 -17.88 -25.34
N PRO B 6 23.85 -16.61 -25.34
CA PRO B 6 22.41 -16.38 -25.21
C PRO B 6 21.59 -16.48 -26.49
N LEU B 7 22.21 -16.42 -27.67
CA LEU B 7 21.48 -16.55 -28.93
C LEU B 7 21.35 -18.00 -29.40
N ASP B 8 20.16 -18.33 -29.88
CA ASP B 8 19.83 -19.64 -30.39
C ASP B 8 19.48 -19.44 -31.88
N ASN B 9 18.97 -20.49 -32.50
CA ASN B 9 18.54 -20.47 -33.87
C ASN B 9 17.14 -21.04 -33.95
N ASN B 10 16.34 -20.46 -34.85
CA ASN B 10 14.96 -20.90 -35.03
C ASN B 10 14.85 -22.02 -36.04
N ASN B 11 13.63 -22.46 -36.32
CA ASN B 11 13.37 -23.58 -37.21
C ASN B 11 13.85 -23.39 -38.65
N TYR B 12 14.23 -22.17 -39.03
CA TYR B 12 14.76 -21.91 -40.37
C TYR B 12 16.23 -21.50 -40.37
N GLY B 13 16.88 -21.62 -39.22
CA GLY B 13 18.30 -21.33 -39.09
C GLY B 13 18.65 -19.89 -38.71
N GLU B 14 17.65 -19.01 -38.73
CA GLU B 14 17.86 -17.62 -38.37
C GLU B 14 18.14 -17.41 -36.90
N VAL B 15 18.84 -16.32 -36.61
CA VAL B 15 19.23 -15.96 -35.27
C VAL B 15 18.00 -15.68 -34.45
N TRP B 16 17.93 -16.26 -33.26
CA TRP B 16 16.75 -16.22 -32.44
C TRP B 16 17.07 -16.05 -30.98
N LEU B 17 16.62 -14.93 -30.42
CA LEU B 17 16.81 -14.64 -29.00
C LEU B 17 15.58 -15.13 -28.27
N PRO B 18 15.67 -16.19 -27.46
CA PRO B 18 14.49 -16.86 -26.92
C PRO B 18 13.76 -16.18 -25.76
N ILE B 19 13.58 -14.88 -25.86
CA ILE B 19 12.83 -14.15 -24.86
C ILE B 19 11.31 -14.28 -25.17
N GLN B 20 10.50 -14.42 -24.14
CA GLN B 20 9.05 -14.51 -24.30
C GLN B 20 8.34 -13.14 -24.47
N ALA B 21 8.52 -12.26 -23.49
CA ALA B 21 7.86 -10.94 -23.50
C ALA B 21 8.63 -10.06 -24.48
N ARG B 22 7.94 -9.43 -25.42
CA ARG B 22 8.57 -8.54 -26.44
C ARG B 22 7.74 -7.27 -26.50
N PRO B 23 8.08 -6.26 -25.67
CA PRO B 23 7.31 -5.02 -25.65
C PRO B 23 7.24 -4.34 -27.01
N ARG B 24 8.22 -4.55 -27.86
CA ARG B 24 8.17 -4.00 -29.21
C ARG B 24 6.94 -4.40 -30.00
N ARG B 25 6.34 -5.54 -29.66
CA ARG B 25 5.15 -5.98 -30.36
C ARG B 25 4.00 -5.02 -30.19
N ASN B 26 3.91 -4.35 -29.04
CA ASN B 26 2.91 -3.31 -28.85
C ASN B 26 3.29 -1.93 -29.48
N ARG B 27 4.36 -1.90 -30.30
CA ARG B 27 4.78 -0.68 -31.03
C ARG B 27 4.86 -0.87 -32.53
N LYS B 28 4.42 -2.04 -32.96
CA LYS B 28 4.61 -2.62 -34.30
C LYS B 28 4.19 -1.72 -35.45
N ASN B 29 3.09 -1.00 -35.29
CA ASN B 29 2.59 -0.06 -36.30
C ASN B 29 1.62 0.92 -35.64
N ARG B 30 1.17 1.94 -36.38
CA ARG B 30 0.30 2.97 -35.81
C ARG B 30 -1.01 2.34 -35.24
N ALA B 31 -1.57 1.35 -35.90
CA ALA B 31 -2.87 0.81 -35.48
C ALA B 31 -2.80 0.22 -34.07
N VAL B 32 -1.71 -0.50 -33.80
CA VAL B 32 -1.47 -1.10 -32.50
C VAL B 32 -1.13 -0.06 -31.47
N ARG B 33 -0.25 0.87 -31.82
CA ARG B 33 0.05 1.97 -30.88
C ARG B 33 -1.27 2.67 -30.42
N GLN B 34 -2.19 2.88 -31.37
CA GLN B 34 -3.41 3.56 -31.03
C GLN B 34 -4.29 2.68 -30.16
N LEU B 35 -4.27 1.36 -30.40
CA LEU B 35 -5.09 0.46 -29.60
C LEU B 35 -4.68 0.56 -28.13
N VAL B 36 -3.37 0.71 -27.90
CA VAL B 36 -2.83 0.68 -26.55
C VAL B 36 -2.41 2.07 -26.00
N GLN B 37 -2.70 3.13 -26.73
CA GLN B 37 -2.35 4.50 -26.29
C GLN B 37 -3.09 4.83 -25.00
N GLU B 38 -2.35 5.17 -23.96
CA GLU B 38 -2.91 5.43 -22.66
C GLU B 38 -3.38 6.87 -22.45
N ASN B 39 -2.84 7.86 -23.17
CA ASN B 39 -3.24 9.26 -22.91
C ASN B 39 -3.52 10.00 -24.20
N LEU B 40 -4.52 10.90 -24.14
CA LEU B 40 -4.94 11.70 -25.26
C LEU B 40 -5.02 13.18 -24.92
N VAL B 41 -4.74 14.03 -25.91
CA VAL B 41 -4.82 15.46 -25.77
C VAL B 41 -6.00 15.95 -26.59
N LYS B 42 -6.79 16.85 -26.01
CA LYS B 42 -7.87 17.47 -26.71
C LYS B 42 -7.85 18.98 -26.46
N PRO B 43 -8.39 19.77 -27.41
CA PRO B 43 -8.37 21.22 -27.20
C PRO B 43 -9.09 21.69 -25.96
N SER B 44 -10.19 21.07 -25.61
CA SER B 44 -10.96 21.56 -24.47
C SER B 44 -10.22 21.26 -23.15
N SER B 45 -9.06 20.58 -23.22
CA SER B 45 -8.20 20.34 -22.06
C SER B 45 -7.09 21.39 -21.97
N LEU B 46 -7.13 22.38 -22.86
CA LEU B 46 -6.14 23.46 -22.83
C LEU B 46 -6.75 24.78 -22.34
N ILE B 47 -6.00 25.49 -21.52
CA ILE B 47 -6.39 26.84 -21.04
C ILE B 47 -5.46 27.85 -21.67
N TYR B 48 -6.02 28.86 -22.30
CA TYR B 48 -5.26 29.88 -22.99
C TYR B 48 -5.11 31.15 -22.10
N PRO B 49 -3.87 31.54 -21.74
CA PRO B 49 -3.69 32.74 -20.91
C PRO B 49 -3.30 33.95 -21.72
N LEU B 50 -4.01 35.05 -21.46
CA LEU B 50 -3.94 36.26 -22.26
C LEU B 50 -3.73 37.48 -21.40
N PHE B 51 -3.11 38.49 -22.02
CA PHE B 51 -2.79 39.75 -21.37
C PHE B 51 -3.57 40.89 -22.00
N VAL B 52 -4.22 41.67 -21.14
CA VAL B 52 -4.90 42.85 -21.59
C VAL B 52 -4.32 44.07 -20.88
N HIS B 53 -4.16 45.16 -21.62
CA HIS B 53 -3.90 46.45 -21.03
C HIS B 53 -4.93 47.47 -21.47
N ASP B 54 -4.86 48.65 -20.87
CA ASP B 54 -5.87 49.68 -21.07
C ASP B 54 -5.48 50.66 -22.19
N GLU B 55 -4.70 50.21 -23.16
CA GLU B 55 -4.30 51.07 -24.27
C GLU B 55 -5.16 50.76 -25.49
N GLU B 56 -5.17 51.70 -26.44
CA GLU B 56 -5.94 51.60 -27.67
C GLU B 56 -5.34 50.55 -28.64
N THR B 57 -4.04 50.30 -28.54
CA THR B 57 -3.31 49.41 -29.47
C THR B 57 -2.56 48.30 -28.73
N SER B 58 -2.53 47.10 -29.31
CA SER B 58 -1.78 45.97 -28.76
C SER B 58 -0.28 46.14 -29.00
N VAL B 59 0.53 45.62 -28.06
CA VAL B 59 1.98 45.75 -28.10
C VAL B 59 2.63 44.36 -27.88
N PRO B 60 3.58 43.95 -28.74
CA PRO B 60 4.15 42.65 -28.48
C PRO B 60 4.91 42.57 -27.14
N ILE B 61 5.09 41.36 -26.65
CA ILE B 61 5.92 41.09 -25.48
C ILE B 61 7.18 40.44 -26.06
N PRO B 62 8.29 41.18 -26.14
CA PRO B 62 9.42 40.61 -26.91
C PRO B 62 9.97 39.28 -26.38
N SER B 63 10.00 39.11 -25.06
CA SER B 63 10.37 37.83 -24.44
C SER B 63 9.29 36.71 -24.46
N MET B 64 8.10 36.98 -24.99
CA MET B 64 7.14 35.88 -25.28
C MET B 64 6.74 35.96 -26.75
N PRO B 65 7.63 35.57 -27.63
CA PRO B 65 7.42 35.91 -29.03
C PRO B 65 6.13 35.30 -29.55
N GLY B 66 5.32 36.12 -30.20
CA GLY B 66 3.99 35.71 -30.65
C GLY B 66 2.85 36.07 -29.72
N GLN B 67 3.17 36.51 -28.50
CA GLN B 67 2.15 36.92 -27.54
C GLN B 67 2.21 38.46 -27.37
N SER B 68 1.10 39.07 -26.97
CA SER B 68 1.03 40.52 -26.84
C SER B 68 0.28 40.96 -25.58
N ARG B 69 0.56 42.18 -25.17
CA ARG B 69 -0.37 42.90 -24.33
C ARG B 69 -1.48 43.35 -25.27
N LEU B 70 -2.70 42.89 -25.02
CA LEU B 70 -3.80 43.13 -25.93
C LEU B 70 -4.68 44.31 -25.51
N SER B 71 -5.06 45.12 -26.50
CA SER B 71 -6.13 46.08 -26.33
C SER B 71 -7.44 45.33 -26.17
N MET B 72 -8.41 45.94 -25.52
CA MET B 72 -9.69 45.28 -25.29
C MET B 72 -10.27 44.61 -26.53
N GLU B 73 -10.17 45.26 -27.70
CA GLU B 73 -10.80 44.67 -28.90
C GLU B 73 -9.98 43.52 -29.49
N ASP B 74 -8.66 43.58 -29.35
CA ASP B 74 -7.82 42.47 -29.81
C ASP B 74 -7.98 41.31 -28.82
N LEU B 75 -8.32 41.59 -27.55
CA LEU B 75 -8.55 40.51 -26.61
C LEU B 75 -9.78 39.72 -27.06
N LEU B 76 -10.85 40.44 -27.41
CA LEU B 76 -12.06 39.84 -27.95
C LEU B 76 -11.77 39.06 -29.21
N LYS B 77 -10.94 39.64 -30.09
CA LYS B 77 -10.57 38.99 -31.33
C LYS B 77 -9.84 37.68 -31.05
N GLU B 78 -8.98 37.69 -30.03
CA GLU B 78 -8.10 36.55 -29.73
C GLU B 78 -8.87 35.41 -29.07
N VAL B 79 -9.75 35.74 -28.14
CA VAL B 79 -10.66 34.78 -27.52
C VAL B 79 -11.56 34.13 -28.61
N GLY B 80 -12.11 34.94 -29.50
CA GLY B 80 -12.86 34.42 -30.63
C GLY B 80 -12.10 33.42 -31.47
N GLU B 81 -10.84 33.72 -31.79
CA GLU B 81 -10.04 32.85 -32.63
C GLU B 81 -9.74 31.52 -31.95
N ALA B 82 -9.43 31.58 -30.65
CA ALA B 82 -9.17 30.38 -29.86
C ALA B 82 -10.43 29.50 -29.70
N ARG B 83 -11.57 30.13 -29.44
CA ARG B 83 -12.85 29.44 -29.42
C ARG B 83 -13.11 28.67 -30.71
N SER B 84 -12.81 29.26 -31.86
CA SER B 84 -13.12 28.66 -33.16
C SER B 84 -12.36 27.36 -33.38
N TYR B 85 -11.24 27.20 -32.71
CA TYR B 85 -10.49 25.95 -32.71
C TYR B 85 -10.81 25.04 -31.54
N GLY B 86 -11.72 25.44 -30.67
CA GLY B 86 -12.15 24.57 -29.59
C GLY B 86 -11.58 24.80 -28.19
N ILE B 87 -10.81 25.87 -27.99
CA ILE B 87 -10.40 26.24 -26.64
C ILE B 87 -11.61 26.83 -25.94
N LYS B 88 -11.86 26.41 -24.70
CA LYS B 88 -12.99 26.93 -23.97
C LYS B 88 -12.61 27.72 -22.71
N ALA B 89 -11.38 27.62 -22.25
CA ALA B 89 -11.01 28.20 -20.97
C ALA B 89 -9.90 29.20 -21.18
N PHE B 90 -10.10 30.36 -20.58
CA PHE B 90 -9.20 31.50 -20.78
C PHE B 90 -8.84 32.12 -19.47
N MET B 91 -7.54 32.27 -19.26
CA MET B 91 -7.01 32.98 -18.14
C MET B 91 -6.70 34.40 -18.56
N LEU B 92 -6.94 35.35 -17.67
CA LEU B 92 -6.80 36.77 -17.96
C LEU B 92 -5.89 37.46 -16.98
N PHE B 93 -4.90 38.18 -17.48
CA PHE B 93 -4.01 38.94 -16.62
C PHE B 93 -4.01 40.42 -17.02
N PRO B 94 -4.13 41.33 -16.05
CA PRO B 94 -4.11 42.76 -16.38
C PRO B 94 -2.72 43.35 -16.33
N LYS B 95 -2.35 44.08 -17.38
CA LYS B 95 -1.20 44.97 -17.30
C LYS B 95 -1.80 46.30 -16.91
N VAL B 96 -1.50 46.71 -15.68
CA VAL B 96 -2.16 47.84 -15.05
C VAL B 96 -1.28 49.05 -15.25
N ASP B 97 -1.92 50.20 -15.46
CA ASP B 97 -1.20 51.46 -15.59
C ASP B 97 -0.35 51.66 -14.32
N ASP B 98 0.91 52.07 -14.48
CA ASP B 98 1.83 52.23 -13.32
C ASP B 98 1.33 53.30 -12.31
N GLU B 99 0.42 54.18 -12.74
CA GLU B 99 -0.15 55.20 -11.83
C GLU B 99 -1.02 54.57 -10.72
N LEU B 100 -1.65 53.44 -11.05
CA LEU B 100 -2.65 52.83 -10.18
C LEU B 100 -2.08 51.84 -9.16
N LYS B 101 -0.82 51.46 -9.31
CA LYS B 101 -0.17 50.51 -8.39
C LYS B 101 0.10 51.16 -7.02
N SER B 102 0.17 50.32 -5.99
CA SER B 102 0.44 50.80 -4.63
C SER B 102 0.96 49.69 -3.71
N VAL B 103 1.23 50.03 -2.44
CA VAL B 103 1.64 49.06 -1.43
C VAL B 103 0.49 48.08 -1.08
N MET B 104 -0.70 48.61 -0.80
CA MET B 104 -1.84 47.79 -0.38
C MET B 104 -2.50 47.12 -1.59
N ALA B 105 -2.23 47.67 -2.76
CA ALA B 105 -2.77 47.15 -4.01
C ALA B 105 -4.29 47.37 -4.16
N GLU B 106 -4.78 48.57 -3.86
CA GLU B 106 -6.23 48.89 -3.89
C GLU B 106 -6.93 48.58 -5.21
N GLU B 107 -6.20 48.76 -6.31
CA GLU B 107 -6.84 48.65 -7.63
C GLU B 107 -7.36 47.25 -7.91
N SER B 108 -6.75 46.26 -7.25
CA SER B 108 -7.20 44.89 -7.32
C SER B 108 -8.70 44.71 -7.07
N TYR B 109 -9.29 45.47 -6.14
CA TYR B 109 -10.73 45.32 -5.86
C TYR B 109 -11.61 46.46 -6.41
N ASN B 110 -11.02 47.23 -7.32
CA ASN B 110 -11.74 48.28 -8.00
C ASN B 110 -12.71 47.62 -8.99
N PRO B 111 -14.02 47.79 -8.79
CA PRO B 111 -14.95 47.15 -9.75
C PRO B 111 -15.02 47.82 -11.13
N ASP B 112 -14.43 49.02 -11.28
CA ASP B 112 -14.33 49.73 -12.56
C ASP B 112 -12.97 49.47 -13.25
N GLY B 113 -12.12 48.68 -12.61
CA GLY B 113 -10.78 48.43 -13.12
C GLY B 113 -10.77 47.67 -14.42
N LEU B 114 -9.59 47.54 -14.99
CA LEU B 114 -9.42 46.89 -16.28
C LEU B 114 -9.94 45.43 -16.27
N LEU B 115 -9.47 44.61 -15.34
CA LEU B 115 -9.79 43.19 -15.43
C LEU B 115 -11.30 42.93 -15.33
N PRO B 116 -11.97 43.51 -14.33
CA PRO B 116 -13.42 43.33 -14.28
C PRO B 116 -14.11 43.77 -15.56
N ARG B 117 -13.63 44.88 -16.15
CA ARG B 117 -14.21 45.36 -17.41
C ARG B 117 -13.99 44.35 -18.53
N ALA B 118 -12.77 43.83 -18.61
CA ALA B 118 -12.49 42.84 -19.63
C ALA B 118 -13.38 41.60 -19.47
N ILE B 119 -13.58 41.18 -18.23
CA ILE B 119 -14.39 39.99 -17.99
C ILE B 119 -15.80 40.20 -18.51
N MET B 120 -16.41 41.29 -18.08
CA MET B 120 -17.73 41.68 -18.56
C MET B 120 -17.78 41.79 -20.09
N ALA B 121 -16.74 42.39 -20.68
CA ALA B 121 -16.74 42.58 -22.13
C ALA B 121 -16.75 41.22 -22.82
N LEU B 122 -15.85 40.32 -22.43
CA LEU B 122 -15.84 38.95 -22.97
C LEU B 122 -17.11 38.15 -22.66
N LYS B 123 -17.71 38.38 -21.50
CA LYS B 123 -18.98 37.73 -21.22
C LYS B 123 -20.13 38.20 -22.14
N GLU B 124 -20.20 39.51 -22.41
CA GLU B 124 -21.21 40.02 -23.36
C GLU B 124 -21.07 39.35 -24.72
N ALA B 125 -19.82 39.20 -25.19
CA ALA B 125 -19.54 38.75 -26.54
C ALA B 125 -19.54 37.22 -26.69
N PHE B 126 -19.05 36.49 -25.70
CA PHE B 126 -19.04 35.03 -25.75
C PHE B 126 -19.59 34.46 -24.44
N PRO B 127 -20.92 34.37 -24.31
CA PRO B 127 -21.50 33.99 -23.01
C PRO B 127 -21.07 32.64 -22.42
N ASP B 128 -20.76 31.64 -23.26
CA ASP B 128 -20.32 30.30 -22.76
C ASP B 128 -18.80 30.09 -22.70
N VAL B 129 -18.06 31.20 -22.75
CA VAL B 129 -16.64 31.16 -22.46
C VAL B 129 -16.41 30.92 -20.95
N LEU B 130 -15.42 30.11 -20.62
CA LEU B 130 -14.97 29.93 -19.25
C LEU B 130 -13.85 30.93 -19.00
N LEU B 131 -14.05 31.84 -18.06
CA LEU B 131 -13.06 32.85 -17.73
C LEU B 131 -12.45 32.65 -16.35
N LEU B 132 -11.13 32.49 -16.35
CA LEU B 132 -10.35 32.27 -15.12
C LEU B 132 -9.60 33.54 -14.82
N ALA B 133 -9.82 34.11 -13.65
CA ALA B 133 -9.19 35.38 -13.28
C ALA B 133 -8.19 35.09 -12.19
N ASP B 134 -7.03 35.73 -12.29
CA ASP B 134 -5.96 35.54 -11.33
C ASP B 134 -6.24 36.36 -10.09
N VAL B 135 -5.98 35.77 -8.93
CA VAL B 135 -6.08 36.50 -7.65
C VAL B 135 -4.70 36.51 -7.00
N ALA B 136 -4.20 37.73 -6.79
CA ALA B 136 -2.82 37.99 -6.34
C ALA B 136 -2.60 39.48 -6.51
N LEU B 137 -1.72 40.06 -5.71
CA LEU B 137 -1.52 41.48 -5.71
C LEU B 137 -0.41 42.00 -6.66
N ASP B 138 0.45 41.13 -7.15
CA ASP B 138 1.62 41.58 -7.93
C ASP B 138 1.35 42.40 -9.24
N PRO B 139 0.27 42.11 -10.00
CA PRO B 139 -0.09 43.07 -11.06
C PRO B 139 -0.44 44.49 -10.55
N TYR B 140 -0.89 44.63 -9.31
CA TYR B 140 -1.30 45.91 -8.77
C TYR B 140 -0.32 46.47 -7.72
N SER B 141 0.72 45.70 -7.40
CA SER B 141 1.66 46.06 -6.34
C SER B 141 2.80 46.94 -6.86
N SER B 142 3.09 48.02 -6.13
CA SER B 142 4.24 48.89 -6.44
C SER B 142 5.59 48.22 -6.09
N MET B 143 5.57 47.21 -5.22
CA MET B 143 6.75 46.42 -4.89
C MET B 143 6.91 45.18 -5.80
N GLY B 144 5.89 44.89 -6.60
CA GLY B 144 5.91 43.70 -7.45
C GLY B 144 5.84 42.36 -6.71
N HIS B 145 5.25 42.37 -5.52
CA HIS B 145 5.05 41.16 -4.71
C HIS B 145 3.57 40.76 -4.64
N ASP B 146 3.30 39.45 -4.60
CA ASP B 146 1.90 38.95 -4.55
C ASP B 146 1.11 39.30 -3.30
N GLY B 147 1.77 39.83 -2.26
CA GLY B 147 1.10 40.20 -1.02
C GLY B 147 1.57 41.56 -0.57
N VAL B 148 0.96 42.08 0.51
CA VAL B 148 1.30 43.37 1.08
C VAL B 148 2.64 43.32 1.83
N VAL B 149 3.57 44.20 1.45
CA VAL B 149 4.89 44.29 2.09
C VAL B 149 4.83 45.27 3.29
N ASP B 150 5.30 44.83 4.45
CA ASP B 150 5.45 45.68 5.64
C ASP B 150 6.53 46.75 5.43
N GLU B 151 6.25 47.99 5.81
CA GLU B 151 7.23 49.08 5.72
C GLU B 151 8.50 48.79 6.56
N GLN B 152 8.35 48.55 7.85
CA GLN B 152 9.52 48.36 8.76
C GLN B 152 10.30 47.03 8.52
N SER B 153 9.58 45.92 8.31
CA SER B 153 10.19 44.57 8.28
C SER B 153 10.54 44.00 6.88
N GLY B 154 9.81 44.42 5.85
CA GLY B 154 9.96 43.86 4.49
C GLY B 154 9.29 42.50 4.28
N LYS B 155 8.58 42.00 5.30
CA LYS B 155 7.87 40.71 5.16
C LYS B 155 6.57 40.89 4.41
N ILE B 156 6.24 39.88 3.60
CA ILE B 156 4.95 39.82 2.94
C ILE B 156 3.99 39.30 4.01
N VAL B 157 3.09 40.17 4.46
CA VAL B 157 2.27 39.89 5.63
C VAL B 157 1.08 39.02 5.23
N ASN B 158 1.03 37.82 5.78
CA ASN B 158 0.12 36.79 5.30
C ASN B 158 -1.38 37.12 5.44
N ASP B 159 -1.77 37.52 6.65
CA ASP B 159 -3.21 37.61 6.95
C ASP B 159 -3.85 38.89 6.39
N LEU B 160 -3.10 40.00 6.47
CA LEU B 160 -3.51 41.25 5.81
C LEU B 160 -3.57 41.05 4.29
N THR B 161 -2.62 40.32 3.71
CA THR B 161 -2.72 39.98 2.28
C THR B 161 -4.02 39.21 2.00
N VAL B 162 -4.33 38.23 2.82
CA VAL B 162 -5.50 37.38 2.60
C VAL B 162 -6.80 38.19 2.66
N HIS B 163 -6.90 39.13 3.61
CA HIS B 163 -7.99 40.14 3.63
C HIS B 163 -8.18 40.80 2.25
N GLN B 164 -7.06 41.20 1.65
CA GLN B 164 -7.08 41.90 0.36
C GLN B 164 -7.50 40.98 -0.79
N LEU B 165 -6.90 39.79 -0.82
CA LEU B 165 -7.24 38.76 -1.78
C LEU B 165 -8.74 38.43 -1.75
N CYS B 166 -9.36 38.38 -0.56
CA CYS B 166 -10.84 38.27 -0.48
C CYS B 166 -11.55 39.43 -1.22
N LYS B 167 -11.05 40.64 -1.04
CA LYS B 167 -11.70 41.82 -1.64
C LYS B 167 -11.60 41.74 -3.18
N GLN B 168 -10.45 41.32 -3.69
CA GLN B 168 -10.23 41.20 -5.13
C GLN B 168 -11.13 40.09 -5.67
N ALA B 169 -11.13 38.94 -5.00
CA ALA B 169 -11.88 37.78 -5.47
C ALA B 169 -13.36 38.11 -5.69
N ILE B 170 -13.99 38.70 -4.68
CA ILE B 170 -15.40 39.04 -4.78
C ILE B 170 -15.66 39.90 -6.00
N THR B 171 -14.75 40.85 -6.24
CA THR B 171 -14.87 41.82 -7.36
C THR B 171 -14.91 41.10 -8.70
N LEU B 172 -14.00 40.17 -8.85
CA LEU B 172 -13.91 39.40 -10.09
C LEU B 172 -15.13 38.45 -10.24
N ALA B 173 -15.56 37.86 -9.14
CA ALA B 173 -16.69 36.94 -9.18
C ALA B 173 -17.91 37.69 -9.68
N ARG B 174 -18.17 38.86 -9.08
CA ARG B 174 -19.31 39.69 -9.43
C ARG B 174 -19.26 40.12 -10.89
N ALA B 175 -18.06 40.43 -11.39
CA ALA B 175 -17.87 40.77 -12.81
C ALA B 175 -18.26 39.63 -13.78
N GLY B 176 -18.16 38.38 -13.33
CA GLY B 176 -18.56 37.23 -14.15
C GLY B 176 -17.49 36.16 -14.34
N ALA B 177 -16.39 36.26 -13.60
CA ALA B 177 -15.34 35.24 -13.63
C ALA B 177 -15.95 33.97 -13.14
N ASP B 178 -15.72 32.90 -13.88
CA ASP B 178 -16.30 31.63 -13.57
C ASP B 178 -15.49 30.95 -12.48
N MET B 179 -14.23 31.37 -12.41
CA MET B 179 -13.24 30.75 -11.57
C MET B 179 -12.22 31.83 -11.22
N VAL B 180 -11.87 31.92 -9.94
CA VAL B 180 -10.79 32.79 -9.50
C VAL B 180 -9.61 31.88 -9.20
N CYS B 181 -8.40 32.36 -9.41
CA CYS B 181 -7.20 31.51 -9.28
C CYS B 181 -6.12 32.13 -8.39
N PRO B 182 -6.20 31.90 -7.08
CA PRO B 182 -5.25 32.55 -6.20
C PRO B 182 -3.84 31.99 -6.42
N SER B 183 -2.96 32.87 -6.91
CA SER B 183 -1.58 32.54 -7.35
C SER B 183 -0.53 33.07 -6.36
N ASP B 184 -1.01 33.47 -5.19
CA ASP B 184 -0.29 34.25 -4.17
C ASP B 184 0.55 33.44 -3.20
N MET B 185 0.20 32.16 -3.07
CA MET B 185 0.82 31.24 -2.09
C MET B 185 0.88 31.80 -0.66
N MET B 186 -0.10 32.60 -0.27
CA MET B 186 -0.29 32.91 1.15
C MET B 186 -0.92 31.70 1.86
N ASP B 187 -0.72 31.59 3.15
CA ASP B 187 -1.27 30.45 3.86
C ASP B 187 -2.74 30.75 4.12
N GLY B 188 -3.57 29.75 3.82
CA GLY B 188 -4.95 29.72 4.25
C GLY B 188 -5.91 30.49 3.39
N ARG B 189 -5.48 30.91 2.19
CA ARG B 189 -6.32 31.83 1.43
C ARG B 189 -7.51 31.13 0.71
N VAL B 190 -7.35 29.85 0.40
CA VAL B 190 -8.41 29.10 -0.23
C VAL B 190 -9.63 29.08 0.69
N SER B 191 -9.47 28.62 1.91
CA SER B 191 -10.58 28.65 2.86
C SER B 191 -11.19 30.06 3.06
N ALA B 192 -10.33 31.07 3.21
CA ALA B 192 -10.81 32.42 3.48
C ALA B 192 -11.59 32.99 2.30
N ILE B 193 -11.06 32.80 1.08
CA ILE B 193 -11.71 33.30 -0.15
C ILE B 193 -13.07 32.61 -0.39
N ARG B 194 -13.06 31.29 -0.26
CA ARG B 194 -14.26 30.48 -0.35
C ARG B 194 -15.38 31.03 0.51
N GLU B 195 -15.07 31.36 1.76
CA GLU B 195 -16.11 31.75 2.70
C GLU B 195 -16.65 33.13 2.32
N SER B 196 -15.79 34.02 1.84
CA SER B 196 -16.22 35.36 1.48
C SER B 196 -17.09 35.31 0.24
N LEU B 197 -16.67 34.52 -0.75
CA LEU B 197 -17.51 34.27 -1.91
C LEU B 197 -18.89 33.76 -1.51
N ASP B 198 -18.91 32.75 -0.66
CA ASP B 198 -20.17 32.15 -0.28
C ASP B 198 -21.03 33.11 0.52
N MET B 199 -20.42 33.92 1.38
CA MET B 199 -21.21 34.86 2.16
C MET B 199 -21.89 35.87 1.26
N GLU B 200 -21.24 36.22 0.16
CA GLU B 200 -21.80 37.16 -0.82
C GLU B 200 -22.72 36.52 -1.84
N GLY B 201 -22.96 35.22 -1.75
CA GLY B 201 -23.84 34.54 -2.69
C GLY B 201 -23.14 33.97 -3.91
N CYS B 202 -21.82 34.07 -3.94
CA CYS B 202 -21.07 33.58 -5.10
C CYS B 202 -20.61 32.13 -4.91
N THR B 203 -21.54 31.26 -4.51
CA THR B 203 -21.21 29.87 -4.15
C THR B 203 -20.87 29.03 -5.36
N ASP B 204 -21.21 29.56 -6.52
CA ASP B 204 -21.05 28.95 -7.84
C ASP B 204 -19.65 29.20 -8.38
N THR B 205 -19.01 30.25 -7.87
CA THR B 205 -17.69 30.62 -8.36
C THR B 205 -16.61 29.66 -7.86
N SER B 206 -15.78 29.19 -8.77
CA SER B 206 -14.84 28.15 -8.49
C SER B 206 -13.52 28.75 -8.04
N ILE B 207 -12.75 27.98 -7.30
CA ILE B 207 -11.39 28.35 -6.94
C ILE B 207 -10.44 27.33 -7.57
N LEU B 208 -9.57 27.80 -8.45
CA LEU B 208 -8.43 26.99 -8.94
C LEU B 208 -7.25 27.39 -8.08
N ALA B 209 -6.89 26.56 -7.11
CA ALA B 209 -5.86 26.89 -6.14
C ALA B 209 -4.46 26.65 -6.70
N TYR B 210 -3.61 27.66 -6.61
CA TYR B 210 -2.20 27.48 -6.89
C TYR B 210 -1.58 26.90 -5.63
N SER B 211 -1.66 25.59 -5.54
CA SER B 211 -1.21 24.82 -4.38
C SER B 211 0.30 24.65 -4.27
N CYS B 212 0.87 24.08 -5.32
CA CYS B 212 2.26 23.75 -5.38
C CYS B 212 2.87 24.69 -6.39
N LYS B 213 3.11 25.91 -5.97
CA LYS B 213 3.73 26.93 -6.82
C LYS B 213 5.15 27.27 -6.38
N TYR B 214 6.12 26.99 -7.24
CA TYR B 214 7.54 27.05 -6.84
C TYR B 214 8.19 28.44 -7.10
N ALA B 215 9.23 28.76 -6.33
CA ALA B 215 9.95 30.05 -6.48
C ALA B 215 10.89 29.87 -7.63
N SER B 216 10.33 29.99 -8.83
CA SER B 216 11.02 29.56 -10.01
C SER B 216 11.63 30.76 -10.71
N SER B 217 12.65 30.51 -11.54
CA SER B 217 13.10 31.54 -12.46
C SER B 217 12.55 31.39 -13.89
N PHE B 218 11.52 30.56 -14.07
CA PHE B 218 10.87 30.46 -15.37
C PHE B 218 9.73 31.45 -15.57
N TYR B 219 9.52 32.39 -14.64
CA TYR B 219 8.43 33.39 -14.74
C TYR B 219 8.83 34.77 -15.30
N GLY B 220 10.12 34.99 -15.62
CA GLY B 220 10.61 36.30 -16.04
C GLY B 220 9.80 36.96 -17.16
N PRO B 221 9.49 36.17 -18.21
CA PRO B 221 8.82 36.78 -19.37
C PRO B 221 7.40 37.29 -19.06
N PHE B 222 6.72 36.56 -18.18
CA PHE B 222 5.41 36.97 -17.71
C PHE B 222 5.59 38.29 -17.00
N ARG B 223 6.60 38.36 -16.14
CA ARG B 223 6.87 39.59 -15.40
C ARG B 223 7.21 40.75 -16.37
N ASP B 224 7.89 40.45 -17.48
CA ASP B 224 8.09 41.46 -18.54
C ASP B 224 6.74 41.91 -19.04
N ALA B 225 5.84 40.95 -19.32
CA ALA B 225 4.53 41.25 -19.91
C ALA B 225 3.66 42.13 -19.02
N LEU B 226 3.78 41.98 -17.71
CA LEU B 226 3.03 42.81 -16.75
C LEU B 226 3.83 43.98 -16.15
N ASP B 227 5.12 44.07 -16.49
CA ASP B 227 6.05 45.04 -15.89
C ASP B 227 5.96 44.97 -14.35
N SER B 228 6.19 43.76 -13.82
CA SER B 228 5.86 43.42 -12.43
C SER B 228 7.02 42.80 -11.65
N HIS B 229 8.24 42.97 -12.16
CA HIS B 229 9.43 42.43 -11.52
C HIS B 229 9.58 42.99 -10.11
N MET B 230 10.08 42.15 -9.20
CA MET B 230 10.26 42.54 -7.81
C MET B 230 11.17 43.76 -7.67
N VAL B 231 10.75 44.67 -6.80
CA VAL B 231 11.53 45.87 -6.47
C VAL B 231 12.77 45.51 -5.64
N GLY B 232 13.88 46.20 -5.93
CA GLY B 232 15.01 46.28 -4.99
C GLY B 232 15.73 45.00 -4.58
N GLY B 233 15.97 44.10 -5.55
CA GLY B 233 16.76 42.88 -5.29
C GLY B 233 16.09 41.75 -4.51
N THR B 234 14.86 41.96 -4.04
CA THR B 234 14.11 40.95 -3.25
C THR B 234 13.59 39.81 -4.11
N ASP B 235 13.12 38.75 -3.45
CA ASP B 235 12.58 37.56 -4.13
C ASP B 235 11.33 37.01 -3.44
N LYS B 236 10.72 36.00 -4.06
CA LYS B 236 9.49 35.43 -3.54
C LYS B 236 9.72 34.15 -2.73
N LYS B 237 10.95 33.95 -2.29
CA LYS B 237 11.28 32.70 -1.60
C LYS B 237 10.64 32.54 -0.23
N THR B 238 10.10 33.63 0.33
CA THR B 238 9.35 33.51 1.57
C THR B 238 7.91 33.04 1.39
N TYR B 239 7.39 32.93 0.16
CA TYR B 239 6.04 32.35 -0.01
C TYR B 239 5.92 31.27 -1.06
N GLN B 240 6.58 31.46 -2.20
CA GLN B 240 6.70 30.41 -3.21
C GLN B 240 7.67 29.32 -2.73
N MET B 241 7.46 28.10 -3.18
CA MET B 241 8.19 26.92 -2.67
C MET B 241 9.59 26.72 -3.23
N ASP B 242 10.45 26.19 -2.39
CA ASP B 242 11.79 25.83 -2.78
C ASP B 242 11.72 24.69 -3.81
N PRO B 243 12.31 24.88 -4.99
CA PRO B 243 12.32 23.75 -5.95
C PRO B 243 13.03 22.48 -5.46
N SER B 244 13.77 22.58 -4.37
CA SER B 244 14.43 21.43 -3.77
C SER B 244 13.45 20.43 -3.12
N ASN B 245 12.22 20.86 -2.85
CA ASN B 245 11.30 20.08 -2.04
C ASN B 245 10.15 19.46 -2.78
N SER B 246 9.91 18.18 -2.53
CA SER B 246 8.70 17.49 -3.02
C SER B 246 7.66 17.15 -1.94
N ARG B 247 8.13 16.68 -0.79
CA ARG B 247 7.27 16.30 0.32
C ARG B 247 6.34 17.46 0.78
N GLU B 248 6.88 18.65 0.79
CA GLU B 248 6.13 19.82 1.13
C GLU B 248 4.89 20.03 0.23
N ALA B 249 4.95 19.61 -1.01
CA ALA B 249 3.85 19.80 -1.92
C ALA B 249 2.62 19.04 -1.46
N GLU B 250 2.80 17.85 -0.89
CA GLU B 250 1.67 17.06 -0.41
C GLU B 250 0.95 17.75 0.74
N ARG B 251 1.74 18.49 1.51
CA ARG B 251 1.26 19.32 2.61
C ARG B 251 0.38 20.47 2.08
N GLU B 252 0.79 21.07 0.98
CA GLU B 252 0.04 22.16 0.43
C GLU B 252 -1.22 21.64 -0.24
N ALA B 253 -1.08 20.52 -0.96
CA ALA B 253 -2.20 19.94 -1.69
C ALA B 253 -3.32 19.53 -0.74
N GLU B 254 -2.95 18.80 0.31
CA GLU B 254 -3.94 18.27 1.27
C GLU B 254 -4.72 19.42 1.90
N ALA B 255 -4.01 20.48 2.27
CA ALA B 255 -4.67 21.61 2.92
C ALA B 255 -5.63 22.26 1.96
N ASP B 256 -5.26 22.41 0.70
CA ASP B 256 -6.12 23.15 -0.23
C ASP B 256 -7.36 22.39 -0.58
N ALA B 257 -7.31 21.06 -0.55
CA ALA B 257 -8.50 20.25 -0.83
C ALA B 257 -9.47 20.39 0.33
N SER B 258 -8.97 20.36 1.56
CA SER B 258 -9.88 20.44 2.72
C SER B 258 -10.39 21.86 2.95
N GLU B 259 -9.77 22.83 2.28
CA GLU B 259 -10.18 24.22 2.38
C GLU B 259 -11.25 24.55 1.35
N GLY B 260 -11.48 23.61 0.43
CA GLY B 260 -12.63 23.65 -0.47
C GLY B 260 -12.31 24.00 -1.89
N ALA B 261 -11.04 23.94 -2.28
CA ALA B 261 -10.66 24.16 -3.66
C ALA B 261 -11.38 23.18 -4.61
N ASP B 262 -11.63 23.63 -5.83
CA ASP B 262 -12.24 22.79 -6.87
C ASP B 262 -11.26 22.06 -7.78
N MET B 263 -10.12 22.68 -7.99
CA MET B 263 -9.01 22.13 -8.74
C MET B 263 -7.70 22.64 -8.08
N LEU B 264 -6.65 21.85 -8.28
CA LEU B 264 -5.32 22.14 -7.81
C LEU B 264 -4.38 22.37 -8.98
N MET B 265 -3.54 23.40 -8.87
CA MET B 265 -2.57 23.75 -9.88
C MET B 265 -1.14 23.48 -9.42
N VAL B 266 -0.33 22.93 -10.31
CA VAL B 266 1.12 22.85 -10.12
C VAL B 266 1.79 23.69 -11.16
N LYS B 267 2.76 24.50 -10.74
CA LYS B 267 3.37 25.49 -11.57
C LYS B 267 4.74 25.80 -11.00
N PRO B 268 5.76 25.88 -11.88
CA PRO B 268 5.73 25.66 -13.32
C PRO B 268 5.42 24.25 -13.68
N GLY B 269 5.69 23.91 -14.92
CA GLY B 269 5.11 22.75 -15.50
C GLY B 269 6.01 21.59 -15.68
N LEU B 270 6.76 21.64 -16.77
CA LEU B 270 7.54 20.51 -17.19
C LEU B 270 8.61 20.20 -16.17
N PRO B 271 9.22 21.21 -15.60
CA PRO B 271 10.24 20.90 -14.62
C PRO B 271 9.68 20.47 -13.27
N TYR B 272 8.37 20.32 -13.19
CA TYR B 272 7.74 19.85 -11.97
C TYR B 272 6.76 18.70 -12.25
N LEU B 273 6.97 17.96 -13.34
CA LEU B 273 5.98 16.91 -13.68
C LEU B 273 5.90 15.85 -12.63
N ASP B 274 6.97 15.65 -11.85
CA ASP B 274 6.95 14.73 -10.71
C ASP B 274 5.99 15.12 -9.54
N VAL B 275 5.91 16.41 -9.24
CA VAL B 275 5.00 16.93 -8.25
C VAL B 275 3.61 16.81 -8.80
N LEU B 276 3.40 17.20 -10.04
CA LEU B 276 2.11 16.95 -10.72
C LEU B 276 1.64 15.50 -10.55
N ALA B 277 2.51 14.56 -10.89
CA ALA B 277 2.20 13.14 -10.75
C ALA B 277 1.97 12.72 -9.30
N LYS B 278 2.75 13.23 -8.35
CA LYS B 278 2.61 12.83 -6.94
C LYS B 278 1.23 13.25 -6.44
N ILE B 279 0.89 14.52 -6.66
CA ILE B 279 -0.40 15.07 -6.23
C ILE B 279 -1.60 14.45 -7.00
N ARG B 280 -1.41 14.10 -8.26
CA ARG B 280 -2.45 13.34 -8.97
C ARG B 280 -2.77 12.01 -8.25
N GLU B 281 -1.73 11.33 -7.78
CA GLU B 281 -1.86 10.03 -7.11
C GLU B 281 -2.67 10.20 -5.83
N LYS B 282 -2.40 11.27 -5.12
CA LYS B 282 -2.98 11.51 -3.80
C LYS B 282 -4.33 12.22 -3.86
N SER B 283 -4.45 13.19 -4.75
CA SER B 283 -5.64 14.04 -4.71
C SER B 283 -6.85 13.40 -5.36
N LYS B 284 -8.02 13.78 -4.89
CA LYS B 284 -9.25 13.46 -5.58
C LYS B 284 -9.81 14.67 -6.34
N LEU B 285 -9.02 15.74 -6.47
CA LEU B 285 -9.44 16.90 -7.20
C LEU B 285 -8.80 16.90 -8.60
N PRO B 286 -9.46 17.55 -9.56
CA PRO B 286 -8.82 17.66 -10.86
C PRO B 286 -7.53 18.47 -10.79
N MET B 287 -6.55 18.06 -11.59
CA MET B 287 -5.26 18.68 -11.58
C MET B 287 -5.05 19.56 -12.82
N VAL B 288 -4.43 20.71 -12.60
CA VAL B 288 -4.04 21.60 -13.66
C VAL B 288 -2.54 21.87 -13.54
N ALA B 289 -1.85 21.87 -14.67
CA ALA B 289 -0.48 22.35 -14.74
C ALA B 289 -0.40 23.61 -15.58
N TYR B 290 0.59 24.44 -15.26
CA TYR B 290 0.90 25.65 -16.01
C TYR B 290 2.26 25.53 -16.74
N HIS B 291 2.20 25.54 -18.06
CA HIS B 291 3.37 25.66 -18.95
C HIS B 291 3.71 27.14 -18.97
N VAL B 292 4.71 27.55 -18.17
CA VAL B 292 4.89 28.99 -17.93
C VAL B 292 5.68 29.71 -19.01
N SER B 293 5.67 31.04 -18.90
CA SER B 293 6.20 31.94 -19.92
C SER B 293 7.67 31.66 -20.31
N GLY B 294 8.52 31.44 -19.31
CA GLY B 294 9.85 30.97 -19.55
C GLY B 294 9.87 29.69 -20.35
N GLU B 295 8.94 28.78 -20.09
CA GLU B 295 8.99 27.49 -20.81
C GLU B 295 8.57 27.72 -22.26
N TYR B 296 7.56 28.55 -22.46
CA TYR B 296 7.17 28.95 -23.79
C TYR B 296 8.31 29.65 -24.55
N ALA B 297 9.04 30.53 -23.86
CA ALA B 297 10.09 31.27 -24.51
C ALA B 297 11.19 30.32 -25.02
N MET B 298 11.47 29.27 -24.27
CA MET B 298 12.48 28.28 -24.66
C MET B 298 12.12 27.53 -25.93
N LEU B 299 10.92 26.98 -26.02
CA LEU B 299 10.47 26.31 -27.24
C LEU B 299 10.56 27.24 -28.45
N LYS B 300 10.02 28.44 -28.24
CA LYS B 300 9.88 29.43 -29.29
C LYS B 300 11.25 29.85 -29.80
N ALA B 301 12.17 30.13 -28.87
CA ALA B 301 13.51 30.57 -29.24
C ALA B 301 14.23 29.55 -30.11
N ALA B 302 14.19 28.28 -29.70
CA ALA B 302 14.89 27.22 -30.41
C ALA B 302 14.21 26.96 -31.75
N ALA B 303 12.89 27.12 -31.81
CA ALA B 303 12.10 26.96 -33.04
C ALA B 303 12.49 27.99 -34.10
N GLU B 304 12.66 29.24 -33.66
CA GLU B 304 13.02 30.36 -34.58
C GLU B 304 14.42 30.21 -35.09
N LYS B 305 15.30 29.62 -34.29
CA LYS B 305 16.67 29.39 -34.70
C LYS B 305 16.80 28.14 -35.56
N GLY B 306 15.76 27.30 -35.60
CA GLY B 306 15.77 26.09 -36.40
C GLY B 306 16.30 24.87 -35.69
N TYR B 307 16.47 24.93 -34.36
CA TYR B 307 17.09 23.83 -33.62
C TYR B 307 16.15 22.68 -33.38
N ILE B 308 14.87 23.00 -33.20
CA ILE B 308 13.86 21.96 -32.97
C ILE B 308 12.73 22.22 -33.94
N SER B 309 11.83 21.27 -34.14
CA SER B 309 10.60 21.53 -34.91
C SER B 309 9.55 21.98 -33.91
N GLU B 310 8.90 23.12 -34.15
CA GLU B 310 7.96 23.66 -33.16
C GLU B 310 6.75 22.75 -32.92
N LYS B 311 6.17 22.24 -34.00
CA LYS B 311 4.89 21.54 -33.91
C LYS B 311 5.09 20.23 -33.16
N ASP B 312 6.11 19.47 -33.53
CA ASP B 312 6.36 18.17 -32.93
C ASP B 312 6.64 18.28 -31.43
N THR B 313 7.38 19.31 -31.01
CA THR B 313 7.82 19.34 -29.64
C THR B 313 6.67 19.83 -28.77
N VAL B 314 5.98 20.87 -29.20
CA VAL B 314 4.84 21.37 -28.50
C VAL B 314 3.82 20.27 -28.29
N LEU B 315 3.50 19.53 -29.34
CA LEU B 315 2.52 18.45 -29.19
C LEU B 315 3.03 17.31 -28.29
N GLU B 316 4.34 17.07 -28.27
CA GLU B 316 4.88 16.07 -27.34
C GLU B 316 4.76 16.58 -25.87
N VAL B 317 4.96 17.89 -25.70
CA VAL B 317 4.98 18.53 -24.39
C VAL B 317 3.61 18.41 -23.79
N LEU B 318 2.60 18.70 -24.61
CA LEU B 318 1.24 18.62 -24.15
C LEU B 318 0.81 17.19 -23.82
N LYS B 319 1.25 16.21 -24.62
CA LYS B 319 0.98 14.80 -24.29
C LYS B 319 1.67 14.47 -22.95
N SER B 320 2.90 14.95 -22.76
CA SER B 320 3.58 14.75 -21.47
C SER B 320 2.81 15.31 -20.27
N PHE B 321 2.40 16.57 -20.33
CA PHE B 321 1.61 17.13 -19.22
C PHE B 321 0.45 16.18 -18.89
N ARG B 322 -0.15 15.64 -19.94
CA ARG B 322 -1.33 14.83 -19.73
C ARG B 322 -1.02 13.40 -19.17
N ARG B 323 0.04 12.77 -19.67
CA ARG B 323 0.58 11.54 -19.09
C ARG B 323 0.96 11.69 -17.62
N ALA B 324 1.62 12.81 -17.28
CA ALA B 324 2.04 13.09 -15.91
C ALA B 324 0.86 13.31 -14.97
N GLY B 325 -0.30 13.67 -15.51
CA GLY B 325 -1.56 13.76 -14.70
C GLY B 325 -2.35 15.06 -14.79
N ALA B 326 -2.01 15.94 -15.72
CA ALA B 326 -2.78 17.16 -15.91
C ALA B 326 -4.11 16.84 -16.54
N ASP B 327 -5.20 17.15 -15.87
CA ASP B 327 -6.50 17.12 -16.51
C ASP B 327 -6.56 18.30 -17.46
N ALA B 328 -5.97 19.41 -17.05
CA ALA B 328 -5.91 20.60 -17.88
C ALA B 328 -4.53 21.24 -17.83
N VAL B 329 -4.15 21.88 -18.92
CA VAL B 329 -2.87 22.57 -19.01
C VAL B 329 -3.04 24.03 -19.42
N ALA B 330 -2.49 24.96 -18.65
CA ALA B 330 -2.40 26.35 -19.09
C ALA B 330 -1.10 26.53 -19.86
N THR B 331 -1.22 27.01 -21.10
CA THR B 331 -0.08 27.11 -22.02
C THR B 331 -0.34 28.21 -23.03
N TYR B 332 0.70 28.96 -23.34
CA TYR B 332 0.56 30.06 -24.25
C TYR B 332 0.44 29.53 -25.68
N TYR B 333 0.80 28.26 -25.88
CA TYR B 333 0.60 27.54 -27.12
C TYR B 333 -0.85 26.99 -27.34
N ALA B 334 -1.79 27.31 -26.46
CA ALA B 334 -3.07 26.59 -26.50
C ALA B 334 -3.81 26.81 -27.82
N LYS B 335 -3.87 28.07 -28.21
CA LYS B 335 -4.50 28.45 -29.47
C LYS B 335 -3.85 27.74 -30.64
N GLU B 336 -2.53 27.80 -30.70
CA GLU B 336 -1.78 27.26 -31.82
C GLU B 336 -1.89 25.73 -31.87
N ALA B 337 -1.93 25.09 -30.72
CA ALA B 337 -2.00 23.62 -30.68
C ALA B 337 -3.38 23.15 -31.17
N ALA B 338 -4.43 23.85 -30.75
CA ALA B 338 -5.79 23.55 -31.20
C ALA B 338 -5.93 23.79 -32.71
N LYS B 339 -5.34 24.89 -33.17
CA LYS B 339 -5.30 25.20 -34.60
C LYS B 339 -4.66 24.04 -35.41
N TRP B 340 -3.54 23.51 -34.94
CA TRP B 340 -2.93 22.39 -35.64
C TRP B 340 -3.81 21.17 -35.65
N MET B 341 -4.43 20.89 -34.51
CA MET B 341 -5.29 19.73 -34.39
C MET B 341 -6.48 19.85 -35.34
N VAL B 342 -7.11 21.03 -35.35
CA VAL B 342 -8.24 21.27 -36.20
C VAL B 342 -7.88 21.21 -37.70
N GLU B 343 -6.72 21.73 -38.06
CA GLU B 343 -6.27 21.66 -39.46
C GLU B 343 -6.03 20.20 -39.88
N ASP B 344 -5.32 19.42 -39.08
CA ASP B 344 -5.09 18.03 -39.42
C ASP B 344 -6.43 17.27 -39.62
N MET B 345 -7.39 17.57 -38.77
CA MET B 345 -8.64 16.86 -38.73
C MET B 345 -9.47 17.19 -39.95
N LYS B 346 -9.23 18.37 -40.52
CA LYS B 346 -9.88 18.82 -41.74
C LYS B 346 -9.11 18.41 -42.96
N GLY B 347 -7.89 17.94 -42.79
CA GLY B 347 -7.05 17.59 -43.93
C GLY B 347 -6.86 16.10 -44.05
N THR B 348 -5.61 15.65 -43.96
CA THR B 348 -5.22 14.25 -44.13
C THR B 348 -5.45 13.39 -42.90
N GLN B 349 -5.80 14.03 -41.78
CA GLN B 349 -5.82 13.40 -40.44
C GLN B 349 -4.63 12.48 -40.19
N LYS B 350 -3.45 13.07 -40.36
CA LYS B 350 -2.17 12.43 -40.15
C LYS B 350 -1.96 11.97 -38.71
N PHE B 351 -2.46 12.73 -37.73
CA PHE B 351 -2.24 12.38 -36.32
C PHE B 351 -3.41 12.63 -35.38
N THR B 352 -4.54 13.11 -35.89
CA THR B 352 -5.72 13.24 -35.04
C THR B 352 -6.85 12.31 -35.45
N GLU B 353 -7.82 12.24 -34.57
CA GLU B 353 -9.10 11.61 -34.86
C GLU B 353 -10.13 12.14 -33.87
N PRO B 354 -11.41 11.89 -34.11
CA PRO B 354 -12.41 12.39 -33.15
C PRO B 354 -12.37 11.69 -31.80
N CYS B 355 -12.85 12.37 -30.77
CA CYS B 355 -13.08 11.75 -29.50
C CYS B 355 -14.32 12.31 -28.82
N TYR B 356 -14.72 11.67 -27.71
CA TYR B 356 -15.84 12.11 -26.87
C TYR B 356 -15.68 11.57 -25.45
N GLY C 5 29.18 -28.44 -9.95
CA GLY C 5 28.39 -27.52 -9.08
C GLY C 5 27.98 -26.20 -9.73
N PRO C 6 27.80 -25.13 -8.92
CA PRO C 6 27.33 -23.81 -9.42
C PRO C 6 28.36 -22.98 -10.20
N LEU C 7 29.64 -23.27 -10.04
CA LEU C 7 30.68 -22.57 -10.82
C LEU C 7 30.85 -23.19 -12.23
N ASP C 8 31.06 -22.30 -13.21
CA ASP C 8 31.41 -22.66 -14.58
C ASP C 8 32.73 -21.94 -14.87
N ASN C 9 33.16 -21.96 -16.14
CA ASN C 9 34.34 -21.27 -16.58
C ASN C 9 33.96 -20.33 -17.75
N ASN C 10 34.53 -19.12 -17.75
CA ASN C 10 34.29 -18.14 -18.82
C ASN C 10 34.99 -18.58 -20.12
N ASN C 11 35.12 -17.68 -21.10
CA ASN C 11 35.74 -18.06 -22.39
C ASN C 11 37.27 -18.29 -22.32
N TYR C 12 37.90 -17.96 -21.19
CA TYR C 12 39.35 -18.09 -21.01
C TYR C 12 39.78 -19.03 -19.85
N GLY C 13 38.92 -19.99 -19.51
CA GLY C 13 39.20 -20.91 -18.41
C GLY C 13 39.20 -20.33 -17.00
N GLU C 14 38.81 -19.07 -16.83
CA GLU C 14 38.78 -18.46 -15.49
C GLU C 14 37.49 -18.86 -14.78
N VAL C 15 37.61 -19.11 -13.48
CA VAL C 15 36.44 -19.45 -12.64
C VAL C 15 35.36 -18.39 -12.86
N TRP C 16 34.11 -18.84 -13.03
CA TRP C 16 33.03 -17.93 -13.33
C TRP C 16 31.71 -18.35 -12.65
N LEU C 17 31.12 -17.43 -11.91
CA LEU C 17 29.84 -17.66 -11.23
C LEU C 17 28.80 -16.88 -12.01
N PRO C 18 27.90 -17.58 -12.76
CA PRO C 18 27.06 -16.90 -13.73
C PRO C 18 25.87 -16.18 -13.14
N ILE C 19 26.10 -15.29 -12.18
CA ILE C 19 25.01 -14.48 -11.65
C ILE C 19 24.84 -13.24 -12.55
N GLN C 20 23.60 -12.82 -12.78
CA GLN C 20 23.36 -11.67 -13.68
C GLN C 20 23.57 -10.37 -12.94
N ALA C 21 22.94 -10.23 -11.78
CA ALA C 21 23.08 -9.02 -10.95
C ALA C 21 24.34 -9.10 -10.08
N ARG C 22 25.17 -8.07 -10.17
CA ARG C 22 26.30 -7.90 -9.29
C ARG C 22 26.23 -6.52 -8.66
N PRO C 23 25.63 -6.41 -7.47
CA PRO C 23 25.61 -5.10 -6.74
C PRO C 23 26.98 -4.45 -6.54
N ARG C 24 28.04 -5.25 -6.43
CA ARG C 24 29.38 -4.69 -6.34
C ARG C 24 29.79 -3.77 -7.51
N ARG C 25 29.20 -3.95 -8.70
CA ARG C 25 29.56 -3.07 -9.80
C ARG C 25 29.31 -1.60 -9.42
N ASN C 26 28.22 -1.38 -8.67
CA ASN C 26 27.94 -0.04 -8.17
C ASN C 26 28.85 0.42 -6.96
N ARG C 27 29.87 -0.38 -6.62
CA ARG C 27 30.87 -0.05 -5.57
C ARG C 27 32.33 0.01 -6.09
N LYS C 28 32.48 -0.08 -7.40
CA LYS C 28 33.73 -0.34 -8.12
C LYS C 28 34.87 0.64 -7.85
N ASN C 29 34.53 1.91 -7.73
CA ASN C 29 35.52 2.95 -7.50
C ASN C 29 34.75 4.14 -6.99
N ARG C 30 35.47 5.13 -6.46
CA ARG C 30 34.82 6.28 -5.83
C ARG C 30 33.83 6.95 -6.77
N ALA C 31 34.26 7.19 -8.01
CA ALA C 31 33.39 7.83 -9.02
C ALA C 31 32.01 7.16 -9.18
N VAL C 32 31.96 5.84 -9.27
CA VAL C 32 30.68 5.14 -9.40
C VAL C 32 29.87 5.33 -8.15
N ARG C 33 30.50 5.15 -7.01
CA ARG C 33 29.81 5.28 -5.73
C ARG C 33 29.19 6.65 -5.60
N GLN C 34 29.86 7.67 -6.11
CA GLN C 34 29.33 9.03 -6.07
C GLN C 34 28.13 9.23 -7.02
N LEU C 35 28.19 8.62 -8.20
CA LEU C 35 27.04 8.65 -9.08
C LEU C 35 25.77 8.18 -8.35
N VAL C 36 25.88 7.12 -7.56
CA VAL C 36 24.71 6.48 -6.99
C VAL C 36 24.46 6.77 -5.51
N GLN C 37 25.13 7.77 -4.95
CA GLN C 37 25.11 8.01 -3.52
C GLN C 37 23.76 8.61 -3.18
N GLU C 38 22.99 7.95 -2.33
CA GLU C 38 21.64 8.38 -1.98
C GLU C 38 21.53 9.60 -1.05
N ASN C 39 22.51 9.81 -0.17
CA ASN C 39 22.37 10.87 0.86
C ASN C 39 23.65 11.68 1.05
N LEU C 40 23.49 12.96 1.35
CA LEU C 40 24.64 13.88 1.48
C LEU C 40 24.50 14.61 2.80
N VAL C 41 25.62 14.98 3.44
CA VAL C 41 25.59 15.82 4.62
C VAL C 41 26.14 17.17 4.27
N LYS C 42 25.54 18.25 4.78
CA LYS C 42 26.10 19.56 4.61
C LYS C 42 25.98 20.28 5.94
N PRO C 43 26.88 21.27 6.22
CA PRO C 43 26.82 21.97 7.50
C PRO C 43 25.50 22.62 7.87
N SER C 44 24.78 23.18 6.91
CA SER C 44 23.57 23.91 7.19
C SER C 44 22.43 22.97 7.52
N SER C 45 22.68 21.66 7.49
CA SER C 45 21.76 20.69 8.09
C SER C 45 22.07 20.35 9.54
N LEU C 46 23.05 21.00 10.14
CA LEU C 46 23.43 20.69 11.51
C LEU C 46 22.93 21.76 12.47
N ILE C 47 22.44 21.35 13.64
CA ILE C 47 22.06 22.29 14.66
C ILE C 47 23.05 22.14 15.78
N TYR C 48 23.63 23.25 16.24
CA TYR C 48 24.66 23.24 17.27
C TYR C 48 24.02 23.69 18.59
N PRO C 49 23.85 22.76 19.55
CA PRO C 49 23.29 23.09 20.85
C PRO C 49 24.33 23.56 21.85
N LEU C 50 24.05 24.66 22.53
CA LEU C 50 25.03 25.34 23.40
C LEU C 50 24.46 25.62 24.79
N PHE C 51 25.36 25.70 25.78
CA PHE C 51 25.02 26.05 27.15
C PHE C 51 25.53 27.44 27.60
N VAL C 52 24.63 28.28 28.10
CA VAL C 52 25.05 29.56 28.65
C VAL C 52 24.75 29.67 30.15
N HIS C 53 25.63 30.36 30.87
CA HIS C 53 25.36 30.66 32.26
C HIS C 53 25.71 32.11 32.59
N ASP C 54 25.20 32.59 33.72
CA ASP C 54 25.20 33.99 34.08
C ASP C 54 26.41 34.28 34.95
N GLU C 55 27.58 33.90 34.46
CA GLU C 55 28.83 34.08 35.17
C GLU C 55 29.84 34.78 34.23
N GLU C 56 30.98 35.16 34.79
CA GLU C 56 32.00 35.89 34.05
C GLU C 56 32.76 34.96 33.12
N THR C 57 33.13 33.80 33.65
CA THR C 57 34.01 32.86 32.98
C THR C 57 33.24 31.63 32.55
N SER C 58 33.79 30.95 31.54
CA SER C 58 33.28 29.68 31.08
C SER C 58 33.91 28.54 31.83
N VAL C 59 33.18 27.45 31.94
CA VAL C 59 33.53 26.33 32.78
C VAL C 59 33.24 25.07 31.99
N PRO C 60 34.25 24.20 31.81
CA PRO C 60 33.97 22.94 31.10
C PRO C 60 32.91 22.13 31.80
N ILE C 61 32.15 21.36 31.02
CA ILE C 61 31.23 20.34 31.51
C ILE C 61 32.01 19.05 31.38
N PRO C 62 32.48 18.50 32.50
CA PRO C 62 33.42 17.37 32.39
C PRO C 62 32.87 16.09 31.78
N SER C 63 31.55 15.88 31.88
CA SER C 63 30.93 14.69 31.29
C SER C 63 30.52 14.93 29.82
N MET C 64 30.82 16.10 29.29
CA MET C 64 30.72 16.36 27.86
C MET C 64 32.05 16.94 27.38
N PRO C 65 33.07 16.09 27.20
CA PRO C 65 34.38 16.63 26.94
C PRO C 65 34.44 17.53 25.70
N GLY C 66 34.89 18.77 25.92
CA GLY C 66 35.04 19.77 24.87
C GLY C 66 33.93 20.81 24.77
N GLN C 67 32.81 20.58 25.47
CA GLN C 67 31.74 21.57 25.59
C GLN C 67 31.80 22.25 26.94
N SER C 68 31.29 23.47 27.00
CA SER C 68 31.31 24.22 28.25
C SER C 68 30.02 24.97 28.55
N ARG C 69 29.84 25.31 29.82
CA ARG C 69 28.90 26.33 30.21
C ARG C 69 29.54 27.66 29.83
N LEU C 70 29.08 28.23 28.74
CA LEU C 70 29.59 29.48 28.23
C LEU C 70 29.10 30.70 29.04
N SER C 71 30.01 31.64 29.31
CA SER C 71 29.65 33.01 29.67
C SER C 71 29.00 33.69 28.48
N MET C 72 28.32 34.80 28.72
CA MET C 72 27.63 35.48 27.64
C MET C 72 28.58 35.87 26.50
N GLU C 73 29.69 36.49 26.85
CA GLU C 73 30.63 36.92 25.83
C GLU C 73 31.25 35.75 25.06
N ASP C 74 31.44 34.59 25.70
CA ASP C 74 32.01 33.42 25.05
C ASP C 74 30.95 32.76 24.18
N LEU C 75 29.68 32.87 24.61
CA LEU C 75 28.57 32.38 23.82
C LEU C 75 28.64 32.99 22.46
N LEU C 76 28.77 34.32 22.44
CA LEU C 76 28.93 35.11 21.21
C LEU C 76 30.13 34.65 20.42
N LYS C 77 31.27 34.42 21.08
CA LYS C 77 32.46 34.03 20.32
C LYS C 77 32.19 32.66 19.66
N GLU C 78 31.49 31.79 20.35
CA GLU C 78 31.30 30.43 19.86
C GLU C 78 30.33 30.40 18.67
N VAL C 79 29.19 31.06 18.81
CA VAL C 79 28.29 31.25 17.67
C VAL C 79 29.02 31.86 16.47
N GLY C 80 29.88 32.84 16.68
CA GLY C 80 30.64 33.44 15.59
C GLY C 80 31.56 32.42 14.93
N GLU C 81 32.26 31.62 15.72
CA GLU C 81 33.16 30.66 15.15
C GLU C 81 32.34 29.66 14.32
N ALA C 82 31.21 29.18 14.87
CA ALA C 82 30.45 28.14 14.18
C ALA C 82 29.84 28.67 12.89
N ARG C 83 29.44 29.95 12.86
CA ARG C 83 28.96 30.55 11.62
C ARG C 83 30.02 30.58 10.55
N SER C 84 31.25 30.98 10.90
CA SER C 84 32.33 31.04 9.89
C SER C 84 32.54 29.71 9.19
N TYR C 85 32.12 28.61 9.81
CA TYR C 85 32.20 27.27 9.22
C TYR C 85 30.86 26.84 8.60
N GLY C 86 29.84 27.69 8.68
CA GLY C 86 28.60 27.43 7.96
C GLY C 86 27.44 26.89 8.76
N ILE C 87 27.61 26.76 10.06
CA ILE C 87 26.48 26.40 10.92
C ILE C 87 25.54 27.58 11.00
N LYS C 88 24.25 27.33 10.88
CA LYS C 88 23.29 28.43 10.94
C LYS C 88 22.25 28.37 12.03
N ALA C 89 22.06 27.20 12.63
CA ALA C 89 20.97 27.02 13.57
C ALA C 89 21.60 26.68 14.91
N PHE C 90 21.20 27.40 15.94
CA PHE C 90 21.78 27.18 17.26
C PHE C 90 20.71 26.91 18.29
N MET C 91 20.90 25.87 19.09
CA MET C 91 20.01 25.56 20.19
C MET C 91 20.61 26.11 21.48
N LEU C 92 19.81 26.74 22.31
CA LEU C 92 20.30 27.42 23.51
C LEU C 92 19.68 26.92 24.81
N PHE C 93 20.52 26.56 25.77
CA PHE C 93 20.04 26.07 27.07
C PHE C 93 20.67 26.87 28.20
N PRO C 94 19.87 27.31 29.18
CA PRO C 94 20.40 28.05 30.29
C PRO C 94 20.72 27.15 31.45
N LYS C 95 21.94 27.29 31.98
CA LYS C 95 22.29 26.76 33.28
C LYS C 95 21.94 27.87 34.28
N VAL C 96 20.78 27.70 34.92
CA VAL C 96 20.21 28.76 35.74
C VAL C 96 20.85 28.78 37.12
N ASP C 97 21.11 30.00 37.63
CA ASP C 97 21.60 30.16 38.99
C ASP C 97 20.63 29.39 39.90
N ASP C 98 21.15 28.64 40.86
CA ASP C 98 20.33 27.75 41.71
C ASP C 98 19.33 28.51 42.63
N GLU C 99 19.69 29.75 43.01
CA GLU C 99 18.84 30.59 43.85
C GLU C 99 17.54 30.98 43.11
N LEU C 100 17.58 31.00 41.78
CA LEU C 100 16.40 31.28 40.92
C LEU C 100 15.52 30.08 40.58
N LYS C 101 16.01 28.86 40.82
CA LYS C 101 15.20 27.65 40.60
C LYS C 101 14.06 27.53 41.63
N SER C 102 12.99 26.80 41.30
CA SER C 102 11.79 26.73 42.15
C SER C 102 10.83 25.56 41.78
N VAL C 103 9.75 25.41 42.55
CA VAL C 103 8.73 24.37 42.29
C VAL C 103 7.81 24.83 41.18
N MET C 104 7.42 26.12 41.21
CA MET C 104 6.54 26.68 40.17
C MET C 104 7.32 26.94 38.87
N ALA C 105 8.64 27.11 38.98
CA ALA C 105 9.53 27.30 37.82
C ALA C 105 9.23 28.62 37.06
N GLU C 106 8.77 29.61 37.81
CA GLU C 106 8.43 30.91 37.25
C GLU C 106 9.59 31.63 36.54
N GLU C 107 10.84 31.33 36.90
CA GLU C 107 11.97 31.91 36.18
C GLU C 107 11.97 31.54 34.67
N SER C 108 11.31 30.44 34.31
CA SER C 108 11.14 30.06 32.90
C SER C 108 10.47 31.11 32.01
N TYR C 109 9.69 32.01 32.59
CA TYR C 109 9.04 33.09 31.83
C TYR C 109 9.41 34.46 32.34
N ASN C 110 10.53 34.57 33.02
CA ASN C 110 11.07 35.88 33.35
C ASN C 110 11.68 36.53 32.11
N PRO C 111 11.10 37.64 31.61
CA PRO C 111 11.70 38.29 30.44
C PRO C 111 13.09 38.88 30.68
N ASP C 112 13.50 39.03 31.93
CA ASP C 112 14.87 39.44 32.25
C ASP C 112 15.78 38.23 32.58
N GLY C 113 15.26 37.02 32.40
CA GLY C 113 16.05 35.81 32.58
C GLY C 113 17.21 35.66 31.63
N LEU C 114 18.08 34.71 31.98
CA LEU C 114 19.32 34.49 31.21
C LEU C 114 19.03 34.11 29.75
N LEU C 115 18.07 33.21 29.52
CA LEU C 115 17.85 32.75 28.15
C LEU C 115 17.33 33.91 27.31
N PRO C 116 16.29 34.61 27.77
CA PRO C 116 15.89 35.74 26.92
C PRO C 116 17.02 36.73 26.64
N ARG C 117 17.80 37.10 27.64
CA ARG C 117 18.93 38.02 27.43
C ARG C 117 19.95 37.42 26.47
N ALA C 118 20.15 36.11 26.54
CA ALA C 118 21.06 35.42 25.61
C ALA C 118 20.57 35.50 24.17
N ILE C 119 19.26 35.33 23.98
CA ILE C 119 18.68 35.43 22.64
C ILE C 119 18.86 36.86 22.11
N MET C 120 18.50 37.85 22.91
CA MET C 120 18.61 39.25 22.49
C MET C 120 20.02 39.65 22.15
N ALA C 121 20.98 39.20 22.93
CA ALA C 121 22.40 39.47 22.66
C ALA C 121 22.87 38.79 21.38
N LEU C 122 22.46 37.54 21.16
CA LEU C 122 22.87 36.85 19.92
C LEU C 122 22.20 37.48 18.70
N LYS C 123 20.88 37.67 18.80
CA LYS C 123 20.08 38.29 17.73
C LYS C 123 20.58 39.69 17.41
N GLU C 124 21.14 40.42 18.39
CA GLU C 124 21.79 41.69 18.09
C GLU C 124 23.19 41.53 17.45
N ALA C 125 23.93 40.48 17.76
CA ALA C 125 25.28 40.34 17.21
C ALA C 125 25.29 39.67 15.85
N PHE C 126 24.31 38.79 15.63
CA PHE C 126 24.20 37.98 14.41
C PHE C 126 22.74 37.93 13.90
N PRO C 127 22.25 39.04 13.33
CA PRO C 127 20.80 39.15 13.03
C PRO C 127 20.20 38.03 12.15
N ASP C 128 21.01 37.46 11.26
CA ASP C 128 20.57 36.39 10.36
C ASP C 128 20.71 34.99 11.01
N VAL C 129 21.11 34.96 12.27
CA VAL C 129 21.30 33.68 12.99
C VAL C 129 19.93 33.04 13.28
N LEU C 130 19.84 31.71 13.25
CA LEU C 130 18.62 30.99 13.58
C LEU C 130 18.74 30.46 14.99
N LEU C 131 17.85 30.92 15.90
CA LEU C 131 17.88 30.51 17.30
C LEU C 131 16.68 29.65 17.66
N LEU C 132 17.00 28.50 18.24
CA LEU C 132 16.03 27.52 18.72
C LEU C 132 16.14 27.50 20.23
N ALA C 133 15.02 27.75 20.92
CA ALA C 133 14.99 27.81 22.37
C ALA C 133 14.12 26.69 22.90
N ASP C 134 14.65 25.95 23.89
CA ASP C 134 13.93 24.87 24.56
C ASP C 134 12.75 25.43 25.35
N VAL C 135 11.61 24.75 25.26
CA VAL C 135 10.45 25.01 26.11
C VAL C 135 10.24 23.77 27.01
N ALA C 136 10.44 23.95 28.31
CA ALA C 136 10.39 22.86 29.31
C ALA C 136 10.81 23.47 30.66
N LEU C 137 10.38 22.88 31.74
CA LEU C 137 10.58 23.53 33.02
C LEU C 137 11.79 23.03 33.75
N ASP C 138 12.35 21.90 33.32
CA ASP C 138 13.41 21.26 34.11
C ASP C 138 14.66 22.13 34.34
N PRO C 139 15.01 23.01 33.40
CA PRO C 139 16.14 23.88 33.74
C PRO C 139 15.86 24.86 34.88
N TYR C 140 14.59 25.11 35.15
CA TYR C 140 14.22 26.07 36.17
C TYR C 140 13.61 25.40 37.40
N SER C 141 13.49 24.08 37.38
CA SER C 141 12.76 23.35 38.40
C SER C 141 13.70 22.92 39.49
N SER C 142 13.32 23.15 40.74
CA SER C 142 14.15 22.75 41.89
C SER C 142 14.04 21.27 42.14
N MET C 143 13.07 20.63 41.49
CA MET C 143 12.86 19.18 41.57
C MET C 143 13.43 18.49 40.32
N GLY C 144 13.87 19.28 39.34
CA GLY C 144 14.43 18.76 38.09
C GLY C 144 13.45 18.10 37.13
N HIS C 145 12.17 18.43 37.25
CA HIS C 145 11.16 17.80 36.40
C HIS C 145 10.59 18.76 35.38
N ASP C 146 10.16 18.19 34.24
CA ASP C 146 9.75 19.02 33.11
C ASP C 146 8.44 19.74 33.31
N GLY C 147 7.73 19.45 34.39
CA GLY C 147 6.48 20.11 34.62
C GLY C 147 6.20 20.35 36.08
N VAL C 148 5.02 20.91 36.35
CA VAL C 148 4.57 21.16 37.71
C VAL C 148 4.22 19.84 38.41
N VAL C 149 4.83 19.65 39.58
CA VAL C 149 4.65 18.47 40.41
C VAL C 149 3.58 18.76 41.45
N ASP C 150 2.65 17.84 41.61
CA ASP C 150 1.60 17.97 42.61
C ASP C 150 2.19 17.54 43.94
N GLU C 151 2.12 18.44 44.92
CA GLU C 151 2.53 18.16 46.30
C GLU C 151 2.02 16.80 46.86
N GLN C 152 0.72 16.53 46.79
CA GLN C 152 0.18 15.30 47.38
C GLN C 152 0.42 13.98 46.58
N SER C 153 0.31 14.00 45.25
CA SER C 153 0.40 12.73 44.47
C SER C 153 1.80 12.47 43.92
N GLY C 154 2.54 13.53 43.65
CA GLY C 154 3.85 13.41 42.99
C GLY C 154 3.74 13.28 41.48
N LYS C 155 2.52 13.35 40.97
CA LYS C 155 2.28 13.28 39.55
C LYS C 155 2.68 14.63 38.97
N ILE C 156 3.19 14.59 37.74
CA ILE C 156 3.47 15.80 36.96
C ILE C 156 2.15 16.21 36.29
N VAL C 157 1.56 17.32 36.74
CA VAL C 157 0.19 17.64 36.31
C VAL C 157 0.27 18.29 34.94
N ASN C 158 -0.35 17.62 33.95
CA ASN C 158 -0.22 17.97 32.54
C ASN C 158 -0.61 19.39 32.14
N ASP C 159 -1.86 19.74 32.42
CA ASP C 159 -2.49 20.95 31.88
C ASP C 159 -1.94 22.20 32.55
N LEU C 160 -1.77 22.13 33.85
CA LEU C 160 -1.11 23.21 34.57
C LEU C 160 0.27 23.46 33.94
N THR C 161 0.99 22.38 33.66
CA THR C 161 2.29 22.46 33.00
C THR C 161 2.19 23.11 31.63
N VAL C 162 1.22 22.71 30.84
CA VAL C 162 1.02 23.33 29.53
C VAL C 162 0.78 24.85 29.65
N HIS C 163 -0.06 25.23 30.62
CA HIS C 163 -0.26 26.66 30.93
C HIS C 163 1.07 27.38 31.14
N GLN C 164 1.98 26.80 31.92
CA GLN C 164 3.29 27.45 32.15
C GLN C 164 4.16 27.47 30.89
N LEU C 165 4.15 26.38 30.15
CA LEU C 165 4.91 26.28 28.90
C LEU C 165 4.46 27.32 27.89
N CYS C 166 3.16 27.60 27.80
CA CYS C 166 2.67 28.72 26.96
C CYS C 166 3.31 30.05 27.38
N LYS C 167 3.45 30.24 28.69
CA LYS C 167 4.02 31.50 29.20
C LYS C 167 5.49 31.60 28.82
N GLN C 168 6.16 30.46 28.92
CA GLN C 168 7.56 30.41 28.62
C GLN C 168 7.77 30.66 27.15
N ALA C 169 6.96 30.05 26.28
CA ALA C 169 7.12 30.20 24.83
C ALA C 169 6.96 31.64 24.34
N ILE C 170 5.99 32.34 24.94
CA ILE C 170 5.69 33.69 24.57
C ILE C 170 6.89 34.53 24.95
N THR C 171 7.46 34.30 26.14
CA THR C 171 8.64 35.05 26.57
C THR C 171 9.81 34.87 25.61
N LEU C 172 10.06 33.62 25.19
CA LEU C 172 11.19 33.31 24.30
C LEU C 172 10.94 33.88 22.93
N ALA C 173 9.68 33.85 22.50
CA ALA C 173 9.34 34.38 21.18
C ALA C 173 9.60 35.87 21.22
N ARG C 174 9.08 36.53 22.23
CA ARG C 174 9.22 37.98 22.31
C ARG C 174 10.67 38.42 22.39
N ALA C 175 11.51 37.60 22.97
CA ALA C 175 12.93 37.89 23.04
C ALA C 175 13.62 37.70 21.69
N GLY C 176 12.95 37.09 20.72
CA GLY C 176 13.49 36.91 19.37
C GLY C 176 13.77 35.47 18.93
N ALA C 177 13.34 34.49 19.71
CA ALA C 177 13.58 33.09 19.37
C ALA C 177 12.87 32.77 18.07
N ASP C 178 13.61 32.27 17.09
CA ASP C 178 13.01 31.90 15.82
C ASP C 178 12.09 30.67 15.88
N MET C 179 12.52 29.66 16.62
CA MET C 179 11.74 28.46 16.87
C MET C 179 11.69 28.29 18.38
N VAL C 180 10.53 27.94 18.93
CA VAL C 180 10.47 27.37 20.26
C VAL C 180 10.36 25.83 20.11
N CYS C 181 10.97 25.11 21.05
CA CYS C 181 11.15 23.68 20.95
C CYS C 181 10.66 22.97 22.19
N PRO C 182 9.37 22.70 22.28
CA PRO C 182 8.86 22.08 23.48
C PRO C 182 9.38 20.67 23.69
N SER C 183 10.15 20.44 24.76
CA SER C 183 10.79 19.13 25.00
C SER C 183 10.23 18.40 26.20
N ASP C 184 9.03 18.82 26.59
CA ASP C 184 8.40 18.46 27.85
C ASP C 184 7.62 17.15 27.81
N MET C 185 7.02 16.86 26.65
CA MET C 185 6.20 15.67 26.43
C MET C 185 4.94 15.68 27.27
N MET C 186 4.45 16.85 27.60
CA MET C 186 3.08 16.93 28.08
C MET C 186 2.14 16.69 26.89
N ASP C 187 0.92 16.22 27.14
CA ASP C 187 -0.03 16.07 26.05
C ASP C 187 -0.62 17.41 25.68
N GLY C 188 -0.71 17.68 24.38
CA GLY C 188 -1.50 18.78 23.86
C GLY C 188 -0.80 20.12 23.81
N ARG C 189 0.48 20.14 24.13
CA ARG C 189 1.16 21.42 24.33
C ARG C 189 1.51 22.13 23.02
N VAL C 190 1.70 21.37 21.94
CA VAL C 190 1.95 21.98 20.63
C VAL C 190 0.79 22.90 20.25
N SER C 191 -0.43 22.39 20.33
CA SER C 191 -1.60 23.17 19.98
C SER C 191 -1.79 24.40 20.88
N ALA C 192 -1.61 24.18 22.19
CA ALA C 192 -1.73 25.26 23.19
C ALA C 192 -0.71 26.34 22.93
N ILE C 193 0.54 25.92 22.80
CA ILE C 193 1.61 26.88 22.50
C ILE C 193 1.35 27.63 21.19
N ARG C 194 1.00 26.89 20.14
CA ARG C 194 0.71 27.55 18.83
C ARG C 194 -0.30 28.66 19.02
N GLU C 195 -1.40 28.34 19.70
CA GLU C 195 -2.53 29.26 19.80
C GLU C 195 -2.17 30.45 20.66
N SER C 196 -1.44 30.18 21.76
CA SER C 196 -0.96 31.24 22.63
C SER C 196 -0.04 32.19 21.88
N LEU C 197 0.87 31.64 21.07
CA LEU C 197 1.72 32.49 20.21
C LEU C 197 0.93 33.33 19.23
N ASP C 198 -0.10 32.74 18.62
CA ASP C 198 -0.78 33.38 17.52
C ASP C 198 -1.54 34.57 18.08
N MET C 199 -2.23 34.34 19.19
CA MET C 199 -2.92 35.40 19.89
C MET C 199 -2.02 36.58 20.25
N GLU C 200 -0.76 36.33 20.59
CA GLU C 200 0.19 37.43 20.89
C GLU C 200 0.86 38.04 19.67
N GLY C 201 0.45 37.64 18.47
CA GLY C 201 1.01 38.21 17.25
C GLY C 201 2.28 37.54 16.77
N CYS C 202 2.66 36.45 17.44
CA CYS C 202 3.87 35.70 17.12
C CYS C 202 3.55 34.54 16.15
N THR C 203 2.83 34.83 15.07
CA THR C 203 2.45 33.77 14.11
C THR C 203 3.64 33.27 13.28
N ASP C 204 4.71 34.06 13.26
CA ASP C 204 6.00 33.73 12.68
C ASP C 204 6.81 32.75 13.46
N THR C 205 6.67 32.78 14.77
CA THR C 205 7.53 31.95 15.63
C THR C 205 7.22 30.49 15.34
N SER C 206 8.25 29.68 15.06
CA SER C 206 8.04 28.26 14.71
C SER C 206 8.01 27.38 15.93
N ILE C 207 7.41 26.20 15.78
CA ILE C 207 7.44 25.18 16.83
C ILE C 207 8.15 23.94 16.31
N LEU C 208 9.23 23.55 17.00
CA LEU C 208 9.94 22.31 16.69
C LEU C 208 9.49 21.31 17.74
N ALA C 209 8.44 20.58 17.39
CA ALA C 209 7.86 19.58 18.30
C ALA C 209 8.79 18.40 18.55
N TYR C 210 9.23 18.26 19.79
CA TYR C 210 9.75 16.99 20.27
C TYR C 210 8.58 16.02 20.36
N SER C 211 8.32 15.27 19.29
CA SER C 211 7.17 14.37 19.22
C SER C 211 7.47 13.02 19.81
N CYS C 212 8.60 12.47 19.43
CA CYS C 212 9.01 11.17 19.88
C CYS C 212 10.27 11.31 20.73
N LYS C 213 10.04 11.69 21.99
CA LYS C 213 11.10 11.80 22.96
C LYS C 213 11.01 10.66 23.98
N TYR C 214 12.06 9.85 24.05
CA TYR C 214 12.04 8.63 24.85
C TYR C 214 12.63 8.85 26.23
N ALA C 215 12.18 8.06 27.20
CA ALA C 215 12.68 8.16 28.55
C ALA C 215 14.03 7.49 28.63
N SER C 216 15.06 8.19 28.21
CA SER C 216 16.34 7.58 27.95
C SER C 216 17.26 7.73 29.11
N SER C 217 18.24 6.84 29.17
CA SER C 217 19.34 6.96 30.15
C SER C 217 20.56 7.64 29.53
N PHE C 218 20.39 8.14 28.31
CA PHE C 218 21.44 8.83 27.56
C PHE C 218 21.44 10.36 27.73
N TYR C 219 20.63 10.90 28.65
CA TYR C 219 20.61 12.34 28.88
C TYR C 219 21.52 12.77 30.05
N GLY C 220 22.25 11.83 30.64
CA GLY C 220 23.00 12.12 31.86
C GLY C 220 23.86 13.37 31.81
N PRO C 221 24.79 13.44 30.85
CA PRO C 221 25.73 14.55 30.72
C PRO C 221 25.10 15.93 30.57
N PHE C 222 23.95 15.99 29.91
CA PHE C 222 23.22 17.24 29.74
C PHE C 222 22.69 17.68 31.08
N ARG C 223 22.23 16.73 31.88
CA ARG C 223 21.69 17.01 33.22
C ARG C 223 22.79 17.49 34.19
N ASP C 224 24.01 16.98 34.01
CA ASP C 224 25.19 17.54 34.63
C ASP C 224 25.39 18.98 34.19
N ALA C 225 25.27 19.23 32.89
CA ALA C 225 25.50 20.57 32.33
C ALA C 225 24.56 21.63 32.90
N LEU C 226 23.30 21.25 33.09
CA LEU C 226 22.30 22.16 33.69
C LEU C 226 22.09 21.93 35.21
N ASP C 227 22.75 20.92 35.77
CA ASP C 227 22.59 20.55 37.18
C ASP C 227 21.09 20.33 37.44
N SER C 228 20.47 19.58 36.55
CA SER C 228 19.02 19.45 36.51
C SER C 228 18.54 18.03 36.71
N HIS C 229 19.35 17.21 37.37
CA HIS C 229 18.93 15.85 37.73
C HIS C 229 17.70 15.84 38.65
N MET C 230 16.87 14.81 38.48
CA MET C 230 15.65 14.63 39.23
C MET C 230 16.00 14.38 40.70
N VAL C 231 15.24 14.98 41.61
CA VAL C 231 15.35 14.66 43.03
C VAL C 231 14.69 13.31 43.41
N GLY C 232 15.09 12.80 44.58
CA GLY C 232 14.44 11.66 45.22
C GLY C 232 14.35 10.36 44.44
N GLY C 233 15.40 10.01 43.69
CA GLY C 233 15.41 8.76 42.90
C GLY C 233 14.11 8.50 42.11
N THR C 234 13.62 9.55 41.42
CA THR C 234 12.39 9.48 40.59
C THR C 234 12.82 9.45 39.13
N ASP C 235 11.83 9.34 38.23
CA ASP C 235 12.11 9.34 36.78
C ASP C 235 11.02 10.08 35.98
N LYS C 236 11.15 10.08 34.66
CA LYS C 236 10.25 10.79 33.79
C LYS C 236 9.42 9.83 32.95
N LYS C 237 9.23 8.60 33.46
CA LYS C 237 8.57 7.57 32.67
C LYS C 237 7.06 7.73 32.50
N THR C 238 6.46 8.65 33.24
CA THR C 238 5.07 8.99 33.07
C THR C 238 4.82 10.08 32.01
N TYR C 239 5.87 10.52 31.32
CA TYR C 239 5.71 11.51 30.23
C TYR C 239 6.60 11.19 29.02
N GLN C 240 7.89 10.99 29.25
CA GLN C 240 8.77 10.52 28.18
C GLN C 240 8.46 9.05 27.79
N MET C 241 8.80 8.63 26.58
CA MET C 241 8.26 7.40 26.05
C MET C 241 9.11 6.18 26.41
N ASP C 242 8.41 5.08 26.70
CA ASP C 242 8.99 3.78 26.90
C ASP C 242 9.75 3.36 25.63
N PRO C 243 11.07 3.16 25.75
CA PRO C 243 11.84 2.74 24.55
C PRO C 243 11.40 1.43 23.93
N SER C 244 10.50 0.69 24.56
CA SER C 244 10.06 -0.58 24.02
C SER C 244 9.07 -0.46 22.86
N ASN C 245 8.55 0.76 22.67
CA ASN C 245 7.38 1.00 21.82
C ASN C 245 7.70 1.79 20.57
N SER C 246 7.19 1.34 19.42
CA SER C 246 7.31 2.11 18.16
C SER C 246 5.96 2.58 17.60
N ARG C 247 4.95 1.75 17.71
CA ARG C 247 3.59 2.10 17.29
C ARG C 247 3.21 3.42 17.92
N GLU C 248 3.50 3.53 19.19
CA GLU C 248 3.20 4.73 19.95
C GLU C 248 3.73 6.01 19.31
N ALA C 249 4.89 5.91 18.67
CA ALA C 249 5.53 7.09 18.07
C ALA C 249 4.67 7.69 16.95
N GLU C 250 3.93 6.85 16.24
CA GLU C 250 3.03 7.30 15.18
C GLU C 250 1.87 8.11 15.74
N ARG C 251 1.34 7.68 16.87
CA ARG C 251 0.25 8.36 17.55
C ARG C 251 0.73 9.77 17.96
N GLU C 252 1.90 9.83 18.55
CA GLU C 252 2.49 11.10 18.92
C GLU C 252 2.74 12.02 17.74
N ALA C 253 3.25 11.46 16.66
CA ALA C 253 3.64 12.26 15.51
C ALA C 253 2.43 12.80 14.76
N GLU C 254 1.39 11.98 14.63
CA GLU C 254 0.15 12.46 14.01
C GLU C 254 -0.47 13.61 14.79
N ALA C 255 -0.52 13.51 16.12
CA ALA C 255 -1.14 14.57 16.91
C ALA C 255 -0.43 15.91 16.68
N ASP C 256 0.90 15.91 16.73
CA ASP C 256 1.66 17.15 16.67
C ASP C 256 1.52 17.79 15.31
N ALA C 257 1.55 16.99 14.25
CA ALA C 257 1.35 17.55 12.92
C ALA C 257 -0.01 18.27 12.86
N SER C 258 -1.08 17.64 13.34
CA SER C 258 -2.41 18.28 13.24
C SER C 258 -2.65 19.42 14.25
N GLU C 259 -1.82 19.47 15.30
CA GLU C 259 -1.80 20.57 16.27
C GLU C 259 -1.06 21.82 15.73
N GLY C 260 -0.35 21.68 14.62
CA GLY C 260 0.22 22.84 13.92
C GLY C 260 1.74 22.96 13.89
N ALA C 261 2.44 21.98 14.47
CA ALA C 261 3.90 21.99 14.53
C ALA C 261 4.54 22.18 13.16
N ASP C 262 5.71 22.80 13.16
CA ASP C 262 6.48 22.99 11.92
C ASP C 262 7.49 21.88 11.60
N MET C 263 8.09 21.28 12.62
CA MET C 263 9.00 20.14 12.45
C MET C 263 8.79 19.16 13.60
N LEU C 264 9.21 17.93 13.38
CA LEU C 264 9.05 16.86 14.32
C LEU C 264 10.42 16.37 14.71
N MET C 265 10.70 16.30 16.01
CA MET C 265 11.98 15.82 16.52
C MET C 265 11.86 14.41 17.10
N VAL C 266 12.78 13.53 16.76
CA VAL C 266 12.90 12.27 17.45
C VAL C 266 14.15 12.33 18.30
N LYS C 267 14.06 11.79 19.53
CA LYS C 267 15.18 11.88 20.46
C LYS C 267 15.11 10.79 21.52
N PRO C 268 16.25 10.15 21.82
CA PRO C 268 17.60 10.34 21.33
C PRO C 268 17.77 9.96 19.88
N GLY C 269 19.02 9.88 19.44
CA GLY C 269 19.38 9.78 18.05
C GLY C 269 19.52 8.37 17.51
N LEU C 270 20.77 7.89 17.52
CA LEU C 270 21.11 6.65 16.81
C LEU C 270 20.33 5.46 17.33
N PRO C 271 20.08 5.37 18.64
CA PRO C 271 19.32 4.22 19.11
C PRO C 271 17.85 4.30 18.79
N TYR C 272 17.45 5.34 18.06
CA TYR C 272 16.07 5.49 17.63
C TYR C 272 15.96 5.79 16.15
N LEU C 273 16.95 5.34 15.38
CA LEU C 273 16.87 5.54 13.92
C LEU C 273 15.65 4.87 13.35
N ASP C 274 15.22 3.74 13.89
CA ASP C 274 14.04 3.07 13.35
C ASP C 274 12.82 3.95 13.46
N VAL C 275 12.79 4.79 14.49
CA VAL C 275 11.60 5.57 14.75
C VAL C 275 11.69 6.74 13.81
N LEU C 276 12.89 7.30 13.69
CA LEU C 276 13.13 8.41 12.81
C LEU C 276 12.68 8.05 11.41
N ALA C 277 13.13 6.91 10.89
CA ALA C 277 12.73 6.51 9.52
C ALA C 277 11.21 6.29 9.40
N LYS C 278 10.61 5.74 10.45
CA LYS C 278 9.17 5.47 10.43
C LYS C 278 8.38 6.76 10.30
N ILE C 279 8.72 7.77 11.09
CA ILE C 279 7.94 9.01 11.09
C ILE C 279 8.25 9.80 9.81
N ARG C 280 9.51 9.79 9.39
CA ARG C 280 9.86 10.26 8.06
C ARG C 280 8.97 9.66 6.97
N GLU C 281 8.68 8.36 7.02
CA GLU C 281 7.84 7.73 5.99
C GLU C 281 6.39 8.20 6.07
N LYS C 282 5.88 8.47 7.26
CA LYS C 282 4.45 8.72 7.43
C LYS C 282 4.12 10.22 7.63
N SER C 283 5.13 11.08 7.76
CA SER C 283 4.89 12.49 8.06
C SER C 283 5.19 13.36 6.87
N LYS C 284 4.47 14.47 6.72
CA LYS C 284 4.80 15.42 5.67
C LYS C 284 5.60 16.59 6.18
N LEU C 285 5.97 16.59 7.46
CA LEU C 285 6.76 17.66 8.05
C LEU C 285 8.24 17.34 8.03
N PRO C 286 9.09 18.37 8.10
CA PRO C 286 10.53 18.14 8.23
C PRO C 286 10.91 17.44 9.52
N MET C 287 11.88 16.53 9.44
CA MET C 287 12.28 15.73 10.58
C MET C 287 13.62 16.20 11.18
N VAL C 288 13.75 16.10 12.48
CA VAL C 288 14.99 16.43 13.12
C VAL C 288 15.35 15.31 14.09
N ALA C 289 16.62 14.99 14.20
CA ALA C 289 17.02 14.03 15.20
C ALA C 289 18.00 14.70 16.14
N TYR C 290 18.01 14.25 17.39
CA TYR C 290 18.91 14.79 18.40
C TYR C 290 19.95 13.76 18.77
N HIS C 291 21.21 14.10 18.51
CA HIS C 291 22.33 13.29 18.86
C HIS C 291 22.68 13.78 20.23
N VAL C 292 22.22 13.07 21.26
CA VAL C 292 22.14 13.63 22.62
C VAL C 292 23.49 13.53 23.35
N SER C 293 23.54 14.23 24.49
CA SER C 293 24.73 14.32 25.31
C SER C 293 25.40 13.00 25.64
N GLY C 294 24.61 12.01 26.01
CA GLY C 294 25.16 10.71 26.28
C GLY C 294 25.83 10.09 25.07
N GLU C 295 25.36 10.37 23.87
CA GLU C 295 25.90 9.73 22.68
C GLU C 295 27.20 10.47 22.33
N TYR C 296 27.17 11.78 22.48
CA TYR C 296 28.36 12.59 22.34
C TYR C 296 29.46 12.05 23.27
N ALA C 297 29.11 11.79 24.52
CA ALA C 297 30.09 11.35 25.51
C ALA C 297 30.68 10.00 25.12
N MET C 298 29.88 9.12 24.53
CA MET C 298 30.42 7.84 24.14
C MET C 298 31.45 7.96 23.03
N LEU C 299 31.19 8.78 22.03
CA LEU C 299 32.16 9.03 20.96
C LEU C 299 33.46 9.67 21.49
N LYS C 300 33.34 10.68 22.35
CA LYS C 300 34.50 11.33 22.91
C LYS C 300 35.31 10.39 23.81
N ALA C 301 34.61 9.66 24.69
CA ALA C 301 35.29 8.69 25.54
C ALA C 301 36.13 7.71 24.73
N ALA C 302 35.56 7.12 23.68
CA ALA C 302 36.27 6.11 22.93
C ALA C 302 37.42 6.69 22.11
N ALA C 303 37.24 7.92 21.60
CA ALA C 303 38.31 8.59 20.84
C ALA C 303 39.52 8.93 21.72
N GLU C 304 39.25 9.48 22.90
CA GLU C 304 40.28 9.82 23.88
C GLU C 304 41.11 8.62 24.31
N LYS C 305 40.48 7.45 24.36
CA LYS C 305 41.19 6.22 24.68
C LYS C 305 41.84 5.56 23.47
N GLY C 306 41.58 6.10 22.29
CA GLY C 306 42.13 5.57 21.07
C GLY C 306 41.45 4.32 20.53
N TYR C 307 40.24 4.01 21.00
CA TYR C 307 39.54 2.82 20.54
C TYR C 307 38.94 3.02 19.14
N ILE C 308 38.60 4.26 18.81
CA ILE C 308 38.05 4.58 17.49
C ILE C 308 38.65 5.87 16.94
N SER C 309 38.52 6.07 15.66
CA SER C 309 38.96 7.30 15.05
C SER C 309 37.81 8.26 15.11
N GLU C 310 37.99 9.34 15.87
CA GLU C 310 36.92 10.31 16.12
C GLU C 310 36.24 10.78 14.84
N LYS C 311 37.05 11.29 13.93
CA LYS C 311 36.56 12.00 12.76
C LYS C 311 35.76 11.07 11.83
N ASP C 312 36.35 9.93 11.47
CA ASP C 312 35.68 8.96 10.63
C ASP C 312 34.34 8.56 11.23
N THR C 313 34.34 8.19 12.51
CA THR C 313 33.10 7.76 13.14
C THR C 313 32.03 8.88 13.21
N VAL C 314 32.41 10.10 13.55
CA VAL C 314 31.43 11.18 13.66
C VAL C 314 30.78 11.42 12.31
N LEU C 315 31.60 11.48 11.26
CA LEU C 315 31.10 11.72 9.93
C LEU C 315 30.14 10.61 9.44
N GLU C 316 30.48 9.35 9.73
CA GLU C 316 29.59 8.22 9.42
C GLU C 316 28.31 8.34 10.20
N VAL C 317 28.40 8.86 11.41
CA VAL C 317 27.23 9.04 12.24
C VAL C 317 26.26 10.03 11.62
N LEU C 318 26.75 11.20 11.21
CA LEU C 318 25.86 12.21 10.66
C LEU C 318 25.22 11.74 9.33
N LYS C 319 25.98 10.98 8.54
CA LYS C 319 25.48 10.37 7.33
C LYS C 319 24.37 9.40 7.69
N SER C 320 24.58 8.58 8.73
CA SER C 320 23.50 7.66 9.17
C SER C 320 22.22 8.40 9.56
N PHE C 321 22.29 9.48 10.33
CA PHE C 321 21.10 10.24 10.72
C PHE C 321 20.37 10.69 9.48
N ARG C 322 21.18 11.08 8.52
CA ARG C 322 20.69 11.70 7.33
C ARG C 322 20.10 10.67 6.37
N ARG C 323 20.72 9.51 6.30
CA ARG C 323 20.14 8.37 5.59
C ARG C 323 18.84 7.88 6.26
N ALA C 324 18.81 7.85 7.59
CA ALA C 324 17.63 7.37 8.29
C ALA C 324 16.41 8.31 8.19
N GLY C 325 16.61 9.51 7.67
CA GLY C 325 15.50 10.40 7.30
C GLY C 325 15.51 11.74 8.02
N ALA C 326 16.62 12.10 8.65
CA ALA C 326 16.72 13.38 9.35
C ALA C 326 16.99 14.42 8.31
N ASP C 327 16.17 15.45 8.26
CA ASP C 327 16.52 16.63 7.49
C ASP C 327 17.55 17.50 8.21
N ALA C 328 17.45 17.58 9.53
CA ALA C 328 18.39 18.33 10.35
C ALA C 328 18.80 17.47 11.54
N VAL C 329 20.01 17.69 12.06
CA VAL C 329 20.50 16.96 13.21
C VAL C 329 21.06 17.89 14.28
N ALA C 330 20.52 17.77 15.49
CA ALA C 330 21.06 18.47 16.65
C ALA C 330 22.23 17.62 17.21
N THR C 331 23.43 18.19 17.20
CA THR C 331 24.60 17.45 17.60
C THR C 331 25.67 18.37 18.20
N TYR C 332 26.25 17.95 19.31
CA TYR C 332 27.30 18.71 19.94
C TYR C 332 28.57 18.66 19.11
N TYR C 333 28.60 17.78 18.12
CA TYR C 333 29.69 17.80 17.13
C TYR C 333 29.49 18.78 15.98
N ALA C 334 28.42 19.57 16.01
CA ALA C 334 28.07 20.32 14.81
C ALA C 334 29.23 21.21 14.37
N LYS C 335 29.81 21.96 15.29
CA LYS C 335 30.87 22.89 14.88
C LYS C 335 32.08 22.13 14.37
N GLU C 336 32.44 21.08 15.06
CA GLU C 336 33.62 20.31 14.69
C GLU C 336 33.44 19.62 13.31
N ALA C 337 32.22 19.16 13.03
CA ALA C 337 31.93 18.59 11.69
C ALA C 337 32.06 19.62 10.55
N ALA C 338 31.47 20.78 10.75
CA ALA C 338 31.56 21.86 9.77
C ALA C 338 33.01 22.23 9.50
N LYS C 339 33.81 22.20 10.55
CA LYS C 339 35.20 22.57 10.46
C LYS C 339 35.96 21.53 9.62
N TRP C 340 35.69 20.24 9.84
CA TRP C 340 36.37 19.19 9.11
C TRP C 340 36.01 19.30 7.65
N MET C 341 34.77 19.66 7.38
CA MET C 341 34.29 19.79 6.00
C MET C 341 34.91 21.00 5.31
N VAL C 342 34.97 22.13 6.02
CA VAL C 342 35.56 23.34 5.47
C VAL C 342 37.05 23.16 5.26
N GLU C 343 37.75 22.63 6.26
CA GLU C 343 39.16 22.30 6.10
C GLU C 343 39.44 21.35 4.93
N ASP C 344 38.66 20.29 4.79
CA ASP C 344 38.84 19.42 3.64
C ASP C 344 38.61 20.19 2.31
N MET C 345 37.59 21.02 2.31
CA MET C 345 37.12 21.69 1.12
C MET C 345 38.11 22.73 0.68
N LYS C 346 38.79 23.35 1.66
CA LYS C 346 39.86 24.33 1.42
C LYS C 346 41.23 23.70 1.21
N GLY C 347 41.37 22.41 1.54
CA GLY C 347 42.66 21.71 1.52
C GLY C 347 42.73 20.63 0.46
N THR C 348 42.79 19.36 0.86
CA THR C 348 42.98 18.22 -0.05
C THR C 348 41.70 17.77 -0.77
N GLN C 349 40.53 18.22 -0.31
CA GLN C 349 39.28 17.72 -0.86
C GLN C 349 39.24 16.21 -1.01
N LYS C 350 39.62 15.50 0.05
CA LYS C 350 39.66 14.04 0.02
C LYS C 350 38.28 13.42 0.16
N PHE C 351 37.34 14.12 0.79
CA PHE C 351 36.00 13.55 0.96
C PHE C 351 34.84 14.52 0.71
N THR C 352 35.11 15.76 0.35
CA THR C 352 34.06 16.73 0.19
C THR C 352 34.02 17.27 -1.24
N GLU C 353 32.90 17.91 -1.57
CA GLU C 353 32.71 18.66 -2.79
C GLU C 353 31.58 19.68 -2.59
N PRO C 354 31.46 20.66 -3.50
CA PRO C 354 30.38 21.65 -3.38
C PRO C 354 29.03 21.06 -3.69
N CYS C 355 28.00 21.62 -3.07
CA CYS C 355 26.60 21.31 -3.36
C CYS C 355 25.77 22.59 -3.34
N TYR C 356 24.56 22.49 -3.89
CA TYR C 356 23.56 23.54 -3.70
C TYR C 356 22.21 22.88 -3.63
N GLY D 5 -8.67 32.05 24.81
CA GLY D 5 -7.40 31.27 24.90
C GLY D 5 -7.67 29.78 24.90
N PRO D 6 -6.59 28.97 24.84
CA PRO D 6 -6.70 27.50 24.67
C PRO D 6 -7.19 26.71 25.88
N LEU D 7 -6.84 27.16 27.08
CA LEU D 7 -7.22 26.46 28.31
C LEU D 7 -8.58 26.89 28.83
N ASP D 8 -9.22 26.01 29.57
CA ASP D 8 -10.52 26.26 30.17
C ASP D 8 -10.41 25.80 31.62
N ASN D 9 -11.56 25.57 32.23
CA ASN D 9 -11.58 25.17 33.61
C ASN D 9 -12.59 24.07 33.82
N ASN D 10 -12.22 23.08 34.61
CA ASN D 10 -13.11 21.98 34.93
C ASN D 10 -14.16 22.39 35.99
N ASN D 11 -14.96 21.43 36.43
CA ASN D 11 -16.09 21.70 37.34
C ASN D 11 -15.70 22.13 38.77
N TYR D 12 -14.43 21.93 39.14
CA TYR D 12 -13.86 22.47 40.37
C TYR D 12 -13.03 23.75 40.09
N GLY D 13 -13.10 24.25 38.85
CA GLY D 13 -12.32 25.44 38.49
C GLY D 13 -10.83 25.27 38.18
N GLU D 14 -10.34 24.04 38.22
CA GLU D 14 -8.94 23.75 37.92
C GLU D 14 -8.66 23.95 36.44
N VAL D 15 -7.43 24.37 36.13
CA VAL D 15 -6.98 24.55 34.77
C VAL D 15 -7.10 23.25 34.02
N TRP D 16 -7.67 23.31 32.83
CA TRP D 16 -8.03 22.14 32.07
C TRP D 16 -7.90 22.42 30.58
N LEU D 17 -7.05 21.64 29.91
CA LEU D 17 -6.89 21.69 28.45
C LEU D 17 -7.87 20.65 27.90
N PRO D 18 -8.88 21.07 27.13
CA PRO D 18 -9.93 20.11 26.70
C PRO D 18 -9.55 19.13 25.59
N ILE D 19 -8.39 18.52 25.71
CA ILE D 19 -7.94 17.58 24.69
C ILE D 19 -8.54 16.19 24.97
N GLN D 20 -9.02 15.47 23.96
CA GLN D 20 -9.61 14.14 24.25
C GLN D 20 -8.60 13.00 24.39
N ALA D 21 -7.72 12.83 23.40
CA ALA D 21 -6.68 11.78 23.50
C ALA D 21 -5.55 12.29 24.39
N ARG D 22 -5.12 11.45 25.33
CA ARG D 22 -3.97 11.73 26.18
C ARG D 22 -3.04 10.51 26.20
N PRO D 23 -1.95 10.56 25.44
CA PRO D 23 -0.94 9.49 25.46
C PRO D 23 -0.28 9.18 26.79
N ARG D 24 -0.18 10.16 27.67
CA ARG D 24 0.37 9.94 29.00
C ARG D 24 -0.46 8.99 29.84
N ARG D 25 -1.74 8.82 29.49
CA ARG D 25 -2.58 7.87 30.26
C ARG D 25 -2.03 6.44 30.15
N ASN D 26 -1.51 6.10 28.97
CA ASN D 26 -0.84 4.80 28.78
C ASN D 26 0.58 4.76 29.34
N ARG D 27 1.03 5.83 29.98
CA ARG D 27 2.36 5.87 30.67
C ARG D 27 2.26 6.09 32.17
N LYS D 28 1.03 6.10 32.68
CA LYS D 28 0.68 6.41 34.08
C LYS D 28 1.46 5.72 35.17
N ASN D 29 1.83 4.48 34.96
CA ASN D 29 2.59 3.71 35.97
C ASN D 29 3.13 2.44 35.32
N ARG D 30 3.93 1.68 36.06
CA ARG D 30 4.62 0.50 35.53
C ARG D 30 3.59 -0.54 35.11
N ALA D 31 2.55 -0.75 35.89
CA ALA D 31 1.55 -1.76 35.53
C ALA D 31 1.01 -1.48 34.10
N VAL D 32 0.59 -0.23 33.85
CA VAL D 32 0.04 0.17 32.58
C VAL D 32 1.08 0.06 31.48
N ARG D 33 2.27 0.60 31.75
CA ARG D 33 3.33 0.57 30.74
C ARG D 33 3.62 -0.88 30.32
N GLN D 34 3.48 -1.80 31.28
CA GLN D 34 3.78 -3.21 31.05
C GLN D 34 2.72 -3.83 30.17
N LEU D 35 1.47 -3.50 30.43
CA LEU D 35 0.31 -3.94 29.64
C LEU D 35 0.45 -3.61 28.18
N VAL D 36 0.95 -2.42 27.88
CA VAL D 36 1.07 -1.92 26.51
C VAL D 36 2.45 -2.09 25.89
N GLN D 37 3.42 -2.61 26.64
CA GLN D 37 4.80 -2.77 26.16
C GLN D 37 4.85 -3.57 24.88
N GLU D 38 5.38 -2.99 23.84
CA GLU D 38 5.34 -3.62 22.54
C GLU D 38 6.45 -4.62 22.34
N ASN D 39 7.60 -4.40 23.00
CA ASN D 39 8.78 -5.24 22.79
C ASN D 39 9.46 -5.72 24.08
N LEU D 40 10.00 -6.94 24.02
CA LEU D 40 10.70 -7.56 25.13
C LEU D 40 12.09 -8.05 24.68
N VAL D 41 13.04 -8.05 25.60
CA VAL D 41 14.34 -8.66 25.39
C VAL D 41 14.45 -9.89 26.28
N LYS D 42 15.04 -10.97 25.75
CA LYS D 42 15.35 -12.16 26.56
C LYS D 42 16.76 -12.64 26.21
N PRO D 43 17.48 -13.29 27.15
CA PRO D 43 18.81 -13.84 26.88
C PRO D 43 18.94 -14.70 25.64
N SER D 44 17.96 -15.54 25.36
CA SER D 44 18.05 -16.44 24.20
C SER D 44 17.89 -15.74 22.87
N SER D 45 17.73 -14.42 22.91
CA SER D 45 17.71 -13.59 21.69
C SER D 45 19.07 -12.97 21.46
N LEU D 46 20.00 -13.17 22.38
CA LEU D 46 21.32 -12.56 22.28
C LEU D 46 22.35 -13.55 21.77
N ILE D 47 23.27 -13.08 20.94
CA ILE D 47 24.37 -13.88 20.44
C ILE D 47 25.68 -13.33 20.98
N TYR D 48 26.52 -14.21 21.49
CA TYR D 48 27.72 -13.80 22.16
C TYR D 48 28.89 -14.22 21.29
N PRO D 49 29.59 -13.23 20.71
CA PRO D 49 30.71 -13.50 19.84
C PRO D 49 32.01 -13.50 20.62
N LEU D 50 32.81 -14.55 20.42
CA LEU D 50 34.03 -14.75 21.16
C LEU D 50 35.26 -14.93 20.26
N PHE D 51 36.43 -14.72 20.85
CA PHE D 51 37.69 -14.88 20.12
C PHE D 51 38.52 -15.98 20.73
N VAL D 52 39.09 -16.79 19.85
CA VAL D 52 39.97 -17.85 20.24
C VAL D 52 41.27 -17.69 19.50
N HIS D 53 42.38 -17.89 20.20
CA HIS D 53 43.67 -18.04 19.57
C HIS D 53 44.32 -19.35 19.98
N ASP D 54 45.33 -19.76 19.22
CA ASP D 54 46.02 -21.01 19.49
C ASP D 54 47.26 -20.83 20.39
N GLU D 55 47.03 -20.30 21.60
CA GLU D 55 48.05 -20.09 22.64
C GLU D 55 47.53 -20.70 23.93
N GLU D 56 48.41 -20.82 24.94
CA GLU D 56 48.10 -21.52 26.21
C GLU D 56 47.37 -20.61 27.20
N THR D 57 47.49 -19.30 27.02
CA THR D 57 47.00 -18.31 27.97
C THR D 57 46.14 -17.27 27.26
N SER D 58 45.08 -16.82 27.93
CA SER D 58 44.20 -15.82 27.34
C SER D 58 44.81 -14.44 27.52
N VAL D 59 44.50 -13.52 26.59
CA VAL D 59 45.14 -12.21 26.48
C VAL D 59 44.08 -11.12 26.22
N PRO D 60 43.98 -10.12 27.13
CA PRO D 60 43.02 -9.03 26.97
C PRO D 60 43.13 -8.32 25.62
N ILE D 61 42.00 -7.90 25.07
CA ILE D 61 41.98 -7.02 23.89
C ILE D 61 41.77 -5.62 24.46
N PRO D 62 42.84 -4.80 24.44
CA PRO D 62 42.81 -3.52 25.14
C PRO D 62 41.76 -2.56 24.62
N SER D 63 41.47 -2.66 23.32
CA SER D 63 40.47 -1.79 22.69
C SER D 63 39.02 -2.32 22.73
N MET D 64 38.82 -3.49 23.32
CA MET D 64 37.49 -4.01 23.62
C MET D 64 37.57 -4.46 25.07
N PRO D 65 37.59 -3.49 26.00
CA PRO D 65 37.83 -3.80 27.40
C PRO D 65 36.83 -4.84 27.95
N GLY D 66 37.38 -5.81 28.68
CA GLY D 66 36.62 -6.93 29.20
C GLY D 66 36.53 -8.14 28.26
N GLN D 67 36.97 -8.00 27.00
CA GLN D 67 36.97 -9.12 26.07
C GLN D 67 38.39 -9.58 25.82
N SER D 68 38.59 -10.86 25.55
CA SER D 68 39.94 -11.40 25.42
C SER D 68 40.12 -12.33 24.25
N ARG D 69 41.36 -12.49 23.82
CA ARG D 69 41.70 -13.59 22.95
C ARG D 69 41.77 -14.81 23.85
N LEU D 70 40.75 -15.64 23.81
CA LEU D 70 40.65 -16.72 24.75
C LEU D 70 41.42 -17.98 24.33
N SER D 71 42.08 -18.61 25.29
CA SER D 71 42.65 -19.95 25.07
C SER D 71 41.50 -20.93 24.91
N MET D 72 41.76 -22.07 24.29
CA MET D 72 40.76 -23.10 24.12
C MET D 72 40.12 -23.44 25.47
N GLU D 73 40.97 -23.73 26.45
CA GLU D 73 40.56 -23.95 27.83
C GLU D 73 39.60 -22.88 28.32
N ASP D 74 40.01 -21.63 28.19
CA ASP D 74 39.22 -20.51 28.69
C ASP D 74 38.01 -20.23 27.82
N LEU D 75 38.06 -20.67 26.57
CA LEU D 75 36.92 -20.56 25.67
C LEU D 75 35.79 -21.44 26.14
N LEU D 76 36.13 -22.68 26.54
CA LEU D 76 35.13 -23.60 27.11
C LEU D 76 34.57 -23.10 28.44
N LYS D 77 35.38 -22.44 29.28
CA LYS D 77 34.86 -21.91 30.55
C LYS D 77 33.89 -20.73 30.31
N GLU D 78 34.17 -19.93 29.27
CA GLU D 78 33.36 -18.75 28.94
C GLU D 78 31.97 -19.09 28.34
N VAL D 79 31.94 -20.09 27.45
CA VAL D 79 30.70 -20.58 26.88
C VAL D 79 29.85 -21.23 27.98
N GLY D 80 30.49 -21.90 28.93
CA GLY D 80 29.77 -22.50 30.06
C GLY D 80 29.14 -21.48 30.99
N GLU D 81 29.87 -20.41 31.26
CA GLU D 81 29.38 -19.37 32.11
C GLU D 81 28.23 -18.63 31.43
N ALA D 82 28.33 -18.43 30.11
CA ALA D 82 27.28 -17.77 29.35
C ALA D 82 26.06 -18.69 29.16
N ARG D 83 26.28 -19.99 28.96
CA ARG D 83 25.16 -20.92 28.87
C ARG D 83 24.44 -20.95 30.20
N SER D 84 25.17 -20.75 31.29
CA SER D 84 24.57 -20.67 32.60
C SER D 84 23.69 -19.43 32.81
N TYR D 85 23.82 -18.40 31.98
CA TYR D 85 22.88 -17.26 32.10
C TYR D 85 21.72 -17.26 31.07
N GLY D 86 21.67 -18.28 30.23
CA GLY D 86 20.62 -18.39 29.23
C GLY D 86 21.04 -18.11 27.79
N ILE D 87 22.29 -17.73 27.55
CA ILE D 87 22.79 -17.58 26.19
C ILE D 87 22.92 -18.94 25.58
N LYS D 88 22.39 -19.11 24.40
CA LYS D 88 22.49 -20.36 23.72
C LYS D 88 23.24 -20.25 22.39
N ALA D 89 23.33 -19.05 21.82
CA ALA D 89 24.05 -18.85 20.54
C ALA D 89 25.38 -18.13 20.73
N PHE D 90 26.43 -18.70 20.13
CA PHE D 90 27.79 -18.17 20.19
C PHE D 90 28.38 -18.00 18.79
N MET D 91 29.12 -16.93 18.60
CA MET D 91 29.82 -16.71 17.35
C MET D 91 31.30 -16.92 17.67
N LEU D 92 32.01 -17.55 16.73
CA LEU D 92 33.40 -17.90 16.94
C LEU D 92 34.29 -17.29 15.90
N PHE D 93 35.27 -16.52 16.34
CA PHE D 93 36.23 -15.90 15.44
C PHE D 93 37.59 -16.33 15.88
N PRO D 94 38.46 -16.70 14.93
CA PRO D 94 39.81 -17.10 15.29
C PRO D 94 40.86 -16.02 15.02
N LYS D 95 41.73 -15.72 16.00
CA LYS D 95 43.00 -15.02 15.71
C LYS D 95 43.99 -16.06 15.21
N VAL D 96 44.46 -15.91 13.98
CA VAL D 96 45.31 -16.91 13.34
C VAL D 96 46.80 -16.57 13.51
N ASP D 97 47.62 -17.59 13.72
CA ASP D 97 49.06 -17.36 13.77
C ASP D 97 49.44 -16.69 12.45
N ASP D 98 50.18 -15.59 12.51
CA ASP D 98 50.54 -14.80 11.31
C ASP D 98 51.36 -15.59 10.26
N GLU D 99 51.98 -16.71 10.66
CA GLU D 99 52.70 -17.61 9.75
C GLU D 99 51.80 -18.37 8.75
N LEU D 100 50.50 -18.47 9.05
CA LEU D 100 49.58 -19.28 8.23
C LEU D 100 48.70 -18.43 7.26
N LYS D 101 48.94 -17.12 7.21
CA LYS D 101 48.10 -16.20 6.43
C LYS D 101 48.65 -16.11 5.02
N SER D 102 47.77 -16.13 4.03
CA SER D 102 48.24 -16.07 2.66
C SER D 102 47.37 -15.13 1.86
N VAL D 103 47.77 -14.91 0.62
CA VAL D 103 46.98 -14.14 -0.33
C VAL D 103 45.72 -14.94 -0.63
N MET D 104 45.88 -16.25 -0.87
CA MET D 104 44.78 -17.18 -1.17
C MET D 104 44.02 -17.67 0.07
N ALA D 105 44.65 -17.51 1.25
CA ALA D 105 44.02 -17.78 2.53
C ALA D 105 43.63 -19.25 2.72
N GLU D 106 44.48 -20.17 2.28
CA GLU D 106 44.16 -21.59 2.30
C GLU D 106 43.90 -22.14 3.70
N GLU D 107 44.52 -21.57 4.72
CA GLU D 107 44.24 -21.98 6.11
C GLU D 107 42.73 -21.95 6.47
N SER D 108 41.96 -21.10 5.80
CA SER D 108 40.51 -21.04 6.02
C SER D 108 39.83 -22.42 5.87
N TYR D 109 40.30 -23.25 4.94
CA TYR D 109 39.69 -24.55 4.70
C TYR D 109 40.49 -25.71 5.26
N ASN D 110 41.37 -25.43 6.20
CA ASN D 110 42.14 -26.48 6.87
C ASN D 110 41.28 -27.18 7.94
N PRO D 111 40.97 -28.49 7.76
CA PRO D 111 40.17 -29.17 8.79
C PRO D 111 40.88 -29.37 10.12
N ASP D 112 42.18 -29.07 10.16
CA ASP D 112 42.96 -29.12 11.39
C ASP D 112 43.30 -27.74 11.95
N GLY D 113 42.66 -26.70 11.42
CA GLY D 113 42.88 -25.33 11.88
C GLY D 113 42.27 -25.03 13.22
N LEU D 114 42.65 -23.90 13.79
CA LEU D 114 42.12 -23.47 15.08
C LEU D 114 40.57 -23.56 15.16
N LEU D 115 39.89 -22.99 14.19
CA LEU D 115 38.45 -22.78 14.29
C LEU D 115 37.72 -24.13 14.29
N PRO D 116 37.98 -24.97 13.28
CA PRO D 116 37.40 -26.29 13.33
C PRO D 116 37.66 -26.99 14.67
N ARG D 117 38.85 -26.80 15.22
CA ARG D 117 39.20 -27.36 16.54
C ARG D 117 38.40 -26.75 17.71
N ALA D 118 38.13 -25.45 17.67
CA ALA D 118 37.23 -24.81 18.64
C ALA D 118 35.84 -25.39 18.54
N ILE D 119 35.36 -25.50 17.30
CA ILE D 119 34.01 -25.99 17.06
C ILE D 119 33.87 -27.40 17.67
N MET D 120 34.64 -28.33 17.17
CA MET D 120 34.58 -29.71 17.66
C MET D 120 34.63 -29.83 19.19
N ALA D 121 35.50 -29.05 19.83
CA ALA D 121 35.71 -29.14 21.29
C ALA D 121 34.58 -28.51 22.08
N LEU D 122 33.90 -27.54 21.48
CA LEU D 122 32.73 -26.93 22.10
C LEU D 122 31.51 -27.83 21.98
N LYS D 123 31.32 -28.45 20.81
CA LYS D 123 30.27 -29.46 20.63
C LYS D 123 30.47 -30.66 21.55
N GLU D 124 31.70 -31.15 21.65
CA GLU D 124 32.01 -32.23 22.60
C GLU D 124 31.62 -31.80 24.01
N ALA D 125 31.99 -30.57 24.38
CA ALA D 125 31.79 -30.06 25.73
C ALA D 125 30.32 -29.70 26.02
N PHE D 126 29.64 -29.17 25.01
CA PHE D 126 28.23 -28.83 25.13
C PHE D 126 27.58 -29.19 23.80
N PRO D 127 26.89 -30.34 23.71
CA PRO D 127 26.24 -30.64 22.42
C PRO D 127 25.05 -29.73 22.10
N ASP D 128 24.34 -29.27 23.13
CA ASP D 128 23.16 -28.41 22.96
C ASP D 128 23.48 -26.93 22.58
N VAL D 129 24.76 -26.59 22.43
CA VAL D 129 25.15 -25.20 22.14
C VAL D 129 24.96 -24.93 20.67
N LEU D 130 24.52 -23.73 20.35
CA LEU D 130 24.39 -23.28 18.98
C LEU D 130 25.63 -22.50 18.58
N LEU D 131 26.43 -23.01 17.64
CA LEU D 131 27.65 -22.36 17.21
C LEU D 131 27.49 -21.76 15.83
N LEU D 132 27.83 -20.47 15.73
CA LEU D 132 27.86 -19.71 14.50
C LEU D 132 29.32 -19.45 14.16
N ALA D 133 29.73 -19.73 12.93
CA ALA D 133 31.12 -19.57 12.50
C ALA D 133 31.15 -18.58 11.35
N ASP D 134 32.18 -17.75 11.32
CA ASP D 134 32.30 -16.75 10.28
C ASP D 134 32.80 -17.40 9.01
N VAL D 135 32.31 -16.91 7.88
CA VAL D 135 32.87 -17.31 6.60
C VAL D 135 33.30 -16.05 5.85
N ALA D 136 34.59 -15.98 5.57
CA ALA D 136 35.26 -14.78 5.07
C ALA D 136 36.76 -15.05 5.15
N LEU D 137 37.57 -14.36 4.36
CA LEU D 137 38.97 -14.69 4.28
C LEU D 137 39.88 -13.83 5.14
N ASP D 138 39.32 -12.76 5.73
CA ASP D 138 40.18 -11.74 6.34
C ASP D 138 41.00 -12.15 7.57
N PRO D 139 40.49 -13.07 8.41
CA PRO D 139 41.30 -13.57 9.52
C PRO D 139 42.47 -14.40 9.04
N TYR D 140 42.39 -14.83 7.77
CA TYR D 140 43.41 -15.70 7.17
C TYR D 140 44.20 -14.99 6.07
N SER D 141 43.87 -13.72 5.82
CA SER D 141 44.43 -13.00 4.67
C SER D 141 45.64 -12.21 5.12
N SER D 142 46.73 -12.37 4.37
CA SER D 142 47.92 -11.55 4.58
C SER D 142 47.68 -10.12 4.14
N MET D 143 46.63 -9.88 3.37
CA MET D 143 46.23 -8.52 2.98
C MET D 143 45.18 -7.92 3.93
N GLY D 144 44.58 -8.77 4.76
CA GLY D 144 43.49 -8.35 5.62
C GLY D 144 42.19 -8.04 4.87
N HIS D 145 41.92 -8.77 3.79
CA HIS D 145 40.69 -8.58 3.03
C HIS D 145 39.80 -9.82 3.06
N ASP D 146 38.49 -9.61 2.95
CA ASP D 146 37.53 -10.71 3.09
C ASP D 146 37.59 -11.62 1.87
N GLY D 147 38.28 -11.17 0.83
CA GLY D 147 38.47 -11.97 -0.36
C GLY D 147 39.86 -11.91 -0.98
N VAL D 148 40.09 -12.77 -1.97
CA VAL D 148 41.38 -12.90 -2.64
C VAL D 148 41.68 -11.63 -3.41
N VAL D 149 42.90 -11.11 -3.25
CA VAL D 149 43.28 -9.90 -3.96
C VAL D 149 44.13 -10.30 -5.17
N ASP D 150 43.76 -9.84 -6.37
CA ASP D 150 44.59 -10.02 -7.55
C ASP D 150 45.91 -9.24 -7.38
N GLU D 151 47.04 -9.93 -7.45
CA GLU D 151 48.35 -9.23 -7.38
C GLU D 151 48.46 -8.07 -8.41
N GLN D 152 47.92 -8.24 -9.63
CA GLN D 152 48.03 -7.27 -10.74
C GLN D 152 47.11 -6.03 -10.66
N SER D 153 45.84 -6.22 -10.29
CA SER D 153 44.87 -5.11 -10.25
C SER D 153 44.55 -4.58 -8.84
N GLY D 154 44.81 -5.38 -7.81
CA GLY D 154 44.40 -5.03 -6.44
C GLY D 154 42.89 -5.13 -6.17
N LYS D 155 42.16 -5.66 -7.13
CA LYS D 155 40.74 -5.89 -6.99
C LYS D 155 40.53 -7.16 -6.18
N ILE D 156 39.55 -7.11 -5.28
CA ILE D 156 39.04 -8.30 -4.61
C ILE D 156 38.14 -9.04 -5.60
N VAL D 157 38.65 -10.13 -6.16
CA VAL D 157 38.05 -10.81 -7.29
C VAL D 157 36.95 -11.70 -6.73
N ASN D 158 35.72 -11.42 -7.16
CA ASN D 158 34.49 -11.96 -6.57
C ASN D 158 34.38 -13.47 -6.66
N ASP D 159 34.43 -13.98 -7.88
CA ASP D 159 34.07 -15.36 -8.12
C ASP D 159 35.14 -16.31 -7.56
N LEU D 160 36.42 -16.05 -7.86
CA LEU D 160 37.52 -16.82 -7.25
C LEU D 160 37.43 -16.80 -5.73
N THR D 161 37.07 -15.65 -5.14
CA THR D 161 36.84 -15.60 -3.71
C THR D 161 35.72 -16.52 -3.23
N VAL D 162 34.62 -16.59 -3.98
CA VAL D 162 33.49 -17.45 -3.63
C VAL D 162 33.85 -18.94 -3.66
N HIS D 163 34.70 -19.34 -4.59
CA HIS D 163 35.25 -20.71 -4.63
C HIS D 163 35.89 -21.10 -3.29
N GLN D 164 36.74 -20.20 -2.78
CA GLN D 164 37.38 -20.36 -1.48
C GLN D 164 36.36 -20.42 -0.32
N LEU D 165 35.47 -19.42 -0.24
CA LEU D 165 34.42 -19.38 0.78
C LEU D 165 33.60 -20.69 0.90
N CYS D 166 33.22 -21.26 -0.25
CA CYS D 166 32.58 -22.57 -0.29
C CYS D 166 33.44 -23.64 0.39
N LYS D 167 34.75 -23.63 0.16
CA LYS D 167 35.61 -24.65 0.79
C LYS D 167 35.63 -24.46 2.33
N GLN D 168 35.63 -23.20 2.77
CA GLN D 168 35.71 -22.91 4.19
C GLN D 168 34.44 -23.36 4.88
N ALA D 169 33.30 -23.04 4.28
CA ALA D 169 32.01 -23.34 4.90
C ALA D 169 31.79 -24.84 5.03
N ILE D 170 32.24 -25.58 4.02
CA ILE D 170 32.15 -27.04 4.05
C ILE D 170 32.98 -27.55 5.24
N THR D 171 34.16 -26.99 5.36
CA THR D 171 35.07 -27.34 6.45
C THR D 171 34.44 -27.11 7.82
N LEU D 172 33.92 -25.90 8.05
CA LEU D 172 33.33 -25.53 9.33
C LEU D 172 32.05 -26.29 9.63
N ALA D 173 31.29 -26.55 8.56
CA ALA D 173 30.10 -27.36 8.67
C ALA D 173 30.44 -28.79 9.08
N ARG D 174 31.45 -29.39 8.48
CA ARG D 174 31.83 -30.76 8.90
C ARG D 174 32.29 -30.80 10.35
N ALA D 175 32.98 -29.74 10.77
CA ALA D 175 33.47 -29.61 12.14
C ALA D 175 32.37 -29.55 13.20
N GLY D 176 31.15 -29.19 12.80
CA GLY D 176 29.99 -29.14 13.71
C GLY D 176 29.27 -27.79 13.85
N ALA D 177 29.69 -26.77 13.11
CA ALA D 177 28.99 -25.48 13.10
C ALA D 177 27.54 -25.65 12.68
N ASP D 178 26.64 -25.15 13.49
CA ASP D 178 25.20 -25.21 13.18
C ASP D 178 24.85 -24.20 12.07
N MET D 179 25.59 -23.10 12.04
CA MET D 179 25.32 -21.99 11.18
C MET D 179 26.66 -21.42 10.65
N VAL D 180 26.71 -21.17 9.33
CA VAL D 180 27.85 -20.45 8.74
C VAL D 180 27.34 -19.07 8.41
N CYS D 181 28.21 -18.09 8.64
CA CYS D 181 27.86 -16.69 8.54
C CYS D 181 28.81 -15.96 7.59
N PRO D 182 28.52 -16.04 6.28
CA PRO D 182 29.35 -15.35 5.31
C PRO D 182 29.28 -13.84 5.48
N SER D 183 30.37 -13.29 6.03
CA SER D 183 30.48 -11.84 6.26
C SER D 183 31.20 -11.06 5.15
N ASP D 184 31.40 -11.71 4.01
CA ASP D 184 32.37 -11.30 2.97
C ASP D 184 31.84 -10.25 1.98
N MET D 185 30.52 -10.21 1.84
CA MET D 185 29.89 -9.30 0.92
C MET D 185 30.37 -9.43 -0.53
N MET D 186 30.80 -10.63 -0.94
CA MET D 186 30.94 -10.95 -2.36
C MET D 186 29.54 -11.14 -2.92
N ASP D 187 29.39 -10.93 -4.23
CA ASP D 187 28.11 -11.12 -4.89
C ASP D 187 27.91 -12.63 -5.11
N GLY D 188 26.71 -13.10 -4.78
CA GLY D 188 26.22 -14.46 -5.11
C GLY D 188 26.64 -15.59 -4.20
N ARG D 189 27.31 -15.28 -3.12
CA ARG D 189 27.99 -16.31 -2.38
C ARG D 189 27.05 -17.11 -1.52
N VAL D 190 25.87 -16.59 -1.22
CA VAL D 190 24.89 -17.34 -0.42
C VAL D 190 24.37 -18.52 -1.21
N SER D 191 23.96 -18.27 -2.44
CA SER D 191 23.60 -19.34 -3.34
C SER D 191 24.72 -20.36 -3.53
N ALA D 192 25.93 -19.87 -3.74
CA ALA D 192 27.04 -20.79 -4.05
C ALA D 192 27.37 -21.69 -2.81
N ILE D 193 27.54 -21.09 -1.64
CA ILE D 193 27.72 -21.84 -0.40
C ILE D 193 26.55 -22.80 -0.10
N ARG D 194 25.31 -22.37 -0.36
CA ARG D 194 24.18 -23.25 -0.14
C ARG D 194 24.26 -24.53 -0.99
N GLU D 195 24.54 -24.39 -2.29
CA GLU D 195 24.56 -25.53 -3.20
C GLU D 195 25.73 -26.44 -2.81
N SER D 196 26.88 -25.84 -2.52
CA SER D 196 28.03 -26.59 -2.03
C SER D 196 27.71 -27.40 -0.79
N LEU D 197 27.22 -26.73 0.24
CA LEU D 197 26.87 -27.42 1.48
C LEU D 197 25.91 -28.58 1.16
N ASP D 198 24.91 -28.31 0.33
CA ASP D 198 23.89 -29.30 0.00
C ASP D 198 24.51 -30.54 -0.66
N MET D 199 25.34 -30.33 -1.67
CA MET D 199 25.96 -31.46 -2.40
C MET D 199 26.79 -32.32 -1.47
N GLU D 200 27.36 -31.73 -0.42
CA GLU D 200 28.10 -32.51 0.59
C GLU D 200 27.22 -33.19 1.64
N GLY D 201 25.90 -33.08 1.49
CA GLY D 201 24.99 -33.58 2.49
C GLY D 201 24.92 -32.74 3.75
N CYS D 202 25.33 -31.47 3.67
CA CYS D 202 25.21 -30.57 4.83
C CYS D 202 23.95 -29.71 4.63
N THR D 203 22.81 -30.37 4.41
CA THR D 203 21.55 -29.65 4.15
C THR D 203 21.03 -29.00 5.41
N ASP D 204 21.51 -29.49 6.54
CA ASP D 204 21.06 -29.08 7.86
C ASP D 204 21.77 -27.82 8.36
N THR D 205 22.88 -27.47 7.72
CA THR D 205 23.67 -26.34 8.18
C THR D 205 23.07 -25.06 7.66
N SER D 206 22.97 -24.08 8.53
CA SER D 206 22.27 -22.87 8.24
C SER D 206 23.25 -21.85 7.75
N ILE D 207 22.71 -20.83 7.06
CA ILE D 207 23.45 -19.69 6.57
C ILE D 207 22.76 -18.41 7.08
N LEU D 208 23.48 -17.69 7.93
CA LEU D 208 23.08 -16.36 8.33
C LEU D 208 23.82 -15.43 7.39
N ALA D 209 23.13 -14.86 6.41
CA ALA D 209 23.76 -13.99 5.38
C ALA D 209 23.99 -12.57 5.88
N TYR D 210 25.21 -12.07 5.78
CA TYR D 210 25.47 -10.68 6.06
C TYR D 210 25.03 -9.94 4.82
N SER D 211 23.73 -9.66 4.75
CA SER D 211 23.16 -9.03 3.57
C SER D 211 23.57 -7.59 3.40
N CYS D 212 23.30 -6.80 4.44
CA CYS D 212 23.51 -5.38 4.49
C CYS D 212 24.61 -5.12 5.53
N LYS D 213 25.85 -5.31 5.11
CA LYS D 213 27.00 -5.01 5.92
C LYS D 213 27.68 -3.83 5.27
N TYR D 214 27.88 -2.77 6.06
CA TYR D 214 28.33 -1.47 5.55
C TYR D 214 29.84 -1.29 5.75
N ALA D 215 30.44 -0.43 4.93
CA ALA D 215 31.89 -0.18 4.99
C ALA D 215 32.15 0.80 6.13
N SER D 216 32.20 0.29 7.34
CA SER D 216 32.10 1.12 8.51
C SER D 216 33.41 1.34 9.20
N SER D 217 33.48 2.41 9.97
CA SER D 217 34.65 2.71 10.70
C SER D 217 34.40 2.34 12.15
N PHE D 218 33.38 1.52 12.39
CA PHE D 218 33.11 1.01 13.72
C PHE D 218 33.71 -0.39 13.96
N TYR D 219 34.39 -0.95 12.96
CA TYR D 219 35.01 -2.27 13.08
C TYR D 219 36.41 -2.26 13.69
N GLY D 220 36.91 -1.09 14.07
CA GLY D 220 38.33 -1.00 14.44
C GLY D 220 38.78 -2.02 15.49
N PRO D 221 38.13 -2.04 16.66
CA PRO D 221 38.57 -2.96 17.73
C PRO D 221 38.50 -4.48 17.40
N PHE D 222 37.54 -4.91 16.58
CA PHE D 222 37.53 -6.31 16.16
C PHE D 222 38.82 -6.59 15.40
N ARG D 223 39.16 -5.70 14.49
CA ARG D 223 40.38 -5.85 13.70
C ARG D 223 41.65 -5.84 14.58
N ASP D 224 41.59 -5.16 15.71
CA ASP D 224 42.63 -5.31 16.73
C ASP D 224 42.64 -6.75 17.30
N ALA D 225 41.47 -7.22 17.73
CA ALA D 225 41.31 -8.56 18.29
C ALA D 225 41.95 -9.64 17.43
N LEU D 226 41.72 -9.59 16.12
CA LEU D 226 42.27 -10.57 15.17
C LEU D 226 43.59 -10.19 14.50
N ASP D 227 44.04 -8.94 14.68
CA ASP D 227 45.21 -8.40 13.96
C ASP D 227 45.01 -8.50 12.45
N SER D 228 43.83 -8.06 12.01
CA SER D 228 43.37 -8.28 10.63
C SER D 228 43.22 -6.99 9.82
N HIS D 229 43.81 -5.89 10.27
CA HIS D 229 43.63 -4.60 9.57
C HIS D 229 44.11 -4.67 8.12
N MET D 230 43.41 -3.94 7.23
CA MET D 230 43.81 -3.85 5.82
C MET D 230 45.21 -3.23 5.67
N VAL D 231 46.01 -3.82 4.79
CA VAL D 231 47.35 -3.33 4.51
C VAL D 231 47.39 -2.11 3.57
N GLY D 232 48.52 -1.38 3.61
CA GLY D 232 48.87 -0.35 2.62
C GLY D 232 47.85 0.75 2.31
N GLY D 233 47.05 1.14 3.30
CA GLY D 233 46.05 2.22 3.13
C GLY D 233 44.82 1.86 2.28
N THR D 234 44.57 0.57 2.06
CA THR D 234 43.39 0.15 1.26
C THR D 234 42.13 0.15 2.14
N ASP D 235 40.97 0.02 1.51
CA ASP D 235 39.69 -0.06 2.22
C ASP D 235 38.80 -1.16 1.62
N LYS D 236 37.61 -1.35 2.19
CA LYS D 236 36.69 -2.40 1.75
C LYS D 236 35.48 -1.84 1.02
N LYS D 237 35.62 -0.64 0.51
CA LYS D 237 34.52 0.07 -0.08
C LYS D 237 34.05 -0.49 -1.43
N THR D 238 34.86 -1.31 -2.09
CA THR D 238 34.45 -2.04 -3.29
C THR D 238 33.62 -3.32 -3.00
N TYR D 239 33.42 -3.66 -1.73
CA TYR D 239 32.48 -4.75 -1.45
C TYR D 239 31.49 -4.44 -0.32
N GLN D 240 31.97 -3.91 0.78
CA GLN D 240 31.08 -3.45 1.84
C GLN D 240 30.34 -2.20 1.34
N MET D 241 29.14 -1.98 1.87
CA MET D 241 28.22 -0.99 1.36
C MET D 241 28.54 0.40 1.87
N ASP D 242 28.17 1.38 1.05
CA ASP D 242 28.30 2.79 1.36
C ASP D 242 27.26 3.14 2.39
N PRO D 243 27.68 3.70 3.54
CA PRO D 243 26.75 4.13 4.56
C PRO D 243 25.76 5.19 4.09
N SER D 244 25.97 5.76 2.91
CA SER D 244 25.06 6.76 2.39
C SER D 244 23.76 6.17 1.86
N ASN D 245 23.65 4.85 1.77
CA ASN D 245 22.63 4.16 0.96
C ASN D 245 21.71 3.24 1.73
N SER D 246 20.39 3.35 1.49
CA SER D 246 19.41 2.43 2.08
C SER D 246 18.70 1.62 1.03
N ARG D 247 18.29 2.22 -0.07
CA ARG D 247 17.65 1.49 -1.17
C ARG D 247 18.48 0.25 -1.62
N GLU D 248 19.78 0.41 -1.62
CA GLU D 248 20.66 -0.66 -2.02
C GLU D 248 20.48 -1.84 -1.09
N ALA D 249 20.19 -1.57 0.17
CA ALA D 249 19.98 -2.63 1.15
C ALA D 249 18.84 -3.57 0.77
N GLU D 250 17.78 -3.01 0.22
CA GLU D 250 16.61 -3.82 -0.14
C GLU D 250 17.01 -4.83 -1.20
N ARG D 251 17.92 -4.38 -2.06
CA ARG D 251 18.36 -5.12 -3.22
C ARG D 251 19.23 -6.30 -2.80
N GLU D 252 20.05 -6.12 -1.79
CA GLU D 252 20.87 -7.20 -1.23
C GLU D 252 19.99 -8.19 -0.47
N ALA D 253 19.11 -7.67 0.38
CA ALA D 253 18.17 -8.50 1.16
C ALA D 253 17.32 -9.36 0.24
N GLU D 254 16.84 -8.79 -0.85
CA GLU D 254 15.97 -9.58 -1.75
C GLU D 254 16.79 -10.73 -2.35
N ALA D 255 18.04 -10.46 -2.70
CA ALA D 255 18.84 -11.46 -3.41
C ALA D 255 19.18 -12.62 -2.49
N ASP D 256 19.55 -12.30 -1.25
CA ASP D 256 19.96 -13.34 -0.27
C ASP D 256 18.79 -14.20 0.18
N ALA D 257 17.61 -13.62 0.31
CA ALA D 257 16.40 -14.40 0.58
C ALA D 257 16.23 -15.42 -0.52
N SER D 258 16.34 -14.98 -1.76
CA SER D 258 16.02 -15.81 -2.89
C SER D 258 17.11 -16.83 -3.18
N GLU D 259 18.29 -16.67 -2.57
CA GLU D 259 19.38 -17.63 -2.71
C GLU D 259 19.41 -18.68 -1.63
N GLY D 260 18.50 -18.58 -0.67
CA GLY D 260 18.31 -19.64 0.36
C GLY D 260 18.70 -19.31 1.80
N ALA D 261 19.14 -18.09 2.03
CA ALA D 261 19.51 -17.68 3.37
C ALA D 261 18.42 -18.05 4.35
N ASP D 262 18.85 -18.48 5.55
CA ASP D 262 17.94 -18.72 6.67
C ASP D 262 17.64 -17.49 7.48
N MET D 263 18.64 -16.67 7.70
CA MET D 263 18.49 -15.41 8.43
C MET D 263 19.27 -14.30 7.75
N LEU D 264 18.90 -13.06 8.02
CA LEU D 264 19.59 -11.93 7.43
C LEU D 264 20.16 -10.99 8.48
N MET D 265 21.38 -10.55 8.25
CA MET D 265 22.08 -9.74 9.23
C MET D 265 22.28 -8.34 8.70
N VAL D 266 22.01 -7.36 9.56
CA VAL D 266 22.39 -5.98 9.34
C VAL D 266 23.55 -5.65 10.28
N LYS D 267 24.56 -4.97 9.73
CA LYS D 267 25.76 -4.68 10.45
C LYS D 267 26.42 -3.47 9.85
N PRO D 268 26.83 -2.51 10.67
CA PRO D 268 26.72 -2.43 12.12
C PRO D 268 25.32 -2.27 12.68
N GLY D 269 25.27 -1.86 13.94
CA GLY D 269 24.05 -1.96 14.73
C GLY D 269 23.23 -0.71 14.92
N LEU D 270 23.48 0.00 16.01
CA LEU D 270 22.70 1.19 16.30
C LEU D 270 22.65 2.22 15.18
N PRO D 271 23.78 2.51 14.55
CA PRO D 271 23.74 3.53 13.53
C PRO D 271 23.15 3.07 12.22
N TYR D 272 22.52 1.88 12.22
CA TYR D 272 21.87 1.34 11.04
C TYR D 272 20.46 0.84 11.34
N LEU D 273 19.88 1.28 12.45
CA LEU D 273 18.59 0.72 12.86
C LEU D 273 17.50 1.00 11.80
N ASP D 274 17.61 2.11 11.06
CA ASP D 274 16.70 2.40 9.94
C ASP D 274 16.73 1.28 8.88
N VAL D 275 17.93 0.78 8.58
CA VAL D 275 18.06 -0.26 7.56
C VAL D 275 17.46 -1.56 8.07
N LEU D 276 17.74 -1.85 9.32
CA LEU D 276 17.19 -2.99 10.05
C LEU D 276 15.65 -3.03 9.99
N ALA D 277 15.01 -1.93 10.36
CA ALA D 277 13.55 -1.82 10.29
C ALA D 277 12.98 -2.03 8.89
N LYS D 278 13.61 -1.43 7.89
CA LYS D 278 13.09 -1.50 6.53
C LYS D 278 13.18 -2.96 6.10
N ILE D 279 14.32 -3.59 6.35
CA ILE D 279 14.47 -4.96 5.91
C ILE D 279 13.50 -5.86 6.64
N ARG D 280 13.32 -5.62 7.93
CA ARG D 280 12.31 -6.34 8.72
C ARG D 280 10.94 -6.29 8.08
N GLU D 281 10.58 -5.10 7.61
CA GLU D 281 9.27 -4.81 7.06
C GLU D 281 9.03 -5.53 5.76
N LYS D 282 10.06 -5.66 4.94
CA LYS D 282 9.93 -6.30 3.63
C LYS D 282 10.17 -7.80 3.65
N SER D 283 11.12 -8.25 4.48
CA SER D 283 11.58 -9.64 4.47
C SER D 283 10.69 -10.57 5.26
N LYS D 284 10.68 -11.83 4.85
CA LYS D 284 10.03 -12.88 5.62
C LYS D 284 11.04 -13.80 6.29
N LEU D 285 12.29 -13.37 6.39
CA LEU D 285 13.27 -14.12 7.12
C LEU D 285 13.55 -13.46 8.45
N PRO D 286 13.95 -14.25 9.46
CA PRO D 286 14.42 -13.67 10.71
C PRO D 286 15.59 -12.74 10.49
N MET D 287 15.60 -11.65 11.25
CA MET D 287 16.61 -10.58 11.17
C MET D 287 17.54 -10.63 12.37
N VAL D 288 18.81 -10.43 12.12
CA VAL D 288 19.82 -10.38 13.19
C VAL D 288 20.57 -9.07 13.04
N ALA D 289 20.84 -8.39 14.13
CA ALA D 289 21.65 -7.16 14.09
C ALA D 289 22.96 -7.43 14.79
N TYR D 290 24.01 -6.73 14.39
CA TYR D 290 25.29 -6.89 15.06
C TYR D 290 25.68 -5.60 15.77
N HIS D 291 25.76 -5.63 17.09
CA HIS D 291 26.29 -4.54 17.90
C HIS D 291 27.81 -4.67 17.85
N VAL D 292 28.47 -3.94 16.97
CA VAL D 292 29.86 -4.28 16.65
C VAL D 292 30.79 -3.67 17.65
N SER D 293 32.05 -4.07 17.50
CA SER D 293 33.10 -3.80 18.43
C SER D 293 33.20 -2.33 18.79
N GLY D 294 33.32 -1.50 17.77
CA GLY D 294 33.34 -0.06 17.99
C GLY D 294 32.19 0.42 18.85
N GLU D 295 31.04 -0.19 18.70
CA GLU D 295 29.86 0.24 19.46
C GLU D 295 30.06 -0.15 20.92
N TYR D 296 30.57 -1.35 21.13
CA TYR D 296 30.91 -1.82 22.46
C TYR D 296 31.94 -0.93 23.15
N ALA D 297 33.02 -0.63 22.43
CA ALA D 297 34.08 0.21 22.98
C ALA D 297 33.53 1.56 23.46
N MET D 298 32.64 2.16 22.70
CA MET D 298 32.02 3.44 23.07
C MET D 298 31.22 3.37 24.38
N LEU D 299 30.49 2.28 24.56
CA LEU D 299 29.75 2.07 25.80
C LEU D 299 30.74 1.90 26.94
N LYS D 300 31.67 0.97 26.79
CA LYS D 300 32.68 0.76 27.84
C LYS D 300 33.43 2.04 28.18
N ALA D 301 33.85 2.79 27.18
CA ALA D 301 34.71 3.95 27.44
C ALA D 301 33.98 4.95 28.34
N ALA D 302 32.73 5.22 28.01
CA ALA D 302 31.97 6.27 28.64
C ALA D 302 31.63 5.80 30.02
N ALA D 303 31.38 4.50 30.14
CA ALA D 303 31.08 3.89 31.42
C ALA D 303 32.29 3.97 32.38
N GLU D 304 33.47 3.53 31.91
CA GLU D 304 34.71 3.64 32.71
C GLU D 304 34.92 5.08 33.21
N LYS D 305 34.57 6.06 32.39
CA LYS D 305 34.86 7.44 32.78
C LYS D 305 33.73 8.01 33.64
N GLY D 306 32.67 7.25 33.85
CA GLY D 306 31.56 7.69 34.67
C GLY D 306 30.63 8.68 34.01
N TYR D 307 30.64 8.74 32.68
CA TYR D 307 29.75 9.63 31.95
C TYR D 307 28.33 9.10 31.83
N ILE D 308 28.19 7.77 31.77
CA ILE D 308 26.88 7.13 31.64
C ILE D 308 26.83 5.92 32.54
N SER D 309 25.64 5.47 32.90
CA SER D 309 25.47 4.24 33.66
C SER D 309 25.51 3.04 32.71
N GLU D 310 26.43 2.12 32.89
CA GLU D 310 26.65 1.04 31.93
C GLU D 310 25.42 0.16 31.78
N LYS D 311 24.83 -0.18 32.91
CA LYS D 311 23.74 -1.14 32.95
C LYS D 311 22.51 -0.53 32.25
N ASP D 312 22.13 0.70 32.58
CA ASP D 312 20.91 1.30 32.02
C ASP D 312 21.06 1.47 30.53
N THR D 313 22.20 2.03 30.11
CA THR D 313 22.42 2.23 28.69
C THR D 313 22.43 0.89 27.90
N VAL D 314 23.17 -0.11 28.33
CA VAL D 314 23.24 -1.36 27.59
C VAL D 314 21.85 -1.89 27.42
N LEU D 315 21.10 -1.95 28.50
CA LEU D 315 19.79 -2.58 28.43
C LEU D 315 18.87 -1.80 27.51
N GLU D 316 19.02 -0.49 27.48
CA GLU D 316 18.24 0.33 26.59
C GLU D 316 18.61 -0.01 25.16
N VAL D 317 19.90 -0.11 24.87
CA VAL D 317 20.36 -0.40 23.51
C VAL D 317 19.75 -1.68 23.00
N LEU D 318 19.78 -2.73 23.81
CA LEU D 318 19.29 -4.03 23.37
C LEU D 318 17.78 -4.03 23.11
N LYS D 319 17.04 -3.27 23.92
CA LYS D 319 15.61 -3.09 23.72
C LYS D 319 15.38 -2.38 22.39
N SER D 320 16.20 -1.38 22.10
CA SER D 320 16.09 -0.66 20.80
C SER D 320 16.30 -1.59 19.62
N PHE D 321 17.34 -2.40 19.70
CA PHE D 321 17.60 -3.34 18.64
C PHE D 321 16.32 -4.13 18.35
N ARG D 322 15.70 -4.58 19.40
CA ARG D 322 14.52 -5.43 19.30
C ARG D 322 13.29 -4.69 18.79
N ARG D 323 13.12 -3.43 19.22
CA ARG D 323 12.05 -2.59 18.69
C ARG D 323 12.29 -2.30 17.21
N ALA D 324 13.55 -2.12 16.83
CA ALA D 324 13.87 -1.80 15.45
C ALA D 324 13.60 -3.01 14.58
N GLY D 325 13.57 -4.20 15.15
CA GLY D 325 13.21 -5.41 14.41
C GLY D 325 14.24 -6.52 14.41
N ALA D 326 15.20 -6.48 15.33
CA ALA D 326 16.16 -7.56 15.48
C ALA D 326 15.45 -8.70 16.17
N ASP D 327 15.41 -9.89 15.55
CA ASP D 327 14.97 -11.08 16.28
C ASP D 327 16.05 -11.51 17.25
N ALA D 328 17.31 -11.38 16.81
CA ALA D 328 18.48 -11.68 17.63
C ALA D 328 19.52 -10.59 17.47
N VAL D 329 20.33 -10.41 18.50
CA VAL D 329 21.36 -9.38 18.50
C VAL D 329 22.71 -9.95 18.87
N ALA D 330 23.69 -9.79 17.99
CA ALA D 330 25.05 -10.18 18.32
C ALA D 330 25.67 -8.99 19.01
N THR D 331 26.14 -9.23 20.22
CA THR D 331 26.69 -8.16 21.05
C THR D 331 27.68 -8.78 22.00
N TYR D 332 28.73 -8.04 22.29
CA TYR D 332 29.76 -8.49 23.20
C TYR D 332 29.31 -8.33 24.65
N TYR D 333 28.22 -7.57 24.83
CA TYR D 333 27.53 -7.49 26.13
C TYR D 333 26.55 -8.65 26.42
N ALA D 334 26.50 -9.66 25.56
CA ALA D 334 25.51 -10.74 25.72
C ALA D 334 25.55 -11.42 27.11
N LYS D 335 26.75 -11.80 27.58
CA LYS D 335 26.86 -12.46 28.89
C LYS D 335 26.50 -11.49 30.02
N GLU D 336 27.03 -10.28 29.95
CA GLU D 336 26.87 -9.29 30.99
C GLU D 336 25.38 -8.92 31.08
N ALA D 337 24.74 -8.71 29.92
CA ALA D 337 23.31 -8.43 29.88
C ALA D 337 22.46 -9.56 30.43
N ALA D 338 22.76 -10.79 30.04
CA ALA D 338 22.04 -11.98 30.56
C ALA D 338 22.22 -12.13 32.09
N LYS D 339 23.45 -11.96 32.56
CA LYS D 339 23.75 -11.93 33.97
C LYS D 339 22.94 -10.87 34.71
N TRP D 340 22.74 -9.72 34.11
CA TRP D 340 21.94 -8.68 34.79
C TRP D 340 20.45 -9.02 34.97
N MET D 341 19.88 -9.69 33.99
CA MET D 341 18.49 -10.12 34.00
C MET D 341 18.31 -11.24 35.01
N VAL D 342 19.24 -12.19 35.01
CA VAL D 342 19.16 -13.32 35.91
C VAL D 342 19.20 -12.85 37.36
N GLU D 343 20.14 -11.96 37.65
CA GLU D 343 20.28 -11.40 38.97
C GLU D 343 19.06 -10.63 39.42
N ASP D 344 18.43 -9.88 38.53
CA ASP D 344 17.20 -9.17 38.88
C ASP D 344 16.05 -10.15 39.06
N MET D 345 16.01 -11.15 38.20
CA MET D 345 14.98 -12.17 38.30
C MET D 345 15.09 -12.96 39.60
N LYS D 346 16.29 -13.38 39.95
CA LYS D 346 16.51 -14.15 41.16
C LYS D 346 16.45 -13.26 42.41
N GLY D 347 16.41 -11.95 42.19
CA GLY D 347 16.52 -11.01 43.28
C GLY D 347 15.21 -10.39 43.64
N THR D 348 15.07 -9.13 43.28
CA THR D 348 14.04 -8.25 43.80
C THR D 348 13.13 -7.84 42.65
N GLN D 349 13.49 -8.30 41.45
CA GLN D 349 12.63 -8.21 40.25
C GLN D 349 12.17 -6.77 39.89
N LYS D 350 13.10 -5.82 40.03
CA LYS D 350 12.86 -4.42 39.72
C LYS D 350 12.44 -4.21 38.25
N PHE D 351 12.98 -4.98 37.30
CA PHE D 351 12.70 -4.77 35.88
C PHE D 351 12.50 -6.00 34.98
N THR D 352 12.57 -7.22 35.51
CA THR D 352 12.33 -8.44 34.77
C THR D 352 11.11 -9.20 35.28
N GLU D 353 10.65 -10.11 34.46
CA GLU D 353 9.63 -11.06 34.84
C GLU D 353 9.73 -12.24 33.88
N PRO D 354 8.99 -13.30 34.13
CA PRO D 354 9.15 -14.47 33.26
C PRO D 354 8.40 -14.32 31.95
N CYS D 355 8.86 -15.08 30.95
CA CYS D 355 8.19 -15.15 29.67
C CYS D 355 8.35 -16.52 29.01
N TYR D 356 7.60 -16.73 27.92
CA TYR D 356 7.66 -17.96 27.13
C TYR D 356 7.17 -17.71 25.70
N GLY E 5 -30.55 24.77 13.42
CA GLY E 5 -30.21 23.77 12.36
C GLY E 5 -28.95 24.07 11.55
N PRO E 6 -28.65 23.25 10.52
CA PRO E 6 -27.49 23.44 9.66
C PRO E 6 -27.59 24.61 8.67
N LEU E 7 -28.80 24.98 8.26
CA LEU E 7 -28.95 26.10 7.31
C LEU E 7 -28.76 27.46 7.97
N ASP E 8 -27.96 28.31 7.31
CA ASP E 8 -27.79 29.70 7.70
C ASP E 8 -28.44 30.53 6.62
N ASN E 9 -28.29 31.86 6.73
CA ASN E 9 -28.59 32.75 5.63
C ASN E 9 -27.32 33.48 5.20
N ASN E 10 -27.24 33.86 3.94
CA ASN E 10 -26.06 34.60 3.45
C ASN E 10 -26.24 36.12 3.65
N ASN E 11 -25.30 36.93 3.16
CA ASN E 11 -25.37 38.39 3.36
C ASN E 11 -26.68 39.05 2.86
N TYR E 12 -27.42 38.36 1.99
CA TYR E 12 -28.61 38.92 1.32
C TYR E 12 -29.93 38.29 1.78
N GLY E 13 -29.87 37.45 2.82
CA GLY E 13 -31.09 36.82 3.37
C GLY E 13 -31.47 35.49 2.74
N GLU E 14 -30.68 35.02 1.76
CA GLU E 14 -30.94 33.78 1.04
C GLU E 14 -30.47 32.56 1.83
N VAL E 15 -31.20 31.45 1.70
CA VAL E 15 -30.83 30.20 2.36
C VAL E 15 -29.42 29.81 1.89
N TRP E 16 -28.63 29.29 2.82
CA TRP E 16 -27.20 29.03 2.60
C TRP E 16 -26.75 27.85 3.48
N LEU E 17 -26.34 26.75 2.86
CA LEU E 17 -25.70 25.64 3.55
C LEU E 17 -24.18 25.92 3.55
N PRO E 18 -23.59 26.14 4.72
CA PRO E 18 -22.19 26.60 4.76
C PRO E 18 -21.10 25.55 4.49
N ILE E 19 -21.35 24.60 3.59
CA ILE E 19 -20.37 23.59 3.25
C ILE E 19 -19.28 24.25 2.36
N GLN E 20 -18.02 23.92 2.63
CA GLN E 20 -16.90 24.51 1.85
C GLN E 20 -16.75 23.85 0.48
N ALA E 21 -16.55 22.54 0.46
CA ALA E 21 -16.37 21.79 -0.79
C ALA E 21 -17.73 21.51 -1.45
N ARG E 22 -17.87 21.94 -2.71
CA ARG E 22 -19.05 21.70 -3.52
C ARG E 22 -18.68 21.03 -4.83
N PRO E 23 -18.73 19.69 -4.88
CA PRO E 23 -18.42 18.91 -6.13
C PRO E 23 -19.19 19.33 -7.38
N ARG E 24 -20.42 19.83 -7.19
CA ARG E 24 -21.24 20.32 -8.30
C ARG E 24 -20.61 21.47 -9.10
N ARG E 25 -19.71 22.23 -8.48
CA ARG E 25 -19.02 23.29 -9.20
C ARG E 25 -18.30 22.73 -10.40
N ASN E 26 -17.71 21.54 -10.29
CA ASN E 26 -17.00 20.97 -11.44
C ASN E 26 -17.94 20.32 -12.46
N ARG E 27 -19.25 20.46 -12.25
CA ARG E 27 -20.27 20.02 -13.21
C ARG E 27 -21.09 21.18 -13.82
N LYS E 28 -20.75 22.41 -13.39
CA LYS E 28 -21.46 23.68 -13.74
C LYS E 28 -21.92 23.85 -15.17
N ASN E 29 -21.10 23.46 -16.13
CA ASN E 29 -21.42 23.63 -17.55
C ASN E 29 -20.51 22.75 -18.36
N ARG E 30 -20.76 22.59 -19.65
CA ARG E 30 -20.00 21.69 -20.49
C ARG E 30 -18.48 22.03 -20.48
N ALA E 31 -18.13 23.29 -20.62
CA ALA E 31 -16.72 23.68 -20.68
C ALA E 31 -15.93 23.17 -19.45
N VAL E 32 -16.52 23.32 -18.27
CA VAL E 32 -15.88 22.84 -17.05
C VAL E 32 -15.83 21.32 -16.98
N ARG E 33 -16.91 20.67 -17.32
CA ARG E 33 -16.93 19.20 -17.33
C ARG E 33 -15.84 18.64 -18.25
N GLN E 34 -15.63 19.33 -19.36
CA GLN E 34 -14.62 18.97 -20.35
C GLN E 34 -13.24 19.17 -19.79
N LEU E 35 -13.03 20.25 -19.03
CA LEU E 35 -11.70 20.50 -18.43
C LEU E 35 -11.26 19.35 -17.53
N VAL E 36 -12.22 18.77 -16.82
CA VAL E 36 -11.94 17.77 -15.82
C VAL E 36 -12.29 16.37 -16.27
N GLN E 37 -12.79 16.20 -17.49
CA GLN E 37 -13.13 14.88 -18.02
C GLN E 37 -11.93 13.93 -17.95
N GLU E 38 -12.10 12.80 -17.28
CA GLU E 38 -11.00 11.85 -17.01
C GLU E 38 -10.82 10.80 -18.07
N ASN E 39 -11.84 10.52 -18.89
CA ASN E 39 -11.69 9.46 -19.89
C ASN E 39 -12.36 9.86 -21.21
N LEU E 40 -11.75 9.41 -22.31
CA LEU E 40 -12.16 9.72 -23.65
C LEU E 40 -12.22 8.44 -24.47
N VAL E 41 -13.19 8.38 -25.41
CA VAL E 41 -13.36 7.25 -26.34
C VAL E 41 -12.97 7.75 -27.70
N LYS E 42 -12.27 6.93 -28.47
CA LYS E 42 -11.90 7.25 -29.85
C LYS E 42 -12.10 6.04 -30.73
N PRO E 43 -12.27 6.24 -32.04
CA PRO E 43 -12.54 5.09 -32.90
C PRO E 43 -11.45 4.07 -32.95
N SER E 44 -10.22 4.50 -32.86
CA SER E 44 -9.12 3.59 -33.03
C SER E 44 -8.87 2.80 -31.73
N SER E 45 -9.76 2.97 -30.74
CA SER E 45 -9.76 2.18 -29.51
C SER E 45 -10.81 1.05 -29.53
N LEU E 46 -11.50 0.90 -30.67
CA LEU E 46 -12.59 -0.03 -30.79
C LEU E 46 -12.17 -1.16 -31.68
N ILE E 47 -12.50 -2.39 -31.31
CA ILE E 47 -12.27 -3.56 -32.17
C ILE E 47 -13.61 -4.04 -32.73
N TYR E 48 -13.68 -4.27 -34.05
CA TYR E 48 -14.93 -4.67 -34.73
C TYR E 48 -14.89 -6.16 -35.12
N PRO E 49 -15.66 -7.02 -34.43
CA PRO E 49 -15.61 -8.45 -34.75
C PRO E 49 -16.59 -8.81 -35.83
N LEU E 50 -16.18 -9.59 -36.81
CA LEU E 50 -17.06 -9.92 -37.92
C LEU E 50 -17.09 -11.42 -38.15
N PHE E 51 -18.15 -11.86 -38.81
CA PHE E 51 -18.34 -13.24 -39.15
C PHE E 51 -18.31 -13.42 -40.66
N VAL E 52 -17.48 -14.36 -41.08
CA VAL E 52 -17.37 -14.74 -42.49
C VAL E 52 -17.79 -16.19 -42.64
N HIS E 53 -18.45 -16.49 -43.77
CA HIS E 53 -18.74 -17.87 -44.16
C HIS E 53 -18.40 -18.15 -45.63
N ASP E 54 -18.23 -19.42 -45.95
CA ASP E 54 -17.74 -19.80 -47.25
C ASP E 54 -18.93 -19.99 -48.17
N GLU E 55 -19.65 -18.91 -48.42
CA GLU E 55 -20.84 -18.90 -49.27
C GLU E 55 -20.84 -17.65 -50.13
N GLU E 56 -21.73 -17.66 -51.11
CA GLU E 56 -21.78 -16.64 -52.13
C GLU E 56 -22.47 -15.38 -51.63
N THR E 57 -23.38 -15.57 -50.68
CA THR E 57 -24.31 -14.53 -50.23
C THR E 57 -24.29 -14.34 -48.70
N SER E 58 -24.50 -13.11 -48.23
CA SER E 58 -24.57 -12.81 -46.79
C SER E 58 -25.91 -13.24 -46.20
N VAL E 59 -25.90 -13.63 -44.94
CA VAL E 59 -27.12 -14.05 -44.22
C VAL E 59 -27.18 -13.38 -42.85
N PRO E 60 -28.31 -12.74 -42.53
CA PRO E 60 -28.42 -12.14 -41.21
C PRO E 60 -28.25 -13.16 -40.09
N ILE E 61 -27.69 -12.70 -38.97
CA ILE E 61 -27.78 -13.42 -37.71
C ILE E 61 -28.99 -12.87 -36.94
N PRO E 62 -30.12 -13.58 -36.96
CA PRO E 62 -31.33 -12.99 -36.38
C PRO E 62 -31.21 -12.63 -34.90
N SER E 63 -30.41 -13.36 -34.14
CA SER E 63 -30.22 -13.04 -32.73
C SER E 63 -29.12 -11.98 -32.48
N MET E 64 -28.47 -11.49 -33.54
CA MET E 64 -27.57 -10.34 -33.46
C MET E 64 -28.00 -9.30 -34.48
N PRO E 65 -29.13 -8.61 -34.22
CA PRO E 65 -29.79 -7.82 -35.25
C PRO E 65 -28.87 -6.77 -35.85
N GLY E 66 -28.83 -6.72 -37.17
CA GLY E 66 -27.91 -5.84 -37.88
C GLY E 66 -26.53 -6.42 -38.21
N GLN E 67 -26.14 -7.55 -37.60
CA GLN E 67 -24.90 -8.26 -37.95
C GLN E 67 -25.18 -9.45 -38.84
N SER E 68 -24.22 -9.84 -39.67
CA SER E 68 -24.43 -10.98 -40.56
C SER E 68 -23.26 -11.92 -40.64
N ARG E 69 -23.55 -13.14 -41.10
CA ARG E 69 -22.51 -14.02 -41.66
C ARG E 69 -22.20 -13.52 -43.06
N LEU E 70 -21.05 -12.89 -43.22
CA LEU E 70 -20.70 -12.24 -44.48
C LEU E 70 -20.04 -13.20 -45.46
N SER E 71 -20.37 -13.03 -46.73
CA SER E 71 -19.58 -13.62 -47.81
C SER E 71 -18.23 -12.92 -47.86
N MET E 72 -17.27 -13.53 -48.57
CA MET E 72 -15.93 -12.96 -48.64
C MET E 72 -16.00 -11.55 -49.19
N GLU E 73 -16.85 -11.39 -50.18
CA GLU E 73 -17.04 -10.15 -50.86
C GLU E 73 -17.65 -9.11 -49.92
N ASP E 74 -18.68 -9.45 -49.16
CA ASP E 74 -19.26 -8.48 -48.25
C ASP E 74 -18.33 -8.23 -47.06
N LEU E 75 -17.45 -9.19 -46.74
CA LEU E 75 -16.47 -8.96 -45.67
C LEU E 75 -15.56 -7.81 -46.05
N LEU E 76 -15.03 -7.84 -47.28
CA LEU E 76 -14.16 -6.78 -47.77
C LEU E 76 -14.86 -5.45 -47.78
N LYS E 77 -16.12 -5.45 -48.17
CA LYS E 77 -16.87 -4.18 -48.27
C LYS E 77 -17.08 -3.64 -46.84
N GLU E 78 -17.27 -4.55 -45.88
CA GLU E 78 -17.52 -4.15 -44.50
C GLU E 78 -16.25 -3.58 -43.82
N VAL E 79 -15.13 -4.26 -44.01
CA VAL E 79 -13.90 -3.77 -43.46
C VAL E 79 -13.62 -2.37 -44.01
N GLY E 80 -13.78 -2.22 -45.32
CA GLY E 80 -13.53 -0.97 -45.97
C GLY E 80 -14.41 0.13 -45.46
N GLU E 81 -15.67 -0.20 -45.20
CA GLU E 81 -16.60 0.80 -44.65
C GLU E 81 -16.17 1.19 -43.24
N ALA E 82 -15.72 0.21 -42.45
CA ALA E 82 -15.37 0.51 -41.08
C ALA E 82 -14.13 1.38 -41.03
N ARG E 83 -13.15 1.10 -41.89
CA ARG E 83 -11.94 1.96 -41.99
C ARG E 83 -12.26 3.37 -42.36
N SER E 84 -13.28 3.58 -43.19
CA SER E 84 -13.60 4.93 -43.63
C SER E 84 -14.04 5.77 -42.43
N TYR E 85 -14.49 5.09 -41.37
CA TYR E 85 -14.79 5.73 -40.08
C TYR E 85 -13.68 5.77 -39.03
N GLY E 86 -12.56 5.11 -39.28
CA GLY E 86 -11.44 5.16 -38.36
C GLY E 86 -11.27 3.94 -37.47
N ILE E 87 -12.10 2.92 -37.69
CA ILE E 87 -11.81 1.60 -37.16
C ILE E 87 -10.54 1.04 -37.85
N LYS E 88 -9.62 0.49 -37.07
CA LYS E 88 -8.41 -0.08 -37.66
C LYS E 88 -8.17 -1.56 -37.32
N ALA E 89 -8.87 -2.06 -36.29
CA ALA E 89 -8.62 -3.36 -35.70
C ALA E 89 -9.86 -4.22 -35.87
N PHE E 90 -9.68 -5.40 -36.46
CA PHE E 90 -10.81 -6.25 -36.81
C PHE E 90 -10.53 -7.67 -36.33
N MET E 91 -11.60 -8.28 -35.83
CA MET E 91 -11.57 -9.61 -35.30
C MET E 91 -12.38 -10.47 -36.28
N LEU E 92 -11.86 -11.65 -36.63
CA LEU E 92 -12.47 -12.51 -37.62
C LEU E 92 -12.79 -13.87 -37.08
N PHE E 93 -14.07 -14.22 -37.21
CA PHE E 93 -14.58 -15.50 -36.78
C PHE E 93 -15.17 -16.20 -37.99
N PRO E 94 -14.88 -17.52 -38.17
CA PRO E 94 -15.40 -18.28 -39.32
C PRO E 94 -16.58 -19.16 -38.93
N LYS E 95 -17.67 -19.14 -39.72
CA LYS E 95 -18.74 -20.16 -39.55
C LYS E 95 -18.34 -21.26 -40.48
N VAL E 96 -17.83 -22.34 -39.92
CA VAL E 96 -17.26 -23.43 -40.71
C VAL E 96 -18.41 -24.30 -41.25
N ASP E 97 -18.26 -24.81 -42.47
CA ASP E 97 -19.21 -25.78 -43.02
C ASP E 97 -19.25 -26.99 -42.08
N ASP E 98 -20.46 -27.45 -41.72
CA ASP E 98 -20.60 -28.53 -40.73
C ASP E 98 -19.83 -29.81 -41.11
N GLU E 99 -19.69 -30.07 -42.39
CA GLU E 99 -19.06 -31.32 -42.84
C GLU E 99 -17.57 -31.36 -42.50
N LEU E 100 -16.99 -30.18 -42.22
CA LEU E 100 -15.55 -30.07 -41.91
C LEU E 100 -15.24 -30.23 -40.42
N LYS E 101 -16.23 -30.00 -39.56
CA LYS E 101 -16.07 -30.14 -38.10
C LYS E 101 -15.76 -31.58 -37.63
N SER E 102 -14.94 -31.70 -36.59
CA SER E 102 -14.58 -33.00 -36.03
C SER E 102 -14.21 -32.90 -34.54
N VAL E 103 -13.99 -34.05 -33.92
CA VAL E 103 -13.68 -34.11 -32.50
C VAL E 103 -12.30 -33.52 -32.29
N MET E 104 -11.40 -33.74 -33.25
CA MET E 104 -10.01 -33.26 -33.13
C MET E 104 -9.82 -31.82 -33.64
N ALA E 105 -10.75 -31.37 -34.48
CA ALA E 105 -10.78 -30.01 -34.99
C ALA E 105 -9.59 -29.70 -35.93
N GLU E 106 -9.23 -30.67 -36.77
CA GLU E 106 -8.07 -30.51 -37.64
C GLU E 106 -8.27 -29.43 -38.69
N GLU E 107 -9.50 -29.14 -39.08
CA GLU E 107 -9.74 -27.97 -39.96
C GLU E 107 -9.20 -26.64 -39.40
N SER E 108 -8.95 -26.55 -38.08
CA SER E 108 -8.46 -25.29 -37.48
C SER E 108 -7.05 -24.89 -37.97
N TYR E 109 -6.29 -25.86 -38.44
CA TYR E 109 -4.96 -25.57 -38.99
C TYR E 109 -4.81 -25.93 -40.46
N ASN E 110 -5.93 -25.92 -41.19
CA ASN E 110 -5.91 -26.13 -42.63
C ASN E 110 -5.59 -24.80 -43.29
N PRO E 111 -4.44 -24.71 -43.97
CA PRO E 111 -4.04 -23.41 -44.52
C PRO E 111 -4.90 -22.92 -45.67
N ASP E 112 -5.71 -23.81 -46.24
CA ASP E 112 -6.70 -23.41 -47.24
C ASP E 112 -8.11 -23.26 -46.65
N GLY E 113 -8.23 -23.24 -45.33
CA GLY E 113 -9.52 -23.08 -44.68
C GLY E 113 -10.07 -21.69 -44.87
N LEU E 114 -11.33 -21.50 -44.49
CA LEU E 114 -11.98 -20.21 -44.70
C LEU E 114 -11.19 -19.07 -44.06
N LEU E 115 -10.74 -19.24 -42.82
CA LEU E 115 -10.17 -18.10 -42.10
C LEU E 115 -8.86 -17.62 -42.72
N PRO E 116 -7.90 -18.54 -42.93
CA PRO E 116 -6.67 -18.07 -43.58
C PRO E 116 -6.90 -17.36 -44.91
N ARG E 117 -7.78 -17.90 -45.76
CA ARG E 117 -8.14 -17.24 -47.01
C ARG E 117 -8.63 -15.81 -46.77
N ALA E 118 -9.55 -15.66 -45.82
CA ALA E 118 -10.10 -14.34 -45.49
C ALA E 118 -9.05 -13.37 -44.99
N ILE E 119 -8.13 -13.85 -44.16
CA ILE E 119 -7.05 -13.01 -43.68
C ILE E 119 -6.19 -12.66 -44.86
N MET E 120 -5.86 -13.63 -45.69
CA MET E 120 -5.02 -13.33 -46.86
C MET E 120 -5.69 -12.28 -47.76
N ALA E 121 -6.99 -12.42 -47.96
CA ALA E 121 -7.74 -11.52 -48.84
C ALA E 121 -7.93 -10.11 -48.23
N LEU E 122 -8.27 -10.01 -46.94
CA LEU E 122 -8.35 -8.68 -46.31
C LEU E 122 -7.00 -7.94 -46.34
N LYS E 123 -5.92 -8.70 -46.24
CA LYS E 123 -4.57 -8.11 -46.16
C LYS E 123 -4.06 -7.57 -47.54
N GLU E 124 -4.37 -8.32 -48.59
CA GLU E 124 -4.16 -7.91 -49.99
C GLU E 124 -4.89 -6.60 -50.26
N ALA E 125 -6.12 -6.47 -49.72
CA ALA E 125 -6.98 -5.34 -50.04
C ALA E 125 -6.74 -4.16 -49.11
N PHE E 126 -6.38 -4.44 -47.86
CA PHE E 126 -6.12 -3.40 -46.86
C PHE E 126 -4.83 -3.78 -46.08
N PRO E 127 -3.65 -3.47 -46.65
CA PRO E 127 -2.41 -3.98 -46.04
C PRO E 127 -2.07 -3.39 -44.68
N ASP E 128 -2.51 -2.16 -44.45
CA ASP E 128 -2.27 -1.45 -43.19
C ASP E 128 -3.26 -1.83 -42.10
N VAL E 129 -4.20 -2.72 -42.39
CA VAL E 129 -5.23 -2.95 -41.38
C VAL E 129 -4.86 -4.11 -40.46
N LEU E 130 -5.50 -4.11 -39.30
CA LEU E 130 -5.07 -4.93 -38.15
C LEU E 130 -6.03 -6.10 -37.88
N LEU E 131 -5.50 -7.32 -37.94
CA LEU E 131 -6.33 -8.51 -37.93
C LEU E 131 -6.08 -9.41 -36.75
N LEU E 132 -7.15 -9.67 -36.02
CA LEU E 132 -7.10 -10.46 -34.83
C LEU E 132 -7.87 -11.71 -35.14
N ALA E 133 -7.24 -12.86 -35.01
CA ALA E 133 -7.92 -14.13 -35.27
C ALA E 133 -8.01 -14.92 -33.96
N ASP E 134 -9.15 -15.55 -33.75
CA ASP E 134 -9.41 -16.30 -32.54
C ASP E 134 -8.65 -17.61 -32.66
N VAL E 135 -8.06 -18.07 -31.56
CA VAL E 135 -7.45 -19.40 -31.50
C VAL E 135 -8.19 -20.19 -30.44
N ALA E 136 -8.84 -21.25 -30.91
CA ALA E 136 -9.79 -22.02 -30.12
C ALA E 136 -10.47 -22.92 -31.12
N LEU E 137 -10.89 -24.10 -30.67
CA LEU E 137 -11.37 -25.15 -31.58
C LEU E 137 -12.86 -25.17 -31.74
N ASP E 138 -13.60 -24.49 -30.86
CA ASP E 138 -15.07 -24.61 -30.89
C ASP E 138 -15.69 -24.33 -32.26
N PRO E 139 -15.19 -23.33 -33.02
CA PRO E 139 -15.76 -23.14 -34.37
C PRO E 139 -15.53 -24.32 -35.29
N TYR E 140 -14.58 -25.16 -34.92
CA TYR E 140 -14.20 -26.28 -35.74
C TYR E 140 -14.58 -27.61 -35.10
N SER E 141 -15.10 -27.56 -33.87
CA SER E 141 -15.41 -28.78 -33.07
C SER E 141 -16.80 -29.31 -33.34
N SER E 142 -16.97 -30.62 -33.49
CA SER E 142 -18.33 -31.19 -33.64
C SER E 142 -19.08 -31.27 -32.31
N MET E 143 -18.35 -31.08 -31.21
CA MET E 143 -18.93 -31.13 -29.87
C MET E 143 -19.27 -29.74 -29.33
N GLY E 144 -18.84 -28.67 -30.01
CA GLY E 144 -19.06 -27.30 -29.55
C GLY E 144 -18.11 -26.85 -28.45
N HIS E 145 -16.98 -27.53 -28.31
CA HIS E 145 -16.01 -27.20 -27.24
C HIS E 145 -14.71 -26.64 -27.76
N ASP E 146 -14.10 -25.77 -26.95
CA ASP E 146 -12.94 -25.01 -27.39
C ASP E 146 -11.70 -25.88 -27.50
N GLY E 147 -11.74 -27.04 -26.84
CA GLY E 147 -10.68 -28.06 -26.92
C GLY E 147 -11.21 -29.47 -27.15
N VAL E 148 -10.27 -30.40 -27.30
CA VAL E 148 -10.55 -31.80 -27.62
C VAL E 148 -11.23 -32.44 -26.44
N VAL E 149 -12.28 -33.19 -26.72
CA VAL E 149 -13.05 -33.92 -25.74
C VAL E 149 -12.68 -35.39 -25.83
N ASP E 150 -12.37 -35.99 -24.68
CA ASP E 150 -11.94 -37.38 -24.58
C ASP E 150 -13.12 -38.31 -24.74
N GLU E 151 -13.01 -39.25 -25.68
CA GLU E 151 -14.07 -40.21 -25.96
C GLU E 151 -14.60 -40.85 -24.65
N GLN E 152 -13.72 -41.43 -23.85
CA GLN E 152 -14.10 -42.18 -22.63
C GLN E 152 -14.60 -41.30 -21.47
N SER E 153 -13.91 -40.19 -21.17
CA SER E 153 -14.18 -39.39 -19.96
C SER E 153 -15.16 -38.23 -20.13
N GLY E 154 -15.16 -37.63 -21.32
CA GLY E 154 -15.91 -36.42 -21.55
C GLY E 154 -15.20 -35.13 -21.13
N LYS E 155 -13.97 -35.24 -20.60
CA LYS E 155 -13.17 -34.07 -20.24
C LYS E 155 -12.59 -33.33 -21.46
N ILE E 156 -12.47 -32.02 -21.32
CA ILE E 156 -11.73 -31.23 -22.30
C ILE E 156 -10.26 -31.37 -21.91
N VAL E 157 -9.52 -32.19 -22.67
CA VAL E 157 -8.16 -32.58 -22.32
C VAL E 157 -7.23 -31.40 -22.56
N ASN E 158 -6.62 -30.88 -21.48
CA ASN E 158 -5.83 -29.64 -21.54
C ASN E 158 -4.71 -29.71 -22.55
N ASP E 159 -3.75 -30.59 -22.31
CA ASP E 159 -2.49 -30.52 -23.01
C ASP E 159 -2.59 -30.89 -24.51
N LEU E 160 -3.39 -31.89 -24.82
CA LEU E 160 -3.67 -32.28 -26.20
C LEU E 160 -4.32 -31.11 -26.94
N THR E 161 -5.25 -30.43 -26.29
CA THR E 161 -5.83 -29.21 -26.83
C THR E 161 -4.77 -28.11 -27.16
N VAL E 162 -3.69 -28.04 -26.38
CA VAL E 162 -2.71 -26.97 -26.56
C VAL E 162 -1.87 -27.26 -27.80
N HIS E 163 -1.48 -28.52 -27.93
CA HIS E 163 -0.81 -29.03 -29.15
C HIS E 163 -1.52 -28.57 -30.42
N GLN E 164 -2.85 -28.65 -30.42
CA GLN E 164 -3.67 -28.23 -31.57
C GLN E 164 -3.72 -26.72 -31.73
N LEU E 165 -3.97 -26.03 -30.63
CA LEU E 165 -4.08 -24.57 -30.67
C LEU E 165 -2.80 -23.96 -31.27
N CYS E 166 -1.64 -24.53 -30.94
CA CYS E 166 -0.33 -24.13 -31.50
C CYS E 166 -0.31 -24.22 -33.02
N LYS E 167 -0.85 -25.32 -33.55
CA LYS E 167 -0.89 -25.54 -35.00
C LYS E 167 -1.78 -24.51 -35.70
N GLN E 168 -2.93 -24.23 -35.07
CA GLN E 168 -3.87 -23.24 -35.58
C GLN E 168 -3.18 -21.89 -35.56
N ALA E 169 -2.56 -21.56 -34.44
CA ALA E 169 -1.98 -20.23 -34.28
C ALA E 169 -0.92 -19.96 -35.33
N ILE E 170 -0.09 -20.94 -35.63
CA ILE E 170 0.95 -20.78 -36.65
C ILE E 170 0.32 -20.58 -38.03
N THR E 171 -0.68 -21.38 -38.36
CA THR E 171 -1.38 -21.24 -39.63
C THR E 171 -1.94 -19.84 -39.83
N LEU E 172 -2.54 -19.30 -38.77
CA LEU E 172 -3.17 -17.98 -38.83
C LEU E 172 -2.09 -16.95 -38.91
N ALA E 173 -1.05 -17.16 -38.14
CA ALA E 173 0.10 -16.27 -38.17
C ALA E 173 0.61 -16.23 -39.61
N ARG E 174 0.81 -17.39 -40.23
CA ARG E 174 1.40 -17.45 -41.57
C ARG E 174 0.49 -16.82 -42.62
N ALA E 175 -0.82 -17.00 -42.47
CA ALA E 175 -1.77 -16.33 -43.36
C ALA E 175 -1.71 -14.80 -43.27
N GLY E 176 -1.21 -14.27 -42.14
CA GLY E 176 -1.05 -12.82 -41.93
C GLY E 176 -1.76 -12.19 -40.73
N ALA E 177 -2.22 -13.03 -39.82
CA ALA E 177 -2.87 -12.54 -38.63
C ALA E 177 -1.82 -11.75 -37.82
N ASP E 178 -2.14 -10.49 -37.54
CA ASP E 178 -1.33 -9.63 -36.72
C ASP E 178 -1.25 -10.06 -35.29
N MET E 179 -2.33 -10.64 -34.83
CA MET E 179 -2.52 -10.93 -33.47
C MET E 179 -3.38 -12.21 -33.42
N VAL E 180 -2.93 -13.21 -32.65
CA VAL E 180 -3.78 -14.35 -32.40
C VAL E 180 -4.36 -14.21 -31.00
N CYS E 181 -5.58 -14.72 -30.85
CA CYS E 181 -6.39 -14.47 -29.65
C CYS E 181 -6.90 -15.75 -29.03
N PRO E 182 -6.06 -16.47 -28.30
CA PRO E 182 -6.51 -17.71 -27.68
C PRO E 182 -7.63 -17.44 -26.70
N SER E 183 -8.83 -17.86 -27.08
CA SER E 183 -10.04 -17.68 -26.23
C SER E 183 -10.51 -18.98 -25.59
N ASP E 184 -9.58 -19.92 -25.50
CA ASP E 184 -9.84 -21.34 -25.17
C ASP E 184 -9.83 -21.65 -23.67
N MET E 185 -9.15 -20.82 -22.89
CA MET E 185 -8.97 -20.96 -21.43
C MET E 185 -8.29 -22.29 -20.97
N MET E 186 -7.43 -22.85 -21.79
CA MET E 186 -6.70 -24.02 -21.37
C MET E 186 -5.56 -23.55 -20.51
N ASP E 187 -5.09 -24.40 -19.61
CA ASP E 187 -3.94 -24.06 -18.81
C ASP E 187 -2.66 -24.10 -19.65
N GLY E 188 -1.93 -22.98 -19.57
CA GLY E 188 -0.58 -22.87 -20.07
C GLY E 188 -0.44 -22.47 -21.52
N ARG E 189 -1.54 -22.12 -22.19
CA ARG E 189 -1.51 -22.08 -23.65
C ARG E 189 -0.79 -20.85 -24.22
N VAL E 190 -0.74 -19.76 -23.45
CA VAL E 190 -0.07 -18.56 -23.95
C VAL E 190 1.40 -18.83 -24.19
N SER E 191 2.05 -19.39 -23.19
CA SER E 191 3.46 -19.71 -23.32
C SER E 191 3.73 -20.72 -24.43
N ALA E 192 2.91 -21.75 -24.50
CA ALA E 192 3.13 -22.75 -25.54
C ALA E 192 3.00 -22.11 -26.92
N ILE E 193 1.92 -21.37 -27.13
CA ILE E 193 1.68 -20.75 -28.44
C ILE E 193 2.84 -19.80 -28.76
N ARG E 194 3.28 -19.09 -27.74
CA ARG E 194 4.32 -18.11 -27.91
C ARG E 194 5.61 -18.75 -28.41
N GLU E 195 5.96 -19.87 -27.81
CA GLU E 195 7.21 -20.53 -28.12
C GLU E 195 7.21 -21.11 -29.52
N SER E 196 6.12 -21.79 -29.88
CA SER E 196 5.90 -22.30 -31.23
C SER E 196 5.92 -21.18 -32.25
N LEU E 197 5.21 -20.11 -31.96
CA LEU E 197 5.20 -18.99 -32.90
C LEU E 197 6.61 -18.54 -33.14
N ASP E 198 7.37 -18.44 -32.06
CA ASP E 198 8.72 -17.93 -32.14
C ASP E 198 9.64 -18.90 -32.82
N MET E 199 9.49 -20.19 -32.57
CA MET E 199 10.36 -21.13 -33.26
C MET E 199 10.15 -21.09 -34.76
N GLU E 200 8.94 -20.73 -35.20
CA GLU E 200 8.63 -20.65 -36.61
C GLU E 200 8.98 -19.31 -37.25
N GLY E 201 9.60 -18.42 -36.50
CA GLY E 201 9.96 -17.13 -37.06
C GLY E 201 8.92 -16.04 -36.91
N CYS E 202 7.81 -16.31 -36.21
CA CYS E 202 6.70 -15.36 -36.11
C CYS E 202 6.73 -14.61 -34.77
N THR E 203 7.89 -14.03 -34.44
CA THR E 203 8.12 -13.36 -33.16
C THR E 203 7.40 -12.01 -33.11
N ASP E 204 7.07 -11.55 -34.31
CA ASP E 204 6.29 -10.37 -34.58
C ASP E 204 4.81 -10.53 -34.23
N THR E 205 4.30 -11.76 -34.34
CA THR E 205 2.90 -12.03 -34.16
C THR E 205 2.52 -11.91 -32.68
N SER E 206 1.47 -11.15 -32.42
CA SER E 206 1.07 -10.83 -31.05
C SER E 206 0.06 -11.82 -30.53
N ILE E 207 0.00 -11.90 -29.20
CA ILE E 207 -0.96 -12.74 -28.52
C ILE E 207 -1.83 -11.86 -27.61
N LEU E 208 -3.12 -11.87 -27.90
CA LEU E 208 -4.10 -11.24 -27.04
C LEU E 208 -4.67 -12.34 -26.20
N ALA E 209 -4.15 -12.52 -24.98
CA ALA E 209 -4.60 -13.60 -24.13
C ALA E 209 -6.03 -13.34 -23.54
N TYR E 210 -6.95 -14.28 -23.71
CA TYR E 210 -8.18 -14.24 -22.97
C TYR E 210 -7.85 -14.81 -21.64
N SER E 211 -7.51 -13.92 -20.71
CA SER E 211 -7.07 -14.28 -19.37
C SER E 211 -8.21 -14.59 -18.42
N CYS E 212 -9.16 -13.66 -18.35
CA CYS E 212 -10.26 -13.70 -17.42
C CYS E 212 -11.55 -13.81 -18.20
N LYS E 213 -11.85 -15.03 -18.67
CA LYS E 213 -13.03 -15.27 -19.49
C LYS E 213 -13.97 -16.15 -18.71
N TYR E 214 -15.18 -15.65 -18.48
CA TYR E 214 -16.09 -16.30 -17.55
C TYR E 214 -17.01 -17.26 -18.29
N ALA E 215 -17.52 -18.25 -17.56
CA ALA E 215 -18.42 -19.26 -18.13
C ALA E 215 -19.79 -18.63 -18.25
N SER E 216 -19.96 -17.68 -19.15
CA SER E 216 -21.15 -16.83 -19.14
C SER E 216 -22.31 -17.44 -19.90
N SER E 217 -23.50 -16.86 -19.71
CA SER E 217 -24.70 -17.19 -20.49
C SER E 217 -25.06 -16.06 -21.45
N PHE E 218 -24.13 -15.11 -21.62
CA PHE E 218 -24.27 -13.97 -22.54
C PHE E 218 -23.64 -14.23 -23.92
N TYR E 219 -23.23 -15.47 -24.19
CA TYR E 219 -22.61 -15.82 -25.49
C TYR E 219 -23.63 -16.43 -26.43
N GLY E 220 -24.91 -16.42 -26.03
CA GLY E 220 -25.92 -17.14 -26.80
C GLY E 220 -25.78 -16.82 -28.28
N PRO E 221 -25.92 -15.54 -28.63
CA PRO E 221 -26.02 -15.18 -30.03
C PRO E 221 -24.79 -15.45 -30.88
N PHE E 222 -23.61 -15.37 -30.28
CA PHE E 222 -22.37 -15.66 -31.01
C PHE E 222 -22.39 -17.12 -31.45
N ARG E 223 -22.93 -17.99 -30.59
CA ARG E 223 -22.98 -19.40 -30.92
C ARG E 223 -24.00 -19.68 -32.03
N ASP E 224 -25.02 -18.83 -32.14
CA ASP E 224 -25.93 -18.87 -33.29
C ASP E 224 -25.17 -18.45 -34.51
N ALA E 225 -24.54 -17.29 -34.47
CA ALA E 225 -23.67 -16.86 -35.55
C ALA E 225 -22.84 -18.04 -36.09
N LEU E 226 -22.12 -18.74 -35.22
CA LEU E 226 -21.22 -19.80 -35.67
C LEU E 226 -21.83 -21.21 -35.77
N ASP E 227 -23.10 -21.36 -35.40
CA ASP E 227 -23.74 -22.68 -35.23
C ASP E 227 -22.81 -23.59 -34.39
N SER E 228 -22.38 -23.09 -33.24
CA SER E 228 -21.34 -23.75 -32.44
C SER E 228 -21.78 -24.04 -31.00
N HIS E 229 -23.08 -24.34 -30.80
CA HIS E 229 -23.60 -24.65 -29.45
C HIS E 229 -23.07 -26.00 -28.98
N MET E 230 -22.94 -26.13 -27.65
CA MET E 230 -22.42 -27.35 -27.03
C MET E 230 -23.39 -28.51 -27.26
N VAL E 231 -22.85 -29.70 -27.56
CA VAL E 231 -23.70 -30.87 -27.75
C VAL E 231 -24.24 -31.35 -26.41
N GLY E 232 -25.38 -32.04 -26.46
CA GLY E 232 -25.82 -32.95 -25.41
C GLY E 232 -25.84 -32.45 -23.98
N GLY E 233 -26.24 -31.19 -23.80
CA GLY E 233 -26.39 -30.61 -22.48
C GLY E 233 -25.11 -30.27 -21.72
N THR E 234 -23.95 -30.33 -22.40
CA THR E 234 -22.66 -30.04 -21.74
C THR E 234 -22.34 -28.52 -21.65
N ASP E 235 -21.59 -28.13 -20.63
CA ASP E 235 -21.19 -26.74 -20.43
C ASP E 235 -19.65 -26.57 -20.51
N LYS E 236 -19.17 -25.34 -20.33
CA LYS E 236 -17.74 -25.06 -20.33
C LYS E 236 -17.24 -24.65 -18.94
N LYS E 237 -17.86 -25.14 -17.88
CA LYS E 237 -17.52 -24.68 -16.53
C LYS E 237 -16.26 -25.29 -15.95
N THR E 238 -15.72 -26.32 -16.64
CA THR E 238 -14.41 -26.88 -16.30
C THR E 238 -13.26 -26.13 -16.97
N TYR E 239 -13.54 -25.07 -17.72
CA TYR E 239 -12.45 -24.26 -18.22
C TYR E 239 -12.68 -22.75 -18.18
N GLN E 240 -13.89 -22.30 -18.51
CA GLN E 240 -14.21 -20.88 -18.39
C GLN E 240 -14.48 -20.66 -16.93
N MET E 241 -14.24 -19.46 -16.43
CA MET E 241 -14.28 -19.19 -14.98
C MET E 241 -15.68 -19.05 -14.37
N ASP E 242 -15.76 -19.33 -13.09
CA ASP E 242 -16.97 -19.19 -12.31
C ASP E 242 -17.19 -17.70 -12.08
N PRO E 243 -18.31 -17.14 -12.56
CA PRO E 243 -18.61 -15.72 -12.32
C PRO E 243 -18.71 -15.33 -10.84
N SER E 244 -18.72 -16.29 -9.93
CA SER E 244 -18.68 -15.95 -8.52
C SER E 244 -17.29 -15.46 -8.05
N ASN E 245 -16.26 -15.60 -8.89
CA ASN E 245 -14.86 -15.45 -8.47
C ASN E 245 -14.16 -14.21 -9.04
N SER E 246 -13.49 -13.43 -8.17
CA SER E 246 -12.62 -12.31 -8.64
C SER E 246 -11.14 -12.63 -8.37
N ARG E 247 -10.84 -13.04 -7.15
CA ARG E 247 -9.48 -13.37 -6.75
C ARG E 247 -8.77 -14.25 -7.81
N GLU E 248 -9.49 -15.26 -8.29
CA GLU E 248 -8.98 -16.19 -9.30
C GLU E 248 -8.49 -15.49 -10.59
N ALA E 249 -9.12 -14.38 -10.94
CA ALA E 249 -8.73 -13.59 -12.10
C ALA E 249 -7.30 -13.06 -12.00
N GLU E 250 -6.88 -12.72 -10.79
CA GLU E 250 -5.50 -12.29 -10.59
C GLU E 250 -4.52 -13.45 -10.86
N ARG E 251 -4.91 -14.63 -10.40
CA ARG E 251 -4.14 -15.84 -10.69
C ARG E 251 -3.89 -15.97 -12.21
N GLU E 252 -4.97 -15.92 -12.99
CA GLU E 252 -4.87 -16.08 -14.42
C GLU E 252 -4.10 -14.93 -15.08
N ALA E 253 -4.39 -13.69 -14.72
CA ALA E 253 -3.74 -12.52 -15.32
C ALA E 253 -2.24 -12.53 -15.06
N GLU E 254 -1.86 -12.84 -13.82
CA GLU E 254 -0.44 -12.89 -13.48
C GLU E 254 0.23 -13.98 -14.34
N ALA E 255 -0.44 -15.11 -14.54
CA ALA E 255 0.18 -16.20 -15.29
C ALA E 255 0.37 -15.82 -16.78
N ASP E 256 -0.61 -15.12 -17.36
CA ASP E 256 -0.53 -14.75 -18.76
C ASP E 256 0.51 -13.67 -19.09
N ALA E 257 0.67 -12.66 -18.24
CA ALA E 257 1.73 -11.68 -18.42
C ALA E 257 3.14 -12.35 -18.37
N SER E 258 3.33 -13.26 -17.42
CA SER E 258 4.63 -13.90 -17.27
C SER E 258 4.89 -14.98 -18.31
N GLU E 259 3.85 -15.44 -19.00
CA GLU E 259 4.00 -16.39 -20.08
C GLU E 259 4.28 -15.69 -21.42
N GLY E 260 4.19 -14.36 -21.44
CA GLY E 260 4.61 -13.57 -22.58
C GLY E 260 3.54 -12.79 -23.35
N ALA E 261 2.33 -12.75 -22.82
CA ALA E 261 1.23 -12.17 -23.56
C ALA E 261 1.46 -10.69 -23.82
N ASP E 262 0.86 -10.17 -24.88
CA ASP E 262 0.97 -8.76 -25.24
C ASP E 262 -0.15 -7.94 -24.68
N MET E 263 -1.34 -8.53 -24.61
CA MET E 263 -2.49 -7.85 -24.04
C MET E 263 -3.33 -8.88 -23.34
N LEU E 264 -4.09 -8.43 -22.35
CA LEU E 264 -5.01 -9.30 -21.59
C LEU E 264 -6.43 -8.91 -21.93
N MET E 265 -7.29 -9.91 -22.10
CA MET E 265 -8.70 -9.69 -22.36
C MET E 265 -9.54 -10.11 -21.17
N VAL E 266 -10.57 -9.32 -20.88
CA VAL E 266 -11.59 -9.66 -19.91
C VAL E 266 -12.91 -9.81 -20.66
N LYS E 267 -13.59 -10.92 -20.44
CA LYS E 267 -14.78 -11.23 -21.21
C LYS E 267 -15.71 -12.12 -20.39
N PRO E 268 -17.02 -11.80 -20.34
CA PRO E 268 -17.71 -10.68 -20.97
C PRO E 268 -17.33 -9.29 -20.43
N GLY E 269 -18.12 -8.29 -20.82
CA GLY E 269 -17.74 -6.90 -20.69
C GLY E 269 -18.37 -6.17 -19.52
N LEU E 270 -19.52 -5.52 -19.73
CA LEU E 270 -20.10 -4.68 -18.67
C LEU E 270 -20.31 -5.42 -17.35
N PRO E 271 -20.70 -6.69 -17.39
CA PRO E 271 -20.94 -7.37 -16.10
C PRO E 271 -19.69 -7.86 -15.39
N TYR E 272 -18.53 -7.47 -15.91
CA TYR E 272 -17.26 -7.87 -15.36
C TYR E 272 -16.27 -6.65 -15.27
N LEU E 273 -16.79 -5.44 -15.37
CA LEU E 273 -16.01 -4.21 -15.28
C LEU E 273 -15.19 -4.14 -14.00
N ASP E 274 -15.68 -4.73 -12.91
CA ASP E 274 -14.86 -4.85 -11.68
C ASP E 274 -13.60 -5.66 -11.89
N VAL E 275 -13.69 -6.71 -12.68
CA VAL E 275 -12.54 -7.57 -12.90
C VAL E 275 -11.59 -6.82 -13.82
N LEU E 276 -12.14 -6.20 -14.86
CA LEU E 276 -11.37 -5.33 -15.74
C LEU E 276 -10.55 -4.30 -14.96
N ALA E 277 -11.20 -3.61 -14.02
CA ALA E 277 -10.54 -2.59 -13.22
C ALA E 277 -9.47 -3.18 -12.34
N LYS E 278 -9.77 -4.33 -11.74
CA LYS E 278 -8.84 -4.96 -10.82
C LYS E 278 -7.55 -5.38 -11.54
N ILE E 279 -7.66 -6.01 -12.69
CA ILE E 279 -6.49 -6.47 -13.42
C ILE E 279 -5.73 -5.27 -13.95
N ARG E 280 -6.44 -4.27 -14.44
CA ARG E 280 -5.83 -3.05 -14.93
C ARG E 280 -4.92 -2.40 -13.88
N GLU E 281 -5.42 -2.33 -12.63
CA GLU E 281 -4.66 -1.82 -11.50
C GLU E 281 -3.37 -2.61 -11.31
N LYS E 282 -3.43 -3.92 -11.46
CA LYS E 282 -2.29 -4.79 -11.16
C LYS E 282 -1.36 -5.11 -12.35
N SER E 283 -1.92 -5.21 -13.54
CA SER E 283 -1.16 -5.52 -14.72
C SER E 283 -0.41 -4.33 -15.30
N LYS E 284 0.69 -4.65 -15.96
CA LYS E 284 1.41 -3.66 -16.69
C LYS E 284 1.21 -3.82 -18.18
N LEU E 285 0.25 -4.66 -18.58
CA LEU E 285 -0.07 -4.86 -20.00
C LEU E 285 -1.32 -4.11 -20.41
N PRO E 286 -1.51 -3.87 -21.71
CA PRO E 286 -2.78 -3.30 -22.15
C PRO E 286 -3.95 -4.24 -21.92
N MET E 287 -5.12 -3.68 -21.63
CA MET E 287 -6.32 -4.45 -21.33
C MET E 287 -7.34 -4.27 -22.43
N VAL E 288 -8.07 -5.34 -22.73
CA VAL E 288 -9.11 -5.29 -23.71
C VAL E 288 -10.35 -5.89 -23.07
N ALA E 289 -11.51 -5.32 -23.38
CA ALA E 289 -12.79 -5.78 -22.87
C ALA E 289 -13.61 -6.25 -24.07
N TYR E 290 -14.47 -7.24 -23.90
CA TYR E 290 -15.27 -7.72 -24.99
C TYR E 290 -16.76 -7.52 -24.66
N HIS E 291 -17.39 -6.63 -25.41
CA HIS E 291 -18.82 -6.38 -25.34
C HIS E 291 -19.46 -7.49 -26.12
N VAL E 292 -19.90 -8.55 -25.43
CA VAL E 292 -20.24 -9.78 -26.15
C VAL E 292 -21.60 -9.78 -26.82
N SER E 293 -21.79 -10.77 -27.68
CA SER E 293 -23.00 -10.95 -28.46
C SER E 293 -24.27 -10.76 -27.65
N GLY E 294 -24.35 -11.36 -26.47
CA GLY E 294 -25.58 -11.27 -25.65
C GLY E 294 -25.81 -9.86 -25.20
N GLU E 295 -24.72 -9.11 -24.99
CA GLU E 295 -24.81 -7.78 -24.47
C GLU E 295 -25.30 -6.88 -25.59
N TYR E 296 -24.92 -7.22 -26.82
CA TYR E 296 -25.29 -6.46 -27.99
C TYR E 296 -26.78 -6.68 -28.27
N ALA E 297 -27.22 -7.93 -28.19
CA ALA E 297 -28.62 -8.23 -28.44
C ALA E 297 -29.45 -7.45 -27.44
N MET E 298 -29.00 -7.37 -26.20
CA MET E 298 -29.78 -6.67 -25.18
C MET E 298 -30.04 -5.21 -25.57
N LEU E 299 -29.05 -4.59 -26.19
CA LEU E 299 -29.15 -3.19 -26.51
C LEU E 299 -30.12 -3.02 -27.68
N LYS E 300 -29.83 -3.77 -28.74
CA LYS E 300 -30.62 -3.73 -29.95
C LYS E 300 -32.08 -3.99 -29.67
N ALA E 301 -32.35 -5.01 -28.83
CA ALA E 301 -33.70 -5.43 -28.59
C ALA E 301 -34.46 -4.34 -27.84
N ALA E 302 -33.82 -3.70 -26.88
CA ALA E 302 -34.45 -2.59 -26.15
C ALA E 302 -34.62 -1.34 -27.03
N ALA E 303 -33.60 -1.05 -27.81
CA ALA E 303 -33.69 -0.02 -28.82
C ALA E 303 -34.82 -0.32 -29.85
N GLU E 304 -34.94 -1.55 -30.34
CA GLU E 304 -35.91 -1.82 -31.40
C GLU E 304 -37.33 -1.57 -30.90
N LYS E 305 -37.55 -1.88 -29.63
CA LYS E 305 -38.84 -1.66 -28.97
C LYS E 305 -39.05 -0.24 -28.40
N GLY E 306 -38.06 0.64 -28.51
CA GLY E 306 -38.23 2.02 -28.07
C GLY E 306 -38.02 2.29 -26.59
N TYR E 307 -37.63 1.26 -25.83
CA TYR E 307 -37.41 1.41 -24.40
C TYR E 307 -36.24 2.33 -24.08
N ILE E 308 -35.14 2.22 -24.84
CA ILE E 308 -33.98 3.10 -24.69
C ILE E 308 -33.60 3.79 -26.00
N SER E 309 -32.86 4.89 -25.89
CA SER E 309 -32.25 5.49 -27.05
C SER E 309 -30.94 4.76 -27.31
N GLU E 310 -30.83 4.17 -28.48
CA GLU E 310 -29.70 3.34 -28.86
C GLU E 310 -28.40 4.08 -28.84
N LYS E 311 -28.38 5.28 -29.40
CA LYS E 311 -27.14 6.03 -29.56
C LYS E 311 -26.59 6.48 -28.21
N ASP E 312 -27.42 7.06 -27.37
CA ASP E 312 -26.96 7.50 -26.05
C ASP E 312 -26.42 6.36 -25.19
N THR E 313 -27.15 5.24 -25.13
CA THR E 313 -26.74 4.12 -24.31
C THR E 313 -25.44 3.44 -24.83
N VAL E 314 -25.32 3.18 -26.12
CA VAL E 314 -24.06 2.64 -26.67
C VAL E 314 -22.87 3.56 -26.37
N LEU E 315 -23.04 4.86 -26.52
CA LEU E 315 -21.90 5.74 -26.26
C LEU E 315 -21.56 5.75 -24.77
N GLU E 316 -22.59 5.67 -23.93
CA GLU E 316 -22.36 5.55 -22.50
C GLU E 316 -21.63 4.23 -22.13
N VAL E 317 -22.02 3.14 -22.76
CA VAL E 317 -21.35 1.90 -22.49
C VAL E 317 -19.86 1.94 -22.83
N LEU E 318 -19.53 2.52 -23.97
CA LEU E 318 -18.14 2.52 -24.41
C LEU E 318 -17.29 3.40 -23.49
N LYS E 319 -17.88 4.47 -22.98
CA LYS E 319 -17.17 5.37 -22.06
C LYS E 319 -16.94 4.65 -20.76
N SER E 320 -17.92 3.85 -20.36
CA SER E 320 -17.80 3.07 -19.13
C SER E 320 -16.65 2.06 -19.20
N PHE E 321 -16.55 1.32 -20.31
CA PHE E 321 -15.48 0.34 -20.52
C PHE E 321 -14.16 1.03 -20.40
N ARG E 322 -14.14 2.21 -20.97
CA ARG E 322 -12.94 2.93 -21.06
C ARG E 322 -12.61 3.47 -19.69
N ARG E 323 -13.60 3.95 -18.94
CA ARG E 323 -13.37 4.38 -17.56
C ARG E 323 -12.93 3.22 -16.67
N ALA E 324 -13.56 2.05 -16.85
CA ALA E 324 -13.28 0.88 -16.03
C ALA E 324 -11.83 0.39 -16.25
N GLY E 325 -11.17 0.83 -17.32
CA GLY E 325 -9.76 0.48 -17.50
C GLY E 325 -9.45 -0.24 -18.81
N ALA E 326 -10.37 -0.22 -19.77
CA ALA E 326 -10.13 -0.93 -21.01
C ALA E 326 -9.36 -0.01 -21.92
N ASP E 327 -8.23 -0.45 -22.43
CA ASP E 327 -7.54 0.32 -23.46
C ASP E 327 -8.24 0.16 -24.78
N ALA E 328 -8.68 -1.06 -25.09
CA ALA E 328 -9.52 -1.32 -26.25
C ALA E 328 -10.80 -2.11 -25.90
N VAL E 329 -11.83 -1.93 -26.74
CA VAL E 329 -13.08 -2.64 -26.58
C VAL E 329 -13.47 -3.36 -27.86
N ALA E 330 -13.64 -4.67 -27.80
CA ALA E 330 -14.21 -5.41 -28.91
C ALA E 330 -15.73 -5.28 -28.80
N THR E 331 -16.39 -4.73 -29.82
CA THR E 331 -17.83 -4.51 -29.76
C THR E 331 -18.43 -4.56 -31.16
N TYR E 332 -19.62 -5.11 -31.26
CA TYR E 332 -20.27 -5.26 -32.54
C TYR E 332 -20.86 -3.89 -32.92
N TYR E 333 -20.93 -2.99 -31.95
CA TYR E 333 -21.23 -1.58 -32.22
C TYR E 333 -20.04 -0.76 -32.72
N ALA E 334 -18.87 -1.37 -32.90
CA ALA E 334 -17.69 -0.63 -33.29
C ALA E 334 -17.94 0.26 -34.51
N LYS E 335 -18.50 -0.31 -35.58
CA LYS E 335 -18.65 0.45 -36.81
C LYS E 335 -19.65 1.58 -36.61
N GLU E 336 -20.77 1.25 -35.98
CA GLU E 336 -21.85 2.22 -35.79
C GLU E 336 -21.45 3.37 -34.86
N ALA E 337 -20.67 3.09 -33.82
CA ALA E 337 -20.17 4.14 -32.93
C ALA E 337 -19.20 5.09 -33.67
N ALA E 338 -18.29 4.53 -34.45
CA ALA E 338 -17.32 5.38 -35.16
C ALA E 338 -18.10 6.28 -36.09
N LYS E 339 -19.08 5.71 -36.77
CA LYS E 339 -19.90 6.44 -37.73
C LYS E 339 -20.60 7.62 -37.05
N TRP E 340 -21.15 7.38 -35.87
CA TRP E 340 -21.79 8.44 -35.12
C TRP E 340 -20.79 9.54 -34.78
N MET E 341 -19.57 9.13 -34.44
CA MET E 341 -18.54 10.09 -34.03
C MET E 341 -18.16 10.95 -35.22
N VAL E 342 -17.94 10.34 -36.37
CA VAL E 342 -17.47 11.06 -37.56
C VAL E 342 -18.57 11.99 -38.09
N GLU E 343 -19.83 11.59 -37.95
CA GLU E 343 -20.97 12.41 -38.36
C GLU E 343 -21.15 13.63 -37.47
N ASP E 344 -20.82 13.52 -36.19
CA ASP E 344 -20.94 14.65 -35.29
C ASP E 344 -19.81 15.62 -35.53
N MET E 345 -18.65 15.04 -35.85
CA MET E 345 -17.43 15.79 -36.03
C MET E 345 -17.53 16.58 -37.31
N LYS E 346 -18.34 16.08 -38.26
CA LYS E 346 -18.64 16.76 -39.52
C LYS E 346 -19.85 17.66 -39.46
N GLY E 347 -20.77 17.39 -38.55
CA GLY E 347 -21.96 18.22 -38.40
C GLY E 347 -21.71 19.32 -37.40
N THR E 348 -22.50 19.34 -36.33
CA THR E 348 -22.50 20.42 -35.32
C THR E 348 -21.59 20.21 -34.10
N GLN E 349 -20.83 19.10 -34.12
CA GLN E 349 -20.10 18.62 -32.98
C GLN E 349 -20.81 18.78 -31.62
N LYS E 350 -21.95 18.13 -31.49
CA LYS E 350 -22.72 18.19 -30.26
C LYS E 350 -21.94 17.59 -29.08
N PHE E 351 -21.14 16.55 -29.35
CA PHE E 351 -20.44 15.82 -28.28
C PHE E 351 -18.98 15.37 -28.60
N THR E 352 -18.45 15.73 -29.76
CA THR E 352 -17.11 15.34 -30.17
C THR E 352 -16.13 16.50 -30.38
N GLU E 353 -14.84 16.17 -30.32
CA GLU E 353 -13.75 17.08 -30.72
C GLU E 353 -12.53 16.29 -31.14
N PRO E 354 -11.54 16.98 -31.76
CA PRO E 354 -10.32 16.26 -32.09
C PRO E 354 -9.47 15.87 -30.86
N CYS E 355 -8.65 14.84 -31.07
CA CYS E 355 -7.68 14.39 -30.09
C CYS E 355 -6.46 13.81 -30.78
N TYR E 356 -5.34 13.74 -30.06
CA TYR E 356 -4.19 12.97 -30.51
C TYR E 356 -3.50 12.37 -29.32
N GLY F 5 10.69 -28.25 -28.62
CA GLY F 5 9.56 -27.37 -28.19
C GLY F 5 9.15 -27.50 -26.72
N PRO F 6 8.04 -26.85 -26.32
CA PRO F 6 7.57 -26.88 -24.92
C PRO F 6 6.88 -28.18 -24.44
N LEU F 7 6.27 -28.93 -25.37
CA LEU F 7 5.55 -30.14 -25.03
C LEU F 7 6.47 -31.36 -24.85
N ASP F 8 6.32 -32.06 -23.73
CA ASP F 8 7.02 -33.32 -23.50
C ASP F 8 6.00 -34.47 -23.59
N ASN F 9 6.44 -35.66 -23.20
CA ASN F 9 5.59 -36.82 -23.04
C ASN F 9 5.70 -37.30 -21.60
N ASN F 10 4.58 -37.76 -21.03
CA ASN F 10 4.61 -38.39 -19.69
C ASN F 10 5.16 -39.84 -19.76
N ASN F 11 5.19 -40.53 -18.61
CA ASN F 11 5.78 -41.88 -18.54
C ASN F 11 4.98 -42.94 -19.30
N TYR F 12 3.74 -42.59 -19.67
CA TYR F 12 2.92 -43.43 -20.54
C TYR F 12 2.85 -42.93 -22.01
N GLY F 13 3.72 -41.99 -22.37
CA GLY F 13 3.81 -41.51 -23.74
C GLY F 13 2.78 -40.48 -24.15
N GLU F 14 1.83 -40.15 -23.27
CA GLU F 14 0.84 -39.14 -23.62
C GLU F 14 1.51 -37.77 -23.72
N VAL F 15 0.97 -36.90 -24.57
CA VAL F 15 1.43 -35.51 -24.69
C VAL F 15 1.26 -34.84 -23.32
N TRP F 16 2.22 -33.98 -22.96
CA TRP F 16 2.31 -33.43 -21.63
C TRP F 16 2.99 -32.05 -21.59
N LEU F 17 2.21 -31.03 -21.26
CA LEU F 17 2.73 -29.66 -21.06
C LEU F 17 3.11 -29.51 -19.58
N PRO F 18 4.41 -29.45 -19.27
CA PRO F 18 4.89 -29.53 -17.88
C PRO F 18 4.74 -28.24 -17.04
N ILE F 19 3.60 -27.59 -17.15
CA ILE F 19 3.25 -26.49 -16.28
C ILE F 19 2.82 -27.05 -14.90
N GLN F 20 3.41 -26.51 -13.82
CA GLN F 20 3.06 -26.94 -12.47
C GLN F 20 1.66 -26.48 -12.04
N ALA F 21 1.42 -25.17 -12.10
CA ALA F 21 0.13 -24.61 -11.68
C ALA F 21 -0.92 -24.80 -12.78
N ARG F 22 -2.04 -25.41 -12.40
CA ARG F 22 -3.17 -25.57 -13.30
C ARG F 22 -4.49 -25.06 -12.68
N PRO F 23 -4.79 -23.77 -12.89
CA PRO F 23 -6.05 -23.20 -12.40
C PRO F 23 -7.28 -24.02 -12.70
N ARG F 24 -7.25 -24.77 -13.80
CA ARG F 24 -8.40 -25.63 -14.16
C ARG F 24 -8.77 -26.70 -13.13
N ARG F 25 -7.82 -27.13 -12.33
CA ARG F 25 -8.11 -28.13 -11.30
C ARG F 25 -9.18 -27.65 -10.31
N ASN F 26 -9.23 -26.35 -10.03
CA ASN F 26 -10.26 -25.81 -9.17
C ASN F 26 -11.58 -25.51 -9.90
N ARG F 27 -11.69 -25.96 -11.15
CA ARG F 27 -12.94 -25.91 -11.92
C ARG F 27 -13.43 -27.32 -12.29
N LYS F 28 -12.83 -28.33 -11.67
CA LYS F 28 -12.94 -29.75 -12.08
C LYS F 28 -14.38 -30.32 -12.13
N ASN F 29 -15.17 -29.95 -11.13
CA ASN F 29 -16.56 -30.38 -11.03
C ASN F 29 -17.29 -29.42 -10.11
N ARG F 30 -18.58 -29.65 -9.91
CA ARG F 30 -19.39 -28.68 -9.18
C ARG F 30 -18.88 -28.61 -7.75
N ALA F 31 -18.61 -29.77 -7.16
CA ALA F 31 -18.24 -29.89 -5.74
C ALA F 31 -17.05 -29.02 -5.39
N VAL F 32 -16.06 -29.01 -6.28
CA VAL F 32 -14.83 -28.29 -6.09
C VAL F 32 -15.07 -26.82 -6.36
N ARG F 33 -15.92 -26.51 -7.34
CA ARG F 33 -16.23 -25.10 -7.64
C ARG F 33 -16.95 -24.53 -6.45
N GLN F 34 -17.80 -25.36 -5.83
CA GLN F 34 -18.48 -24.95 -4.61
C GLN F 34 -17.53 -24.73 -3.44
N LEU F 35 -16.52 -25.59 -3.28
CA LEU F 35 -15.55 -25.38 -2.20
C LEU F 35 -14.83 -24.06 -2.32
N VAL F 36 -14.59 -23.60 -3.55
CA VAL F 36 -13.79 -22.39 -3.74
C VAL F 36 -14.61 -21.18 -4.14
N GLN F 37 -15.94 -21.33 -4.18
CA GLN F 37 -16.80 -20.23 -4.69
C GLN F 37 -16.75 -18.99 -3.80
N GLU F 38 -16.37 -17.84 -4.35
CA GLU F 38 -16.09 -16.66 -3.51
C GLU F 38 -17.31 -15.86 -3.09
N ASN F 39 -18.38 -15.91 -3.87
CA ASN F 39 -19.51 -15.00 -3.67
C ASN F 39 -20.84 -15.73 -3.85
N LEU F 40 -21.78 -15.38 -2.98
CA LEU F 40 -23.05 -16.04 -2.95
C LEU F 40 -24.12 -14.96 -3.05
N VAL F 41 -25.24 -15.28 -3.68
CA VAL F 41 -26.40 -14.43 -3.71
C VAL F 41 -27.47 -15.07 -2.83
N LYS F 42 -28.18 -14.24 -2.10
CA LYS F 42 -29.33 -14.68 -1.34
C LYS F 42 -30.45 -13.65 -1.47
N PRO F 43 -31.73 -14.07 -1.34
CA PRO F 43 -32.86 -13.14 -1.46
C PRO F 43 -32.80 -11.97 -0.53
N SER F 44 -32.41 -12.17 0.71
CA SER F 44 -32.42 -11.10 1.68
C SER F 44 -31.41 -10.00 1.32
N SER F 45 -30.51 -10.27 0.35
CA SER F 45 -29.62 -9.24 -0.21
C SER F 45 -30.25 -8.40 -1.34
N LEU F 46 -31.51 -8.70 -1.73
CA LEU F 46 -32.11 -8.00 -2.87
C LEU F 46 -33.12 -6.98 -2.42
N ILE F 47 -33.20 -5.87 -3.16
CA ILE F 47 -34.13 -4.79 -2.83
C ILE F 47 -35.06 -4.62 -3.99
N TYR F 48 -36.36 -4.70 -3.71
CA TYR F 48 -37.38 -4.69 -4.75
C TYR F 48 -38.04 -3.30 -4.79
N PRO F 49 -37.78 -2.54 -5.87
CA PRO F 49 -38.38 -1.23 -6.00
C PRO F 49 -39.73 -1.27 -6.67
N LEU F 50 -40.72 -0.63 -6.07
CA LEU F 50 -42.10 -0.61 -6.60
C LEU F 50 -42.62 0.80 -6.93
N PHE F 51 -43.56 0.88 -7.88
CA PHE F 51 -44.27 2.11 -8.21
C PHE F 51 -45.74 2.07 -7.77
N VAL F 52 -46.15 3.06 -6.97
CA VAL F 52 -47.55 3.24 -6.57
C VAL F 52 -48.11 4.50 -7.21
N HIS F 53 -49.36 4.44 -7.69
CA HIS F 53 -50.09 5.64 -8.05
C HIS F 53 -51.41 5.69 -7.31
N ASP F 54 -52.04 6.86 -7.25
CA ASP F 54 -53.28 7.01 -6.49
C ASP F 54 -54.50 6.74 -7.36
N GLU F 55 -54.62 5.53 -7.88
CA GLU F 55 -55.76 5.15 -8.76
C GLU F 55 -56.36 3.84 -8.29
N GLU F 56 -57.60 3.57 -8.68
CA GLU F 56 -58.27 2.33 -8.30
C GLU F 56 -57.57 1.11 -8.88
N THR F 57 -56.98 1.27 -10.06
CA THR F 57 -56.50 0.15 -10.86
C THR F 57 -54.99 0.19 -11.16
N SER F 58 -54.35 -0.98 -11.14
CA SER F 58 -52.96 -1.08 -11.54
C SER F 58 -52.87 -0.90 -13.04
N VAL F 59 -51.81 -0.21 -13.47
CA VAL F 59 -51.53 0.03 -14.90
C VAL F 59 -50.10 -0.37 -15.26
N PRO F 60 -49.93 -1.21 -16.30
CA PRO F 60 -48.60 -1.63 -16.74
C PRO F 60 -47.70 -0.48 -17.18
N ILE F 61 -46.38 -0.68 -17.08
CA ILE F 61 -45.40 0.29 -17.56
C ILE F 61 -44.76 -0.36 -18.80
N PRO F 62 -45.15 0.09 -20.01
CA PRO F 62 -44.77 -0.63 -21.25
C PRO F 62 -43.25 -0.68 -21.46
N SER F 63 -42.54 0.36 -21.03
CA SER F 63 -41.09 0.36 -21.15
C SER F 63 -40.35 -0.44 -20.05
N MET F 64 -41.07 -1.01 -19.08
CA MET F 64 -40.49 -1.91 -18.07
C MET F 64 -41.39 -3.16 -18.00
N PRO F 65 -41.36 -4.01 -19.03
CA PRO F 65 -42.34 -5.07 -19.12
C PRO F 65 -42.39 -5.89 -17.86
N GLY F 66 -43.60 -6.11 -17.36
CA GLY F 66 -43.81 -6.93 -16.15
C GLY F 66 -43.92 -6.12 -14.85
N GLN F 67 -43.58 -4.83 -14.91
CA GLN F 67 -43.72 -3.95 -13.78
C GLN F 67 -44.90 -3.03 -14.01
N SER F 68 -45.53 -2.60 -12.93
CA SER F 68 -46.70 -1.72 -13.02
C SER F 68 -46.67 -0.52 -12.07
N ARG F 69 -47.40 0.51 -12.47
CA ARG F 69 -47.88 1.51 -11.54
C ARG F 69 -48.96 0.84 -10.72
N LEU F 70 -48.67 0.55 -9.45
CA LEU F 70 -49.60 -0.20 -8.59
C LEU F 70 -50.53 0.69 -7.80
N SER F 71 -51.75 0.20 -7.64
CA SER F 71 -52.73 0.80 -6.75
C SER F 71 -52.37 0.44 -5.32
N MET F 72 -52.94 1.14 -4.37
CA MET F 72 -52.62 0.89 -3.00
C MET F 72 -52.91 -0.58 -2.67
N GLU F 73 -54.01 -1.12 -3.17
CA GLU F 73 -54.38 -2.50 -2.87
C GLU F 73 -53.32 -3.42 -3.48
N ASP F 74 -53.04 -3.25 -4.76
CA ASP F 74 -52.14 -4.17 -5.44
C ASP F 74 -50.70 -4.10 -4.90
N LEU F 75 -50.30 -2.95 -4.37
CA LEU F 75 -48.99 -2.79 -3.73
C LEU F 75 -48.83 -3.73 -2.53
N LEU F 76 -49.86 -3.80 -1.67
CA LEU F 76 -49.85 -4.71 -0.53
C LEU F 76 -49.79 -6.16 -0.99
N LYS F 77 -50.56 -6.53 -2.00
CA LYS F 77 -50.45 -7.89 -2.54
C LYS F 77 -49.03 -8.13 -3.05
N GLU F 78 -48.49 -7.13 -3.72
CA GLU F 78 -47.20 -7.28 -4.37
C GLU F 78 -46.09 -7.42 -3.35
N VAL F 79 -46.13 -6.64 -2.27
CA VAL F 79 -45.17 -6.79 -1.17
C VAL F 79 -45.33 -8.16 -0.54
N GLY F 80 -46.57 -8.48 -0.17
CA GLY F 80 -46.92 -9.79 0.36
C GLY F 80 -46.33 -10.94 -0.42
N GLU F 81 -46.54 -10.95 -1.73
CA GLU F 81 -46.01 -12.02 -2.56
C GLU F 81 -44.50 -12.04 -2.47
N ALA F 82 -43.86 -10.86 -2.54
CA ALA F 82 -42.40 -10.80 -2.47
C ALA F 82 -41.85 -11.21 -1.10
N ARG F 83 -42.56 -10.91 -0.02
CA ARG F 83 -42.05 -11.31 1.27
C ARG F 83 -42.02 -12.84 1.36
N SER F 84 -43.01 -13.50 0.79
CA SER F 84 -43.09 -14.94 0.85
C SER F 84 -42.02 -15.68 0.04
N TYR F 85 -41.28 -14.98 -0.82
CA TYR F 85 -40.10 -15.59 -1.46
C TYR F 85 -38.81 -15.19 -0.76
N GLY F 86 -38.91 -14.34 0.25
CA GLY F 86 -37.77 -14.01 1.04
C GLY F 86 -37.26 -12.61 0.91
N ILE F 87 -37.81 -11.85 -0.02
CA ILE F 87 -37.46 -10.45 -0.15
C ILE F 87 -37.89 -9.70 1.11
N LYS F 88 -36.98 -8.91 1.69
CA LYS F 88 -37.33 -8.16 2.88
C LYS F 88 -37.17 -6.65 2.76
N ALA F 89 -36.45 -6.13 1.77
CA ALA F 89 -36.31 -4.67 1.62
C ALA F 89 -37.03 -4.17 0.37
N PHE F 90 -37.81 -3.11 0.50
CA PHE F 90 -38.63 -2.61 -0.60
C PHE F 90 -38.42 -1.15 -0.79
N MET F 91 -38.38 -0.73 -2.04
CA MET F 91 -38.13 0.65 -2.35
C MET F 91 -39.41 1.15 -2.96
N LEU F 92 -39.84 2.33 -2.53
CA LEU F 92 -41.15 2.87 -2.91
C LEU F 92 -41.04 4.18 -3.66
N PHE F 93 -41.76 4.27 -4.78
CA PHE F 93 -41.81 5.50 -5.61
C PHE F 93 -43.24 5.90 -5.95
N PRO F 94 -43.60 7.17 -5.76
CA PRO F 94 -44.95 7.62 -6.16
C PRO F 94 -45.00 8.16 -7.56
N LYS F 95 -46.04 7.80 -8.33
CA LYS F 95 -46.40 8.55 -9.55
C LYS F 95 -47.46 9.55 -9.14
N VAL F 96 -47.09 10.83 -9.15
CA VAL F 96 -47.95 11.89 -8.63
C VAL F 96 -48.86 12.45 -9.73
N ASP F 97 -50.09 12.79 -9.35
CA ASP F 97 -51.01 13.49 -10.24
C ASP F 97 -50.29 14.71 -10.86
N ASP F 98 -50.37 14.87 -12.18
CA ASP F 98 -49.61 15.95 -12.86
C ASP F 98 -49.96 17.35 -12.33
N GLU F 99 -51.06 17.44 -11.59
CA GLU F 99 -51.63 18.71 -11.15
C GLU F 99 -51.19 19.08 -9.73
N LEU F 100 -50.56 18.14 -9.04
CA LEU F 100 -49.89 18.43 -7.76
C LEU F 100 -48.41 18.79 -7.97
N LYS F 101 -47.91 18.68 -9.20
CA LYS F 101 -46.51 19.01 -9.47
C LYS F 101 -46.30 20.54 -9.55
N SER F 102 -45.19 21.02 -9.03
CA SER F 102 -44.89 22.44 -9.02
C SER F 102 -43.38 22.65 -9.10
N VAL F 103 -42.97 23.92 -9.18
CA VAL F 103 -41.54 24.23 -9.24
C VAL F 103 -40.88 24.12 -7.85
N MET F 104 -41.63 24.41 -6.78
CA MET F 104 -41.09 24.23 -5.42
C MET F 104 -41.20 22.78 -4.94
N ALA F 105 -42.06 22.01 -5.60
CA ALA F 105 -42.29 20.60 -5.28
C ALA F 105 -42.83 20.38 -3.85
N GLU F 106 -43.69 21.27 -3.36
CA GLU F 106 -44.17 21.24 -1.95
C GLU F 106 -44.97 19.97 -1.63
N GLU F 107 -45.53 19.32 -2.64
CA GLU F 107 -46.22 18.05 -2.41
C GLU F 107 -45.29 17.01 -1.80
N SER F 108 -43.98 17.11 -2.08
CA SER F 108 -43.02 16.14 -1.60
C SER F 108 -43.04 15.99 -0.06
N TYR F 109 -43.41 17.04 0.65
CA TYR F 109 -43.49 16.97 2.11
C TYR F 109 -44.90 17.13 2.66
N ASN F 110 -45.89 16.87 1.81
CA ASN F 110 -47.27 16.78 2.26
C ASN F 110 -47.44 15.51 3.07
N PRO F 111 -47.74 15.61 4.38
CA PRO F 111 -47.86 14.38 5.16
C PRO F 111 -49.11 13.58 4.84
N ASP F 112 -50.04 14.18 4.10
CA ASP F 112 -51.23 13.48 3.60
C ASP F 112 -51.08 13.02 2.14
N GLY F 113 -49.86 13.10 1.60
CA GLY F 113 -49.60 12.68 0.23
C GLY F 113 -49.55 11.18 0.08
N LEU F 114 -49.54 10.75 -1.17
CA LEU F 114 -49.50 9.33 -1.53
C LEU F 114 -48.32 8.55 -0.93
N LEU F 115 -47.11 9.07 -1.06
CA LEU F 115 -45.96 8.29 -0.58
C LEU F 115 -46.05 8.07 0.93
N PRO F 116 -46.29 9.14 1.71
CA PRO F 116 -46.49 8.94 3.15
C PRO F 116 -47.62 8.00 3.52
N ARG F 117 -48.77 8.16 2.87
CA ARG F 117 -49.91 7.26 3.11
CA ARG F 117 -49.91 7.26 3.10
C ARG F 117 -49.52 5.83 2.81
N ALA F 118 -48.97 5.61 1.60
CA ALA F 118 -48.58 4.28 1.16
C ALA F 118 -47.61 3.61 2.14
N ILE F 119 -46.64 4.36 2.67
CA ILE F 119 -45.71 3.83 3.69
C ILE F 119 -46.46 3.40 4.94
N MET F 120 -47.32 4.27 5.46
CA MET F 120 -48.15 3.92 6.65
C MET F 120 -48.95 2.63 6.46
N ALA F 121 -49.57 2.50 5.29
CA ALA F 121 -50.38 1.33 4.95
C ALA F 121 -49.53 0.07 4.93
N LEU F 122 -48.35 0.18 4.35
CA LEU F 122 -47.45 -0.97 4.23
C LEU F 122 -46.93 -1.43 5.58
N LYS F 123 -46.43 -0.48 6.37
CA LYS F 123 -45.94 -0.78 7.72
C LYS F 123 -47.03 -1.44 8.57
N GLU F 124 -48.26 -1.01 8.42
CA GLU F 124 -49.37 -1.59 9.15
C GLU F 124 -49.65 -3.03 8.75
N ALA F 125 -49.53 -3.35 7.47
CA ALA F 125 -49.79 -4.71 7.03
C ALA F 125 -48.57 -5.61 7.21
N PHE F 126 -47.38 -5.01 7.17
CA PHE F 126 -46.13 -5.75 7.34
C PHE F 126 -45.13 -4.98 8.21
N PRO F 127 -45.29 -5.04 9.56
CA PRO F 127 -44.43 -4.27 10.48
C PRO F 127 -42.94 -4.65 10.44
N ASP F 128 -42.66 -5.89 10.02
CA ASP F 128 -41.31 -6.46 9.95
C ASP F 128 -40.56 -6.12 8.64
N VAL F 129 -41.30 -5.52 7.70
CA VAL F 129 -40.76 -5.18 6.39
C VAL F 129 -39.83 -3.97 6.46
N LEU F 130 -38.93 -3.84 5.50
CA LEU F 130 -38.02 -2.71 5.41
C LEU F 130 -38.47 -1.80 4.26
N LEU F 131 -38.71 -0.53 4.57
CA LEU F 131 -39.17 0.42 3.56
C LEU F 131 -38.15 1.49 3.24
N LEU F 132 -37.72 1.50 1.99
CA LEU F 132 -36.78 2.51 1.52
C LEU F 132 -37.55 3.53 0.71
N ALA F 133 -37.35 4.80 1.02
CA ALA F 133 -38.13 5.87 0.43
C ALA F 133 -37.14 6.82 -0.21
N ASP F 134 -37.45 7.28 -1.43
CA ASP F 134 -36.57 8.21 -2.13
C ASP F 134 -36.80 9.63 -1.59
N VAL F 135 -35.71 10.38 -1.51
CA VAL F 135 -35.74 11.79 -1.22
C VAL F 135 -35.14 12.50 -2.43
N ALA F 136 -35.93 13.33 -3.08
CA ALA F 136 -35.55 14.01 -4.33
C ALA F 136 -36.83 14.59 -4.85
N LEU F 137 -36.76 15.66 -5.62
CA LEU F 137 -37.97 16.37 -6.00
C LEU F 137 -38.58 15.92 -7.33
N ASP F 138 -37.83 15.17 -8.16
CA ASP F 138 -38.32 14.91 -9.51
C ASP F 138 -39.68 14.18 -9.61
N PRO F 139 -40.07 13.36 -8.63
CA PRO F 139 -41.46 12.89 -8.73
C PRO F 139 -42.51 14.00 -8.63
N TYR F 140 -42.16 15.12 -8.00
CA TYR F 140 -43.11 16.23 -7.73
C TYR F 140 -42.84 17.52 -8.51
N SER F 141 -41.78 17.55 -9.31
CA SER F 141 -41.35 18.76 -10.02
C SER F 141 -42.07 18.88 -11.34
N SER F 142 -42.74 20.01 -11.56
CA SER F 142 -43.27 20.33 -12.89
C SER F 142 -42.15 20.35 -13.95
N MET F 143 -40.93 20.68 -13.53
CA MET F 143 -39.77 20.73 -14.44
C MET F 143 -39.13 19.36 -14.72
N GLY F 144 -39.46 18.35 -13.92
CA GLY F 144 -38.79 17.05 -14.01
C GLY F 144 -37.35 16.99 -13.45
N HIS F 145 -37.01 17.91 -12.55
CA HIS F 145 -35.68 17.94 -11.91
C HIS F 145 -35.66 17.55 -10.42
N ASP F 146 -34.54 17.01 -9.96
CA ASP F 146 -34.38 16.61 -8.55
C ASP F 146 -34.35 17.79 -7.55
N GLY F 147 -34.04 18.98 -8.05
CA GLY F 147 -33.99 20.17 -7.23
C GLY F 147 -34.91 21.25 -7.77
N VAL F 148 -34.89 22.38 -7.07
CA VAL F 148 -35.66 23.57 -7.44
C VAL F 148 -34.95 24.33 -8.55
N VAL F 149 -35.70 24.65 -9.62
CA VAL F 149 -35.19 25.39 -10.76
C VAL F 149 -35.52 26.88 -10.65
N ASP F 150 -34.50 27.73 -10.56
CA ASP F 150 -34.63 29.18 -10.55
C ASP F 150 -35.13 29.71 -11.91
N GLU F 151 -36.17 30.55 -11.95
CA GLU F 151 -36.72 31.03 -13.25
C GLU F 151 -35.70 31.85 -14.05
N GLN F 152 -34.99 32.74 -13.37
CA GLN F 152 -34.06 33.65 -14.05
C GLN F 152 -32.82 32.92 -14.62
N SER F 153 -32.22 32.02 -13.87
CA SER F 153 -30.97 31.38 -14.33
C SER F 153 -31.15 29.99 -14.95
N GLY F 154 -32.17 29.27 -14.48
CA GLY F 154 -32.41 27.90 -14.93
C GLY F 154 -31.56 26.86 -14.21
N LYS F 155 -30.81 27.29 -13.21
CA LYS F 155 -29.93 26.40 -12.48
C LYS F 155 -30.78 25.65 -11.45
N ILE F 156 -30.41 24.40 -11.18
CA ILE F 156 -30.94 23.70 -10.03
C ILE F 156 -30.17 24.27 -8.84
N VAL F 157 -30.86 25.07 -8.03
CA VAL F 157 -30.24 25.80 -6.93
C VAL F 157 -30.05 24.83 -5.76
N ASN F 158 -28.82 24.67 -5.31
CA ASN F 158 -28.45 23.60 -4.38
C ASN F 158 -29.06 23.69 -2.96
N ASP F 159 -28.86 24.82 -2.29
CA ASP F 159 -29.16 24.98 -0.86
C ASP F 159 -30.67 25.13 -0.54
N LEU F 160 -31.39 25.83 -1.39
CA LEU F 160 -32.86 25.90 -1.29
C LEU F 160 -33.39 24.49 -1.52
N THR F 161 -32.84 23.81 -2.53
CA THR F 161 -33.25 22.44 -2.75
C THR F 161 -33.04 21.65 -1.49
N VAL F 162 -31.86 21.75 -0.87
CA VAL F 162 -31.58 20.92 0.32
C VAL F 162 -32.57 21.22 1.45
N HIS F 163 -32.97 22.47 1.59
CA HIS F 163 -34.00 22.83 2.54
C HIS F 163 -35.28 22.00 2.33
N GLN F 164 -35.71 21.90 1.08
CA GLN F 164 -36.91 21.14 0.73
C GLN F 164 -36.76 19.64 1.02
N LEU F 165 -35.58 19.11 0.68
CA LEU F 165 -35.27 17.69 0.84
C LEU F 165 -35.28 17.34 2.30
N CYS F 166 -34.74 18.20 3.16
CA CYS F 166 -34.86 17.99 4.61
C CYS F 166 -36.33 17.81 5.02
N LYS F 167 -37.23 18.65 4.51
CA LYS F 167 -38.63 18.50 4.94
C LYS F 167 -39.33 17.31 4.29
N GLN F 168 -38.83 16.86 3.14
CA GLN F 168 -39.30 15.60 2.56
C GLN F 168 -38.88 14.43 3.45
N ALA F 169 -37.59 14.37 3.79
CA ALA F 169 -37.04 13.28 4.60
C ALA F 169 -37.84 13.10 5.89
N ILE F 170 -38.15 14.20 6.56
CA ILE F 170 -38.84 14.16 7.85
C ILE F 170 -40.26 13.62 7.72
N THR F 171 -40.99 14.14 6.74
CA THR F 171 -42.34 13.66 6.45
C THR F 171 -42.32 12.15 6.22
N LEU F 172 -41.39 11.70 5.39
CA LEU F 172 -41.22 10.28 5.11
C LEU F 172 -40.88 9.46 6.36
N ALA F 173 -40.07 10.03 7.24
CA ALA F 173 -39.62 9.29 8.41
C ALA F 173 -40.74 9.15 9.44
N ARG F 174 -41.51 10.22 9.63
CA ARG F 174 -42.64 10.20 10.58
C ARG F 174 -43.65 9.19 10.12
N ALA F 175 -43.77 9.06 8.80
CA ALA F 175 -44.71 8.15 8.16
C ALA F 175 -44.28 6.69 8.29
N GLY F 176 -43.04 6.45 8.71
CA GLY F 176 -42.58 5.10 9.08
C GLY F 176 -41.43 4.53 8.27
N ALA F 177 -40.90 5.28 7.31
CA ALA F 177 -39.79 4.75 6.49
C ALA F 177 -38.55 4.45 7.32
N ASP F 178 -38.01 3.27 7.14
CA ASP F 178 -36.87 2.82 7.91
C ASP F 178 -35.62 3.56 7.43
N MET F 179 -35.64 3.84 6.13
CA MET F 179 -34.49 4.31 5.41
C MET F 179 -34.97 5.32 4.39
N VAL F 180 -34.39 6.51 4.44
CA VAL F 180 -34.64 7.52 3.44
C VAL F 180 -33.43 7.50 2.46
N CYS F 181 -33.69 7.67 1.17
CA CYS F 181 -32.66 7.52 0.14
C CYS F 181 -32.50 8.76 -0.80
N PRO F 182 -31.62 9.72 -0.42
CA PRO F 182 -31.47 10.91 -1.25
C PRO F 182 -30.81 10.62 -2.60
N SER F 183 -31.60 10.69 -3.68
CA SER F 183 -31.11 10.41 -5.03
C SER F 183 -30.89 11.72 -5.83
N ASP F 184 -30.95 12.84 -5.10
CA ASP F 184 -30.95 14.19 -5.69
C ASP F 184 -29.63 14.63 -6.24
N MET F 185 -28.54 14.12 -5.66
CA MET F 185 -27.18 14.56 -5.93
C MET F 185 -26.90 16.05 -5.71
N MET F 186 -27.65 16.72 -4.84
CA MET F 186 -27.23 18.03 -4.31
C MET F 186 -25.98 17.91 -3.39
N ASP F 187 -25.18 18.95 -3.35
CA ASP F 187 -24.03 18.99 -2.44
C ASP F 187 -24.48 19.20 -0.98
N GLY F 188 -23.95 18.34 -0.11
CA GLY F 188 -24.09 18.50 1.31
C GLY F 188 -25.33 17.92 1.97
N ARG F 189 -26.19 17.21 1.23
CA ARG F 189 -27.53 16.92 1.75
C ARG F 189 -27.61 15.78 2.77
N VAL F 190 -26.63 14.90 2.81
CA VAL F 190 -26.69 13.80 3.76
C VAL F 190 -26.62 14.39 5.13
N SER F 191 -25.66 15.26 5.32
CA SER F 191 -25.41 15.87 6.63
C SER F 191 -26.59 16.68 7.09
N ALA F 192 -27.14 17.50 6.20
CA ALA F 192 -28.28 18.35 6.48
C ALA F 192 -29.53 17.52 6.82
N ILE F 193 -29.73 16.46 6.04
CA ILE F 193 -30.84 15.56 6.31
C ILE F 193 -30.62 14.86 7.64
N ARG F 194 -29.40 14.35 7.84
CA ARG F 194 -29.06 13.71 9.11
C ARG F 194 -29.39 14.60 10.28
N GLU F 195 -28.96 15.85 10.23
CA GLU F 195 -29.16 16.78 11.34
C GLU F 195 -30.63 17.17 11.53
N SER F 196 -31.37 17.34 10.43
CA SER F 196 -32.81 17.53 10.47
C SER F 196 -33.48 16.38 11.20
N LEU F 197 -33.32 15.16 10.67
CA LEU F 197 -33.95 13.97 11.25
C LEU F 197 -33.64 13.81 12.74
N ASP F 198 -32.37 13.99 13.10
CA ASP F 198 -31.96 13.82 14.47
C ASP F 198 -32.68 14.81 15.36
N MET F 199 -32.76 16.05 14.94
CA MET F 199 -33.40 17.07 15.73
C MET F 199 -34.88 16.76 15.97
N GLU F 200 -35.53 16.04 15.07
CA GLU F 200 -36.92 15.66 15.24
C GLU F 200 -37.07 14.34 16.01
N GLY F 201 -35.97 13.81 16.55
CA GLY F 201 -36.05 12.56 17.29
C GLY F 201 -36.09 11.33 16.40
N CYS F 202 -35.65 11.47 15.15
CA CYS F 202 -35.66 10.37 14.18
C CYS F 202 -34.25 9.87 13.97
N THR F 203 -33.51 9.68 15.06
CA THR F 203 -32.09 9.24 15.01
C THR F 203 -31.95 7.81 14.53
N ASP F 204 -32.94 7.04 14.86
CA ASP F 204 -33.19 5.71 14.38
C ASP F 204 -33.20 5.58 12.83
N THR F 205 -33.72 6.59 12.14
CA THR F 205 -34.01 6.49 10.73
C THR F 205 -32.73 6.54 9.95
N SER F 206 -32.56 5.62 8.99
CA SER F 206 -31.31 5.46 8.25
C SER F 206 -31.26 6.30 6.96
N ILE F 207 -30.03 6.61 6.52
CA ILE F 207 -29.80 7.31 5.26
C ILE F 207 -29.00 6.40 4.36
N LEU F 208 -29.60 6.02 3.23
CA LEU F 208 -28.89 5.30 2.20
C LEU F 208 -28.55 6.33 1.16
N ALA F 209 -27.30 6.74 1.11
CA ALA F 209 -26.86 7.83 0.24
C ALA F 209 -26.54 7.36 -1.18
N TYR F 210 -27.15 8.04 -2.14
CA TYR F 210 -26.70 7.96 -3.53
C TYR F 210 -25.46 8.85 -3.64
N SER F 211 -24.29 8.25 -3.39
CA SER F 211 -23.03 8.94 -3.46
C SER F 211 -22.51 9.06 -4.88
N CYS F 212 -22.57 7.97 -5.63
CA CYS F 212 -22.09 7.93 -7.01
C CYS F 212 -23.30 7.63 -7.90
N LYS F 213 -24.07 8.68 -8.20
CA LYS F 213 -25.20 8.58 -9.14
C LYS F 213 -24.85 9.30 -10.44
N TYR F 214 -24.70 8.55 -11.52
CA TYR F 214 -24.26 9.12 -12.79
C TYR F 214 -25.40 9.66 -13.63
N ALA F 215 -25.04 10.59 -14.51
CA ALA F 215 -25.98 11.22 -15.39
C ALA F 215 -26.22 10.28 -16.56
N SER F 216 -26.97 9.23 -16.29
CA SER F 216 -27.08 8.14 -17.22
C SER F 216 -28.20 8.36 -18.23
N SER F 217 -28.15 7.63 -19.32
CA SER F 217 -29.25 7.55 -20.26
C SER F 217 -29.99 6.23 -20.08
N PHE F 218 -29.74 5.52 -18.98
CA PHE F 218 -30.43 4.25 -18.70
C PHE F 218 -31.61 4.45 -17.77
N TYR F 219 -31.94 5.70 -17.44
CA TYR F 219 -33.08 6.00 -16.56
C TYR F 219 -34.43 6.20 -17.30
N GLY F 220 -34.44 6.03 -18.62
CA GLY F 220 -35.65 6.33 -19.38
C GLY F 220 -36.95 5.70 -18.90
N PRO F 221 -36.99 4.37 -18.77
CA PRO F 221 -38.26 3.73 -18.44
C PRO F 221 -38.82 4.10 -17.06
N PHE F 222 -37.94 4.34 -16.09
CA PHE F 222 -38.34 4.84 -14.78
C PHE F 222 -39.02 6.20 -14.93
N ARG F 223 -38.46 7.08 -15.75
CA ARG F 223 -39.10 8.39 -15.95
C ARG F 223 -40.43 8.24 -16.72
N ASP F 224 -40.55 7.17 -17.50
CA ASP F 224 -41.84 6.75 -18.05
C ASP F 224 -42.78 6.37 -16.88
N ALA F 225 -42.33 5.46 -16.01
CA ALA F 225 -43.16 5.04 -14.84
C ALA F 225 -43.76 6.24 -14.10
N LEU F 226 -42.92 7.23 -13.82
CA LEU F 226 -43.31 8.41 -13.04
C LEU F 226 -43.92 9.56 -13.88
N ASP F 227 -43.71 9.53 -15.20
CA ASP F 227 -44.09 10.63 -16.08
C ASP F 227 -43.32 11.88 -15.62
N SER F 228 -42.01 11.70 -15.45
CA SER F 228 -41.13 12.69 -14.84
C SER F 228 -39.92 13.11 -15.72
N HIS F 229 -40.04 12.94 -17.03
CA HIS F 229 -39.01 13.40 -17.96
C HIS F 229 -38.77 14.91 -17.80
N MET F 230 -37.52 15.34 -18.02
CA MET F 230 -37.11 16.73 -17.91
C MET F 230 -37.81 17.54 -19.00
N VAL F 231 -38.06 18.82 -18.75
CA VAL F 231 -38.66 19.69 -19.76
C VAL F 231 -37.61 20.33 -20.68
N GLY F 232 -38.09 20.79 -21.83
CA GLY F 232 -37.35 21.71 -22.71
C GLY F 232 -35.94 21.33 -23.10
N GLY F 233 -35.69 20.04 -23.33
CA GLY F 233 -34.36 19.59 -23.78
C GLY F 233 -33.23 19.75 -22.76
N THR F 234 -33.59 19.95 -21.49
CA THR F 234 -32.60 20.10 -20.44
C THR F 234 -32.17 18.70 -20.00
N ASP F 235 -31.17 18.67 -19.12
CA ASP F 235 -30.64 17.43 -18.58
C ASP F 235 -30.11 17.68 -17.18
N LYS F 236 -29.67 16.61 -16.52
CA LYS F 236 -29.17 16.68 -15.17
C LYS F 236 -27.63 16.70 -15.05
N LYS F 237 -26.91 17.07 -16.10
CA LYS F 237 -25.43 16.96 -16.03
C LYS F 237 -24.77 17.97 -15.08
N THR F 238 -25.52 19.00 -14.64
CA THR F 238 -25.05 19.93 -13.60
C THR F 238 -25.20 19.38 -12.20
N TYR F 239 -25.72 18.15 -12.06
CA TYR F 239 -25.70 17.52 -10.73
C TYR F 239 -25.37 16.04 -10.70
N GLN F 240 -25.98 15.24 -11.55
CA GLN F 240 -25.52 13.86 -11.74
C GLN F 240 -24.14 13.79 -12.41
N MET F 241 -23.40 12.75 -12.05
CA MET F 241 -22.02 12.69 -12.42
C MET F 241 -21.78 12.31 -13.88
N ASP F 242 -20.73 12.89 -14.43
CA ASP F 242 -20.23 12.55 -15.75
C ASP F 242 -19.79 11.07 -15.79
N PRO F 243 -20.38 10.28 -16.69
CA PRO F 243 -19.91 8.89 -16.79
C PRO F 243 -18.44 8.77 -17.12
N SER F 244 -17.83 9.81 -17.67
CA SER F 244 -16.41 9.72 -17.94
C SER F 244 -15.49 9.61 -16.70
N ASN F 245 -16.03 9.87 -15.50
CA ASN F 245 -15.20 10.08 -14.30
C ASN F 245 -15.31 9.02 -13.18
N SER F 246 -14.17 8.52 -12.67
CA SER F 246 -14.17 7.61 -11.50
C SER F 246 -13.55 8.20 -10.23
N ARG F 247 -12.48 8.97 -10.39
CA ARG F 247 -11.81 9.62 -9.24
C ARG F 247 -12.81 10.45 -8.43
N GLU F 248 -13.71 11.10 -9.14
CA GLU F 248 -14.72 11.95 -8.55
C GLU F 248 -15.62 11.14 -7.62
N ALA F 249 -15.82 9.85 -7.97
CA ALA F 249 -16.64 8.94 -7.13
C ALA F 249 -16.08 8.82 -5.72
N GLU F 250 -14.77 8.83 -5.59
CA GLU F 250 -14.14 8.74 -4.27
C GLU F 250 -14.37 10.02 -3.47
N ARG F 251 -14.24 11.15 -4.13
CA ARG F 251 -14.56 12.44 -3.49
C ARG F 251 -15.98 12.40 -2.93
N GLU F 252 -16.92 11.87 -3.72
CA GLU F 252 -18.32 11.81 -3.32
C GLU F 252 -18.57 10.82 -2.20
N ALA F 253 -18.04 9.62 -2.33
CA ALA F 253 -18.18 8.60 -1.28
C ALA F 253 -17.55 9.06 0.04
N GLU F 254 -16.33 9.59 -0.03
CA GLU F 254 -15.63 10.04 1.17
C GLU F 254 -16.52 11.02 1.93
N ALA F 255 -17.14 11.94 1.21
CA ALA F 255 -17.85 13.02 1.87
C ALA F 255 -19.09 12.46 2.57
N ASP F 256 -19.83 11.59 1.88
CA ASP F 256 -21.08 11.09 2.44
C ASP F 256 -20.85 10.23 3.68
N ALA F 257 -19.76 9.46 3.68
CA ALA F 257 -19.39 8.68 4.84
C ALA F 257 -19.14 9.60 6.06
N SER F 258 -18.49 10.73 5.85
CA SER F 258 -18.20 11.63 6.96
C SER F 258 -19.42 12.45 7.38
N GLU F 259 -20.39 12.60 6.47
CA GLU F 259 -21.65 13.28 6.77
C GLU F 259 -22.65 12.37 7.47
N GLY F 260 -22.27 11.11 7.71
CA GLY F 260 -23.02 10.26 8.60
C GLY F 260 -23.91 9.21 7.97
N ALA F 261 -23.69 8.96 6.68
CA ALA F 261 -24.46 8.04 5.89
C ALA F 261 -24.31 6.63 6.43
N ASP F 262 -25.36 5.84 6.28
CA ASP F 262 -25.38 4.47 6.77
C ASP F 262 -24.90 3.49 5.73
N MET F 263 -25.08 3.83 4.46
CA MET F 263 -24.85 2.95 3.34
C MET F 263 -24.64 3.81 2.11
N LEU F 264 -23.81 3.34 1.18
CA LEU F 264 -23.53 4.08 -0.07
C LEU F 264 -24.01 3.30 -1.27
N MET F 265 -24.70 4.01 -2.16
CA MET F 265 -25.25 3.50 -3.39
C MET F 265 -24.46 4.00 -4.59
N VAL F 266 -24.20 3.09 -5.52
CA VAL F 266 -23.66 3.39 -6.84
C VAL F 266 -24.80 3.07 -7.84
N LYS F 267 -25.01 3.97 -8.82
CA LYS F 267 -26.14 3.89 -9.74
C LYS F 267 -25.83 4.67 -10.99
N PRO F 268 -26.09 4.08 -12.16
CA PRO F 268 -26.61 2.74 -12.46
C PRO F 268 -25.69 1.59 -12.04
N GLY F 269 -25.99 0.40 -12.58
CA GLY F 269 -25.53 -0.87 -12.03
C GLY F 269 -24.34 -1.46 -12.74
N LEU F 270 -24.60 -2.35 -13.71
CA LEU F 270 -23.54 -3.10 -14.37
C LEU F 270 -22.54 -2.22 -15.10
N PRO F 271 -22.98 -1.14 -15.75
CA PRO F 271 -22.01 -0.30 -16.46
C PRO F 271 -21.19 0.56 -15.51
N TYR F 272 -21.39 0.35 -14.22
CA TYR F 272 -20.62 1.04 -13.18
C TYR F 272 -20.01 0.11 -12.13
N LEU F 273 -19.88 -1.18 -12.46
CA LEU F 273 -19.26 -2.11 -11.47
C LEU F 273 -17.83 -1.76 -11.10
N ASP F 274 -17.11 -1.01 -11.93
CA ASP F 274 -15.76 -0.58 -11.52
C ASP F 274 -15.82 0.40 -10.34
N VAL F 275 -16.81 1.28 -10.37
CA VAL F 275 -16.92 2.31 -9.37
C VAL F 275 -17.38 1.64 -8.08
N LEU F 276 -18.38 0.77 -8.20
CA LEU F 276 -18.77 -0.09 -7.09
C LEU F 276 -17.56 -0.77 -6.41
N ALA F 277 -16.74 -1.50 -7.15
CA ALA F 277 -15.52 -2.12 -6.59
C ALA F 277 -14.55 -1.14 -5.93
N LYS F 278 -14.38 0.03 -6.52
CA LYS F 278 -13.41 1.00 -6.00
C LYS F 278 -13.93 1.52 -4.67
N ILE F 279 -15.20 1.90 -4.62
CA ILE F 279 -15.73 2.45 -3.37
C ILE F 279 -15.82 1.35 -2.27
N ARG F 280 -16.14 0.13 -2.69
CA ARG F 280 -16.18 -1.00 -1.78
C ARG F 280 -14.84 -1.16 -1.07
N GLU F 281 -13.78 -1.16 -1.86
CA GLU F 281 -12.43 -1.25 -1.34
C GLU F 281 -12.05 -0.16 -0.36
N LYS F 282 -12.58 1.04 -0.57
CA LYS F 282 -12.15 2.14 0.26
C LYS F 282 -13.11 2.45 1.39
N SER F 283 -14.39 2.23 1.18
CA SER F 283 -15.38 2.56 2.19
C SER F 283 -15.42 1.51 3.31
N LYS F 284 -15.78 1.96 4.50
CA LYS F 284 -16.00 1.04 5.59
C LYS F 284 -17.53 0.95 5.80
N LEU F 285 -18.32 1.49 4.89
CA LEU F 285 -19.78 1.36 4.91
C LEU F 285 -20.33 0.28 3.95
N PRO F 286 -21.51 -0.26 4.24
CA PRO F 286 -22.15 -1.18 3.27
C PRO F 286 -22.51 -0.51 1.94
N MET F 287 -22.43 -1.29 0.88
CA MET F 287 -22.59 -0.83 -0.49
C MET F 287 -23.83 -1.44 -1.08
N VAL F 288 -24.56 -0.61 -1.82
CA VAL F 288 -25.73 -1.04 -2.53
C VAL F 288 -25.49 -0.64 -3.96
N ALA F 289 -25.83 -1.50 -4.91
CA ALA F 289 -25.87 -1.13 -6.34
C ALA F 289 -27.31 -1.13 -6.83
N TYR F 290 -27.58 -0.35 -7.87
CA TYR F 290 -28.94 -0.24 -8.43
C TYR F 290 -28.92 -0.73 -9.89
N HIS F 291 -29.63 -1.83 -10.13
CA HIS F 291 -29.86 -2.35 -11.45
C HIS F 291 -31.05 -1.60 -12.00
N VAL F 292 -30.80 -0.60 -12.84
CA VAL F 292 -31.84 0.41 -13.14
C VAL F 292 -32.82 0.03 -14.23
N SER F 293 -33.89 0.81 -14.32
CA SER F 293 -34.99 0.56 -15.22
C SER F 293 -34.55 0.14 -16.63
N GLY F 294 -33.55 0.81 -17.16
CA GLY F 294 -33.10 0.57 -18.53
C GLY F 294 -32.28 -0.69 -18.66
N GLU F 295 -31.58 -1.02 -17.60
CA GLU F 295 -30.88 -2.27 -17.56
C GLU F 295 -31.88 -3.41 -17.55
N TYR F 296 -32.94 -3.24 -16.74
CA TYR F 296 -34.08 -4.17 -16.68
C TYR F 296 -34.72 -4.34 -18.01
N ALA F 297 -35.01 -3.22 -18.68
CA ALA F 297 -35.69 -3.23 -19.99
C ALA F 297 -34.88 -4.01 -21.02
N MET F 298 -33.56 -3.92 -20.94
CA MET F 298 -32.71 -4.60 -21.91
C MET F 298 -32.80 -6.13 -21.74
N LEU F 299 -32.76 -6.62 -20.51
CA LEU F 299 -32.91 -8.06 -20.29
C LEU F 299 -34.25 -8.57 -20.78
N LYS F 300 -35.30 -7.88 -20.37
CA LYS F 300 -36.66 -8.21 -20.79
C LYS F 300 -36.79 -8.23 -22.29
N ALA F 301 -36.34 -7.16 -22.94
CA ALA F 301 -36.44 -7.05 -24.39
C ALA F 301 -35.78 -8.24 -25.03
N ALA F 302 -34.51 -8.46 -24.70
CA ALA F 302 -33.75 -9.58 -25.26
C ALA F 302 -34.39 -10.94 -24.96
N ALA F 303 -34.92 -11.11 -23.76
CA ALA F 303 -35.57 -12.37 -23.41
C ALA F 303 -36.87 -12.54 -24.20
N GLU F 304 -37.69 -11.51 -24.20
CA GLU F 304 -38.93 -11.55 -24.97
C GLU F 304 -38.67 -12.04 -26.38
N LYS F 305 -37.61 -11.54 -27.00
CA LYS F 305 -37.30 -11.92 -28.39
C LYS F 305 -36.56 -13.25 -28.58
N GLY F 306 -36.22 -13.94 -27.49
CA GLY F 306 -35.54 -15.22 -27.59
C GLY F 306 -34.02 -15.18 -27.73
N TYR F 307 -33.42 -13.99 -27.66
CA TYR F 307 -31.96 -13.87 -27.85
C TYR F 307 -31.12 -14.38 -26.67
N ILE F 308 -31.62 -14.27 -25.44
CA ILE F 308 -30.90 -14.74 -24.28
C ILE F 308 -31.84 -15.58 -23.43
N SER F 309 -31.27 -16.36 -22.52
CA SER F 309 -32.07 -17.05 -21.54
C SER F 309 -32.19 -16.11 -20.34
N GLU F 310 -33.42 -15.76 -19.97
CA GLU F 310 -33.68 -14.75 -18.94
C GLU F 310 -33.21 -15.16 -17.57
N LYS F 311 -33.58 -16.37 -17.20
CA LYS F 311 -33.28 -16.89 -15.87
C LYS F 311 -31.78 -16.96 -15.67
N ASP F 312 -31.05 -17.54 -16.63
CA ASP F 312 -29.59 -17.70 -16.50
C ASP F 312 -28.87 -16.36 -16.44
N THR F 313 -29.33 -15.43 -17.25
CA THR F 313 -28.64 -14.15 -17.37
C THR F 313 -28.93 -13.22 -16.21
N VAL F 314 -30.16 -13.24 -15.70
CA VAL F 314 -30.52 -12.45 -14.51
C VAL F 314 -29.76 -12.97 -13.30
N LEU F 315 -29.67 -14.29 -13.19
CA LEU F 315 -28.91 -14.88 -12.08
C LEU F 315 -27.41 -14.51 -12.13
N GLU F 316 -26.82 -14.45 -13.33
CA GLU F 316 -25.40 -14.17 -13.49
C GLU F 316 -25.16 -12.70 -13.24
N VAL F 317 -26.14 -11.88 -13.56
CA VAL F 317 -26.06 -10.44 -13.28
C VAL F 317 -26.06 -10.16 -11.77
N LEU F 318 -26.92 -10.84 -11.02
CA LEU F 318 -26.93 -10.63 -9.57
C LEU F 318 -25.62 -11.13 -8.91
N LYS F 319 -25.07 -12.23 -9.41
CA LYS F 319 -23.81 -12.72 -8.89
C LYS F 319 -22.70 -11.72 -9.16
N SER F 320 -22.74 -11.09 -10.33
CA SER F 320 -21.72 -10.10 -10.71
C SER F 320 -21.77 -8.90 -9.79
N PHE F 321 -22.96 -8.42 -9.50
CA PHE F 321 -23.10 -7.27 -8.59
C PHE F 321 -22.46 -7.58 -7.26
N ARG F 322 -22.72 -8.79 -6.85
CA ARG F 322 -22.28 -9.24 -5.58
C ARG F 322 -20.74 -9.39 -5.63
N ARG F 323 -20.20 -9.93 -6.73
CA ARG F 323 -18.77 -10.09 -6.84
C ARG F 323 -18.10 -8.72 -6.85
N ALA F 324 -18.74 -7.76 -7.52
CA ALA F 324 -18.21 -6.42 -7.63
C ALA F 324 -18.12 -5.71 -6.26
N GLY F 325 -18.80 -6.23 -5.26
CA GLY F 325 -18.78 -5.68 -3.91
C GLY F 325 -20.11 -5.12 -3.40
N ALA F 326 -21.22 -5.45 -4.04
CA ALA F 326 -22.49 -4.95 -3.56
C ALA F 326 -22.90 -5.80 -2.38
N ASP F 327 -23.17 -5.20 -1.24
CA ASP F 327 -23.83 -5.95 -0.19
C ASP F 327 -25.31 -6.17 -0.53
N ALA F 328 -25.92 -5.19 -1.22
CA ALA F 328 -27.32 -5.32 -1.68
C ALA F 328 -27.49 -4.75 -3.07
N VAL F 329 -28.54 -5.18 -3.75
CA VAL F 329 -28.74 -4.83 -5.12
C VAL F 329 -30.20 -4.53 -5.17
N ALA F 330 -30.54 -3.33 -5.65
CA ALA F 330 -31.90 -2.96 -5.99
C ALA F 330 -32.14 -3.39 -7.43
N THR F 331 -33.22 -4.13 -7.68
CA THR F 331 -33.46 -4.65 -9.03
C THR F 331 -34.89 -5.00 -9.16
N TYR F 332 -35.49 -4.63 -10.31
CA TYR F 332 -36.88 -4.97 -10.63
C TYR F 332 -37.03 -6.48 -10.81
N TYR F 333 -35.93 -7.19 -10.96
CA TYR F 333 -36.00 -8.65 -10.93
C TYR F 333 -36.05 -9.28 -9.51
N ALA F 334 -36.04 -8.47 -8.45
CA ALA F 334 -35.92 -9.00 -7.08
C ALA F 334 -36.92 -10.12 -6.73
N LYS F 335 -38.20 -9.89 -7.00
CA LYS F 335 -39.21 -10.90 -6.72
C LYS F 335 -38.97 -12.13 -7.58
N GLU F 336 -38.68 -11.91 -8.86
CA GLU F 336 -38.58 -13.05 -9.80
C GLU F 336 -37.36 -13.90 -9.50
N ALA F 337 -36.27 -13.27 -9.09
CA ALA F 337 -35.07 -14.01 -8.71
C ALA F 337 -35.31 -14.80 -7.40
N ALA F 338 -35.93 -14.15 -6.43
CA ALA F 338 -36.21 -14.83 -5.18
C ALA F 338 -37.03 -16.13 -5.44
N LYS F 339 -38.05 -15.99 -6.29
CA LYS F 339 -38.97 -17.05 -6.69
C LYS F 339 -38.23 -18.15 -7.42
N TRP F 340 -37.24 -17.82 -8.23
CA TRP F 340 -36.45 -18.87 -8.86
C TRP F 340 -35.65 -19.65 -7.84
N MET F 341 -35.11 -18.93 -6.86
CA MET F 341 -34.25 -19.56 -5.87
C MET F 341 -35.06 -20.48 -4.98
N VAL F 342 -36.25 -20.04 -4.59
CA VAL F 342 -37.10 -20.84 -3.70
C VAL F 342 -37.66 -22.06 -4.48
N GLU F 343 -38.11 -21.86 -5.71
CA GLU F 343 -38.59 -22.99 -6.49
C GLU F 343 -37.52 -24.07 -6.64
N ASP F 344 -36.27 -23.69 -6.86
CA ASP F 344 -35.18 -24.65 -6.94
C ASP F 344 -34.91 -25.32 -5.59
N MET F 345 -34.95 -24.54 -4.54
CA MET F 345 -34.68 -25.02 -3.20
C MET F 345 -35.68 -26.07 -2.74
N LYS F 346 -36.92 -25.97 -3.22
CA LYS F 346 -38.00 -26.91 -2.92
C LYS F 346 -38.09 -28.07 -3.93
N GLY F 347 -37.58 -27.85 -5.13
CA GLY F 347 -37.66 -28.83 -6.19
C GLY F 347 -36.39 -29.62 -6.31
N THR F 348 -35.73 -29.50 -7.46
CA THR F 348 -34.55 -30.30 -7.75
C THR F 348 -33.24 -29.84 -7.06
N GLN F 349 -33.27 -28.74 -6.34
CA GLN F 349 -32.04 -28.04 -5.90
C GLN F 349 -30.81 -28.22 -6.80
N LYS F 350 -30.93 -27.73 -8.04
CA LYS F 350 -29.89 -27.84 -9.06
C LYS F 350 -28.89 -26.70 -8.98
N PHE F 351 -29.27 -25.59 -8.37
CA PHE F 351 -28.31 -24.49 -8.21
C PHE F 351 -28.35 -23.78 -6.85
N THR F 352 -29.22 -24.21 -5.96
CA THR F 352 -29.35 -23.53 -4.68
C THR F 352 -28.97 -24.49 -3.55
N GLU F 353 -28.61 -23.91 -2.41
CA GLU F 353 -28.47 -24.67 -1.17
C GLU F 353 -28.75 -23.71 -0.03
N PRO F 354 -28.90 -24.22 1.19
CA PRO F 354 -29.15 -23.31 2.31
C PRO F 354 -27.91 -22.53 2.74
N CYS F 355 -28.13 -21.34 3.29
CA CYS F 355 -27.04 -20.62 3.93
C CYS F 355 -27.54 -19.93 5.20
N TYR F 356 -26.61 -19.39 5.97
CA TYR F 356 -26.94 -18.47 7.07
C TYR F 356 -25.81 -17.45 7.27
N GLY G 5 -22.65 19.79 28.92
CA GLY G 5 -21.60 18.81 28.52
C GLY G 5 -21.71 18.35 27.05
N PRO G 6 -21.48 17.06 26.78
CA PRO G 6 -21.66 16.55 25.42
C PRO G 6 -23.14 16.37 25.00
N LEU G 7 -24.01 16.07 25.96
CA LEU G 7 -25.42 15.81 25.68
C LEU G 7 -26.21 17.10 25.50
N ASP G 8 -27.13 17.05 24.55
CA ASP G 8 -28.01 18.16 24.20
C ASP G 8 -29.44 17.63 24.35
N ASN G 9 -30.40 18.46 24.01
CA ASN G 9 -31.81 18.10 24.01
C ASN G 9 -32.37 18.33 22.62
N ASN G 10 -33.14 17.36 22.11
CA ASN G 10 -33.75 17.49 20.79
C ASN G 10 -35.01 18.37 20.84
N ASN G 11 -35.68 18.52 19.70
CA ASN G 11 -36.84 19.41 19.57
C ASN G 11 -37.99 19.10 20.55
N TYR G 12 -38.05 17.86 21.06
CA TYR G 12 -39.05 17.46 22.05
C TYR G 12 -38.48 17.40 23.48
N GLY G 13 -37.41 18.15 23.73
CA GLY G 13 -36.71 18.10 25.01
C GLY G 13 -36.24 16.71 25.45
N GLU G 14 -35.99 15.80 24.51
CA GLU G 14 -35.42 14.48 24.84
C GLU G 14 -33.91 14.58 24.80
N VAL G 15 -33.24 13.80 25.65
CA VAL G 15 -31.77 13.77 25.67
C VAL G 15 -31.28 13.34 24.29
N TRP G 16 -30.24 14.03 23.80
CA TRP G 16 -29.73 13.78 22.45
C TRP G 16 -28.21 13.96 22.37
N LEU G 17 -27.51 12.91 21.97
CA LEU G 17 -26.06 12.97 21.75
C LEU G 17 -25.80 13.24 20.26
N PRO G 18 -25.35 14.47 19.92
CA PRO G 18 -25.38 14.92 18.51
C PRO G 18 -24.34 14.31 17.57
N ILE G 19 -23.89 13.10 17.91
CA ILE G 19 -23.09 12.27 17.02
C ILE G 19 -23.83 12.00 15.68
N GLN G 20 -23.10 12.14 14.56
CA GLN G 20 -23.68 11.94 13.21
C GLN G 20 -23.74 10.47 12.82
N ALA G 21 -22.61 9.77 12.91
CA ALA G 21 -22.55 8.35 12.54
C ALA G 21 -23.08 7.48 13.68
N ARG G 22 -23.99 6.57 13.33
CA ARG G 22 -24.55 5.62 14.28
C ARG G 22 -24.52 4.22 13.68
N PRO G 23 -23.42 3.49 13.93
CA PRO G 23 -23.30 2.12 13.46
C PRO G 23 -24.45 1.20 13.86
N ARG G 24 -25.10 1.50 14.99
CA ARG G 24 -26.26 0.74 15.46
C ARG G 24 -27.45 0.73 14.49
N ARG G 25 -27.56 1.74 13.63
CA ARG G 25 -28.64 1.81 12.64
C ARG G 25 -28.60 0.62 11.70
N ASN G 26 -27.39 0.13 11.41
CA ASN G 26 -27.24 -1.07 10.60
C ASN G 26 -27.39 -2.37 11.40
N ARG G 27 -27.88 -2.26 12.63
CA ARG G 27 -28.17 -3.39 13.48
C ARG G 27 -29.63 -3.40 13.92
N LYS G 28 -30.39 -2.41 13.45
CA LYS G 28 -31.77 -2.15 13.89
C LYS G 28 -32.67 -3.38 14.00
N ASN G 29 -32.52 -4.31 13.08
CA ASN G 29 -33.43 -5.46 12.99
C ASN G 29 -32.84 -6.48 12.02
N ARG G 30 -33.38 -7.68 11.99
CA ARG G 30 -32.86 -8.72 11.12
C ARG G 30 -32.75 -8.28 9.64
N ALA G 31 -33.76 -7.55 9.16
CA ALA G 31 -33.80 -7.19 7.75
C ALA G 31 -32.58 -6.33 7.33
N VAL G 32 -32.31 -5.29 8.10
CA VAL G 32 -31.13 -4.46 7.90
C VAL G 32 -29.85 -5.29 8.03
N ARG G 33 -29.78 -6.13 9.05
CA ARG G 33 -28.59 -6.93 9.28
C ARG G 33 -28.37 -7.91 8.13
N GLN G 34 -29.43 -8.39 7.55
CA GLN G 34 -29.29 -9.28 6.43
C GLN G 34 -28.88 -8.54 5.15
N LEU G 35 -29.27 -7.29 5.00
CA LEU G 35 -28.85 -6.53 3.83
C LEU G 35 -27.35 -6.33 3.86
N VAL G 36 -26.79 -6.18 5.04
CA VAL G 36 -25.38 -5.79 5.16
C VAL G 36 -24.46 -6.91 5.62
N GLN G 37 -25.01 -8.09 5.88
CA GLN G 37 -24.25 -9.29 6.23
C GLN G 37 -23.10 -9.61 5.24
N GLU G 38 -21.86 -9.66 5.75
CA GLU G 38 -20.71 -9.73 4.85
C GLU G 38 -20.33 -11.17 4.48
N ASN G 39 -20.68 -12.16 5.30
CA ASN G 39 -20.21 -13.53 5.10
C ASN G 39 -21.30 -14.54 5.42
N LEU G 40 -21.32 -15.63 4.64
CA LEU G 40 -22.39 -16.64 4.68
C LEU G 40 -21.75 -17.99 4.85
N VAL G 41 -22.47 -18.92 5.48
CA VAL G 41 -22.02 -20.31 5.57
C VAL G 41 -23.00 -21.15 4.78
N LYS G 42 -22.42 -22.09 4.02
CA LYS G 42 -23.15 -23.14 3.31
C LYS G 42 -22.46 -24.51 3.49
N PRO G 43 -23.26 -25.62 3.42
CA PRO G 43 -22.77 -26.99 3.56
C PRO G 43 -21.69 -27.36 2.60
N SER G 44 -21.77 -26.87 1.37
CA SER G 44 -20.78 -27.23 0.39
C SER G 44 -19.47 -26.51 0.67
N SER G 45 -19.43 -25.68 1.71
CA SER G 45 -18.16 -25.13 2.18
C SER G 45 -17.51 -25.93 3.29
N LEU G 46 -18.19 -26.98 3.78
CA LEU G 46 -17.65 -27.75 4.89
C LEU G 46 -17.07 -29.01 4.33
N ILE G 47 -15.91 -29.42 4.85
CA ILE G 47 -15.27 -30.72 4.54
C ILE G 47 -15.38 -31.58 5.81
N TYR G 48 -15.80 -32.82 5.67
CA TYR G 48 -16.11 -33.67 6.82
C TYR G 48 -15.04 -34.73 6.90
N PRO G 49 -14.26 -34.73 7.98
CA PRO G 49 -13.17 -35.68 7.99
C PRO G 49 -13.62 -36.91 8.74
N LEU G 50 -13.32 -38.08 8.19
CA LEU G 50 -13.76 -39.37 8.74
C LEU G 50 -12.60 -40.36 8.95
N PHE G 51 -12.76 -41.29 9.90
CA PHE G 51 -11.74 -42.33 10.14
C PHE G 51 -12.24 -43.72 9.76
N VAL G 52 -11.41 -44.48 9.06
CA VAL G 52 -11.77 -45.85 8.75
C VAL G 52 -10.73 -46.83 9.30
N HIS G 53 -11.20 -47.99 9.76
CA HIS G 53 -10.31 -49.09 10.14
C HIS G 53 -10.77 -50.39 9.50
N ASP G 54 -9.87 -51.37 9.54
CA ASP G 54 -10.07 -52.60 8.81
C ASP G 54 -10.68 -53.64 9.74
N GLU G 55 -11.73 -53.26 10.46
CA GLU G 55 -12.45 -54.18 11.36
C GLU G 55 -13.89 -54.33 10.89
N GLU G 56 -14.58 -55.32 11.44
CA GLU G 56 -15.93 -55.63 11.00
C GLU G 56 -16.91 -54.67 11.65
N THR G 57 -16.50 -54.07 12.76
CA THR G 57 -17.38 -53.23 13.58
C THR G 57 -16.76 -51.85 13.80
N SER G 58 -17.60 -50.81 13.81
CA SER G 58 -17.14 -49.45 14.14
C SER G 58 -16.92 -49.27 15.65
N VAL G 59 -15.89 -48.50 16.03
CA VAL G 59 -15.60 -48.25 17.42
C VAL G 59 -15.56 -46.75 17.75
N PRO G 60 -16.35 -46.31 18.73
CA PRO G 60 -16.29 -44.89 19.12
C PRO G 60 -14.88 -44.44 19.49
N ILE G 61 -14.59 -43.16 19.26
CA ILE G 61 -13.35 -42.55 19.71
C ILE G 61 -13.73 -41.73 20.97
N PRO G 62 -13.35 -42.21 22.16
CA PRO G 62 -13.85 -41.58 23.38
C PRO G 62 -13.45 -40.11 23.56
N SER G 63 -12.26 -39.75 23.09
CA SER G 63 -11.80 -38.37 23.21
C SER G 63 -12.35 -37.47 22.08
N MET G 64 -13.09 -38.06 21.14
CA MET G 64 -13.84 -37.29 20.10
C MET G 64 -15.30 -37.68 20.11
N PRO G 65 -16.03 -37.23 21.13
CA PRO G 65 -17.38 -37.74 21.36
C PRO G 65 -18.29 -37.59 20.16
N GLY G 66 -18.86 -38.70 19.72
CA GLY G 66 -19.73 -38.73 18.55
C GLY G 66 -19.04 -39.12 17.26
N GLN G 67 -17.71 -39.27 17.27
CA GLN G 67 -17.00 -39.79 16.10
C GLN G 67 -16.49 -41.20 16.34
N SER G 68 -16.36 -41.98 15.26
CA SER G 68 -15.91 -43.34 15.36
C SER G 68 -14.83 -43.70 14.36
N ARG G 69 -14.11 -44.77 14.71
CA ARG G 69 -13.33 -45.51 13.74
C ARG G 69 -14.33 -46.31 12.96
N LEU G 70 -14.55 -45.97 11.70
CA LEU G 70 -15.62 -46.64 10.92
C LEU G 70 -15.15 -47.93 10.21
N SER G 71 -16.00 -48.95 10.25
CA SER G 71 -15.85 -50.08 9.35
C SER G 71 -16.12 -49.59 7.93
N MET G 72 -15.64 -50.33 6.95
CA MET G 72 -15.89 -50.00 5.55
C MET G 72 -17.38 -49.83 5.25
N GLU G 73 -18.19 -50.74 5.75
CA GLU G 73 -19.63 -50.67 5.62
C GLU G 73 -20.18 -49.36 6.18
N ASP G 74 -19.77 -48.99 7.40
CA ASP G 74 -20.30 -47.78 8.07
C ASP G 74 -19.64 -46.51 7.52
N LEU G 75 -18.51 -46.63 6.83
CA LEU G 75 -17.94 -45.49 6.10
C LEU G 75 -18.90 -45.01 5.01
N LEU G 76 -19.43 -45.96 4.24
CA LEU G 76 -20.33 -45.64 3.13
C LEU G 76 -21.68 -45.14 3.64
N LYS G 77 -22.20 -45.74 4.70
CA LYS G 77 -23.42 -45.25 5.32
C LYS G 77 -23.20 -43.81 5.82
N GLU G 78 -22.01 -43.54 6.34
CA GLU G 78 -21.72 -42.22 6.91
C GLU G 78 -21.55 -41.15 5.82
N VAL G 79 -20.79 -41.47 4.77
CA VAL G 79 -20.68 -40.56 3.63
C VAL G 79 -22.07 -40.31 3.02
N GLY G 80 -22.83 -41.38 2.81
CA GLY G 80 -24.20 -41.27 2.28
C GLY G 80 -25.11 -40.31 3.05
N GLU G 81 -25.11 -40.44 4.38
CA GLU G 81 -25.96 -39.59 5.22
C GLU G 81 -25.48 -38.14 5.07
N ALA G 82 -24.16 -37.95 5.08
CA ALA G 82 -23.60 -36.63 5.08
C ALA G 82 -23.93 -35.98 3.77
N ARG G 83 -23.90 -36.73 2.67
CA ARG G 83 -24.23 -36.08 1.40
C ARG G 83 -25.70 -35.79 1.25
N SER G 84 -26.54 -36.52 1.98
CA SER G 84 -27.96 -36.20 1.94
C SER G 84 -28.24 -34.81 2.53
N TYR G 85 -27.29 -34.31 3.33
CA TYR G 85 -27.37 -32.96 3.90
C TYR G 85 -26.56 -31.90 3.09
N GLY G 86 -25.99 -32.28 1.97
CA GLY G 86 -25.29 -31.33 1.12
C GLY G 86 -23.79 -31.26 1.32
N ILE G 87 -23.22 -32.08 2.21
CA ILE G 87 -21.77 -32.18 2.29
C ILE G 87 -21.28 -32.92 1.09
N LYS G 88 -20.25 -32.37 0.47
CA LYS G 88 -19.75 -32.90 -0.78
C LYS G 88 -18.28 -33.28 -0.73
N ALA G 89 -17.55 -32.76 0.25
CA ALA G 89 -16.12 -33.01 0.38
C ALA G 89 -15.84 -33.84 1.62
N PHE G 90 -15.06 -34.88 1.46
CA PHE G 90 -14.79 -35.78 2.56
C PHE G 90 -13.33 -36.04 2.66
N MET G 91 -12.82 -36.05 3.88
CA MET G 91 -11.42 -36.32 4.13
C MET G 91 -11.34 -37.67 4.80
N LEU G 92 -10.43 -38.52 4.33
CA LEU G 92 -10.32 -39.89 4.84
C LEU G 92 -9.00 -40.18 5.54
N PHE G 93 -9.08 -40.77 6.73
CA PHE G 93 -7.92 -41.11 7.53
C PHE G 93 -7.95 -42.58 7.89
N PRO G 94 -6.82 -43.29 7.71
CA PRO G 94 -6.74 -44.68 8.06
C PRO G 94 -6.19 -44.94 9.45
N LYS G 95 -6.82 -45.84 10.18
CA LYS G 95 -6.24 -46.42 11.38
C LYS G 95 -5.64 -47.76 10.97
N VAL G 96 -4.31 -47.81 10.87
CA VAL G 96 -3.61 -48.99 10.39
C VAL G 96 -3.30 -49.95 11.54
N ASP G 97 -3.45 -51.25 11.31
CA ASP G 97 -3.14 -52.27 12.31
C ASP G 97 -1.69 -52.09 12.78
N ASP G 98 -1.45 -52.18 14.08
CA ASP G 98 -0.08 -52.01 14.62
C ASP G 98 0.96 -52.82 13.86
N GLU G 99 0.62 -54.06 13.46
CA GLU G 99 1.57 -54.97 12.78
C GLU G 99 2.12 -54.45 11.42
N LEU G 100 1.38 -53.55 10.77
CA LEU G 100 1.78 -53.00 9.45
C LEU G 100 2.63 -51.72 9.54
N LYS G 101 2.72 -51.16 10.75
CA LYS G 101 3.45 -49.90 10.97
C LYS G 101 4.95 -50.13 10.99
N SER G 102 5.72 -49.22 10.39
CA SER G 102 7.17 -49.42 10.25
C SER G 102 7.91 -48.08 10.24
N VAL G 103 9.23 -48.13 10.40
CA VAL G 103 10.07 -46.92 10.39
C VAL G 103 10.01 -46.22 9.03
N MET G 104 10.11 -47.00 7.95
CA MET G 104 10.04 -46.45 6.59
C MET G 104 8.60 -46.24 6.06
N ALA G 105 7.60 -46.83 6.73
CA ALA G 105 6.18 -46.62 6.45
C ALA G 105 5.75 -47.09 5.06
N GLU G 106 6.17 -48.29 4.67
CA GLU G 106 5.98 -48.82 3.31
C GLU G 106 4.51 -49.05 3.02
N GLU G 107 3.76 -49.48 4.03
CA GLU G 107 2.32 -49.64 3.89
C GLU G 107 1.64 -48.37 3.29
N SER G 108 2.19 -47.20 3.58
CA SER G 108 1.62 -45.96 3.06
C SER G 108 1.39 -45.97 1.55
N TYR G 109 2.21 -46.72 0.81
CA TYR G 109 2.05 -46.77 -0.66
C TYR G 109 1.58 -48.11 -1.20
N ASN G 110 1.13 -48.99 -0.32
CA ASN G 110 0.59 -50.29 -0.71
C ASN G 110 -0.76 -50.08 -1.40
N PRO G 111 -0.88 -50.46 -2.69
CA PRO G 111 -2.14 -50.24 -3.43
C PRO G 111 -3.32 -51.10 -2.95
N ASP G 112 -3.04 -52.14 -2.17
CA ASP G 112 -4.08 -52.98 -1.59
C ASP G 112 -4.38 -52.61 -0.13
N GLY G 113 -3.82 -51.48 0.35
CA GLY G 113 -4.05 -51.04 1.72
C GLY G 113 -5.43 -50.47 2.03
N LEU G 114 -5.66 -50.17 3.31
CA LEU G 114 -6.98 -49.75 3.75
C LEU G 114 -7.47 -48.48 3.03
N LEU G 115 -6.62 -47.46 2.96
CA LEU G 115 -7.08 -46.19 2.42
C LEU G 115 -7.45 -46.30 0.97
N PRO G 116 -6.56 -46.89 0.15
CA PRO G 116 -6.88 -47.07 -1.26
C PRO G 116 -8.20 -47.77 -1.52
N ARG G 117 -8.44 -48.86 -0.80
CA ARG G 117 -9.69 -49.63 -0.95
C ARG G 117 -10.88 -48.82 -0.49
N ALA G 118 -10.68 -48.02 0.55
CA ALA G 118 -11.74 -47.19 1.07
C ALA G 118 -12.14 -46.17 0.02
N ILE G 119 -11.12 -45.56 -0.59
CA ILE G 119 -11.33 -44.62 -1.69
C ILE G 119 -12.06 -45.33 -2.81
N MET G 120 -11.49 -46.44 -3.28
CA MET G 120 -12.07 -47.19 -4.39
C MET G 120 -13.52 -47.54 -4.12
N ALA G 121 -13.81 -47.96 -2.89
CA ALA G 121 -15.18 -48.33 -2.48
C ALA G 121 -16.15 -47.16 -2.45
N LEU G 122 -15.72 -46.03 -1.89
CA LEU G 122 -16.54 -44.83 -1.90
C LEU G 122 -16.81 -44.27 -3.32
N LYS G 123 -15.83 -44.31 -4.21
CA LYS G 123 -16.07 -43.84 -5.58
C LYS G 123 -17.05 -44.77 -6.36
N GLU G 124 -17.00 -46.06 -6.11
CA GLU G 124 -18.02 -46.95 -6.68
C GLU G 124 -19.38 -46.49 -6.15
N ALA G 125 -19.51 -46.42 -4.82
CA ALA G 125 -20.78 -46.12 -4.14
C ALA G 125 -21.37 -44.76 -4.44
N PHE G 126 -20.50 -43.76 -4.60
CA PHE G 126 -20.88 -42.36 -4.73
C PHE G 126 -19.93 -41.69 -5.73
N PRO G 127 -20.18 -41.86 -7.04
CA PRO G 127 -19.23 -41.40 -8.08
C PRO G 127 -18.95 -39.90 -8.11
N ASP G 128 -19.91 -39.10 -7.66
CA ASP G 128 -19.79 -37.64 -7.72
C ASP G 128 -19.15 -37.00 -6.46
N VAL G 129 -18.67 -37.84 -5.54
CA VAL G 129 -18.21 -37.34 -4.25
C VAL G 129 -16.78 -36.88 -4.36
N LEU G 130 -16.44 -35.88 -3.56
CA LEU G 130 -15.08 -35.32 -3.54
C LEU G 130 -14.28 -35.89 -2.34
N LEU G 131 -13.20 -36.60 -2.63
CA LEU G 131 -12.42 -37.31 -1.63
C LEU G 131 -11.03 -36.72 -1.51
N LEU G 132 -10.72 -36.23 -0.30
CA LEU G 132 -9.42 -35.68 0.03
C LEU G 132 -8.63 -36.72 0.82
N ALA G 133 -7.46 -37.13 0.36
CA ALA G 133 -6.69 -38.17 1.06
C ALA G 133 -5.49 -37.52 1.73
N ASP G 134 -5.09 -38.01 2.89
CA ASP G 134 -4.00 -37.36 3.61
C ASP G 134 -2.69 -37.98 3.17
N VAL G 135 -1.67 -37.13 3.01
CA VAL G 135 -0.35 -37.59 2.60
C VAL G 135 0.58 -37.20 3.71
N ALA G 136 1.18 -38.21 4.33
CA ALA G 136 1.96 -38.06 5.55
C ALA G 136 2.08 -39.47 6.12
N LEU G 137 3.16 -39.77 6.84
CA LEU G 137 3.47 -41.15 7.24
C LEU G 137 3.07 -41.49 8.68
N ASP G 138 2.59 -40.52 9.45
CA ASP G 138 2.30 -40.79 10.86
C ASP G 138 1.23 -41.87 11.10
N PRO G 139 0.26 -42.04 10.19
CA PRO G 139 -0.64 -43.21 10.37
C PRO G 139 0.05 -44.56 10.17
N TYR G 140 1.20 -44.57 9.52
CA TYR G 140 1.90 -45.79 9.17
C TYR G 140 3.26 -45.95 9.87
N SER G 141 3.64 -44.95 10.65
CA SER G 141 4.97 -44.88 11.25
C SER G 141 4.97 -45.69 12.54
N SER G 142 6.02 -46.48 12.74
CA SER G 142 6.19 -47.16 14.00
C SER G 142 6.59 -46.15 15.11
N MET G 143 7.15 -45.01 14.69
CA MET G 143 7.54 -43.91 15.61
C MET G 143 6.46 -42.83 15.80
N GLY G 144 5.36 -42.92 15.06
CA GLY G 144 4.31 -41.89 15.14
C GLY G 144 4.76 -40.53 14.60
N HIS G 145 5.68 -40.54 13.65
CA HIS G 145 6.17 -39.30 13.04
C HIS G 145 5.78 -39.22 11.57
N ASP G 146 5.54 -38.00 11.10
CA ASP G 146 5.04 -37.77 9.74
C ASP G 146 6.08 -38.14 8.68
N GLY G 147 7.35 -38.18 9.05
CA GLY G 147 8.40 -38.63 8.16
C GLY G 147 9.25 -39.76 8.71
N VAL G 148 10.21 -40.18 7.89
CA VAL G 148 11.15 -41.24 8.27
C VAL G 148 12.15 -40.71 9.31
N VAL G 149 12.22 -41.39 10.45
CA VAL G 149 13.19 -41.06 11.50
C VAL G 149 14.49 -41.82 11.27
N ASP G 150 15.61 -41.09 11.32
CA ASP G 150 16.94 -41.70 11.13
C ASP G 150 17.27 -42.48 12.38
N GLU G 151 17.77 -43.71 12.20
CA GLU G 151 18.08 -44.60 13.33
C GLU G 151 19.13 -43.97 14.27
N GLN G 152 20.21 -43.41 13.69
CA GLN G 152 21.34 -42.85 14.47
C GLN G 152 21.10 -41.46 15.06
N SER G 153 20.49 -40.56 14.30
CA SER G 153 20.39 -39.12 14.68
C SER G 153 19.10 -38.68 15.41
N GLY G 154 17.99 -39.37 15.16
CA GLY G 154 16.69 -39.03 15.76
C GLY G 154 15.87 -38.02 14.95
N LYS G 155 16.49 -37.42 13.94
CA LYS G 155 15.85 -36.40 13.14
C LYS G 155 14.94 -37.00 12.07
N ILE G 156 13.87 -36.28 11.75
CA ILE G 156 12.98 -36.64 10.67
C ILE G 156 13.60 -36.15 9.35
N VAL G 157 14.18 -37.07 8.59
CA VAL G 157 14.92 -36.79 7.35
C VAL G 157 14.00 -36.26 6.23
N ASN G 158 14.26 -35.05 5.76
CA ASN G 158 13.36 -34.37 4.84
C ASN G 158 13.20 -35.02 3.47
N ASP G 159 14.32 -35.22 2.79
CA ASP G 159 14.29 -35.58 1.38
C ASP G 159 13.85 -37.03 1.17
N LEU G 160 14.36 -37.96 1.98
CA LEU G 160 13.90 -39.38 1.91
C LEU G 160 12.40 -39.47 2.28
N THR G 161 11.97 -38.63 3.22
CA THR G 161 10.54 -38.56 3.51
C THR G 161 9.77 -38.16 2.25
N VAL G 162 10.26 -37.14 1.54
CA VAL G 162 9.53 -36.64 0.39
C VAL G 162 9.40 -37.75 -0.67
N HIS G 163 10.45 -38.54 -0.84
CA HIS G 163 10.48 -39.69 -1.74
C HIS G 163 9.31 -40.65 -1.49
N GLN G 164 9.12 -41.00 -0.22
CA GLN G 164 8.02 -41.85 0.21
C GLN G 164 6.62 -41.18 0.02
N LEU G 165 6.52 -39.93 0.43
CA LEU G 165 5.28 -39.21 0.30
C LEU G 165 4.87 -39.17 -1.18
N CYS G 166 5.85 -39.05 -2.07
CA CYS G 166 5.59 -39.05 -3.50
C CYS G 166 4.94 -40.37 -3.89
N LYS G 167 5.44 -41.44 -3.33
CA LYS G 167 4.91 -42.78 -3.62
C LYS G 167 3.51 -42.96 -3.06
N GLN G 168 3.24 -42.32 -1.93
CA GLN G 168 1.94 -42.44 -1.28
C GLN G 168 0.93 -41.69 -2.16
N ALA G 169 1.26 -40.44 -2.47
CA ALA G 169 0.43 -39.59 -3.32
C ALA G 169 -0.04 -40.30 -4.58
N ILE G 170 0.89 -41.01 -5.22
CA ILE G 170 0.60 -41.63 -6.51
C ILE G 170 -0.44 -42.72 -6.30
N THR G 171 -0.21 -43.51 -5.27
CA THR G 171 -1.08 -44.61 -4.89
C THR G 171 -2.49 -44.12 -4.63
N LEU G 172 -2.59 -43.08 -3.81
CA LEU G 172 -3.90 -42.52 -3.46
C LEU G 172 -4.56 -41.92 -4.69
N ALA G 173 -3.77 -41.25 -5.52
CA ALA G 173 -4.28 -40.72 -6.78
C ALA G 173 -4.85 -41.84 -7.67
N ARG G 174 -4.08 -42.91 -7.86
CA ARG G 174 -4.52 -43.99 -8.76
C ARG G 174 -5.74 -44.72 -8.21
N ALA G 175 -5.91 -44.75 -6.89
CA ALA G 175 -7.09 -45.35 -6.28
C ALA G 175 -8.34 -44.53 -6.60
N GLY G 176 -8.19 -43.23 -6.77
CA GLY G 176 -9.29 -42.35 -7.17
C GLY G 176 -9.43 -41.06 -6.37
N ALA G 177 -8.45 -40.75 -5.53
CA ALA G 177 -8.49 -39.57 -4.69
C ALA G 177 -8.48 -38.31 -5.56
N ASP G 178 -9.34 -37.36 -5.26
CA ASP G 178 -9.47 -36.17 -6.10
C ASP G 178 -8.46 -35.11 -5.68
N MET G 179 -8.21 -34.99 -4.38
CA MET G 179 -7.12 -34.18 -3.88
C MET G 179 -6.25 -35.06 -3.00
N VAL G 180 -4.96 -34.82 -3.02
CA VAL G 180 -4.11 -35.38 -1.99
C VAL G 180 -3.72 -34.23 -1.08
N CYS G 181 -3.49 -34.52 0.19
CA CYS G 181 -3.31 -33.44 1.18
C CYS G 181 -2.04 -33.61 2.02
N PRO G 182 -0.89 -33.16 1.51
CA PRO G 182 0.35 -33.38 2.22
C PRO G 182 0.36 -32.62 3.54
N SER G 183 0.41 -33.37 4.66
CA SER G 183 0.17 -32.79 5.99
C SER G 183 1.40 -32.96 6.89
N ASP G 184 2.54 -33.13 6.20
CA ASP G 184 3.81 -33.62 6.75
C ASP G 184 4.78 -32.50 7.15
N MET G 185 4.60 -31.32 6.57
CA MET G 185 5.52 -30.19 6.75
C MET G 185 7.00 -30.50 6.46
N MET G 186 7.24 -31.42 5.52
CA MET G 186 8.57 -31.51 4.93
C MET G 186 8.71 -30.31 3.98
N ASP G 187 9.96 -29.88 3.81
CA ASP G 187 10.28 -28.81 2.88
C ASP G 187 10.16 -29.37 1.46
N GLY G 188 9.46 -28.64 0.58
CA GLY G 188 9.47 -28.86 -0.86
C GLY G 188 8.59 -29.96 -1.41
N ARG G 189 7.70 -30.50 -0.59
CA ARG G 189 7.01 -31.72 -1.00
C ARG G 189 5.93 -31.46 -2.04
N VAL G 190 5.35 -30.26 -2.01
CA VAL G 190 4.31 -29.91 -2.96
C VAL G 190 4.90 -30.00 -4.35
N SER G 191 6.02 -29.32 -4.55
CA SER G 191 6.67 -29.43 -5.84
C SER G 191 6.96 -30.89 -6.25
N ALA G 192 7.51 -31.67 -5.32
CA ALA G 192 7.96 -33.01 -5.64
C ALA G 192 6.77 -33.90 -5.96
N ILE G 193 5.78 -33.88 -5.08
CA ILE G 193 4.51 -34.57 -5.36
C ILE G 193 3.88 -34.13 -6.70
N ARG G 194 3.87 -32.84 -6.97
CA ARG G 194 3.24 -32.34 -8.18
C ARG G 194 3.90 -32.94 -9.39
N GLU G 195 5.24 -32.96 -9.40
CA GLU G 195 5.97 -33.46 -10.56
C GLU G 195 5.75 -34.97 -10.70
N SER G 196 5.75 -35.66 -9.56
CA SER G 196 5.47 -37.08 -9.51
C SER G 196 4.13 -37.38 -10.13
N LEU G 197 3.09 -36.71 -9.63
CA LEU G 197 1.74 -37.00 -10.13
C LEU G 197 1.68 -36.73 -11.63
N ASP G 198 2.25 -35.60 -12.06
CA ASP G 198 2.13 -35.23 -13.45
C ASP G 198 2.79 -36.27 -14.36
N MET G 199 3.96 -36.74 -13.97
CA MET G 199 4.72 -37.67 -14.81
C MET G 199 3.94 -38.96 -15.01
N GLU G 200 3.23 -39.39 -13.97
CA GLU G 200 2.41 -40.60 -14.00
C GLU G 200 1.06 -40.46 -14.72
N GLY G 201 0.70 -39.26 -15.16
CA GLY G 201 -0.56 -39.04 -15.85
C GLY G 201 -1.67 -38.51 -14.95
N CYS G 202 -1.33 -38.10 -13.73
CA CYS G 202 -2.34 -37.64 -12.78
C CYS G 202 -2.35 -36.10 -12.66
N THR G 203 -2.47 -35.41 -13.81
CA THR G 203 -2.42 -33.94 -13.82
C THR G 203 -3.72 -33.33 -13.34
N ASP G 204 -4.75 -34.15 -13.33
CA ASP G 204 -6.07 -33.81 -12.79
C ASP G 204 -6.15 -33.84 -11.26
N THR G 205 -5.24 -34.53 -10.60
CA THR G 205 -5.30 -34.73 -9.17
C THR G 205 -4.80 -33.49 -8.45
N SER G 206 -5.61 -32.96 -7.54
CA SER G 206 -5.26 -31.74 -6.86
C SER G 206 -4.37 -31.96 -5.60
N ILE G 207 -3.75 -30.88 -5.16
CA ILE G 207 -2.96 -30.85 -3.93
C ILE G 207 -3.50 -29.75 -3.03
N LEU G 208 -4.01 -30.15 -1.89
CA LEU G 208 -4.34 -29.25 -0.81
C LEU G 208 -3.12 -29.16 0.10
N ALA G 209 -2.29 -28.13 -0.12
CA ALA G 209 -1.05 -27.97 0.65
C ALA G 209 -1.36 -27.59 2.06
N TYR G 210 -0.85 -28.34 3.01
CA TYR G 210 -0.91 -27.91 4.41
C TYR G 210 0.25 -26.99 4.59
N SER G 211 0.01 -25.73 4.28
CA SER G 211 1.08 -24.78 4.15
C SER G 211 1.49 -24.20 5.52
N CYS G 212 0.48 -23.87 6.34
CA CYS G 212 0.67 -23.29 7.66
C CYS G 212 0.14 -24.20 8.75
N LYS G 213 0.90 -25.25 9.10
CA LYS G 213 0.44 -26.24 10.06
C LYS G 213 1.34 -26.11 11.26
N TYR G 214 0.73 -25.87 12.42
CA TYR G 214 1.45 -25.55 13.66
C TYR G 214 1.64 -26.75 14.60
N ALA G 215 2.76 -26.75 15.31
CA ALA G 215 3.11 -27.79 16.29
C ALA G 215 2.21 -27.61 17.47
N SER G 216 0.97 -28.05 17.32
CA SER G 216 -0.05 -27.71 18.29
C SER G 216 -0.25 -28.83 19.28
N SER G 217 -0.94 -28.46 20.36
CA SER G 217 -1.33 -29.40 21.40
C SER G 217 -2.85 -29.69 21.30
N PHE G 218 -3.50 -29.18 20.26
CA PHE G 218 -4.91 -29.50 20.01
C PHE G 218 -5.11 -30.74 19.15
N TYR G 219 -4.03 -31.47 18.80
CA TYR G 219 -4.17 -32.68 17.95
C TYR G 219 -4.33 -33.99 18.74
N GLY G 220 -4.38 -33.90 20.07
CA GLY G 220 -4.36 -35.11 20.91
C GLY G 220 -5.39 -36.14 20.49
N PRO G 221 -6.64 -35.72 20.35
CA PRO G 221 -7.70 -36.70 20.11
C PRO G 221 -7.67 -37.41 18.76
N PHE G 222 -7.15 -36.72 17.75
CA PHE G 222 -6.90 -37.34 16.44
C PHE G 222 -5.91 -38.46 16.62
N ARG G 223 -4.88 -38.20 17.41
CA ARG G 223 -3.82 -39.18 17.62
C ARG G 223 -4.34 -40.37 18.41
N ASP G 224 -5.39 -40.16 19.21
CA ASP G 224 -6.11 -41.27 19.87
C ASP G 224 -6.88 -42.09 18.83
N ALA G 225 -7.57 -41.40 17.92
CA ALA G 225 -8.34 -42.08 16.85
C ALA G 225 -7.45 -43.04 16.04
N LEU G 226 -6.32 -42.52 15.58
CA LEU G 226 -5.37 -43.29 14.76
C LEU G 226 -4.34 -44.13 15.57
N ASP G 227 -4.40 -44.06 16.90
CA ASP G 227 -3.38 -44.68 17.79
C ASP G 227 -1.98 -44.37 17.24
N SER G 228 -1.67 -43.08 17.12
CA SER G 228 -0.47 -42.63 16.39
C SER G 228 0.37 -41.60 17.14
N HIS G 229 0.33 -41.63 18.48
CA HIS G 229 1.12 -40.70 19.30
C HIS G 229 2.62 -40.88 19.05
N MET G 230 3.37 -39.79 19.08
CA MET G 230 4.83 -39.85 18.93
C MET G 230 5.40 -40.74 20.04
N VAL G 231 6.34 -41.63 19.72
CA VAL G 231 6.94 -42.50 20.73
C VAL G 231 8.05 -41.76 21.46
N GLY G 232 8.52 -42.34 22.57
CA GLY G 232 9.70 -41.87 23.29
C GLY G 232 9.71 -40.46 23.84
N GLY G 233 8.56 -39.83 24.00
CA GLY G 233 8.50 -38.46 24.49
C GLY G 233 9.06 -37.41 23.54
N THR G 234 9.20 -37.76 22.26
CA THR G 234 9.62 -36.81 21.20
C THR G 234 8.45 -35.88 20.76
N ASP G 235 8.74 -34.88 19.90
CA ASP G 235 7.68 -33.97 19.40
C ASP G 235 7.91 -33.57 17.93
N LYS G 236 6.96 -32.83 17.36
CA LYS G 236 7.01 -32.47 15.94
C LYS G 236 7.56 -31.06 15.69
N LYS G 237 8.22 -30.48 16.69
CA LYS G 237 8.67 -29.10 16.61
C LYS G 237 9.84 -28.83 15.65
N THR G 238 10.45 -29.88 15.09
CA THR G 238 11.43 -29.73 14.00
C THR G 238 10.79 -29.68 12.60
N TYR G 239 9.46 -29.76 12.50
CA TYR G 239 8.77 -29.59 11.21
C TYR G 239 7.47 -28.79 11.31
N GLN G 240 6.63 -29.10 12.28
CA GLN G 240 5.46 -28.27 12.48
C GLN G 240 5.89 -26.93 13.08
N MET G 241 5.12 -25.88 12.84
CA MET G 241 5.56 -24.50 13.11
C MET G 241 5.37 -24.11 14.56
N ASP G 242 6.25 -23.24 15.05
CA ASP G 242 6.11 -22.64 16.38
C ASP G 242 4.87 -21.77 16.40
N PRO G 243 3.95 -22.00 17.34
CA PRO G 243 2.76 -21.12 17.43
C PRO G 243 3.11 -19.65 17.68
N SER G 244 4.36 -19.36 18.06
CA SER G 244 4.76 -18.01 18.34
C SER G 244 4.92 -17.15 17.10
N ASN G 245 4.98 -17.79 15.93
CA ASN G 245 5.41 -17.14 14.67
C ASN G 245 4.31 -16.90 13.60
N SER G 246 4.24 -15.68 13.03
CA SER G 246 3.29 -15.45 11.92
C SER G 246 3.94 -15.04 10.60
N ARG G 247 5.04 -14.31 10.68
CA ARG G 247 5.79 -13.97 9.49
C ARG G 247 6.21 -15.28 8.80
N GLU G 248 6.59 -16.28 9.58
CA GLU G 248 6.98 -17.56 9.02
C GLU G 248 5.86 -18.16 8.15
N ALA G 249 4.60 -17.92 8.53
CA ALA G 249 3.44 -18.38 7.75
C ALA G 249 3.44 -17.89 6.31
N GLU G 250 3.80 -16.63 6.12
CA GLU G 250 3.83 -16.04 4.79
C GLU G 250 4.95 -16.67 3.95
N ARG G 251 6.09 -16.97 4.58
CA ARG G 251 7.17 -17.71 3.91
C ARG G 251 6.67 -19.02 3.31
N GLU G 252 5.93 -19.80 4.11
CA GLU G 252 5.46 -21.12 3.67
C GLU G 252 4.37 -21.05 2.63
N ALA G 253 3.44 -20.13 2.78
CA ALA G 253 2.37 -19.98 1.80
C ALA G 253 2.89 -19.53 0.41
N GLU G 254 3.85 -18.61 0.41
CA GLU G 254 4.47 -18.18 -0.83
C GLU G 254 5.18 -19.35 -1.56
N ALA G 255 5.92 -20.18 -0.86
CA ALA G 255 6.60 -21.28 -1.54
C ALA G 255 5.58 -22.33 -2.07
N ASP G 256 4.57 -22.68 -1.29
CA ASP G 256 3.61 -23.68 -1.78
C ASP G 256 2.82 -23.20 -2.97
N ALA G 257 2.50 -21.91 -3.03
CA ALA G 257 1.74 -21.41 -4.18
C ALA G 257 2.59 -21.55 -5.44
N SER G 258 3.85 -21.15 -5.36
CA SER G 258 4.76 -21.23 -6.50
C SER G 258 5.17 -22.67 -6.86
N GLU G 259 4.89 -23.62 -5.97
CA GLU G 259 5.21 -25.02 -6.22
C GLU G 259 4.00 -25.69 -6.88
N GLY G 260 2.90 -24.95 -7.03
CA GLY G 260 1.75 -25.46 -7.78
C GLY G 260 0.60 -25.95 -6.93
N ALA G 261 0.61 -25.64 -5.63
CA ALA G 261 -0.54 -25.98 -4.79
C ALA G 261 -1.81 -25.41 -5.40
N ASP G 262 -2.89 -26.19 -5.36
CA ASP G 262 -4.20 -25.74 -5.75
C ASP G 262 -4.88 -24.97 -4.65
N MET G 263 -4.65 -25.37 -3.41
CA MET G 263 -5.27 -24.72 -2.26
C MET G 263 -4.33 -24.76 -1.09
N LEU G 264 -4.38 -23.70 -0.29
CA LEU G 264 -3.57 -23.57 0.92
C LEU G 264 -4.41 -23.85 2.18
N MET G 265 -3.91 -24.73 3.05
CA MET G 265 -4.53 -25.02 4.33
C MET G 265 -3.77 -24.37 5.49
N VAL G 266 -4.52 -23.82 6.45
CA VAL G 266 -3.98 -23.40 7.76
C VAL G 266 -4.59 -24.26 8.85
N LYS G 267 -3.79 -24.66 9.84
CA LYS G 267 -4.18 -25.64 10.84
C LYS G 267 -3.29 -25.54 12.10
N PRO G 268 -3.90 -25.62 13.30
CA PRO G 268 -5.31 -25.67 13.65
C PRO G 268 -6.09 -24.42 13.28
N GLY G 269 -7.29 -24.33 13.84
CA GLY G 269 -8.29 -23.44 13.29
C GLY G 269 -8.46 -22.11 13.97
N LEU G 270 -9.37 -22.09 14.96
CA LEU G 270 -9.82 -20.86 15.59
C LEU G 270 -8.67 -20.16 16.22
N PRO G 271 -7.78 -20.92 16.87
CA PRO G 271 -6.67 -20.21 17.47
C PRO G 271 -5.64 -19.74 16.47
N TYR G 272 -5.95 -19.80 15.19
CA TYR G 272 -5.03 -19.35 14.15
C TYR G 272 -5.75 -18.51 13.07
N LEU G 273 -6.92 -17.98 13.40
CA LEU G 273 -7.64 -17.16 12.44
C LEU G 273 -6.83 -15.98 11.93
N ASP G 274 -5.93 -15.43 12.75
CA ASP G 274 -5.11 -14.34 12.29
C ASP G 274 -4.24 -14.78 11.11
N VAL G 275 -3.68 -15.97 11.18
CA VAL G 275 -2.80 -16.44 10.11
C VAL G 275 -3.67 -16.75 8.87
N LEU G 276 -4.84 -17.30 9.10
CA LEU G 276 -5.78 -17.54 8.04
C LEU G 276 -6.05 -16.23 7.28
N ALA G 277 -6.32 -15.17 8.04
CA ALA G 277 -6.60 -13.85 7.45
C ALA G 277 -5.41 -13.24 6.73
N LYS G 278 -4.21 -13.38 7.28
CA LYS G 278 -3.04 -12.80 6.62
C LYS G 278 -2.82 -13.52 5.30
N ILE G 279 -2.87 -14.85 5.30
CA ILE G 279 -2.56 -15.60 4.10
C ILE G 279 -3.62 -15.31 3.06
N ARG G 280 -4.89 -15.22 3.49
CA ARG G 280 -6.00 -14.83 2.61
C ARG G 280 -5.79 -13.48 1.93
N GLU G 281 -5.21 -12.55 2.67
CA GLU G 281 -4.96 -11.21 2.17
C GLU G 281 -3.92 -11.30 1.05
N LYS G 282 -2.89 -12.11 1.25
CA LYS G 282 -1.74 -12.17 0.34
C LYS G 282 -1.87 -13.13 -0.83
N SER G 283 -2.51 -14.26 -0.62
CA SER G 283 -2.49 -15.35 -1.57
C SER G 283 -3.61 -15.24 -2.56
N LYS G 284 -3.41 -15.81 -3.73
CA LYS G 284 -4.46 -15.86 -4.72
C LYS G 284 -5.05 -17.24 -4.83
N LEU G 285 -4.72 -18.13 -3.90
CA LEU G 285 -5.24 -19.48 -3.87
C LEU G 285 -6.39 -19.59 -2.88
N PRO G 286 -7.34 -20.52 -3.12
CA PRO G 286 -8.38 -20.73 -2.14
C PRO G 286 -7.82 -21.22 -0.80
N MET G 287 -8.47 -20.81 0.30
CA MET G 287 -7.98 -21.11 1.63
C MET G 287 -8.90 -22.13 2.32
N VAL G 288 -8.30 -23.02 3.10
CA VAL G 288 -8.99 -23.96 3.91
C VAL G 288 -8.47 -23.88 5.36
N ALA G 289 -9.41 -23.94 6.31
CA ALA G 289 -9.01 -23.96 7.71
C ALA G 289 -9.42 -25.32 8.24
N TYR G 290 -8.66 -25.86 9.20
CA TYR G 290 -9.01 -27.11 9.86
C TYR G 290 -9.36 -26.86 11.32
N HIS G 291 -10.55 -27.27 11.69
CA HIS G 291 -11.09 -27.13 12.99
C HIS G 291 -10.79 -28.47 13.62
N VAL G 292 -9.69 -28.56 14.35
CA VAL G 292 -9.09 -29.86 14.66
C VAL G 292 -9.76 -30.56 15.85
N SER G 293 -9.36 -31.82 16.04
CA SER G 293 -9.97 -32.70 17.01
C SER G 293 -10.11 -32.13 18.43
N GLY G 294 -9.06 -31.51 18.93
CA GLY G 294 -9.09 -30.86 20.24
C GLY G 294 -10.11 -29.75 20.32
N GLU G 295 -10.30 -29.04 19.20
CA GLU G 295 -11.27 -27.96 19.18
C GLU G 295 -12.67 -28.53 19.29
N TYR G 296 -12.91 -29.62 18.57
CA TYR G 296 -14.19 -30.33 18.59
C TYR G 296 -14.44 -30.88 19.97
N ALA G 297 -13.41 -31.46 20.58
CA ALA G 297 -13.53 -32.04 21.90
C ALA G 297 -13.92 -30.97 22.90
N MET G 298 -13.30 -29.80 22.77
CA MET G 298 -13.61 -28.69 23.64
C MET G 298 -15.08 -28.29 23.53
N LEU G 299 -15.60 -28.15 22.31
CA LEU G 299 -17.02 -27.82 22.16
C LEU G 299 -17.94 -28.88 22.76
N LYS G 300 -17.72 -30.12 22.35
CA LYS G 300 -18.54 -31.21 22.83
C LYS G 300 -18.52 -31.31 24.35
N ALA G 301 -17.34 -31.27 24.94
CA ALA G 301 -17.22 -31.39 26.37
C ALA G 301 -18.02 -30.29 27.11
N ALA G 302 -17.96 -29.07 26.60
CA ALA G 302 -18.72 -27.98 27.17
C ALA G 302 -20.22 -28.17 26.96
N ALA G 303 -20.59 -28.59 25.76
CA ALA G 303 -21.99 -28.87 25.45
C ALA G 303 -22.54 -29.93 26.40
N GLU G 304 -21.83 -31.04 26.51
CA GLU G 304 -22.30 -32.17 27.32
C GLU G 304 -22.47 -31.80 28.80
N LYS G 305 -21.64 -30.88 29.30
CA LYS G 305 -21.75 -30.41 30.68
C LYS G 305 -22.81 -29.30 30.84
N GLY G 306 -23.34 -28.77 29.75
CA GLY G 306 -24.41 -27.77 29.81
C GLY G 306 -23.97 -26.31 29.90
N TYR G 307 -22.65 -26.07 29.84
CA TYR G 307 -22.08 -24.72 29.95
C TYR G 307 -22.33 -23.80 28.72
N ILE G 308 -22.57 -24.39 27.55
CA ILE G 308 -22.82 -23.63 26.33
C ILE G 308 -23.85 -24.39 25.49
N SER G 309 -24.58 -23.68 24.64
CA SER G 309 -25.44 -24.29 23.65
C SER G 309 -24.58 -24.77 22.50
N GLU G 310 -24.66 -26.06 22.17
CA GLU G 310 -23.82 -26.66 21.11
C GLU G 310 -24.13 -26.02 19.77
N LYS G 311 -25.41 -25.89 19.47
CA LYS G 311 -25.85 -25.40 18.17
C LYS G 311 -25.41 -23.96 17.94
N ASP G 312 -25.78 -23.07 18.85
CA ASP G 312 -25.43 -21.69 18.69
C ASP G 312 -23.91 -21.53 18.55
N THR G 313 -23.14 -22.22 19.34
CA THR G 313 -21.71 -22.01 19.33
C THR G 313 -21.10 -22.58 18.04
N VAL G 314 -21.54 -23.75 17.60
CA VAL G 314 -20.91 -24.37 16.42
C VAL G 314 -21.09 -23.49 15.19
N LEU G 315 -22.32 -23.01 15.05
CA LEU G 315 -22.68 -22.08 13.96
C LEU G 315 -21.92 -20.74 13.97
N GLU G 316 -21.71 -20.17 15.16
CA GLU G 316 -20.88 -18.97 15.28
C GLU G 316 -19.44 -19.31 14.87
N VAL G 317 -18.94 -20.43 15.33
CA VAL G 317 -17.60 -20.83 14.97
C VAL G 317 -17.45 -20.93 13.45
N LEU G 318 -18.39 -21.61 12.78
CA LEU G 318 -18.25 -21.81 11.33
C LEU G 318 -18.30 -20.46 10.61
N LYS G 319 -19.20 -19.58 11.03
CA LYS G 319 -19.29 -18.24 10.47
C LYS G 319 -17.98 -17.47 10.67
N SER G 320 -17.34 -17.61 11.83
CA SER G 320 -16.04 -16.98 12.05
C SER G 320 -14.94 -17.44 11.11
N PHE G 321 -14.87 -18.72 10.78
CA PHE G 321 -13.81 -19.26 9.91
C PHE G 321 -13.95 -18.61 8.56
N ARG G 322 -15.19 -18.53 8.17
CA ARG G 322 -15.56 -17.89 6.95
C ARG G 322 -15.23 -16.39 6.90
N ARG G 323 -15.64 -15.63 7.91
CA ARG G 323 -15.31 -14.19 8.01
C ARG G 323 -13.78 -14.00 7.97
N ALA G 324 -13.08 -14.85 8.70
CA ALA G 324 -11.64 -14.79 8.77
C ALA G 324 -10.96 -15.16 7.43
N GLY G 325 -11.69 -15.71 6.45
CA GLY G 325 -11.15 -15.86 5.10
C GLY G 325 -11.04 -17.27 4.56
N ALA G 326 -11.57 -18.24 5.28
CA ALA G 326 -11.62 -19.62 4.83
C ALA G 326 -12.62 -19.76 3.71
N ASP G 327 -12.20 -20.28 2.57
CA ASP G 327 -13.18 -20.67 1.59
C ASP G 327 -13.85 -21.97 1.98
N ALA G 328 -13.08 -22.92 2.52
CA ALA G 328 -13.65 -24.17 3.08
C ALA G 328 -13.15 -24.46 4.49
N VAL G 329 -13.92 -25.20 5.27
CA VAL G 329 -13.55 -25.56 6.63
C VAL G 329 -13.65 -27.06 6.84
N ALA G 330 -12.56 -27.69 7.26
CA ALA G 330 -12.59 -29.08 7.65
C ALA G 330 -13.02 -29.14 9.11
N THR G 331 -14.07 -29.88 9.40
CA THR G 331 -14.61 -29.87 10.76
C THR G 331 -15.40 -31.12 11.01
N TYR G 332 -15.20 -31.71 12.17
CA TYR G 332 -15.91 -32.92 12.51
C TYR G 332 -17.39 -32.59 12.78
N TYR G 333 -17.73 -31.32 12.90
CA TYR G 333 -19.14 -30.92 12.95
C TYR G 333 -19.80 -30.75 11.57
N ALA G 334 -19.13 -31.15 10.49
CA ALA G 334 -19.62 -30.82 9.15
C ALA G 334 -21.03 -31.43 8.90
N LYS G 335 -21.17 -32.72 9.16
CA LYS G 335 -22.48 -33.36 9.02
C LYS G 335 -23.58 -32.73 9.88
N GLU G 336 -23.27 -32.52 11.16
CA GLU G 336 -24.25 -32.05 12.12
C GLU G 336 -24.66 -30.60 11.80
N ALA G 337 -23.70 -29.78 11.40
CA ALA G 337 -23.99 -28.39 11.04
C ALA G 337 -24.90 -28.30 9.80
N ALA G 338 -24.60 -29.13 8.79
CA ALA G 338 -25.41 -29.21 7.56
C ALA G 338 -26.82 -29.74 7.85
N LYS G 339 -26.93 -30.67 8.79
CA LYS G 339 -28.24 -31.17 9.21
C LYS G 339 -29.06 -30.06 9.91
N TRP G 340 -28.43 -29.21 10.70
CA TRP G 340 -29.18 -28.14 11.36
C TRP G 340 -29.69 -27.14 10.33
N MET G 341 -28.86 -26.89 9.31
CA MET G 341 -29.19 -25.99 8.25
C MET G 341 -30.31 -26.54 7.39
N VAL G 342 -30.16 -27.79 6.96
CA VAL G 342 -31.15 -28.41 6.12
C VAL G 342 -32.48 -28.58 6.87
N GLU G 343 -32.43 -28.93 8.14
CA GLU G 343 -33.68 -29.06 8.93
C GLU G 343 -34.44 -27.75 9.12
N ASP G 344 -33.73 -26.64 9.16
CA ASP G 344 -34.34 -25.33 9.33
C ASP G 344 -34.91 -24.82 8.03
N MET G 345 -34.13 -24.93 6.96
CA MET G 345 -34.56 -24.59 5.60
C MET G 345 -35.80 -25.34 5.10
N LYS G 346 -35.86 -26.64 5.38
CA LYS G 346 -36.96 -27.45 4.91
C LYS G 346 -38.11 -27.27 5.83
N GLY G 347 -37.86 -26.74 7.03
CA GLY G 347 -38.88 -26.52 8.03
C GLY G 347 -39.35 -25.07 8.13
N THR G 348 -39.14 -24.49 9.31
CA THR G 348 -39.66 -23.16 9.71
C THR G 348 -38.75 -21.99 9.29
N GLN G 349 -37.57 -22.29 8.77
CA GLN G 349 -36.57 -21.29 8.36
C GLN G 349 -36.40 -20.13 9.33
N LYS G 350 -35.98 -20.45 10.54
CA LYS G 350 -35.78 -19.44 11.57
C LYS G 350 -34.43 -18.74 11.39
N PHE G 351 -33.47 -19.37 10.70
CA PHE G 351 -32.15 -18.70 10.48
C PHE G 351 -31.45 -18.93 9.14
N THR G 352 -32.08 -19.68 8.24
CA THR G 352 -31.46 -19.96 6.97
C THR G 352 -32.29 -19.45 5.84
N GLU G 353 -31.65 -19.35 4.68
CA GLU G 353 -32.34 -19.03 3.45
C GLU G 353 -31.53 -19.53 2.27
N PRO G 354 -32.16 -19.60 1.09
CA PRO G 354 -31.41 -20.21 0.00
C PRO G 354 -30.36 -19.28 -0.53
N CYS G 355 -29.39 -19.84 -1.22
CA CYS G 355 -28.33 -19.08 -1.83
C CYS G 355 -27.82 -19.83 -3.05
N TYR G 356 -27.10 -19.14 -3.91
CA TYR G 356 -26.46 -19.75 -5.07
C TYR G 356 -25.17 -18.97 -5.43
N GLY H 5 13.04 -37.27 -13.04
CA GLY H 5 12.16 -36.62 -12.01
C GLY H 5 12.87 -35.51 -11.24
N PRO H 6 12.21 -34.94 -10.20
CA PRO H 6 12.78 -33.84 -9.39
C PRO H 6 13.83 -34.25 -8.34
N LEU H 7 13.99 -35.55 -8.09
CA LEU H 7 14.94 -36.02 -7.07
C LEU H 7 16.28 -36.40 -7.72
N ASP H 8 17.36 -35.87 -7.13
CA ASP H 8 18.72 -36.16 -7.53
C ASP H 8 19.40 -36.89 -6.35
N ASN H 9 20.71 -37.13 -6.48
CA ASN H 9 21.51 -37.74 -5.42
C ASN H 9 22.66 -36.80 -5.12
N ASN H 10 23.06 -36.71 -3.85
CA ASN H 10 24.20 -35.85 -3.47
C ASN H 10 25.57 -36.48 -3.81
N ASN H 11 26.65 -35.88 -3.32
CA ASN H 11 27.99 -36.40 -3.55
C ASN H 11 28.27 -37.78 -2.93
N TYR H 12 27.47 -38.19 -1.95
CA TYR H 12 27.63 -39.52 -1.33
C TYR H 12 26.53 -40.51 -1.76
N GLY H 13 25.70 -40.12 -2.74
CA GLY H 13 24.68 -41.01 -3.30
C GLY H 13 23.37 -41.09 -2.53
N GLU H 14 23.27 -40.40 -1.40
CA GLU H 14 21.99 -40.28 -0.67
C GLU H 14 20.99 -39.45 -1.49
N VAL H 15 19.69 -39.77 -1.37
CA VAL H 15 18.63 -39.05 -2.08
C VAL H 15 18.62 -37.56 -1.70
N TRP H 16 18.51 -36.71 -2.71
CA TRP H 16 18.64 -35.28 -2.53
C TRP H 16 17.63 -34.53 -3.39
N LEU H 17 16.77 -33.74 -2.72
CA LEU H 17 15.86 -32.79 -3.37
C LEU H 17 16.55 -31.42 -3.34
N PRO H 18 16.92 -30.87 -4.53
CA PRO H 18 17.79 -29.69 -4.57
C PRO H 18 17.07 -28.35 -4.43
N ILE H 19 16.29 -28.21 -3.37
CA ILE H 19 15.74 -26.90 -3.06
C ILE H 19 16.73 -26.12 -2.22
N GLN H 20 16.76 -24.81 -2.45
CA GLN H 20 17.66 -23.89 -1.76
C GLN H 20 17.05 -23.50 -0.41
N ALA H 21 15.90 -22.84 -0.43
CA ALA H 21 15.23 -22.43 0.81
C ALA H 21 14.70 -23.65 1.52
N ARG H 22 15.02 -23.78 2.82
CA ARG H 22 14.48 -24.83 3.69
C ARG H 22 14.03 -24.21 5.01
N PRO H 23 12.73 -23.94 5.15
CA PRO H 23 12.24 -23.39 6.43
C PRO H 23 12.50 -24.27 7.66
N ARG H 24 12.74 -25.56 7.47
CA ARG H 24 12.97 -26.45 8.61
C ARG H 24 14.29 -26.15 9.35
N ARG H 25 15.23 -25.53 8.65
CA ARG H 25 16.52 -25.23 9.28
C ARG H 25 16.27 -24.34 10.49
N ASN H 26 15.29 -23.44 10.40
CA ASN H 26 14.97 -22.59 11.53
C ASN H 26 14.03 -23.27 12.54
N ARG H 27 13.88 -24.60 12.46
CA ARG H 27 13.07 -25.35 13.44
C ARG H 27 13.90 -26.39 14.16
N LYS H 28 15.20 -26.36 13.88
CA LYS H 28 16.13 -27.47 14.08
C LYS H 28 16.28 -27.95 15.53
N ASN H 29 16.15 -27.03 16.48
CA ASN H 29 16.32 -27.35 17.90
C ASN H 29 15.76 -26.20 18.69
N ARG H 30 15.67 -26.32 20.01
CA ARG H 30 15.09 -25.24 20.81
C ARG H 30 15.92 -23.93 20.73
N ALA H 31 17.24 -24.04 20.63
CA ALA H 31 18.08 -22.86 20.70
C ALA H 31 17.79 -21.95 19.52
N VAL H 32 17.63 -22.56 18.35
CA VAL H 32 17.35 -21.85 17.11
C VAL H 32 15.95 -21.29 17.07
N ARG H 33 15.01 -22.08 17.55
CA ARG H 33 13.61 -21.67 17.54
C ARG H 33 13.47 -20.46 18.42
N GLN H 34 14.27 -20.41 19.48
CA GLN H 34 14.26 -19.27 20.37
C GLN H 34 14.91 -18.03 19.78
N LEU H 35 15.95 -18.18 18.96
CA LEU H 35 16.54 -17.01 18.30
C LEU H 35 15.51 -16.36 17.39
N VAL H 36 14.62 -17.15 16.78
CA VAL H 36 13.72 -16.62 15.79
C VAL H 36 12.30 -16.39 16.25
N GLN H 37 12.02 -16.61 17.53
CA GLN H 37 10.63 -16.55 18.06
C GLN H 37 10.09 -15.12 18.07
N GLU H 38 9.05 -14.89 17.26
CA GLU H 38 8.51 -13.57 17.04
C GLU H 38 7.64 -13.05 18.16
N ASN H 39 7.17 -13.91 19.06
CA ASN H 39 6.19 -13.49 20.05
C ASN H 39 6.38 -14.19 21.39
N LEU H 40 6.16 -13.43 22.46
CA LEU H 40 6.40 -13.87 23.80
C LEU H 40 5.23 -13.52 24.67
N VAL H 41 5.04 -14.28 25.75
CA VAL H 41 3.97 -14.07 26.70
C VAL H 41 4.56 -13.83 28.08
N LYS H 42 4.00 -12.89 28.83
CA LYS H 42 4.49 -12.60 30.16
C LYS H 42 3.29 -12.37 31.02
N PRO H 43 3.39 -12.65 32.34
CA PRO H 43 2.28 -12.44 33.26
C PRO H 43 1.70 -11.03 33.24
N SER H 44 2.54 -10.00 33.13
CA SER H 44 2.06 -8.62 33.21
C SER H 44 1.24 -8.20 31.97
N SER H 45 1.13 -9.10 30.98
CA SER H 45 0.23 -8.89 29.83
C SER H 45 -1.16 -9.53 30.02
N LEU H 46 -1.35 -10.22 31.14
CA LEU H 46 -2.61 -10.87 31.43
C LEU H 46 -3.43 -10.04 32.38
N ILE H 47 -4.71 -9.90 32.11
CA ILE H 47 -5.65 -9.23 33.00
C ILE H 47 -6.56 -10.30 33.62
N TYR H 48 -6.70 -10.31 34.95
CA TYR H 48 -7.48 -11.37 35.65
C TYR H 48 -8.83 -10.80 36.07
N PRO H 49 -9.93 -11.26 35.42
CA PRO H 49 -11.27 -10.78 35.68
C PRO H 49 -11.90 -11.53 36.83
N LEU H 50 -12.46 -10.82 37.77
CA LEU H 50 -12.93 -11.41 39.01
C LEU H 50 -14.36 -10.96 39.36
N PHE H 51 -15.07 -11.84 40.04
CA PHE H 51 -16.47 -11.61 40.38
C PHE H 51 -16.63 -11.51 41.88
N VAL H 52 -17.25 -10.41 42.33
CA VAL H 52 -17.50 -10.19 43.74
C VAL H 52 -19.00 -10.12 43.96
N HIS H 53 -19.50 -10.70 45.06
CA HIS H 53 -20.86 -10.41 45.53
C HIS H 53 -20.87 -9.97 46.99
N ASP H 54 -22.02 -9.44 47.42
CA ASP H 54 -22.14 -8.75 48.71
C ASP H 54 -22.57 -9.72 49.83
N GLU H 55 -21.90 -10.86 49.91
CA GLU H 55 -22.30 -11.92 50.84
C GLU H 55 -21.07 -12.30 51.66
N GLU H 56 -21.30 -13.04 52.74
CA GLU H 56 -20.25 -13.40 53.69
C GLU H 56 -19.26 -14.43 53.11
N THR H 57 -19.79 -15.35 52.31
CA THR H 57 -19.05 -16.51 51.85
C THR H 57 -18.93 -16.58 50.33
N SER H 58 -17.89 -17.25 49.85
CA SER H 58 -17.65 -17.33 48.39
C SER H 58 -18.37 -18.57 47.89
N VAL H 59 -18.91 -18.48 46.68
CA VAL H 59 -19.78 -19.48 46.08
C VAL H 59 -19.34 -19.78 44.65
N PRO H 60 -19.04 -21.04 44.34
CA PRO H 60 -18.57 -21.44 43.00
C PRO H 60 -19.54 -21.11 41.89
N ILE H 61 -19.01 -20.86 40.70
CA ILE H 61 -19.83 -20.66 39.50
C ILE H 61 -19.72 -21.96 38.70
N PRO H 62 -20.76 -22.82 38.76
CA PRO H 62 -20.66 -24.17 38.20
C PRO H 62 -20.26 -24.21 36.72
N SER H 63 -20.76 -23.24 35.93
CA SER H 63 -20.41 -23.14 34.49
C SER H 63 -19.02 -22.48 34.18
N MET H 64 -18.33 -22.05 35.23
CA MET H 64 -16.97 -21.57 35.07
C MET H 64 -16.11 -22.27 36.11
N PRO H 65 -15.80 -23.55 35.90
CA PRO H 65 -15.22 -24.36 36.97
C PRO H 65 -13.88 -23.80 37.44
N GLY H 66 -13.77 -23.59 38.74
CA GLY H 66 -12.57 -22.98 39.33
C GLY H 66 -12.69 -21.48 39.59
N GLN H 67 -13.81 -20.89 39.17
CA GLN H 67 -14.09 -19.49 39.44
C GLN H 67 -15.27 -19.40 40.37
N SER H 68 -15.28 -18.39 41.25
CA SER H 68 -16.37 -18.20 42.20
C SER H 68 -16.88 -16.77 42.22
N ARG H 69 -18.05 -16.56 42.82
CA ARG H 69 -18.48 -15.24 43.22
C ARG H 69 -17.83 -15.03 44.56
N LEU H 70 -16.90 -14.10 44.62
CA LEU H 70 -16.08 -13.89 45.81
C LEU H 70 -16.74 -12.98 46.83
N SER H 71 -16.55 -13.30 48.11
CA SER H 71 -16.87 -12.38 49.16
C SER H 71 -15.83 -11.30 49.08
N MET H 72 -16.09 -10.14 49.69
CA MET H 72 -15.10 -9.08 49.74
C MET H 72 -13.76 -9.59 50.29
N GLU H 73 -13.80 -10.46 51.29
CA GLU H 73 -12.60 -10.84 52.01
C GLU H 73 -11.76 -11.79 51.15
N ASP H 74 -12.43 -12.69 50.42
CA ASP H 74 -11.74 -13.62 49.53
C ASP H 74 -11.33 -12.91 48.26
N LEU H 75 -11.99 -11.80 47.96
CA LEU H 75 -11.56 -10.98 46.82
C LEU H 75 -10.14 -10.44 47.07
N LEU H 76 -9.92 -9.81 48.21
CA LEU H 76 -8.59 -9.30 48.49
C LEU H 76 -7.60 -10.46 48.45
N LYS H 77 -7.96 -11.58 49.07
CA LYS H 77 -7.06 -12.74 49.11
C LYS H 77 -6.69 -13.16 47.69
N GLU H 78 -7.67 -13.15 46.78
CA GLU H 78 -7.45 -13.61 45.43
C GLU H 78 -6.56 -12.65 44.66
N VAL H 79 -6.81 -11.35 44.81
CA VAL H 79 -5.93 -10.35 44.19
C VAL H 79 -4.49 -10.55 44.72
N GLY H 80 -4.35 -10.71 46.02
CA GLY H 80 -3.04 -10.90 46.63
C GLY H 80 -2.27 -12.10 46.11
N GLU H 81 -2.95 -13.23 45.99
CA GLU H 81 -2.31 -14.41 45.43
C GLU H 81 -1.88 -14.16 43.98
N ALA H 82 -2.75 -13.52 43.20
CA ALA H 82 -2.43 -13.24 41.82
C ALA H 82 -1.31 -12.22 41.72
N ARG H 83 -1.32 -11.18 42.54
CA ARG H 83 -0.21 -10.21 42.45
C ARG H 83 1.10 -10.96 42.65
N SER H 84 1.09 -11.95 43.54
CA SER H 84 2.32 -12.62 43.91
C SER H 84 2.86 -13.49 42.79
N TYR H 85 2.04 -13.78 41.78
CA TYR H 85 2.56 -14.44 40.58
C TYR H 85 2.85 -13.44 39.44
N GLY H 86 2.64 -12.14 39.68
CA GLY H 86 2.97 -11.14 38.67
C GLY H 86 1.83 -10.59 37.82
N ILE H 87 0.59 -10.98 38.10
CA ILE H 87 -0.56 -10.31 37.53
C ILE H 87 -0.66 -8.94 38.16
N LYS H 88 -0.83 -7.90 37.36
CA LYS H 88 -0.96 -6.56 37.91
C LYS H 88 -2.29 -5.91 37.61
N ALA H 89 -3.01 -6.42 36.62
CA ALA H 89 -4.25 -5.79 36.21
C ALA H 89 -5.41 -6.74 36.43
N PHE H 90 -6.45 -6.23 37.07
CA PHE H 90 -7.59 -6.99 37.50
C PHE H 90 -8.85 -6.31 37.01
N MET H 91 -9.78 -7.09 36.46
CA MET H 91 -11.10 -6.58 36.05
C MET H 91 -12.13 -6.98 37.09
N LEU H 92 -12.98 -6.04 37.53
CA LEU H 92 -14.00 -6.38 38.54
C LEU H 92 -15.45 -6.35 38.06
N PHE H 93 -16.17 -7.44 38.27
CA PHE H 93 -17.59 -7.48 38.02
C PHE H 93 -18.39 -7.76 39.30
N PRO H 94 -19.49 -7.04 39.50
CA PRO H 94 -20.38 -7.30 40.62
C PRO H 94 -21.61 -8.19 40.30
N LYS H 95 -21.92 -9.15 41.18
CA LYS H 95 -23.23 -9.76 41.21
C LYS H 95 -24.01 -8.93 42.23
N VAL H 96 -24.99 -8.19 41.73
CA VAL H 96 -25.77 -7.30 42.59
C VAL H 96 -26.99 -8.05 43.09
N ASP H 97 -27.41 -7.80 44.33
CA ASP H 97 -28.66 -8.35 44.85
C ASP H 97 -29.82 -8.01 43.89
N ASP H 98 -30.71 -8.98 43.64
CA ASP H 98 -31.80 -8.76 42.69
C ASP H 98 -32.72 -7.63 43.17
N GLU H 99 -32.72 -7.37 44.47
CA GLU H 99 -33.59 -6.35 45.06
C GLU H 99 -33.27 -4.97 44.50
N LEU H 100 -32.02 -4.78 44.05
CA LEU H 100 -31.52 -3.47 43.58
C LEU H 100 -31.51 -3.28 42.05
N LYS H 101 -31.86 -4.30 41.27
CA LYS H 101 -31.91 -4.11 39.79
C LYS H 101 -33.14 -3.27 39.38
N SER H 102 -33.07 -2.61 38.22
CA SER H 102 -34.16 -1.73 37.75
C SER H 102 -34.00 -1.44 36.27
N VAL H 103 -34.99 -0.79 35.68
CA VAL H 103 -34.94 -0.52 34.26
C VAL H 103 -33.87 0.55 33.96
N MET H 104 -33.84 1.60 34.77
CA MET H 104 -32.94 2.73 34.54
C MET H 104 -31.51 2.43 35.00
N ALA H 105 -31.37 1.43 35.86
CA ALA H 105 -30.09 0.99 36.40
C ALA H 105 -29.41 1.96 37.39
N GLU H 106 -30.18 2.66 38.21
CA GLU H 106 -29.67 3.66 39.18
C GLU H 106 -28.46 3.18 39.98
N GLU H 107 -28.52 1.95 40.49
CA GLU H 107 -27.46 1.39 41.32
C GLU H 107 -26.08 1.31 40.62
N SER H 108 -26.05 1.54 39.32
CA SER H 108 -24.79 1.59 38.61
C SER H 108 -23.97 2.82 39.04
N TYR H 109 -24.65 3.87 39.48
CA TYR H 109 -23.96 5.11 39.89
C TYR H 109 -24.16 5.44 41.37
N ASN H 110 -24.56 4.44 42.15
CA ASN H 110 -24.60 4.55 43.62
C ASN H 110 -23.16 4.49 44.16
N PRO H 111 -22.63 5.59 44.70
CA PRO H 111 -21.27 5.55 45.19
C PRO H 111 -21.07 4.66 46.43
N ASP H 112 -22.18 4.18 47.01
CA ASP H 112 -22.15 3.25 48.16
C ASP H 112 -22.49 1.82 47.77
N GLY H 113 -22.50 1.56 46.46
CA GLY H 113 -22.75 0.23 45.91
C GLY H 113 -21.57 -0.70 46.07
N LEU H 114 -21.74 -1.95 45.67
CA LEU H 114 -20.74 -2.97 45.93
C LEU H 114 -19.42 -2.71 45.18
N LEU H 115 -19.51 -2.39 43.89
CA LEU H 115 -18.30 -2.32 43.05
C LEU H 115 -17.42 -1.17 43.52
N PRO H 116 -17.99 0.03 43.66
CA PRO H 116 -17.17 1.11 44.26
C PRO H 116 -16.55 0.72 45.60
N ARG H 117 -17.36 0.17 46.50
CA ARG H 117 -16.84 -0.35 47.78
C ARG H 117 -15.68 -1.32 47.56
N ALA H 118 -15.81 -2.17 46.54
CA ALA H 118 -14.80 -3.18 46.21
C ALA H 118 -13.47 -2.55 45.77
N ILE H 119 -13.56 -1.55 44.89
CA ILE H 119 -12.38 -0.85 44.38
C ILE H 119 -11.67 -0.16 45.53
N MET H 120 -12.44 0.58 46.32
CA MET H 120 -11.85 1.28 47.45
C MET H 120 -11.09 0.29 48.32
N ALA H 121 -11.73 -0.84 48.64
CA ALA H 121 -11.10 -1.85 49.51
C ALA H 121 -9.85 -2.45 48.90
N LEU H 122 -9.91 -2.88 47.64
CA LEU H 122 -8.74 -3.39 46.96
C LEU H 122 -7.59 -2.36 46.87
N LYS H 123 -7.96 -1.10 46.60
CA LYS H 123 -7.01 0.02 46.53
C LYS H 123 -6.37 0.33 47.89
N GLU H 124 -7.10 0.12 48.99
CA GLU H 124 -6.49 0.30 50.32
C GLU H 124 -5.42 -0.76 50.61
N ALA H 125 -5.72 -2.01 50.25
CA ALA H 125 -4.86 -3.15 50.56
C ALA H 125 -3.75 -3.34 49.53
N PHE H 126 -3.96 -2.85 48.31
CA PHE H 126 -2.97 -2.90 47.23
C PHE H 126 -2.94 -1.58 46.42
N PRO H 127 -2.27 -0.53 46.94
CA PRO H 127 -2.34 0.78 46.28
C PRO H 127 -1.82 0.84 44.83
N ASP H 128 -1.06 -0.18 44.42
CA ASP H 128 -0.38 -0.20 43.13
C ASP H 128 -0.94 -1.23 42.12
N VAL H 129 -2.03 -1.93 42.45
CA VAL H 129 -2.64 -2.77 41.41
C VAL H 129 -3.46 -1.91 40.53
N LEU H 130 -3.62 -2.42 39.33
CA LEU H 130 -4.38 -1.80 38.29
C LEU H 130 -5.80 -2.38 38.37
N LEU H 131 -6.77 -1.51 38.62
CA LEU H 131 -8.18 -1.91 38.60
C LEU H 131 -8.95 -1.42 37.35
N LEU H 132 -9.52 -2.40 36.64
CA LEU H 132 -10.39 -2.18 35.48
C LEU H 132 -11.84 -2.42 35.89
N ALA H 133 -12.71 -1.42 35.75
CA ALA H 133 -14.13 -1.52 36.11
C ALA H 133 -14.99 -1.40 34.85
N ASP H 134 -16.01 -2.27 34.76
CA ASP H 134 -16.88 -2.36 33.60
C ASP H 134 -17.85 -1.20 33.67
N VAL H 135 -18.12 -0.61 32.51
CA VAL H 135 -19.21 0.36 32.37
C VAL H 135 -20.23 -0.25 31.40
N ALA H 136 -21.43 -0.44 31.91
CA ALA H 136 -22.52 -1.08 31.18
C ALA H 136 -23.57 -1.41 32.23
N LEU H 137 -24.84 -1.36 31.83
CA LEU H 137 -25.91 -1.41 32.82
C LEU H 137 -26.37 -2.83 33.15
N ASP H 138 -25.95 -3.82 32.35
CA ASP H 138 -26.58 -5.15 32.47
C ASP H 138 -26.48 -5.85 33.84
N PRO H 139 -25.44 -5.57 34.62
CA PRO H 139 -25.40 -6.15 35.96
C PRO H 139 -26.43 -5.54 36.92
N TYR H 140 -26.94 -4.37 36.57
CA TYR H 140 -27.90 -3.66 37.38
C TYR H 140 -29.30 -3.65 36.73
N SER H 141 -29.40 -4.18 35.51
CA SER H 141 -30.65 -4.12 34.72
C SER H 141 -31.62 -5.27 35.02
N SER H 142 -32.88 -4.93 35.29
CA SER H 142 -33.92 -5.95 35.49
C SER H 142 -34.31 -6.61 34.17
N MET H 143 -33.73 -6.15 33.06
CA MET H 143 -33.95 -6.75 31.74
C MET H 143 -32.76 -7.63 31.26
N GLY H 144 -31.59 -7.42 31.84
CA GLY H 144 -30.39 -8.13 31.39
C GLY H 144 -29.76 -7.51 30.15
N HIS H 145 -30.04 -6.22 29.92
CA HIS H 145 -29.52 -5.44 28.78
C HIS H 145 -28.54 -4.35 29.24
N ASP H 146 -27.54 -4.09 28.41
CA ASP H 146 -26.43 -3.14 28.69
C ASP H 146 -26.87 -1.68 28.72
N GLY H 147 -28.01 -1.38 28.13
CA GLY H 147 -28.61 -0.06 28.22
C GLY H 147 -30.06 -0.13 28.65
N VAL H 148 -30.67 1.04 28.81
CA VAL H 148 -32.06 1.14 29.25
C VAL H 148 -33.00 0.67 28.12
N VAL H 149 -34.05 -0.07 28.50
CA VAL H 149 -35.05 -0.54 27.56
C VAL H 149 -36.31 0.31 27.64
N ASP H 150 -36.73 0.81 26.48
CA ASP H 150 -37.97 1.59 26.35
C ASP H 150 -39.22 0.69 26.51
N GLU H 151 -40.11 1.10 27.41
CA GLU H 151 -41.33 0.32 27.75
C GLU H 151 -42.22 0.08 26.52
N GLN H 152 -42.49 1.13 25.75
CA GLN H 152 -43.39 1.03 24.58
C GLN H 152 -42.77 0.31 23.37
N SER H 153 -41.52 0.63 23.05
CA SER H 153 -40.89 0.09 21.82
C SER H 153 -40.09 -1.22 22.01
N GLY H 154 -39.48 -1.39 23.19
CA GLY H 154 -38.56 -2.49 23.42
C GLY H 154 -37.12 -2.19 23.01
N LYS H 155 -36.90 -1.06 22.34
CA LYS H 155 -35.60 -0.74 21.81
C LYS H 155 -34.64 -0.32 22.96
N ILE H 156 -33.36 -0.70 22.87
CA ILE H 156 -32.36 -0.22 23.83
C ILE H 156 -31.94 1.19 23.40
N VAL H 157 -32.47 2.19 24.07
CA VAL H 157 -32.36 3.60 23.62
C VAL H 157 -30.97 4.15 23.85
N ASN H 158 -30.28 4.54 22.77
CA ASN H 158 -28.82 4.80 22.80
C ASN H 158 -28.44 5.95 23.73
N ASP H 159 -28.92 7.15 23.44
CA ASP H 159 -28.44 8.35 24.10
C ASP H 159 -28.81 8.43 25.60
N LEU H 160 -30.03 8.04 25.98
CA LEU H 160 -30.39 7.92 27.40
C LEU H 160 -29.41 6.96 28.08
N THR H 161 -29.08 5.83 27.43
CA THR H 161 -28.14 4.89 28.02
C THR H 161 -26.79 5.55 28.28
N VAL H 162 -26.35 6.35 27.31
CA VAL H 162 -25.04 6.99 27.43
C VAL H 162 -25.03 7.93 28.63
N HIS H 163 -26.12 8.68 28.83
CA HIS H 163 -26.28 9.52 30.03
C HIS H 163 -26.04 8.73 31.33
N GLN H 164 -26.57 7.53 31.39
CA GLN H 164 -26.43 6.68 32.58
C GLN H 164 -24.99 6.16 32.74
N LEU H 165 -24.39 5.73 31.64
CA LEU H 165 -23.03 5.23 31.63
C LEU H 165 -22.04 6.30 32.09
N CYS H 166 -22.27 7.55 31.69
CA CYS H 166 -21.41 8.64 32.14
C CYS H 166 -21.50 8.72 33.66
N LYS H 167 -22.70 8.58 34.22
CA LYS H 167 -22.87 8.66 35.66
C LYS H 167 -22.12 7.53 36.34
N GLN H 168 -22.24 6.32 35.79
CA GLN H 168 -21.53 5.15 36.31
C GLN H 168 -20.00 5.38 36.30
N ALA H 169 -19.49 5.89 35.18
CA ALA H 169 -18.06 6.03 35.00
C ALA H 169 -17.45 6.99 36.02
N ILE H 170 -18.10 8.13 36.20
CA ILE H 170 -17.63 9.10 37.17
C ILE H 170 -17.56 8.44 38.54
N THR H 171 -18.56 7.62 38.86
CA THR H 171 -18.64 7.01 40.18
C THR H 171 -17.56 5.99 40.42
N LEU H 172 -17.30 5.18 39.40
CA LEU H 172 -16.20 4.24 39.45
C LEU H 172 -14.88 4.99 39.51
N ALA H 173 -14.73 6.02 38.71
CA ALA H 173 -13.45 6.76 38.71
C ALA H 173 -13.20 7.41 40.08
N ARG H 174 -14.24 8.05 40.61
CA ARG H 174 -14.13 8.70 41.91
C ARG H 174 -13.82 7.67 42.99
N ALA H 175 -14.33 6.44 42.83
CA ALA H 175 -13.99 5.34 43.72
C ALA H 175 -12.55 4.86 43.59
N GLY H 176 -11.94 5.08 42.44
CA GLY H 176 -10.54 4.74 42.28
C GLY H 176 -10.20 3.72 41.20
N ALA H 177 -11.08 3.51 40.23
CA ALA H 177 -10.74 2.64 39.12
C ALA H 177 -9.71 3.32 38.20
N ASP H 178 -8.69 2.57 37.79
CA ASP H 178 -7.62 3.12 36.98
C ASP H 178 -8.10 3.27 35.55
N MET H 179 -8.90 2.29 35.12
CA MET H 179 -9.51 2.31 33.84
C MET H 179 -10.97 1.99 33.99
N VAL H 180 -11.81 2.67 33.22
CA VAL H 180 -13.20 2.25 33.05
C VAL H 180 -13.26 1.55 31.72
N CYS H 181 -14.12 0.54 31.62
CA CYS H 181 -14.15 -0.28 30.42
C CYS H 181 -15.56 -0.40 29.84
N PRO H 182 -15.96 0.56 28.99
CA PRO H 182 -17.32 0.56 28.44
C PRO H 182 -17.58 -0.62 27.51
N SER H 183 -18.35 -1.59 28.01
CA SER H 183 -18.65 -2.83 27.30
C SER H 183 -20.05 -2.86 26.75
N ASP H 184 -20.68 -1.70 26.63
CA ASP H 184 -22.13 -1.56 26.36
C ASP H 184 -22.48 -1.57 24.87
N MET H 185 -21.50 -1.28 24.03
CA MET H 185 -21.68 -1.12 22.59
C MET H 185 -22.79 -0.14 22.16
N MET H 186 -22.91 0.97 22.89
CA MET H 186 -23.73 2.10 22.43
C MET H 186 -22.90 3.02 21.54
N ASP H 187 -23.60 3.78 20.72
CA ASP H 187 -22.99 4.72 19.82
C ASP H 187 -22.56 5.98 20.57
N GLY H 188 -21.27 6.31 20.40
CA GLY H 188 -20.67 7.55 20.87
C GLY H 188 -20.25 7.59 22.34
N ARG H 189 -20.34 6.47 23.06
CA ARG H 189 -20.16 6.54 24.52
C ARG H 189 -18.74 6.86 24.97
N VAL H 190 -17.75 6.54 24.16
CA VAL H 190 -16.37 6.84 24.54
C VAL H 190 -16.23 8.33 24.67
N SER H 191 -16.54 9.04 23.59
CA SER H 191 -16.44 10.48 23.62
C SER H 191 -17.23 11.11 24.77
N ALA H 192 -18.44 10.61 25.03
CA ALA H 192 -19.26 11.18 26.11
C ALA H 192 -18.63 10.95 27.49
N ILE H 193 -18.26 9.70 27.76
CA ILE H 193 -17.61 9.35 29.03
C ILE H 193 -16.30 10.11 29.21
N ARG H 194 -15.53 10.24 28.14
CA ARG H 194 -14.27 10.95 28.20
C ARG H 194 -14.49 12.41 28.61
N GLU H 195 -15.49 13.05 28.01
CA GLU H 195 -15.74 14.45 28.25
C GLU H 195 -16.30 14.70 29.64
N SER H 196 -17.12 13.76 30.11
CA SER H 196 -17.64 13.79 31.50
C SER H 196 -16.55 13.62 32.52
N LEU H 197 -15.69 12.62 32.31
CA LEU H 197 -14.64 12.30 33.26
C LEU H 197 -13.69 13.51 33.37
N ASP H 198 -13.45 14.13 32.23
CA ASP H 198 -12.51 15.23 32.17
C ASP H 198 -13.07 16.40 32.96
N MET H 199 -14.36 16.66 32.81
CA MET H 199 -14.97 17.80 33.46
C MET H 199 -14.96 17.62 34.97
N GLU H 200 -14.97 16.37 35.41
CA GLU H 200 -14.91 16.03 36.84
C GLU H 200 -13.50 15.89 37.41
N GLY H 201 -12.48 16.28 36.64
CA GLY H 201 -11.10 16.23 37.08
C GLY H 201 -10.46 14.86 36.95
N CYS H 202 -11.14 13.94 36.25
CA CYS H 202 -10.65 12.58 36.08
C CYS H 202 -9.99 12.37 34.71
N THR H 203 -9.11 13.27 34.33
CA THR H 203 -8.40 13.17 33.06
C THR H 203 -7.41 11.98 33.08
N ASP H 204 -6.94 11.64 34.26
CA ASP H 204 -6.08 10.49 34.56
C ASP H 204 -6.76 9.12 34.27
N THR H 205 -8.06 9.02 34.51
CA THR H 205 -8.79 7.75 34.39
C THR H 205 -8.88 7.30 32.93
N SER H 206 -8.49 6.06 32.67
CA SER H 206 -8.38 5.56 31.29
C SER H 206 -9.63 4.89 30.85
N ILE H 207 -9.80 4.80 29.53
CA ILE H 207 -10.94 4.15 28.93
C ILE H 207 -10.42 3.05 28.01
N LEU H 208 -10.73 1.81 28.37
CA LEU H 208 -10.53 0.66 27.50
C LEU H 208 -11.83 0.41 26.73
N ALA H 209 -11.92 0.88 25.50
CA ALA H 209 -13.14 0.77 24.72
C ALA H 209 -13.29 -0.64 24.18
N TYR H 210 -14.47 -1.19 24.43
CA TYR H 210 -14.91 -2.36 23.73
C TYR H 210 -15.37 -1.83 22.41
N SER H 211 -14.44 -1.69 21.46
CA SER H 211 -14.78 -1.31 20.06
C SER H 211 -15.48 -2.40 19.27
N CYS H 212 -14.86 -3.58 19.22
CA CYS H 212 -15.33 -4.72 18.44
C CYS H 212 -15.84 -5.81 19.34
N LYS H 213 -17.07 -5.64 19.84
CA LYS H 213 -17.70 -6.62 20.69
C LYS H 213 -18.86 -7.25 19.97
N TYR H 214 -18.83 -8.57 19.80
CA TYR H 214 -19.80 -9.29 18.99
C TYR H 214 -20.99 -9.85 19.78
N ALA H 215 -22.08 -10.11 19.05
CA ALA H 215 -23.34 -10.57 19.64
C ALA H 215 -23.23 -12.05 19.67
N SER H 216 -22.49 -12.55 20.66
CA SER H 216 -21.97 -13.92 20.67
C SER H 216 -22.70 -14.84 21.61
N SER H 217 -22.58 -16.12 21.34
CA SER H 217 -23.16 -17.11 22.21
C SER H 217 -22.14 -17.74 23.17
N PHE H 218 -20.94 -17.18 23.23
CA PHE H 218 -19.93 -17.64 24.17
C PHE H 218 -19.96 -16.90 25.52
N TYR H 219 -20.88 -15.96 25.73
CA TYR H 219 -20.96 -15.22 27.01
C TYR H 219 -21.86 -15.92 28.06
N GLY H 220 -22.35 -17.12 27.75
CA GLY H 220 -23.37 -17.77 28.59
C GLY H 220 -22.95 -17.86 30.06
N PRO H 221 -21.74 -18.38 30.31
CA PRO H 221 -21.33 -18.60 31.67
C PRO H 221 -21.12 -17.34 32.50
N PHE H 222 -20.66 -16.27 31.90
CA PHE H 222 -20.52 -14.99 32.62
C PHE H 222 -21.87 -14.52 33.14
N ARG H 223 -22.90 -14.69 32.33
CA ARG H 223 -24.25 -14.29 32.70
C ARG H 223 -24.87 -15.22 33.77
N ASP H 224 -24.34 -16.45 33.91
CA ASP H 224 -24.66 -17.28 35.09
C ASP H 224 -23.97 -16.66 36.30
N ALA H 225 -22.75 -16.17 36.09
CA ALA H 225 -21.98 -15.63 37.21
C ALA H 225 -22.69 -14.40 37.80
N LEU H 226 -23.13 -13.49 36.93
CA LEU H 226 -23.81 -12.28 37.38
C LEU H 226 -25.34 -12.45 37.51
N ASP H 227 -25.85 -13.63 37.15
CA ASP H 227 -27.30 -13.90 36.99
C ASP H 227 -27.97 -12.73 36.29
N SER H 228 -27.53 -12.52 35.05
CA SER H 228 -27.82 -11.31 34.29
C SER H 228 -28.32 -11.65 32.88
N HIS H 229 -28.93 -12.83 32.72
CA HIS H 229 -29.45 -13.25 31.40
C HIS H 229 -30.60 -12.32 30.95
N MET H 230 -30.63 -12.00 29.65
CA MET H 230 -31.70 -11.20 29.03
C MET H 230 -33.09 -11.78 29.27
N VAL H 231 -34.07 -10.92 29.56
CA VAL H 231 -35.44 -11.38 29.81
C VAL H 231 -36.20 -11.71 28.53
N GLY H 232 -37.28 -12.49 28.67
CA GLY H 232 -38.30 -12.68 27.63
C GLY H 232 -37.90 -12.87 26.16
N GLY H 233 -36.99 -13.83 25.91
CA GLY H 233 -36.64 -14.24 24.53
C GLY H 233 -35.70 -13.32 23.76
N THR H 234 -35.39 -12.15 24.32
CA THR H 234 -34.69 -11.07 23.60
C THR H 234 -33.20 -11.30 23.51
N ASP H 235 -32.55 -10.48 22.68
CA ASP H 235 -31.14 -10.62 22.43
C ASP H 235 -30.49 -9.23 22.29
N LYS H 236 -29.18 -9.22 22.08
CA LYS H 236 -28.44 -8.01 22.01
C LYS H 236 -27.99 -7.64 20.59
N LYS H 237 -28.69 -8.13 19.58
CA LYS H 237 -28.27 -7.93 18.19
C LYS H 237 -28.50 -6.51 17.69
N THR H 238 -29.29 -5.72 18.42
CA THR H 238 -29.43 -4.34 18.04
C THR H 238 -28.29 -3.50 18.59
N TYR H 239 -27.30 -4.10 19.25
CA TYR H 239 -26.12 -3.33 19.65
C TYR H 239 -24.77 -4.00 19.58
N GLN H 240 -24.70 -5.27 19.96
CA GLN H 240 -23.52 -6.07 19.73
C GLN H 240 -23.42 -6.51 18.23
N MET H 241 -22.22 -6.69 17.73
CA MET H 241 -21.99 -6.88 16.29
C MET H 241 -22.32 -8.24 15.72
N ASP H 242 -22.76 -8.26 14.49
CA ASP H 242 -23.05 -9.50 13.82
C ASP H 242 -21.70 -10.20 13.55
N PRO H 243 -21.54 -11.41 14.10
CA PRO H 243 -20.28 -12.14 13.90
C PRO H 243 -19.91 -12.36 12.44
N SER H 244 -20.85 -12.16 11.53
CA SER H 244 -20.63 -12.34 10.11
C SER H 244 -19.83 -11.23 9.50
N ASN H 245 -19.62 -10.15 10.27
CA ASN H 245 -19.08 -8.92 9.70
C ASN H 245 -17.70 -8.59 10.16
N SER H 246 -16.87 -8.14 9.23
CA SER H 246 -15.47 -7.78 9.49
C SER H 246 -15.13 -6.29 9.22
N ARG H 247 -15.53 -5.82 8.05
CA ARG H 247 -15.43 -4.41 7.69
C ARG H 247 -16.01 -3.48 8.80
N GLU H 248 -17.16 -3.84 9.36
CA GLU H 248 -17.78 -3.06 10.41
C GLU H 248 -16.84 -2.78 11.60
N ALA H 249 -15.93 -3.73 11.84
CA ALA H 249 -14.94 -3.61 12.90
C ALA H 249 -14.09 -2.35 12.76
N GLU H 250 -13.61 -2.08 11.55
CA GLU H 250 -12.73 -0.94 11.30
C GLU H 250 -13.46 0.38 11.51
N ARG H 251 -14.76 0.36 11.29
CA ARG H 251 -15.60 1.55 11.49
C ARG H 251 -15.76 1.85 12.99
N GLU H 252 -15.89 0.81 13.78
CA GLU H 252 -15.99 0.97 15.22
C GLU H 252 -14.68 1.40 15.86
N ALA H 253 -13.59 0.76 15.46
CA ALA H 253 -12.25 1.06 15.96
C ALA H 253 -11.73 2.47 15.57
N GLU H 254 -12.04 2.94 14.36
CA GLU H 254 -11.65 4.32 14.00
C GLU H 254 -12.51 5.31 14.79
N ALA H 255 -13.78 5.00 15.00
CA ALA H 255 -14.60 5.93 15.76
C ALA H 255 -14.02 6.04 17.17
N ASP H 256 -13.76 4.91 17.80
CA ASP H 256 -13.28 4.89 19.18
C ASP H 256 -11.89 5.49 19.39
N ALA H 257 -10.97 5.24 18.46
CA ALA H 257 -9.68 5.92 18.54
C ALA H 257 -9.91 7.43 18.50
N SER H 258 -10.72 7.88 17.56
CA SER H 258 -10.90 9.32 17.36
C SER H 258 -11.66 9.99 18.52
N GLU H 259 -12.35 9.20 19.34
CA GLU H 259 -13.09 9.71 20.49
C GLU H 259 -12.27 9.73 21.79
N GLY H 260 -10.98 9.41 21.73
CA GLY H 260 -10.12 9.51 22.89
C GLY H 260 -9.76 8.25 23.65
N ALA H 261 -10.23 7.08 23.19
CA ALA H 261 -9.91 5.81 23.82
C ALA H 261 -8.42 5.64 24.07
N ASP H 262 -8.07 4.91 25.14
CA ASP H 262 -6.68 4.57 25.44
C ASP H 262 -6.27 3.20 24.88
N MET H 263 -7.21 2.26 24.84
CA MET H 263 -6.98 0.93 24.35
C MET H 263 -8.27 0.43 23.77
N LEU H 264 -8.14 -0.44 22.75
CA LEU H 264 -9.27 -1.06 22.07
C LEU H 264 -9.35 -2.54 22.43
N MET H 265 -10.54 -3.01 22.75
CA MET H 265 -10.79 -4.42 23.07
C MET H 265 -11.54 -5.17 21.98
N VAL H 266 -11.10 -6.39 21.68
CA VAL H 266 -11.86 -7.28 20.82
C VAL H 266 -12.36 -8.46 21.66
N LYS H 267 -13.61 -8.83 21.44
CA LYS H 267 -14.33 -9.77 22.29
C LYS H 267 -15.52 -10.34 21.55
N PRO H 268 -15.70 -11.65 21.57
CA PRO H 268 -14.88 -12.67 22.21
C PRO H 268 -13.45 -12.77 21.63
N GLY H 269 -12.78 -13.87 21.98
CA GLY H 269 -11.33 -14.02 21.83
C GLY H 269 -10.87 -14.84 20.65
N LEU H 270 -10.61 -16.13 20.89
CA LEU H 270 -10.04 -16.98 19.83
C LEU H 270 -10.89 -17.01 18.57
N PRO H 271 -12.21 -16.98 18.70
CA PRO H 271 -13.01 -16.98 17.43
C PRO H 271 -13.03 -15.66 16.66
N TYR H 272 -12.31 -14.66 17.15
CA TYR H 272 -12.23 -13.34 16.53
C TYR H 272 -10.76 -12.88 16.36
N LEU H 273 -9.84 -13.82 16.30
CA LEU H 273 -8.43 -13.48 16.13
C LEU H 273 -8.19 -12.67 14.85
N ASP H 274 -8.97 -12.93 13.80
CA ASP H 274 -8.83 -12.17 12.56
C ASP H 274 -9.14 -10.68 12.75
N VAL H 275 -10.14 -10.38 13.56
CA VAL H 275 -10.53 -8.99 13.77
C VAL H 275 -9.46 -8.31 14.61
N LEU H 276 -8.99 -9.01 15.64
CA LEU H 276 -7.90 -8.52 16.45
C LEU H 276 -6.70 -8.09 15.57
N ALA H 277 -6.32 -8.92 14.59
CA ALA H 277 -5.13 -8.63 13.77
C ALA H 277 -5.40 -7.49 12.80
N LYS H 278 -6.60 -7.46 12.26
CA LYS H 278 -6.96 -6.39 11.36
C LYS H 278 -6.93 -5.05 12.11
N ILE H 279 -7.49 -5.02 13.31
CA ILE H 279 -7.51 -3.77 14.03
C ILE H 279 -6.11 -3.41 14.54
N ARG H 280 -5.32 -4.39 14.90
CA ARG H 280 -3.95 -4.16 15.30
C ARG H 280 -3.18 -3.50 14.17
N GLU H 281 -3.33 -4.01 12.96
CA GLU H 281 -2.69 -3.42 11.76
C GLU H 281 -3.02 -1.93 11.54
N LYS H 282 -4.30 -1.60 11.60
CA LYS H 282 -4.75 -0.26 11.24
C LYS H 282 -4.65 0.74 12.38
N SER H 283 -4.75 0.27 13.62
CA SER H 283 -4.84 1.14 14.80
C SER H 283 -3.47 1.49 15.40
N LYS H 284 -3.38 2.66 16.02
CA LYS H 284 -2.18 3.04 16.74
C LYS H 284 -2.39 3.01 18.26
N LEU H 285 -3.45 2.35 18.68
CA LEU H 285 -3.74 2.15 20.09
C LEU H 285 -3.38 0.75 20.52
N PRO H 286 -3.10 0.56 21.81
CA PRO H 286 -2.91 -0.80 22.25
C PRO H 286 -4.20 -1.60 22.16
N MET H 287 -4.02 -2.89 21.90
CA MET H 287 -5.09 -3.82 21.70
C MET H 287 -5.16 -4.79 22.86
N VAL H 288 -6.39 -5.04 23.31
CA VAL H 288 -6.67 -6.05 24.30
C VAL H 288 -7.66 -7.02 23.69
N ALA H 289 -7.49 -8.31 23.92
CA ALA H 289 -8.48 -9.29 23.51
C ALA H 289 -9.10 -9.87 24.78
N TYR H 290 -10.29 -10.45 24.70
CA TYR H 290 -10.94 -11.05 25.88
C TYR H 290 -11.27 -12.52 25.60
N HIS H 291 -10.66 -13.36 26.41
CA HIS H 291 -10.83 -14.80 26.39
C HIS H 291 -12.03 -15.10 27.24
N VAL H 292 -13.19 -15.12 26.63
CA VAL H 292 -14.44 -15.09 27.38
C VAL H 292 -14.84 -16.36 28.14
N SER H 293 -15.77 -16.17 29.07
CA SER H 293 -16.29 -17.21 29.93
C SER H 293 -16.57 -18.51 29.21
N GLY H 294 -17.17 -18.42 28.04
CA GLY H 294 -17.53 -19.62 27.27
C GLY H 294 -16.28 -20.31 26.78
N GLU H 295 -15.32 -19.52 26.30
CA GLU H 295 -14.03 -20.07 25.86
C GLU H 295 -13.31 -20.80 27.02
N TYR H 296 -13.38 -20.24 28.23
CA TYR H 296 -12.77 -20.84 29.42
C TYR H 296 -13.43 -22.19 29.71
N ALA H 297 -14.75 -22.21 29.68
CA ALA H 297 -15.54 -23.39 30.02
C ALA H 297 -15.16 -24.55 29.11
N MET H 298 -14.80 -24.23 27.87
CA MET H 298 -14.50 -25.24 26.86
C MET H 298 -13.18 -25.91 27.18
N LEU H 299 -12.19 -25.10 27.55
CA LEU H 299 -10.89 -25.64 27.92
C LEU H 299 -11.04 -26.54 29.17
N LYS H 300 -11.75 -26.02 30.16
CA LYS H 300 -12.00 -26.73 31.41
C LYS H 300 -12.74 -28.06 31.24
N ALA H 301 -13.78 -28.07 30.45
CA ALA H 301 -14.58 -29.26 30.29
C ALA H 301 -13.77 -30.30 29.53
N ALA H 302 -13.03 -29.88 28.52
CA ALA H 302 -12.15 -30.78 27.82
C ALA H 302 -11.07 -31.33 28.74
N ALA H 303 -10.53 -30.44 29.57
CA ALA H 303 -9.47 -30.82 30.50
C ALA H 303 -9.95 -31.76 31.61
N GLU H 304 -11.10 -31.44 32.21
CA GLU H 304 -11.66 -32.31 33.27
C GLU H 304 -12.00 -33.70 32.72
N LYS H 305 -12.39 -33.77 31.45
CA LYS H 305 -12.66 -35.07 30.84
C LYS H 305 -11.43 -35.82 30.30
N GLY H 306 -10.26 -35.22 30.42
CA GLY H 306 -9.01 -35.84 29.94
C GLY H 306 -8.81 -35.84 28.42
N TYR H 307 -9.65 -35.10 27.69
CA TYR H 307 -9.55 -35.01 26.23
C TYR H 307 -8.33 -34.22 25.79
N ILE H 308 -7.96 -33.22 26.59
CA ILE H 308 -6.80 -32.36 26.28
C ILE H 308 -5.94 -32.14 27.54
N SER H 309 -4.68 -31.74 27.35
CA SER H 309 -3.82 -31.30 28.44
C SER H 309 -4.11 -29.82 28.70
N GLU H 310 -4.62 -29.52 29.88
CA GLU H 310 -4.99 -28.17 30.22
C GLU H 310 -3.82 -27.23 30.03
N LYS H 311 -2.69 -27.55 30.65
CA LYS H 311 -1.57 -26.61 30.69
C LYS H 311 -1.10 -26.27 29.27
N ASP H 312 -0.87 -27.29 28.46
CA ASP H 312 -0.28 -27.12 27.14
C ASP H 312 -1.15 -26.27 26.25
N THR H 313 -2.44 -26.54 26.30
CA THR H 313 -3.38 -25.84 25.42
C THR H 313 -3.61 -24.42 25.92
N VAL H 314 -3.77 -24.22 27.22
CA VAL H 314 -3.94 -22.86 27.74
C VAL H 314 -2.75 -22.01 27.28
N LEU H 315 -1.55 -22.54 27.44
CA LEU H 315 -0.33 -21.79 27.09
C LEU H 315 -0.25 -21.49 25.59
N GLU H 316 -0.71 -22.39 24.74
CA GLU H 316 -0.72 -22.16 23.27
C GLU H 316 -1.72 -21.04 22.93
N VAL H 317 -2.83 -21.02 23.65
CA VAL H 317 -3.87 -20.06 23.39
C VAL H 317 -3.41 -18.65 23.75
N LEU H 318 -2.72 -18.49 24.88
CA LEU H 318 -2.26 -17.16 25.25
C LEU H 318 -1.25 -16.64 24.22
N LYS H 319 -0.39 -17.52 23.72
CA LYS H 319 0.60 -17.15 22.71
C LYS H 319 -0.11 -16.78 21.43
N SER H 320 -1.16 -17.52 21.09
CA SER H 320 -1.93 -17.20 19.86
C SER H 320 -2.47 -15.78 19.93
N PHE H 321 -3.16 -15.45 21.02
CA PHE H 321 -3.67 -14.07 21.22
C PHE H 321 -2.60 -13.04 21.03
N ARG H 322 -1.48 -13.34 21.63
CA ARG H 322 -0.33 -12.47 21.54
C ARG H 322 0.16 -12.35 20.10
N ARG H 323 0.29 -13.47 19.38
CA ARG H 323 0.75 -13.45 18.00
C ARG H 323 -0.25 -12.73 17.06
N ALA H 324 -1.55 -12.85 17.36
CA ALA H 324 -2.61 -12.23 16.58
C ALA H 324 -2.61 -10.72 16.74
N GLY H 325 -1.90 -10.21 17.75
CA GLY H 325 -1.77 -8.76 17.97
C GLY H 325 -2.36 -8.20 19.26
N ALA H 326 -2.64 -9.03 20.26
CA ALA H 326 -3.05 -8.52 21.55
C ALA H 326 -1.82 -8.03 22.33
N ASP H 327 -1.86 -6.80 22.79
CA ASP H 327 -0.90 -6.38 23.79
C ASP H 327 -1.20 -6.95 25.20
N ALA H 328 -2.48 -7.21 25.47
CA ALA H 328 -2.91 -7.80 26.74
C ALA H 328 -4.13 -8.69 26.53
N VAL H 329 -4.30 -9.70 27.35
CA VAL H 329 -5.42 -10.62 27.24
C VAL H 329 -6.15 -10.73 28.58
N ALA H 330 -7.44 -10.36 28.62
CA ALA H 330 -8.28 -10.70 29.77
C ALA H 330 -8.63 -12.18 29.68
N THR H 331 -8.28 -12.94 30.71
CA THR H 331 -8.57 -14.35 30.72
C THR H 331 -8.71 -14.82 32.14
N TYR H 332 -9.64 -15.76 32.37
CA TYR H 332 -9.84 -16.34 33.66
C TYR H 332 -8.74 -17.33 34.03
N TYR H 333 -7.91 -17.71 33.05
CA TYR H 333 -6.67 -18.42 33.31
C TYR H 333 -5.51 -17.51 33.72
N ALA H 334 -5.74 -16.21 33.87
CA ALA H 334 -4.61 -15.30 34.12
C ALA H 334 -3.73 -15.80 35.27
N LYS H 335 -4.36 -16.13 36.39
CA LYS H 335 -3.64 -16.46 37.61
C LYS H 335 -2.92 -17.79 37.47
N GLU H 336 -3.62 -18.75 36.89
CA GLU H 336 -3.10 -20.10 36.73
C GLU H 336 -1.97 -20.11 35.72
N ALA H 337 -2.08 -19.27 34.71
CA ALA H 337 -1.02 -19.16 33.71
C ALA H 337 0.23 -18.57 34.37
N ALA H 338 0.07 -17.50 35.16
CA ALA H 338 1.24 -16.87 35.80
C ALA H 338 1.91 -17.78 36.82
N LYS H 339 1.10 -18.48 37.60
CA LYS H 339 1.58 -19.53 38.50
C LYS H 339 2.46 -20.54 37.76
N TRP H 340 1.96 -21.07 36.63
CA TRP H 340 2.73 -22.05 35.86
C TRP H 340 4.08 -21.51 35.42
N MET H 341 4.10 -20.24 35.03
CA MET H 341 5.32 -19.61 34.56
C MET H 341 6.29 -19.46 35.69
N VAL H 342 5.83 -18.88 36.78
CA VAL H 342 6.67 -18.70 37.97
C VAL H 342 7.24 -20.04 38.48
N GLU H 343 6.42 -21.09 38.52
CA GLU H 343 6.91 -22.41 38.99
C GLU H 343 8.02 -22.97 38.11
N ASP H 344 7.86 -22.85 36.80
CA ASP H 344 8.89 -23.29 35.85
C ASP H 344 10.18 -22.46 36.02
N MET H 345 9.97 -21.15 36.18
CA MET H 345 11.07 -20.20 36.27
C MET H 345 11.89 -20.49 37.53
N LYS H 346 11.21 -20.87 38.63
CA LYS H 346 11.86 -21.32 39.86
C LYS H 346 12.31 -22.79 39.82
N GLY H 347 11.87 -23.55 38.82
CA GLY H 347 12.20 -24.96 38.73
C GLY H 347 13.18 -25.32 37.64
N THR H 348 12.77 -26.22 36.76
CA THR H 348 13.57 -26.75 35.66
C THR H 348 13.73 -25.78 34.52
N GLN H 349 12.86 -24.77 34.42
CA GLN H 349 12.85 -23.87 33.26
C GLN H 349 12.73 -24.63 31.90
N LYS H 350 11.79 -25.56 31.78
CA LYS H 350 11.57 -26.25 30.51
C LYS H 350 11.06 -25.29 29.41
N PHE H 351 10.38 -24.20 29.79
CA PHE H 351 9.75 -23.35 28.78
C PHE H 351 9.77 -21.86 29.04
N THR H 352 10.36 -21.43 30.15
CA THR H 352 10.40 -20.02 30.51
C THR H 352 11.82 -19.46 30.57
N GLU H 353 11.92 -18.15 30.48
CA GLU H 353 13.15 -17.47 30.81
C GLU H 353 12.82 -16.04 31.18
N PRO H 354 13.78 -15.31 31.75
CA PRO H 354 13.54 -13.91 32.10
C PRO H 354 13.41 -12.99 30.87
N CYS H 355 12.72 -11.88 31.04
CA CYS H 355 12.61 -10.83 30.02
C CYS H 355 12.45 -9.45 30.67
N TYR H 356 12.69 -8.41 29.87
CA TYR H 356 12.42 -7.02 30.30
C TYR H 356 11.96 -6.18 29.10
#